data_9IHF
#
_entry.id   9IHF
#
_cell.length_a   1.00
_cell.length_b   1.00
_cell.length_c   1.00
_cell.angle_alpha   90.00
_cell.angle_beta   90.00
_cell.angle_gamma   90.00
#
_symmetry.space_group_name_H-M   'P 1'
#
loop_
_entity.id
_entity.type
_entity.pdbx_description
1 polymer 'Histone H3.2'
2 polymer 'Histone H4'
3 polymer 'Histone H2A type 1'
4 polymer 'Histone H2B 1.1'
5 polymer 'Widom-601 DNA (145-MER)'
6 polymer 'Widom-601 DNA (145-MER)'
7 polymer 'Myeloperoxidase light chain'
8 polymer 'Myeloperoxidase light chain'
9 branched alpha-D-mannopyranose-(1-3)-[alpha-D-mannopyranose-(1-6)]beta-D-mannopyranose-(1-4)-2-acetamido-2-deoxy-beta-D-glucopyranose-(1-4)-[alpha-L-fucopyranose-(1-6)]2-acetamido-2-deoxy-beta-D-glucopyranose
10 branched alpha-D-mannopyranose-(1-6)-beta-D-mannopyranose-(1-4)-2-acetamido-2-deoxy-beta-D-glucopyranose-(1-4)-[alpha-L-fucopyranose-(1-6)]2-acetamido-2-deoxy-beta-D-glucopyranose
11 non-polymer 'PROTOPORPHYRIN IX CONTAINING FE'
12 non-polymer 2-acetamido-2-deoxy-beta-D-glucopyranose
#
loop_
_entity_poly.entity_id
_entity_poly.type
_entity_poly.pdbx_seq_one_letter_code
_entity_poly.pdbx_strand_id
1 'polypeptide(L)'
;KPHRYRPGTVALREIRRYQKSTELLIRKLPFQRLVREIAQDFKTDLRFQSSAVMALQEASEAYLVALFEDTNLCAIHAKR
VTIMPKDIQLARRIRGERA
;
A,E
2 'polypeptide(L)'
;KRHRKVLRDNIQGITKPAIRRLARRGGVKRISGLIYEETRGVLKVFLENVIRDAVTYTEHAKRKTVTAMDVVYALKRQGR
TLYGFGG
;
B,F
3 'polypeptide(L)'
;TRAKAKTRSSRAGLQFPVGRVHRLLRKGNYAERVGAGAPVYLAAVLEYLTAEILELAGNAARDNKKTRIIPRHLQLAVRN
DEELNKLLGRVTIAQGGVLPNIQSVLLPKKT
;
C,G
4 'polypeptide(L)'
;RRKTRKESYAIYVYKVLKQVHPDTGISSKAMSIMNSFVNDVFERIAGEASRLAHYNKRSTITSREIQTAVRLLLPGELAK
HAVSEGTKAVTKYTSA
;
D,H
5 'polydeoxyribonucleotide'
;(DA)(DT)(DC)(DG)(DG)(DA)(DT)(DG)(DT)(DA)(DT)(DA)(DT)(DA)(DT)(DC)(DT)(DG)(DA)(DC)
(DA)(DC)(DG)(DT)(DG)(DC)(DC)(DT)(DG)(DG)(DA)(DG)(DA)(DC)(DT)(DA)(DG)(DG)(DG)(DA)
(DG)(DT)(DA)(DA)(DT)(DC)(DC)(DC)(DC)(DT)(DT)(DG)(DG)(DC)(DG)(DG)(DT)(DT)(DA)(DA)
(DA)(DA)(DC)(DG)(DC)(DG)(DG)(DG)(DG)(DG)(DA)(DC)(DA)(DG)(DC)(DG)(DC)(DG)(DT)(DA)
(DC)(DG)(DT)(DG)(DC)(DG)(DT)(DT)(DT)(DA)(DA)(DG)(DC)(DG)(DG)(DT)(DG)(DC)(DT)(DA)
(DG)(DA)(DG)(DC)(DT)(DG)(DT)(DC)(DT)(DA)(DC)(DG)(DA)(DC)(DC)(DA)(DA)(DT)(DT)(DG)
(DA)(DG)(DC)(DG)(DG)(DC)(DC)(DT)(DC)(DG)(DG)(DC)(DA)(DC)(DC)(DG)(DG)(DG)(DA)(DT)
(DT)(DC)(DT)(DC)(DG)(DA)(DT)
;
I
6 'polydeoxyribonucleotide'
;(DA)(DT)(DC)(DG)(DA)(DG)(DA)(DA)(DT)(DC)(DC)(DC)(DG)(DG)(DT)(DG)(DC)(DC)(DG)(DA)
(DG)(DG)(DC)(DC)(DG)(DC)(DT)(DC)(DA)(DA)(DT)(DT)(DG)(DG)(DT)(DC)(DG)(DT)(DA)(DG)
(DA)(DC)(DA)(DG)(DC)(DT)(DC)(DT)(DA)(DG)(DC)(DA)(DC)(DC)(DG)(DC)(DT)(DT)(DA)(DA)
(DA)(DC)(DG)(DC)(DA)(DC)(DG)(DT)(DA)(DC)(DG)(DC)(DG)(DC)(DT)(DG)(DT)(DC)(DC)(DC)
(DC)(DC)(DG)(DC)(DG)(DT)(DT)(DT)(DT)(DA)(DA)(DC)(DC)(DG)(DC)(DC)(DA)(DA)(DG)(DG)
(DG)(DG)(DA)(DT)(DT)(DA)(DC)(DT)(DC)(DC)(DC)(DT)(DA)(DG)(DT)(DC)(DT)(DC)(DC)(DA)
(DG)(DG)(DC)(DA)(DC)(DG)(DT)(DG)(DT)(DC)(DA)(DG)(DA)(DT)(DA)(DT)(DA)(DT)(DA)(DC)
(DA)(DT)(DC)(DC)(DG)(DA)(DT)
;
J
7 'polypeptide(L)'
;VTCPEQDKYRTITGMCNNRRSPTLGASNRAFVRWLPAEYEDGFSLPYGWTPGVKRNGFPVALARAVSNEIVRFPTDQLTP
DQERSLMFMQWGQLLDHDLDFTPEPAAR
;
K,M,O
8 'polypeptide(L)'
;VNCETSCVQQPPCFPLKIPPNDPRIKNQADCIPFFRSCPACPGSNITIRNQINALTSFVDASMVYGSEEPLARNLRNMSN
QLGLLAVNQRFQDNGRALLPFDNLHDDPCLLTNRSARIPCFLAGDTRSSEMPELTSMHTLLLREHNRLATELKSLNPRWD
GERLYQEARKIVGAMVQIITYRDYLPLVLGPTAMRKYLPTYRSYNDSVDPRIANVFTNAFRYGHTLIQPFMFRLDNRYQP
MEPNPRVPLSRVFFASWRVVLEGGIDPILRGLMATPAKLNRQNQIAVDEIRERLFEQVMRIGLDLPALNMQRSRDHGLPG
YNAWRRFCGLPQPETVGQLGTVLRNLKLARKLMEQYGTPNNIDIWMGGVSEPLKRKGRVGPLLACIIGTQFRKLRDGDRF
WWENEGVFSMQQRQALAQISLPRIICDNTGITTVSKNNIFMSNSYPRDFVNCSTLPALNLASWREA
;
L,N,P
#
loop_
_chem_comp.id
_chem_comp.type
_chem_comp.name
_chem_comp.formula
BMA D-saccharide, beta linking beta-D-mannopyranose 'C6 H12 O6'
DA DNA linking 2'-DEOXYADENOSINE-5'-MONOPHOSPHATE 'C10 H14 N5 O6 P'
DC DNA linking 2'-DEOXYCYTIDINE-5'-MONOPHOSPHATE 'C9 H14 N3 O7 P'
DG DNA linking 2'-DEOXYGUANOSINE-5'-MONOPHOSPHATE 'C10 H14 N5 O7 P'
DT DNA linking THYMIDINE-5'-MONOPHOSPHATE 'C10 H15 N2 O8 P'
FUC L-saccharide, alpha linking alpha-L-fucopyranose 'C6 H12 O5'
HEM non-polymer 'PROTOPORPHYRIN IX CONTAINING FE' 'C34 H32 Fe N4 O4'
MAN D-saccharide, alpha linking alpha-D-mannopyranose 'C6 H12 O6'
NAG D-saccharide, beta linking 2-acetamido-2-deoxy-beta-D-glucopyranose 'C8 H15 N O6'
#
# COMPACT_ATOMS: atom_id res chain seq x y z
N ARG A 4 -10.18 -22.87 32.69
CA ARG A 4 -9.25 -21.80 32.35
C ARG A 4 -8.72 -21.96 30.94
N TYR A 5 -8.49 -20.84 30.26
CA TYR A 5 -7.97 -20.83 28.91
C TYR A 5 -6.50 -20.41 28.91
N ARG A 6 -5.69 -21.13 28.14
CA ARG A 6 -4.28 -20.80 28.02
C ARG A 6 -4.13 -19.44 27.33
N PRO A 7 -3.11 -18.67 27.68
CA PRO A 7 -2.92 -17.35 27.07
C PRO A 7 -2.76 -17.45 25.56
N GLY A 8 -3.37 -16.50 24.86
CA GLY A 8 -3.34 -16.45 23.42
C GLY A 8 -4.61 -16.93 22.73
N THR A 9 -5.51 -17.59 23.47
CA THR A 9 -6.75 -18.05 22.87
C THR A 9 -7.82 -16.96 22.87
N VAL A 10 -8.04 -16.33 24.02
CA VAL A 10 -9.00 -15.23 24.10
C VAL A 10 -8.55 -14.06 23.24
N ALA A 11 -7.23 -13.85 23.14
CA ALA A 11 -6.73 -12.80 22.26
C ALA A 11 -7.08 -13.08 20.79
N LEU A 12 -6.92 -14.34 20.37
CA LEU A 12 -7.29 -14.69 19.00
C LEU A 12 -8.79 -14.57 18.77
N ARG A 13 -9.59 -14.96 19.77
CA ARG A 13 -11.05 -14.79 19.65
C ARG A 13 -11.41 -13.32 19.52
N GLU A 14 -10.79 -12.45 20.30
CA GLU A 14 -11.05 -11.02 20.20
C GLU A 14 -10.60 -10.48 18.85
N ILE A 15 -9.46 -10.95 18.34
CA ILE A 15 -9.00 -10.53 17.03
C ILE A 15 -10.02 -10.90 15.96
N ARG A 16 -10.53 -12.13 16.02
CA ARG A 16 -11.53 -12.56 15.05
C ARG A 16 -12.82 -11.75 15.18
N ARG A 17 -13.23 -11.45 16.41
CA ARG A 17 -14.50 -10.75 16.63
C ARG A 17 -14.42 -9.30 16.18
N TYR A 18 -13.37 -8.58 16.57
CA TYR A 18 -13.27 -7.16 16.26
C TYR A 18 -12.92 -6.89 14.81
N GLN A 19 -12.37 -7.87 14.10
CA GLN A 19 -12.10 -7.72 12.67
C GLN A 19 -13.35 -8.00 11.83
N LYS A 20 -14.41 -8.51 12.43
CA LYS A 20 -15.65 -8.80 11.71
C LYS A 20 -16.73 -7.74 11.92
N SER A 21 -16.65 -6.99 13.01
CA SER A 21 -17.62 -5.95 13.28
C SER A 21 -17.14 -4.60 12.74
N THR A 22 -18.07 -3.64 12.70
CA THR A 22 -17.77 -2.30 12.18
C THR A 22 -18.02 -1.21 13.21
N GLU A 23 -18.38 -1.56 14.44
CA GLU A 23 -18.70 -0.57 15.46
C GLU A 23 -17.44 0.15 15.93
N LEU A 24 -17.64 1.36 16.46
CA LEU A 24 -16.55 2.13 17.02
C LEU A 24 -16.07 1.50 18.33
N LEU A 25 -14.78 1.59 18.59
CA LEU A 25 -14.16 0.94 19.74
C LEU A 25 -13.78 1.91 20.85
N ILE A 26 -14.02 3.21 20.66
CA ILE A 26 -13.74 4.21 21.68
C ILE A 26 -15.05 4.81 22.15
N ARG A 27 -15.18 4.99 23.46
CA ARG A 27 -16.39 5.60 24.01
C ARG A 27 -16.56 7.01 23.49
N LYS A 28 -17.80 7.36 23.15
CA LYS A 28 -18.06 8.60 22.44
C LYS A 28 -17.87 9.82 23.33
N LEU A 29 -18.41 9.78 24.55
CA LEU A 29 -18.33 10.94 25.42
C LEU A 29 -16.90 11.31 25.82
N PRO A 30 -16.05 10.37 26.26
CA PRO A 30 -14.66 10.76 26.54
C PRO A 30 -13.93 11.31 25.33
N PHE A 31 -14.18 10.76 24.14
CA PHE A 31 -13.53 11.28 22.94
C PHE A 31 -14.00 12.69 22.62
N GLN A 32 -15.30 12.94 22.78
CA GLN A 32 -15.81 14.29 22.57
C GLN A 32 -15.21 15.27 23.55
N ARG A 33 -15.09 14.86 24.81
CA ARG A 33 -14.47 15.72 25.82
C ARG A 33 -13.01 16.02 25.46
N LEU A 34 -12.27 15.00 25.02
CA LEU A 34 -10.89 15.22 24.62
C LEU A 34 -10.79 16.16 23.43
N VAL A 35 -11.68 16.00 22.44
CA VAL A 35 -11.68 16.86 21.28
C VAL A 35 -11.94 18.30 21.68
N ARG A 36 -12.92 18.52 22.57
CA ARG A 36 -13.20 19.87 23.05
C ARG A 36 -12.02 20.45 23.81
N GLU A 37 -11.37 19.64 24.65
CA GLU A 37 -10.20 20.12 25.38
C GLU A 37 -9.09 20.54 24.42
N ILE A 38 -8.85 19.74 23.38
CA ILE A 38 -7.78 20.07 22.43
C ILE A 38 -8.13 21.33 21.66
N ALA A 39 -9.39 21.46 21.22
CA ALA A 39 -9.80 22.63 20.45
C ALA A 39 -9.86 23.89 21.30
N GLN A 40 -9.93 23.75 22.63
CA GLN A 40 -9.96 24.93 23.49
C GLN A 40 -8.71 25.80 23.33
N ASP A 41 -7.59 25.20 22.92
CA ASP A 41 -6.35 25.95 22.81
C ASP A 41 -6.39 26.92 21.63
N PHE A 42 -6.91 26.47 20.48
CA PHE A 42 -6.89 27.32 19.29
C PHE A 42 -7.92 28.43 19.36
N LYS A 43 -9.10 28.15 19.93
CA LYS A 43 -10.14 29.15 20.05
C LYS A 43 -10.98 28.85 21.29
N THR A 44 -11.68 29.88 21.75
CA THR A 44 -12.52 29.79 22.94
C THR A 44 -13.98 29.93 22.55
N ASP A 45 -14.84 29.24 23.32
CA ASP A 45 -16.28 29.21 23.07
C ASP A 45 -16.59 28.71 21.66
N LEU A 46 -16.13 27.50 21.39
CA LEU A 46 -16.35 26.83 20.11
C LEU A 46 -17.50 25.86 20.23
N ARG A 47 -18.27 25.72 19.15
CA ARG A 47 -19.38 24.79 19.08
C ARG A 47 -19.06 23.71 18.05
N PHE A 48 -19.36 22.46 18.41
CA PHE A 48 -19.04 21.31 17.57
C PHE A 48 -20.33 20.62 17.16
N GLN A 49 -20.49 20.38 15.86
CA GLN A 49 -21.57 19.52 15.39
C GLN A 49 -21.26 18.07 15.76
N SER A 50 -22.32 17.28 15.91
CA SER A 50 -22.15 15.86 16.19
C SER A 50 -21.44 15.15 15.04
N SER A 51 -21.73 15.57 13.81
CA SER A 51 -21.10 14.97 12.64
C SER A 51 -19.59 15.21 12.65
N ALA A 52 -19.16 16.40 13.09
CA ALA A 52 -17.74 16.68 13.15
C ALA A 52 -17.03 15.76 14.13
N VAL A 53 -17.61 15.55 15.31
CA VAL A 53 -17.01 14.66 16.30
C VAL A 53 -16.99 13.23 15.78
N MET A 54 -18.08 12.81 15.11
CA MET A 54 -18.12 11.46 14.56
C MET A 54 -17.03 11.27 13.50
N ALA A 55 -16.85 12.26 12.62
CA ALA A 55 -15.81 12.17 11.60
C ALA A 55 -14.42 12.11 12.23
N LEU A 56 -14.19 12.94 13.25
CA LEU A 56 -12.90 12.90 13.94
C LEU A 56 -12.65 11.53 14.56
N GLN A 57 -13.68 10.96 15.19
CA GLN A 57 -13.53 9.64 15.82
C GLN A 57 -13.22 8.57 14.78
N GLU A 58 -13.94 8.59 13.65
CA GLU A 58 -13.70 7.59 12.62
C GLU A 58 -12.28 7.71 12.05
N ALA A 59 -11.84 8.94 11.76
CA ALA A 59 -10.51 9.13 11.22
C ALA A 59 -9.45 8.68 12.22
N SER A 60 -9.62 9.03 13.50
CA SER A 60 -8.65 8.63 14.51
C SER A 60 -8.58 7.12 14.66
N GLU A 61 -9.73 6.45 14.67
CA GLU A 61 -9.73 5.00 14.81
C GLU A 61 -9.07 4.34 13.61
N ALA A 62 -9.36 4.81 12.40
CA ALA A 62 -8.72 4.23 11.22
C ALA A 62 -7.21 4.43 11.24
N TYR A 63 -6.77 5.64 11.62
CA TYR A 63 -5.34 5.92 11.69
C TYR A 63 -4.66 5.02 12.71
N LEU A 64 -5.28 4.86 13.89
CA LEU A 64 -4.68 4.03 14.93
C LEU A 64 -4.63 2.57 14.51
N VAL A 65 -5.68 2.09 13.83
CA VAL A 65 -5.67 0.69 13.38
C VAL A 65 -4.56 0.46 12.36
N ALA A 66 -4.40 1.38 11.40
CA ALA A 66 -3.33 1.23 10.42
C ALA A 66 -1.96 1.29 11.09
N LEU A 67 -1.79 2.20 12.05
CA LEU A 67 -0.52 2.29 12.76
C LEU A 67 -0.23 1.01 13.53
N PHE A 68 -1.26 0.42 14.13
CA PHE A 68 -1.05 -0.82 14.87
C PHE A 68 -0.74 -1.99 13.94
N GLU A 69 -1.31 -2.01 12.74
CA GLU A 69 -0.93 -3.03 11.77
C GLU A 69 0.54 -2.91 11.39
N ASP A 70 0.99 -1.68 11.12
CA ASP A 70 2.40 -1.47 10.79
C ASP A 70 3.30 -1.84 11.98
N THR A 71 2.86 -1.51 13.19
CA THR A 71 3.63 -1.87 14.39
C THR A 71 3.72 -3.38 14.55
N ASN A 72 2.63 -4.09 14.27
CA ASN A 72 2.66 -5.55 14.34
C ASN A 72 3.64 -6.12 13.33
N LEU A 73 3.66 -5.56 12.12
CA LEU A 73 4.64 -6.00 11.12
C LEU A 73 6.06 -5.76 11.61
N CYS A 74 6.30 -4.58 12.21
CA CYS A 74 7.64 -4.28 12.71
C CYS A 74 8.05 -5.25 13.82
N ALA A 75 7.13 -5.57 14.73
CA ALA A 75 7.44 -6.49 15.82
C ALA A 75 7.70 -7.90 15.29
N ILE A 76 6.92 -8.35 14.31
CA ILE A 76 7.15 -9.66 13.72
C ILE A 76 8.50 -9.71 13.02
N HIS A 77 8.91 -8.59 12.40
CA HIS A 77 10.21 -8.55 11.74
C HIS A 77 11.35 -8.84 12.71
N ALA A 78 11.27 -8.30 13.93
CA ALA A 78 12.30 -8.49 14.94
C ALA A 78 12.18 -9.82 15.68
N LYS A 79 11.43 -10.78 15.14
CA LYS A 79 11.22 -12.09 15.74
C LYS A 79 10.63 -11.96 17.15
N ARG A 80 9.43 -11.40 17.20
CA ARG A 80 8.74 -11.17 18.46
C ARG A 80 7.23 -11.31 18.23
N VAL A 81 6.49 -11.34 19.33
CA VAL A 81 5.04 -11.41 19.27
C VAL A 81 4.46 -10.19 19.98
N THR A 82 5.22 -9.65 20.93
CA THR A 82 4.76 -8.57 21.78
C THR A 82 5.05 -7.21 21.15
N ILE A 83 4.01 -6.37 21.08
CA ILE A 83 4.18 -5.01 20.57
C ILE A 83 4.97 -4.19 21.58
N MET A 84 5.94 -3.42 21.08
CA MET A 84 6.75 -2.56 21.92
C MET A 84 6.75 -1.14 21.37
N PRO A 85 6.99 -0.15 22.22
CA PRO A 85 6.99 1.25 21.74
C PRO A 85 8.02 1.51 20.64
N LYS A 86 9.14 0.80 20.65
CA LYS A 86 10.14 1.00 19.60
C LYS A 86 9.59 0.63 18.24
N ASP A 87 8.70 -0.37 18.18
CA ASP A 87 8.07 -0.72 16.90
C ASP A 87 7.19 0.42 16.39
N ILE A 88 6.43 1.05 17.28
CA ILE A 88 5.60 2.19 16.90
C ILE A 88 6.49 3.33 16.41
N GLN A 89 7.58 3.60 17.13
CA GLN A 89 8.48 4.68 16.72
C GLN A 89 9.10 4.40 15.37
N LEU A 90 9.52 3.15 15.12
CA LEU A 90 10.11 2.80 13.83
C LEU A 90 9.09 2.94 12.70
N ALA A 91 7.86 2.48 12.93
CA ALA A 91 6.83 2.60 11.89
C ALA A 91 6.55 4.06 11.58
N ARG A 92 6.44 4.90 12.61
CA ARG A 92 6.20 6.32 12.39
C ARG A 92 7.37 6.98 11.67
N ARG A 93 8.59 6.60 12.01
CA ARG A 93 9.77 7.19 11.36
C ARG A 93 9.84 6.78 9.89
N ILE A 94 9.54 5.51 9.58
CA ILE A 94 9.60 5.05 8.20
C ILE A 94 8.48 5.70 7.38
N ARG A 95 7.28 5.78 7.95
CA ARG A 95 6.17 6.39 7.21
C ARG A 95 6.38 7.87 6.96
N GLY A 96 7.32 8.50 7.67
CA GLY A 96 7.61 9.91 7.47
C GLY A 96 6.87 10.87 8.36
N GLU A 97 6.25 10.38 9.45
CA GLU A 97 5.49 11.26 10.32
C GLU A 97 6.40 11.97 11.32
N ARG A 98 7.24 11.23 12.02
CA ARG A 98 8.16 11.80 12.99
C ARG A 98 9.53 12.07 12.41
N ALA A 99 9.75 11.79 11.13
CA ALA A 99 11.04 12.03 10.50
C ALA A 99 11.26 13.52 10.23
N ARG B 8 -8.18 19.70 33.06
CA ARG B 8 -8.94 18.53 32.59
C ARG B 8 -8.04 17.52 31.92
N ASP B 9 -7.88 16.36 32.55
CA ASP B 9 -7.06 15.27 32.01
C ASP B 9 -7.87 14.26 31.19
N ASN B 10 -8.67 14.76 30.24
CA ASN B 10 -9.50 13.87 29.45
C ASN B 10 -8.72 13.01 28.47
N ILE B 11 -7.41 13.25 28.32
CA ILE B 11 -6.59 12.35 27.51
C ILE B 11 -6.56 10.96 28.12
N GLN B 12 -6.77 10.85 29.43
CA GLN B 12 -6.90 9.55 30.08
C GLN B 12 -8.24 8.88 29.82
N GLY B 13 -9.17 9.58 29.18
CA GLY B 13 -10.46 8.97 28.86
C GLY B 13 -10.33 7.83 27.87
N ILE B 14 -9.27 7.85 27.05
CA ILE B 14 -8.97 6.72 26.18
C ILE B 14 -8.35 5.64 27.06
N THR B 15 -9.16 4.66 27.43
CA THR B 15 -8.78 3.69 28.44
C THR B 15 -7.89 2.60 27.85
N LYS B 16 -7.28 1.82 28.75
CA LYS B 16 -6.49 0.68 28.31
C LYS B 16 -7.30 -0.36 27.54
N PRO B 17 -8.51 -0.75 27.95
CA PRO B 17 -9.29 -1.67 27.11
C PRO B 17 -9.59 -1.13 25.72
N ALA B 18 -9.79 0.19 25.58
CA ALA B 18 -10.05 0.75 24.26
C ALA B 18 -8.84 0.59 23.35
N ILE B 19 -7.65 0.89 23.85
CA ILE B 19 -6.43 0.69 23.07
C ILE B 19 -6.22 -0.78 22.77
N ARG B 20 -6.55 -1.65 23.72
CA ARG B 20 -6.44 -3.08 23.48
C ARG B 20 -7.37 -3.53 22.36
N ARG B 21 -8.61 -3.01 22.34
CA ARG B 21 -9.53 -3.32 21.26
C ARG B 21 -9.02 -2.81 19.93
N LEU B 22 -8.47 -1.60 19.90
CA LEU B 22 -7.92 -1.05 18.68
C LEU B 22 -6.77 -1.89 18.15
N ALA B 23 -5.91 -2.37 19.05
CA ALA B 23 -4.81 -3.23 18.63
C ALA B 23 -5.31 -4.58 18.16
N ARG B 24 -6.33 -5.12 18.83
CA ARG B 24 -6.89 -6.42 18.42
C ARG B 24 -7.49 -6.32 17.03
N ARG B 25 -8.16 -5.22 16.72
CA ARG B 25 -8.68 -5.03 15.37
C ARG B 25 -7.58 -5.01 14.33
N GLY B 26 -6.39 -4.52 14.70
CA GLY B 26 -5.26 -4.49 13.81
C GLY B 26 -4.49 -5.78 13.69
N GLY B 27 -4.91 -6.84 14.38
CA GLY B 27 -4.24 -8.12 14.31
C GLY B 27 -3.17 -8.35 15.36
N VAL B 28 -3.06 -7.48 16.36
CA VAL B 28 -2.04 -7.61 17.39
C VAL B 28 -2.48 -8.66 18.40
N LYS B 29 -1.60 -9.60 18.69
CA LYS B 29 -1.91 -10.68 19.63
C LYS B 29 -1.51 -10.35 21.06
N ARG B 30 -0.28 -9.89 21.26
CA ARG B 30 0.24 -9.57 22.58
C ARG B 30 0.62 -8.10 22.63
N ILE B 31 0.29 -7.45 23.75
CA ILE B 31 0.50 -6.02 23.91
C ILE B 31 1.31 -5.78 25.18
N SER B 32 2.40 -5.04 25.06
CA SER B 32 3.15 -4.64 26.24
C SER B 32 2.44 -3.50 26.96
N GLY B 33 2.71 -3.39 28.25
CA GLY B 33 2.06 -2.39 29.07
C GLY B 33 2.63 -0.99 28.98
N LEU B 34 3.68 -0.79 28.20
CA LEU B 34 4.32 0.51 28.06
C LEU B 34 3.93 1.24 26.78
N ILE B 35 2.98 0.71 26.01
CA ILE B 35 2.61 1.32 24.74
C ILE B 35 1.35 2.17 24.83
N TYR B 36 0.61 2.12 25.95
CA TYR B 36 -0.60 2.90 26.07
C TYR B 36 -0.29 4.40 26.06
N GLU B 37 0.77 4.81 26.75
CA GLU B 37 1.16 6.21 26.76
C GLU B 37 1.59 6.67 25.37
N GLU B 38 2.32 5.83 24.65
CA GLU B 38 2.73 6.18 23.30
C GLU B 38 1.53 6.34 22.38
N THR B 39 0.56 5.43 22.49
CA THR B 39 -0.65 5.55 21.67
C THR B 39 -1.43 6.81 22.01
N ARG B 40 -1.52 7.14 23.31
CA ARG B 40 -2.21 8.37 23.70
C ARG B 40 -1.51 9.60 23.14
N GLY B 41 -0.18 9.63 23.20
CA GLY B 41 0.54 10.76 22.64
C GLY B 41 0.35 10.89 21.14
N VAL B 42 0.41 9.76 20.42
CA VAL B 42 0.21 9.78 18.97
C VAL B 42 -1.19 10.29 18.63
N LEU B 43 -2.20 9.79 19.35
CA LEU B 43 -3.56 10.24 19.11
C LEU B 43 -3.72 11.72 19.39
N LYS B 44 -3.09 12.20 20.47
CA LYS B 44 -3.17 13.63 20.78
C LYS B 44 -2.54 14.48 19.70
N VAL B 45 -1.38 14.05 19.17
CA VAL B 45 -0.72 14.81 18.12
C VAL B 45 -1.60 14.86 16.86
N PHE B 46 -2.13 13.70 16.45
CA PHE B 46 -2.96 13.65 15.25
C PHE B 46 -4.20 14.52 15.41
N LEU B 47 -4.86 14.42 16.56
CA LEU B 47 -6.05 15.23 16.81
C LEU B 47 -5.71 16.72 16.82
N GLU B 48 -4.58 17.09 17.42
CA GLU B 48 -4.17 18.49 17.46
C GLU B 48 -4.01 19.03 16.04
N ASN B 49 -3.31 18.28 15.18
CA ASN B 49 -3.11 18.75 13.81
C ASN B 49 -4.44 18.92 13.08
N VAL B 50 -5.28 17.87 13.11
CA VAL B 50 -6.53 17.91 12.35
C VAL B 50 -7.44 19.01 12.87
N ILE B 51 -7.55 19.15 14.19
CA ILE B 51 -8.43 20.15 14.77
C ILE B 51 -7.92 21.55 14.52
N ARG B 52 -6.59 21.74 14.52
CA ARG B 52 -6.05 23.05 14.18
C ARG B 52 -6.43 23.44 12.75
N ASP B 53 -6.29 22.50 11.81
CA ASP B 53 -6.67 22.81 10.43
C ASP B 53 -8.17 23.10 10.33
N ALA B 54 -8.99 22.31 11.02
CA ALA B 54 -10.44 22.52 10.97
C ALA B 54 -10.82 23.87 11.57
N VAL B 55 -10.18 24.26 12.67
CA VAL B 55 -10.49 25.55 13.29
C VAL B 55 -10.04 26.69 12.39
N THR B 56 -8.92 26.54 11.70
CA THR B 56 -8.52 27.56 10.72
C THR B 56 -9.56 27.70 9.62
N TYR B 57 -10.04 26.56 9.10
CA TYR B 57 -11.08 26.61 8.07
C TYR B 57 -12.34 27.29 8.58
N THR B 58 -12.74 26.99 9.81
CA THR B 58 -13.92 27.62 10.41
C THR B 58 -13.71 29.12 10.58
N GLU B 59 -12.53 29.52 11.05
CA GLU B 59 -12.27 30.93 11.30
C GLU B 59 -12.28 31.73 10.01
N HIS B 60 -11.78 31.15 8.92
CA HIS B 60 -11.81 31.87 7.64
C HIS B 60 -13.24 32.16 7.20
N ALA B 61 -14.18 31.28 7.54
CA ALA B 61 -15.56 31.44 7.12
C ALA B 61 -16.37 32.34 8.04
N LYS B 62 -15.75 32.89 9.09
CA LYS B 62 -16.42 33.77 10.04
C LYS B 62 -17.59 33.05 10.72
N ARG B 63 -17.27 31.91 11.32
CA ARG B 63 -18.25 31.08 12.01
C ARG B 63 -17.71 30.67 13.38
N LYS B 64 -18.63 30.30 14.27
CA LYS B 64 -18.26 29.80 15.59
C LYS B 64 -18.63 28.34 15.79
N THR B 65 -19.04 27.65 14.72
CA THR B 65 -19.41 26.24 14.78
C THR B 65 -18.55 25.46 13.82
N VAL B 66 -17.90 24.41 14.32
CA VAL B 66 -17.02 23.57 13.51
C VAL B 66 -17.89 22.51 12.85
N THR B 67 -18.21 22.72 11.58
CA THR B 67 -19.05 21.79 10.84
C THR B 67 -18.25 20.56 10.42
N ALA B 68 -18.98 19.52 9.98
CA ALA B 68 -18.33 18.31 9.50
C ALA B 68 -17.55 18.56 8.22
N MET B 69 -17.99 19.52 7.40
CA MET B 69 -17.29 19.80 6.15
C MET B 69 -15.89 20.35 6.41
N ASP B 70 -15.74 21.15 7.46
CA ASP B 70 -14.41 21.67 7.80
C ASP B 70 -13.47 20.53 8.18
N VAL B 71 -13.97 19.57 8.97
CA VAL B 71 -13.14 18.43 9.35
C VAL B 71 -12.80 17.58 8.13
N VAL B 72 -13.77 17.41 7.22
CA VAL B 72 -13.52 16.64 6.00
C VAL B 72 -12.44 17.31 5.16
N TYR B 73 -12.51 18.63 5.01
CA TYR B 73 -11.49 19.35 4.25
C TYR B 73 -10.13 19.27 4.92
N ALA B 74 -10.10 19.38 6.25
CA ALA B 74 -8.84 19.28 6.97
C ALA B 74 -8.20 17.91 6.80
N LEU B 75 -9.02 16.85 6.85
CA LEU B 75 -8.50 15.51 6.61
C LEU B 75 -8.03 15.34 5.17
N LYS B 76 -8.77 15.88 4.21
CA LYS B 76 -8.41 15.72 2.81
C LYS B 76 -7.10 16.43 2.48
N ARG B 77 -6.89 17.62 3.04
CA ARG B 77 -5.67 18.37 2.76
C ARG B 77 -4.42 17.69 3.30
N GLN B 78 -4.57 16.69 4.17
CA GLN B 78 -3.45 15.92 4.69
C GLN B 78 -3.34 14.55 4.04
N GLY B 79 -4.01 14.34 2.91
CA GLY B 79 -3.99 13.05 2.25
C GLY B 79 -4.68 11.95 3.04
N ARG B 80 -5.80 12.27 3.69
CA ARG B 80 -6.58 11.33 4.49
C ARG B 80 -8.06 11.47 4.19
N THR B 81 -8.40 11.44 2.90
CA THR B 81 -9.77 11.68 2.46
C THR B 81 -10.73 10.72 3.16
N LEU B 82 -11.85 11.27 3.63
CA LEU B 82 -12.85 10.53 4.37
C LEU B 82 -14.18 10.56 3.62
N TYR B 83 -14.77 9.39 3.43
CA TYR B 83 -16.01 9.25 2.67
C TYR B 83 -17.18 9.01 3.63
N GLY B 84 -18.30 9.67 3.36
CA GLY B 84 -19.51 9.46 4.12
C GLY B 84 -20.00 10.64 4.92
N PHE B 85 -19.34 11.79 4.84
CA PHE B 85 -19.76 12.98 5.58
C PHE B 85 -19.88 14.21 4.70
N GLY B 86 -19.86 14.07 3.39
CA GLY B 86 -19.97 15.19 2.49
C GLY B 86 -18.77 15.35 1.56
N ARG C 2 0.23 63.29 -18.17
CA ARG C 2 0.34 61.98 -17.53
C ARG C 2 1.50 61.96 -16.53
N ALA C 3 1.19 61.51 -15.31
CA ALA C 3 2.21 61.38 -14.28
C ALA C 3 3.19 60.27 -14.64
N LYS C 4 4.42 60.42 -14.17
CA LYS C 4 5.46 59.43 -14.43
C LYS C 4 5.07 58.08 -13.82
N ALA C 5 5.22 57.03 -14.62
CA ALA C 5 4.81 55.70 -14.20
C ALA C 5 5.78 55.13 -13.18
N LYS C 6 5.25 54.58 -12.10
CA LYS C 6 6.03 53.89 -11.09
C LYS C 6 5.42 52.52 -10.81
N THR C 7 6.27 51.51 -10.67
CA THR C 7 5.80 50.14 -10.53
C THR C 7 5.09 49.95 -9.19
N ARG C 8 4.18 48.97 -9.17
CA ARG C 8 3.46 48.65 -7.94
C ARG C 8 4.39 48.08 -6.88
N SER C 9 5.41 47.32 -7.29
CA SER C 9 6.35 46.75 -6.32
C SER C 9 7.10 47.85 -5.59
N SER C 10 7.46 48.94 -6.30
CA SER C 10 8.12 50.06 -5.65
C SER C 10 7.18 50.74 -4.65
N ARG C 11 5.89 50.79 -4.97
CA ARG C 11 4.92 51.39 -4.04
C ARG C 11 4.85 50.59 -2.74
N ALA C 12 4.85 49.27 -2.83
CA ALA C 12 4.78 48.42 -1.65
C ALA C 12 6.14 48.15 -1.03
N GLY C 13 7.21 48.69 -1.60
CA GLY C 13 8.55 48.48 -1.06
C GLY C 13 9.03 47.05 -1.14
N LEU C 14 8.77 46.37 -2.25
CA LEU C 14 9.19 44.99 -2.45
C LEU C 14 10.21 44.89 -3.57
N GLN C 15 10.77 43.69 -3.73
CA GLN C 15 11.67 43.40 -4.82
C GLN C 15 11.09 42.45 -5.86
N PHE C 16 10.07 41.68 -5.49
CA PHE C 16 9.41 40.79 -6.44
C PHE C 16 8.36 41.56 -7.23
N PRO C 17 8.04 41.11 -8.45
CA PRO C 17 7.13 41.87 -9.31
C PRO C 17 5.68 41.63 -8.90
N VAL C 18 5.00 42.70 -8.48
CA VAL C 18 3.58 42.59 -8.17
C VAL C 18 2.76 42.41 -9.43
N GLY C 19 3.12 43.13 -10.50
CA GLY C 19 2.34 43.04 -11.73
C GLY C 19 2.43 41.67 -12.39
N ARG C 20 3.63 41.08 -12.42
CA ARG C 20 3.77 39.74 -12.99
C ARG C 20 2.99 38.72 -12.19
N VAL C 21 3.00 38.84 -10.86
CA VAL C 21 2.24 37.92 -10.01
C VAL C 21 0.75 38.09 -10.28
N HIS C 22 0.29 39.33 -10.44
CA HIS C 22 -1.11 39.57 -10.75
C HIS C 22 -1.50 38.96 -12.09
N ARG C 23 -0.64 39.11 -13.09
CA ARG C 23 -0.92 38.51 -14.39
C ARG C 23 -0.97 36.99 -14.30
N LEU C 24 -0.04 36.40 -13.54
CA LEU C 24 -0.04 34.95 -13.39
C LEU C 24 -1.28 34.47 -12.65
N LEU C 25 -1.74 35.22 -11.65
CA LEU C 25 -2.97 34.86 -10.95
C LEU C 25 -4.17 34.95 -11.87
N ARG C 26 -4.22 35.99 -12.71
CA ARG C 26 -5.36 36.17 -13.60
C ARG C 26 -5.39 35.09 -14.68
N LYS C 27 -4.24 34.83 -15.31
CA LYS C 27 -4.17 33.87 -16.41
C LYS C 27 -4.02 32.43 -15.93
N GLY C 28 -3.86 32.20 -14.63
CA GLY C 28 -3.66 30.86 -14.12
C GLY C 28 -4.92 30.06 -13.91
N ASN C 29 -6.09 30.64 -14.22
CA ASN C 29 -7.38 29.96 -14.05
C ASN C 29 -7.57 29.53 -12.59
N TYR C 30 -7.36 30.46 -11.67
CA TYR C 30 -7.49 30.21 -10.25
C TYR C 30 -8.84 30.62 -9.70
N ALA C 31 -9.33 31.80 -10.08
CA ALA C 31 -10.64 32.27 -9.69
C ALA C 31 -11.13 33.27 -10.72
N GLU C 32 -12.44 33.53 -10.69
CA GLU C 32 -13.03 34.43 -11.67
C GLU C 32 -12.49 35.84 -11.52
N ARG C 33 -12.32 36.31 -10.29
CA ARG C 33 -11.82 37.65 -10.02
C ARG C 33 -10.67 37.58 -9.02
N VAL C 34 -9.72 38.50 -9.17
CA VAL C 34 -8.55 38.59 -8.30
C VAL C 34 -8.53 39.98 -7.68
N GLY C 35 -8.44 40.03 -6.36
CA GLY C 35 -8.41 41.31 -5.68
C GLY C 35 -7.10 42.03 -5.89
N ALA C 36 -7.12 43.34 -5.57
CA ALA C 36 -5.94 44.17 -5.76
C ALA C 36 -4.87 43.93 -4.71
N GLY C 37 -5.23 43.38 -3.55
CA GLY C 37 -4.26 43.18 -2.49
C GLY C 37 -3.64 41.81 -2.47
N ALA C 38 -4.22 40.86 -3.19
CA ALA C 38 -3.68 39.51 -3.25
C ALA C 38 -2.28 39.46 -3.86
N PRO C 39 -2.01 40.11 -5.01
CA PRO C 39 -0.64 40.06 -5.55
C PRO C 39 0.41 40.62 -4.60
N VAL C 40 0.08 41.67 -3.85
CA VAL C 40 1.03 42.25 -2.91
C VAL C 40 1.36 41.26 -1.81
N TYR C 41 0.33 40.61 -1.26
CA TYR C 41 0.54 39.61 -0.21
C TYR C 41 1.37 38.45 -0.72
N LEU C 42 1.05 37.94 -1.92
CA LEU C 42 1.80 36.81 -2.46
C LEU C 42 3.25 37.18 -2.74
N ALA C 43 3.48 38.37 -3.30
CA ALA C 43 4.85 38.80 -3.57
C ALA C 43 5.63 38.97 -2.27
N ALA C 44 5.01 39.54 -1.24
CA ALA C 44 5.70 39.69 0.04
C ALA C 44 6.07 38.34 0.64
N VAL C 45 5.14 37.38 0.59
CA VAL C 45 5.42 36.05 1.14
C VAL C 45 6.55 35.39 0.37
N LEU C 46 6.51 35.45 -0.96
CA LEU C 46 7.56 34.83 -1.77
C LEU C 46 8.91 35.47 -1.50
N GLU C 47 8.94 36.81 -1.41
CA GLU C 47 10.20 37.50 -1.14
C GLU C 47 10.75 37.12 0.23
N TYR C 48 9.87 37.02 1.23
CA TYR C 48 10.33 36.63 2.57
C TYR C 48 10.93 35.22 2.57
N LEU C 49 10.24 34.28 1.93
CA LEU C 49 10.76 32.91 1.89
C LEU C 49 12.09 32.84 1.15
N THR C 50 12.18 33.54 0.01
CA THR C 50 13.42 33.55 -0.76
C THR C 50 14.56 34.17 0.04
N ALA C 51 14.29 35.27 0.74
CA ALA C 51 15.32 35.91 1.55
C ALA C 51 15.79 34.98 2.67
N GLU C 52 14.86 34.27 3.31
CA GLU C 52 15.23 33.35 4.38
C GLU C 52 16.15 32.25 3.86
N ILE C 53 15.72 31.57 2.78
CA ILE C 53 16.51 30.44 2.29
C ILE C 53 17.85 30.91 1.74
N LEU C 54 17.88 32.08 1.09
CA LEU C 54 19.13 32.59 0.56
C LEU C 54 20.08 33.00 1.68
N GLU C 55 19.54 33.56 2.77
CA GLU C 55 20.39 33.90 3.92
C GLU C 55 21.01 32.64 4.52
N LEU C 56 20.21 31.59 4.68
CA LEU C 56 20.75 30.34 5.22
C LEU C 56 21.81 29.75 4.30
N ALA C 57 21.55 29.76 2.98
CA ALA C 57 22.51 29.21 2.03
C ALA C 57 23.80 30.03 2.03
N GLY C 58 23.70 31.35 2.11
CA GLY C 58 24.89 32.17 2.17
C GLY C 58 25.69 31.94 3.44
N ASN C 59 25.00 31.73 4.56
CA ASN C 59 25.69 31.39 5.79
C ASN C 59 26.46 30.08 5.63
N ALA C 60 25.82 29.08 5.02
CA ALA C 60 26.50 27.81 4.81
C ALA C 60 27.72 27.97 3.89
N ALA C 61 27.56 28.74 2.81
CA ALA C 61 28.67 28.95 1.88
C ALA C 61 29.83 29.69 2.55
N ARG C 62 29.53 30.69 3.37
CA ARG C 62 30.58 31.39 4.11
C ARG C 62 31.27 30.44 5.09
N ASP C 63 30.50 29.58 5.76
CA ASP C 63 31.09 28.58 6.64
C ASP C 63 31.92 27.57 5.87
N ASN C 64 31.69 27.42 4.57
CA ASN C 64 32.47 26.53 3.73
C ASN C 64 33.59 27.26 2.99
N LYS C 65 33.84 28.53 3.33
CA LYS C 65 34.92 29.31 2.72
C LYS C 65 34.77 29.41 1.21
N LYS C 66 33.55 29.65 0.75
CA LYS C 66 33.25 29.86 -0.66
C LYS C 66 32.41 31.10 -0.84
N THR C 67 32.59 31.78 -1.97
CA THR C 67 31.90 33.02 -2.27
C THR C 67 30.85 32.84 -3.37
N ARG C 68 30.35 31.62 -3.55
CA ARG C 68 29.30 31.36 -4.52
C ARG C 68 28.40 30.26 -4.00
N ILE C 69 27.12 30.36 -4.32
CA ILE C 69 26.12 29.43 -3.82
C ILE C 69 25.94 28.30 -4.82
N ILE C 70 26.02 27.07 -4.34
CA ILE C 70 25.86 25.87 -5.16
C ILE C 70 24.73 25.06 -4.55
N PRO C 71 24.15 24.12 -5.32
CA PRO C 71 23.01 23.35 -4.79
C PRO C 71 23.31 22.60 -3.50
N ARG C 72 24.57 22.24 -3.26
CA ARG C 72 24.92 21.61 -1.98
C ARG C 72 24.63 22.54 -0.82
N HIS C 73 24.95 23.82 -0.97
CA HIS C 73 24.67 24.79 0.10
C HIS C 73 23.17 24.95 0.32
N LEU C 74 22.39 24.96 -0.77
CA LEU C 74 20.94 25.05 -0.63
C LEU C 74 20.40 23.82 0.10
N GLN C 75 20.90 22.64 -0.24
CA GLN C 75 20.45 21.42 0.43
C GLN C 75 20.80 21.44 1.91
N LEU C 76 22.02 21.88 2.24
CA LEU C 76 22.40 21.98 3.65
C LEU C 76 21.52 22.96 4.40
N ALA C 77 21.25 24.12 3.80
CA ALA C 77 20.42 25.13 4.45
C ALA C 77 19.00 24.61 4.66
N VAL C 78 18.45 23.90 3.68
CA VAL C 78 17.09 23.39 3.81
C VAL C 78 17.02 22.29 4.86
N ARG C 79 17.98 21.35 4.84
CA ARG C 79 17.90 20.21 5.72
C ARG C 79 18.25 20.57 7.17
N ASN C 80 19.07 21.60 7.37
CA ASN C 80 19.45 21.97 8.72
C ASN C 80 18.39 22.77 9.46
N ASP C 81 17.36 23.24 8.77
CA ASP C 81 16.28 24.00 9.38
C ASP C 81 15.03 23.14 9.45
N GLU C 82 14.45 23.03 10.65
CA GLU C 82 13.32 22.13 10.85
C GLU C 82 12.09 22.59 10.06
N GLU C 83 11.79 23.88 10.11
CA GLU C 83 10.61 24.38 9.40
C GLU C 83 10.77 24.27 7.89
N LEU C 84 11.93 24.62 7.37
CA LEU C 84 12.17 24.50 5.93
C LEU C 84 12.21 23.04 5.50
N ASN C 85 12.73 22.16 6.36
CA ASN C 85 12.71 20.73 6.05
C ASN C 85 11.29 20.21 5.99
N LYS C 86 10.44 20.64 6.93
CA LYS C 86 9.04 20.24 6.89
C LYS C 86 8.34 20.78 5.65
N LEU C 87 8.65 22.01 5.27
CA LEU C 87 8.03 22.59 4.08
C LEU C 87 8.44 21.84 2.81
N LEU C 88 9.70 21.44 2.72
CA LEU C 88 10.25 20.75 1.56
C LEU C 88 10.53 19.28 1.86
N GLY C 89 9.63 18.64 2.60
CA GLY C 89 9.86 17.25 2.98
C GLY C 89 9.86 16.29 1.81
N ARG C 90 9.02 16.55 0.81
CA ARG C 90 8.86 15.66 -0.34
C ARG C 90 9.43 16.29 -1.61
N VAL C 91 10.57 16.97 -1.48
CA VAL C 91 11.20 17.66 -2.60
C VAL C 91 12.65 17.21 -2.70
N THR C 92 13.08 16.85 -3.91
CA THR C 92 14.44 16.44 -4.17
C THR C 92 15.19 17.57 -4.87
N ILE C 93 16.33 17.96 -4.31
CA ILE C 93 17.15 19.02 -4.87
C ILE C 93 18.31 18.37 -5.61
N ALA C 94 18.44 18.69 -6.89
CA ALA C 94 19.48 18.09 -7.71
C ALA C 94 20.86 18.54 -7.24
N GLN C 95 21.82 17.61 -7.29
CA GLN C 95 23.20 17.86 -6.86
C GLN C 95 23.24 18.37 -5.41
N GLY C 96 22.42 17.76 -4.56
CA GLY C 96 22.35 18.20 -3.17
C GLY C 96 23.03 17.27 -2.20
N GLY C 97 23.10 15.98 -2.53
CA GLY C 97 23.70 15.05 -1.60
C GLY C 97 22.78 14.80 -0.42
N VAL C 98 23.37 14.24 0.65
CA VAL C 98 22.64 13.92 1.87
C VAL C 98 23.37 14.53 3.05
N LEU C 99 22.63 14.70 4.15
CA LEU C 99 23.21 15.24 5.36
C LEU C 99 24.15 14.21 5.99
N PRO C 100 25.34 14.61 6.41
CA PRO C 100 26.29 13.63 6.96
C PRO C 100 25.91 13.16 8.35
N ASN C 101 25.49 11.90 8.47
CA ASN C 101 25.25 11.30 9.77
C ASN C 101 25.49 9.79 9.70
N ILE C 102 25.84 9.22 10.84
CA ILE C 102 26.09 7.79 10.98
C ILE C 102 25.44 7.32 12.27
N GLN C 103 24.77 6.17 12.20
CA GLN C 103 24.14 5.62 13.40
C GLN C 103 25.19 5.28 14.46
N SER C 104 24.85 5.55 15.71
CA SER C 104 25.78 5.32 16.81
C SER C 104 26.09 3.84 17.00
N VAL C 105 25.24 2.95 16.49
CA VAL C 105 25.48 1.52 16.63
C VAL C 105 26.68 1.09 15.81
N LEU C 106 26.81 1.63 14.59
CA LEU C 106 27.88 1.20 13.69
C LEU C 106 29.25 1.69 14.12
N LEU C 107 29.33 2.77 14.90
CA LEU C 107 30.61 3.30 15.31
C LEU C 107 31.32 2.32 16.25
N PRO C 108 32.63 2.16 16.12
CA PRO C 108 33.35 1.24 17.00
C PRO C 108 33.43 1.76 18.42
N LYS C 109 33.62 0.82 19.35
CA LYS C 109 33.74 1.15 20.76
C LYS C 109 35.20 1.17 21.20
N LYS D 3 13.37 35.35 -31.05
CA LYS D 3 13.21 34.25 -30.10
C LYS D 3 12.17 34.60 -29.05
N THR D 4 11.38 33.61 -28.65
CA THR D 4 10.33 33.85 -27.68
C THR D 4 10.93 34.06 -26.30
N ARG D 5 10.52 35.15 -25.64
CA ARG D 5 11.02 35.46 -24.30
C ARG D 5 10.51 34.44 -23.29
N LYS D 6 11.36 34.12 -22.31
CA LYS D 6 11.02 33.18 -21.26
C LYS D 6 11.05 33.91 -19.93
N GLU D 7 9.86 34.21 -19.40
CA GLU D 7 9.78 34.87 -18.11
C GLU D 7 10.26 33.95 -17.00
N SER D 8 11.01 34.53 -16.05
CA SER D 8 11.55 33.74 -14.95
C SER D 8 11.85 34.67 -13.78
N TYR D 9 11.97 34.07 -12.60
CA TYR D 9 12.28 34.82 -11.38
C TYR D 9 13.78 34.87 -11.14
N ALA D 10 14.50 35.40 -12.15
CA ALA D 10 15.95 35.42 -12.11
C ALA D 10 16.49 36.71 -11.50
N ILE D 11 16.07 37.86 -12.03
CA ILE D 11 16.59 39.13 -11.55
C ILE D 11 16.15 39.41 -10.12
N TYR D 12 14.92 39.04 -9.78
CA TYR D 12 14.39 39.33 -8.46
C TYR D 12 15.11 38.53 -7.38
N VAL D 13 15.42 37.26 -7.66
CA VAL D 13 16.17 36.45 -6.70
C VAL D 13 17.56 37.04 -6.50
N TYR D 14 18.19 37.50 -7.57
CA TYR D 14 19.51 38.12 -7.45
C TYR D 14 19.43 39.41 -6.65
N LYS D 15 18.38 40.21 -6.85
CA LYS D 15 18.22 41.43 -6.06
C LYS D 15 18.05 41.11 -4.58
N VAL D 16 17.24 40.10 -4.27
CA VAL D 16 17.06 39.70 -2.88
C VAL D 16 18.38 39.22 -2.29
N LEU D 17 19.15 38.44 -3.06
CA LEU D 17 20.44 37.95 -2.58
C LEU D 17 21.40 39.09 -2.31
N LYS D 18 21.43 40.09 -3.20
CA LYS D 18 22.27 41.26 -2.97
C LYS D 18 21.81 42.05 -1.75
N GLN D 19 20.51 42.08 -1.50
CA GLN D 19 20.01 42.69 -0.27
C GLN D 19 20.50 41.94 0.96
N VAL D 20 20.52 40.61 0.90
CA VAL D 20 20.91 39.82 2.06
C VAL D 20 22.43 39.67 2.14
N HIS D 21 23.04 39.18 1.06
CA HIS D 21 24.49 38.94 0.99
C HIS D 21 25.06 39.81 -0.13
N PRO D 22 25.53 41.01 0.17
CA PRO D 22 26.02 41.90 -0.89
C PRO D 22 27.24 41.38 -1.63
N ASP D 23 28.00 40.47 -1.04
CA ASP D 23 29.26 40.02 -1.65
C ASP D 23 29.26 38.52 -1.90
N THR D 24 28.16 37.99 -2.44
CA THR D 24 28.05 36.57 -2.71
C THR D 24 27.27 36.37 -4.00
N GLY D 25 27.82 35.55 -4.91
CA GLY D 25 27.17 35.23 -6.16
C GLY D 25 26.31 33.98 -6.05
N ILE D 26 25.80 33.55 -7.20
CA ILE D 26 24.95 32.38 -7.29
C ILE D 26 25.09 31.78 -8.68
N SER D 27 25.13 30.45 -8.74
CA SER D 27 25.36 29.74 -9.99
C SER D 27 24.05 29.57 -10.76
N SER D 28 24.15 28.96 -11.94
CA SER D 28 22.97 28.78 -12.78
C SER D 28 22.06 27.67 -12.24
N LYS D 29 22.66 26.57 -11.76
CA LYS D 29 21.84 25.48 -11.20
C LYS D 29 21.10 25.94 -9.95
N ALA D 30 21.77 26.69 -9.09
CA ALA D 30 21.09 27.23 -7.91
C ALA D 30 19.99 28.20 -8.30
N MET D 31 20.23 29.00 -9.35
CA MET D 31 19.19 29.90 -9.83
C MET D 31 17.98 29.12 -10.32
N SER D 32 18.20 28.03 -11.06
CA SER D 32 17.10 27.21 -11.52
C SER D 32 16.35 26.58 -10.36
N ILE D 33 17.08 26.12 -9.34
CA ILE D 33 16.44 25.55 -8.16
C ILE D 33 15.59 26.60 -7.46
N MET D 34 16.11 27.82 -7.33
CA MET D 34 15.35 28.89 -6.71
C MET D 34 14.09 29.22 -7.50
N ASN D 35 14.21 29.26 -8.83
CA ASN D 35 13.04 29.54 -9.67
C ASN D 35 11.98 28.45 -9.51
N SER D 36 12.41 27.19 -9.50
CA SER D 36 11.46 26.10 -9.30
C SER D 36 10.80 26.18 -7.94
N PHE D 37 11.56 26.52 -6.90
CA PHE D 37 11.01 26.64 -5.56
C PHE D 37 9.96 27.75 -5.50
N VAL D 38 10.26 28.89 -6.11
CA VAL D 38 9.31 30.01 -6.12
C VAL D 38 8.04 29.61 -6.86
N ASN D 39 8.18 28.96 -8.03
CA ASN D 39 7.02 28.54 -8.78
C ASN D 39 6.17 27.55 -7.99
N ASP D 40 6.81 26.60 -7.32
CA ASP D 40 6.08 25.60 -6.54
C ASP D 40 5.31 26.24 -5.39
N VAL D 41 5.96 27.15 -4.66
CA VAL D 41 5.28 27.80 -3.54
C VAL D 41 4.12 28.66 -4.05
N PHE D 42 4.34 29.39 -5.15
CA PHE D 42 3.27 30.19 -5.74
C PHE D 42 2.08 29.32 -6.09
N GLU D 43 2.34 28.19 -6.77
CA GLU D 43 1.25 27.31 -7.17
C GLU D 43 0.51 26.74 -5.97
N ARG D 44 1.24 26.32 -4.94
CA ARG D 44 0.59 25.76 -3.75
C ARG D 44 -0.31 26.79 -3.09
N ILE D 45 0.20 28.00 -2.87
CA ILE D 45 -0.58 29.03 -2.18
C ILE D 45 -1.79 29.42 -3.03
N ALA D 46 -1.61 29.58 -4.34
CA ALA D 46 -2.73 29.97 -5.19
C ALA D 46 -3.80 28.90 -5.24
N GLY D 47 -3.39 27.62 -5.31
CA GLY D 47 -4.37 26.55 -5.31
C GLY D 47 -5.15 26.46 -4.01
N GLU D 48 -4.45 26.63 -2.88
CA GLU D 48 -5.15 26.64 -1.60
C GLU D 48 -6.12 27.81 -1.50
N ALA D 49 -5.71 28.98 -1.98
CA ALA D 49 -6.61 30.14 -1.96
C ALA D 49 -7.83 29.90 -2.85
N SER D 50 -7.63 29.30 -4.03
CA SER D 50 -8.76 29.00 -4.90
C SER D 50 -9.72 28.02 -4.25
N ARG D 51 -9.20 26.98 -3.61
CA ARG D 51 -10.06 26.04 -2.91
C ARG D 51 -10.83 26.72 -1.79
N LEU D 52 -10.16 27.59 -1.04
CA LEU D 52 -10.84 28.32 0.03
C LEU D 52 -11.96 29.21 -0.52
N ALA D 53 -11.70 29.89 -1.63
CA ALA D 53 -12.73 30.73 -2.23
C ALA D 53 -13.91 29.89 -2.72
N HIS D 54 -13.62 28.72 -3.30
CA HIS D 54 -14.70 27.86 -3.79
C HIS D 54 -15.52 27.28 -2.66
N TYR D 55 -14.90 26.97 -1.53
CA TYR D 55 -15.64 26.36 -0.42
C TYR D 55 -16.71 27.28 0.11
N ASN D 56 -16.41 28.57 0.24
CA ASN D 56 -17.34 29.54 0.80
C ASN D 56 -18.28 30.13 -0.24
N LYS D 57 -18.34 29.55 -1.44
CA LYS D 57 -19.23 30.01 -2.51
C LYS D 57 -18.96 31.48 -2.85
N ARG D 58 -17.69 31.86 -2.89
CA ARG D 58 -17.27 33.19 -3.27
C ARG D 58 -16.41 33.09 -4.53
N SER D 59 -16.47 34.13 -5.36
CA SER D 59 -15.81 34.14 -6.66
C SER D 59 -14.80 35.27 -6.75
N THR D 60 -13.99 35.44 -5.71
CA THR D 60 -12.97 36.50 -5.70
C THR D 60 -11.88 36.11 -4.72
N ILE D 61 -10.63 36.19 -5.16
CA ILE D 61 -9.49 35.93 -4.31
C ILE D 61 -9.02 37.25 -3.70
N THR D 62 -9.09 37.35 -2.38
CA THR D 62 -8.70 38.54 -1.65
C THR D 62 -7.48 38.23 -0.79
N SER D 63 -7.02 39.24 -0.05
CA SER D 63 -5.86 39.05 0.82
C SER D 63 -6.18 38.11 1.97
N ARG D 64 -7.44 38.03 2.39
CA ARG D 64 -7.82 37.10 3.45
C ARG D 64 -7.62 35.65 3.03
N GLU D 65 -7.99 35.33 1.79
CA GLU D 65 -7.78 33.97 1.28
C GLU D 65 -6.30 33.63 1.24
N ILE D 66 -5.47 34.57 0.78
CA ILE D 66 -4.03 34.33 0.73
C ILE D 66 -3.47 34.15 2.13
N GLN D 67 -3.93 34.96 3.09
CA GLN D 67 -3.47 34.83 4.46
C GLN D 67 -3.83 33.48 5.06
N THR D 68 -5.07 33.03 4.84
CA THR D 68 -5.48 31.73 5.35
C THR D 68 -4.71 30.61 4.69
N ALA D 69 -4.46 30.71 3.38
CA ALA D 69 -3.67 29.70 2.69
C ALA D 69 -2.25 29.65 3.22
N VAL D 70 -1.65 30.81 3.49
CA VAL D 70 -0.31 30.85 4.06
C VAL D 70 -0.30 30.20 5.44
N ARG D 71 -1.31 30.51 6.26
CA ARG D 71 -1.37 29.92 7.60
C ARG D 71 -1.55 28.41 7.53
N LEU D 72 -2.29 27.92 6.53
CA LEU D 72 -2.51 26.49 6.40
C LEU D 72 -1.28 25.77 5.88
N LEU D 73 -0.59 26.35 4.91
CA LEU D 73 0.51 25.65 4.25
C LEU D 73 1.83 25.77 5.04
N LEU D 74 2.26 27.00 5.28
CA LEU D 74 3.57 27.21 5.90
C LEU D 74 3.54 26.71 7.34
N PRO D 75 4.53 25.93 7.77
CA PRO D 75 4.49 25.34 9.11
C PRO D 75 5.15 26.19 10.17
N GLY D 76 4.47 26.37 11.31
CA GLY D 76 5.07 26.96 12.48
C GLY D 76 5.43 28.44 12.31
N GLU D 77 6.51 28.82 13.01
CA GLU D 77 6.90 30.22 13.11
C GLU D 77 6.98 30.89 11.74
N LEU D 78 7.53 30.18 10.76
CA LEU D 78 7.60 30.67 9.38
C LEU D 78 6.30 31.34 8.98
N ALA D 79 5.19 30.60 9.05
CA ALA D 79 3.90 31.13 8.65
C ALA D 79 3.62 32.45 9.34
N LYS D 80 3.78 32.48 10.66
CA LYS D 80 3.52 33.71 11.40
C LYS D 80 4.31 34.86 10.81
N HIS D 81 5.62 34.68 10.66
CA HIS D 81 6.43 35.75 10.10
C HIS D 81 5.91 36.15 8.73
N ALA D 82 5.66 35.15 7.87
CA ALA D 82 5.15 35.44 6.54
C ALA D 82 3.89 36.29 6.63
N VAL D 83 2.96 35.90 7.50
CA VAL D 83 1.71 36.64 7.64
C VAL D 83 2.02 38.09 7.94
N SER D 84 2.89 38.33 8.92
CA SER D 84 3.26 39.70 9.26
C SER D 84 3.75 40.44 8.02
N GLU D 85 4.68 39.83 7.30
CA GLU D 85 5.22 40.47 6.11
C GLU D 85 4.10 40.83 5.14
N GLY D 86 3.17 39.89 4.93
CA GLY D 86 2.06 40.18 4.03
C GLY D 86 1.33 41.44 4.44
N THR D 87 0.94 41.52 5.72
CA THR D 87 0.27 42.72 6.18
C THR D 87 1.16 43.93 6.00
N LYS D 88 2.44 43.78 6.37
CA LYS D 88 3.38 44.90 6.29
C LYS D 88 3.50 45.42 4.86
N ALA D 89 3.14 44.61 3.87
CA ALA D 89 3.10 45.08 2.50
C ALA D 89 1.77 45.75 2.19
N VAL D 90 0.66 45.06 2.46
CA VAL D 90 -0.64 45.52 1.98
C VAL D 90 -0.98 46.88 2.56
N THR D 91 -0.79 47.04 3.87
CA THR D 91 -1.00 48.33 4.51
C THR D 91 -0.21 49.42 3.80
N LYS D 92 1.06 49.15 3.52
CA LYS D 92 1.89 50.12 2.81
C LYS D 92 1.30 50.43 1.45
N TYR D 93 0.86 49.39 0.72
CA TYR D 93 0.24 49.61 -0.57
C TYR D 93 -1.01 50.47 -0.46
N THR D 94 -1.71 50.39 0.68
CA THR D 94 -2.85 51.26 0.90
C THR D 94 -2.43 52.70 1.16
N SER D 95 -1.29 52.90 1.83
CA SER D 95 -0.86 54.24 2.19
C SER D 95 -0.56 55.07 0.94
N ALA D 96 0.08 54.46 -0.06
CA ALA D 96 0.41 55.16 -1.29
C ALA D 96 -0.84 55.38 -2.15
N HIS E 3 50.36 -4.84 5.84
CA HIS E 3 49.35 -4.03 6.53
C HIS E 3 47.96 -4.30 5.97
N ARG E 4 46.97 -4.35 6.84
CA ARG E 4 45.60 -4.63 6.42
C ARG E 4 44.64 -4.08 7.47
N TYR E 5 43.73 -3.22 7.05
CA TYR E 5 42.73 -2.68 7.96
C TYR E 5 41.74 -3.75 8.36
N ARG E 6 41.29 -3.70 9.61
CA ARG E 6 40.29 -4.64 10.08
C ARG E 6 38.96 -4.38 9.37
N PRO E 7 38.14 -5.41 9.20
CA PRO E 7 36.87 -5.23 8.47
C PRO E 7 35.99 -4.18 9.13
N GLY E 8 35.33 -3.37 8.31
CA GLY E 8 34.48 -2.31 8.76
C GLY E 8 35.11 -0.93 8.78
N THR E 9 36.44 -0.85 8.69
CA THR E 9 37.11 0.43 8.71
C THR E 9 36.98 1.15 7.37
N VAL E 10 37.33 0.45 6.28
CA VAL E 10 37.20 1.04 4.96
C VAL E 10 35.74 1.30 4.63
N ALA E 11 34.83 0.49 5.18
CA ALA E 11 33.41 0.75 4.99
C ALA E 11 33.01 2.08 5.60
N LEU E 12 33.48 2.37 6.83
CA LEU E 12 33.18 3.65 7.46
C LEU E 12 33.85 4.80 6.70
N ARG E 13 35.06 4.58 6.21
CA ARG E 13 35.73 5.61 5.43
C ARG E 13 34.95 5.92 4.15
N GLU E 14 34.44 4.90 3.48
CA GLU E 14 33.63 5.11 2.29
C GLU E 14 32.31 5.80 2.63
N ILE E 15 31.71 5.45 3.78
CA ILE E 15 30.49 6.12 4.21
C ILE E 15 30.74 7.61 4.40
N ARG E 16 31.85 7.95 5.06
CA ARG E 16 32.19 9.36 5.26
C ARG E 16 32.53 10.05 3.95
N ARG E 17 33.16 9.35 3.01
CA ARG E 17 33.55 9.98 1.75
C ARG E 17 32.34 10.24 0.86
N TYR E 18 31.44 9.28 0.73
CA TYR E 18 30.32 9.40 -0.20
C TYR E 18 29.18 10.25 0.34
N GLN E 19 29.20 10.58 1.63
CA GLN E 19 28.22 11.50 2.18
C GLN E 19 28.66 12.96 2.09
N LYS E 20 29.88 13.22 1.64
CA LYS E 20 30.38 14.57 1.45
C LYS E 20 30.31 15.03 0.01
N SER E 21 30.27 14.11 -0.95
CA SER E 21 30.21 14.45 -2.36
C SER E 21 28.77 14.55 -2.83
N THR E 22 28.59 15.14 -4.01
CA THR E 22 27.27 15.32 -4.60
C THR E 22 27.17 14.75 -6.02
N GLU E 23 28.17 14.01 -6.47
CA GLU E 23 28.17 13.50 -7.82
C GLU E 23 27.17 12.34 -7.96
N LEU E 24 27.11 11.76 -9.15
CA LEU E 24 26.24 10.63 -9.43
C LEU E 24 27.04 9.34 -9.32
N LEU E 25 26.50 8.36 -8.61
CA LEU E 25 27.20 7.12 -8.30
C LEU E 25 26.94 6.02 -9.31
N ILE E 26 26.15 6.27 -10.35
CA ILE E 26 25.85 5.29 -11.39
C ILE E 26 26.41 5.81 -12.71
N ARG E 27 27.08 4.95 -13.46
CA ARG E 27 27.65 5.36 -14.74
C ARG E 27 26.55 5.80 -15.69
N LYS E 28 26.85 6.82 -16.50
CA LYS E 28 25.82 7.47 -17.30
C LYS E 28 25.36 6.60 -18.46
N LEU E 29 26.30 5.99 -19.18
CA LEU E 29 25.95 5.20 -20.35
C LEU E 29 25.08 3.99 -20.02
N PRO E 30 25.42 3.15 -19.03
CA PRO E 30 24.52 2.04 -18.70
C PRO E 30 23.13 2.48 -18.28
N PHE E 31 23.02 3.58 -17.53
CA PHE E 31 21.71 4.06 -17.13
C PHE E 31 20.92 4.58 -18.32
N GLN E 32 21.59 5.27 -19.25
CA GLN E 32 20.91 5.74 -20.45
C GLN E 32 20.41 4.56 -21.28
N ARG E 33 21.23 3.52 -21.42
CA ARG E 33 20.81 2.34 -22.16
C ARG E 33 19.62 1.66 -21.48
N LEU E 34 19.64 1.57 -20.15
CA LEU E 34 18.53 0.97 -19.43
C LEU E 34 17.25 1.76 -19.61
N VAL E 35 17.35 3.10 -19.55
CA VAL E 35 16.18 3.96 -19.73
C VAL E 35 15.61 3.78 -21.13
N ARG E 36 16.49 3.74 -22.14
CA ARG E 36 16.02 3.57 -23.52
C ARG E 36 15.36 2.22 -23.71
N GLU E 37 15.94 1.16 -23.14
CA GLU E 37 15.35 -0.16 -23.26
C GLU E 37 13.98 -0.21 -22.59
N ILE E 38 13.86 0.41 -21.41
CA ILE E 38 12.58 0.41 -20.71
C ILE E 38 11.53 1.18 -21.51
N ALA E 39 11.91 2.33 -22.05
CA ALA E 39 10.97 3.12 -22.85
C ALA E 39 10.62 2.45 -24.17
N GLN E 40 11.47 1.54 -24.66
CA GLN E 40 11.17 0.84 -25.90
C GLN E 40 9.89 0.00 -25.80
N ASP E 41 9.48 -0.38 -24.59
CA ASP E 41 8.30 -1.20 -24.42
C ASP E 41 6.99 -0.41 -24.54
N PHE E 42 7.06 0.92 -24.56
CA PHE E 42 5.87 1.76 -24.63
C PHE E 42 5.67 2.40 -25.99
N LYS E 43 6.73 2.98 -26.57
CA LYS E 43 6.65 3.57 -27.89
C LYS E 43 7.90 3.18 -28.68
N THR E 44 7.74 3.14 -30.00
CA THR E 44 8.82 2.75 -30.91
C THR E 44 9.44 3.99 -31.54
N ASP E 45 10.77 4.00 -31.61
CA ASP E 45 11.54 5.11 -32.18
C ASP E 45 11.30 6.39 -31.37
N LEU E 46 11.68 6.32 -30.10
CA LEU E 46 11.56 7.44 -29.18
C LEU E 46 12.91 8.09 -28.96
N ARG E 47 12.94 9.42 -29.04
CA ARG E 47 14.14 10.19 -28.78
C ARG E 47 14.11 10.74 -27.36
N PHE E 48 15.30 10.89 -26.77
CA PHE E 48 15.43 11.32 -25.40
C PHE E 48 16.34 12.54 -25.33
N GLN E 49 15.90 13.57 -24.62
CA GLN E 49 16.78 14.68 -24.30
C GLN E 49 17.76 14.28 -23.21
N SER E 50 18.93 14.90 -23.22
CA SER E 50 19.92 14.61 -22.19
C SER E 50 19.42 15.03 -20.81
N SER E 51 18.70 16.15 -20.75
CA SER E 51 18.16 16.61 -19.48
C SER E 51 17.17 15.62 -18.90
N ALA E 52 16.37 14.97 -19.75
CA ALA E 52 15.43 13.97 -19.26
C ALA E 52 16.15 12.79 -18.62
N VAL E 53 17.21 12.30 -19.26
CA VAL E 53 17.97 11.19 -18.71
C VAL E 53 18.64 11.60 -17.41
N MET E 54 19.18 12.82 -17.36
CA MET E 54 19.80 13.31 -16.13
C MET E 54 18.79 13.40 -14.99
N ALA E 55 17.59 13.92 -15.28
CA ALA E 55 16.55 14.01 -14.26
C ALA E 55 16.14 12.63 -13.77
N LEU E 56 16.00 11.68 -14.69
CA LEU E 56 15.68 10.31 -14.28
C LEU E 56 16.77 9.73 -13.39
N GLN E 57 18.03 9.97 -13.74
CA GLN E 57 19.13 9.45 -12.93
C GLN E 57 19.12 10.07 -11.54
N GLU E 58 18.92 11.38 -11.45
CA GLU E 58 18.89 12.03 -10.14
C GLU E 58 17.75 11.51 -9.28
N ALA E 59 16.56 11.39 -9.87
CA ALA E 59 15.41 10.89 -9.11
C ALA E 59 15.64 9.46 -8.64
N SER E 60 16.17 8.61 -9.53
CA SER E 60 16.43 7.22 -9.15
C SER E 60 17.46 7.12 -8.03
N GLU E 61 18.52 7.91 -8.12
CA GLU E 61 19.55 7.87 -7.09
C GLU E 61 19.00 8.35 -5.75
N ALA E 62 18.22 9.43 -5.75
CA ALA E 62 17.63 9.90 -4.50
C ALA E 62 16.69 8.87 -3.90
N TYR E 63 15.86 8.24 -4.74
CA TYR E 63 14.94 7.23 -4.26
C TYR E 63 15.68 6.04 -3.66
N LEU E 64 16.74 5.58 -4.34
CA LEU E 64 17.50 4.44 -3.83
C LEU E 64 18.22 4.79 -2.53
N VAL E 65 18.75 6.01 -2.42
CA VAL E 65 19.41 6.40 -1.18
C VAL E 65 18.43 6.44 -0.02
N ALA E 66 17.25 7.01 -0.23
CA ALA E 66 16.23 7.03 0.82
C ALA E 66 15.81 5.61 1.21
N LEU E 67 15.61 4.75 0.22
CA LEU E 67 15.24 3.37 0.50
C LEU E 67 16.33 2.65 1.29
N PHE E 68 17.59 2.92 0.97
CA PHE E 68 18.68 2.28 1.68
C PHE E 68 18.78 2.79 3.12
N GLU E 69 18.49 4.09 3.34
CA GLU E 69 18.44 4.61 4.69
C GLU E 69 17.36 3.90 5.51
N ASP E 70 16.16 3.76 4.93
CA ASP E 70 15.08 3.08 5.62
C ASP E 70 15.43 1.61 5.88
N THR E 71 16.08 0.97 4.92
CA THR E 71 16.49 -0.42 5.08
C THR E 71 17.53 -0.57 6.19
N ASN E 72 18.47 0.38 6.28
CA ASN E 72 19.44 0.34 7.36
C ASN E 72 18.76 0.51 8.71
N LEU E 73 17.77 1.40 8.79
CA LEU E 73 17.00 1.53 10.03
C LEU E 73 16.31 0.23 10.39
N CYS E 74 15.69 -0.42 9.40
CA CYS E 74 15.00 -1.68 9.67
C CYS E 74 15.98 -2.76 10.13
N ALA E 75 17.16 -2.84 9.51
CA ALA E 75 18.14 -3.83 9.90
C ALA E 75 18.66 -3.58 11.31
N ILE E 76 18.91 -2.31 11.66
CA ILE E 76 19.36 -1.99 13.01
C ILE E 76 18.28 -2.32 14.03
N HIS E 77 17.01 -2.14 13.66
CA HIS E 77 15.92 -2.44 14.58
C HIS E 77 15.93 -3.91 15.01
N ALA E 78 16.34 -4.81 14.11
CA ALA E 78 16.35 -6.24 14.40
C ALA E 78 17.64 -6.70 15.08
N LYS E 79 18.39 -5.76 15.69
CA LYS E 79 19.65 -6.07 16.36
C LYS E 79 20.64 -6.73 15.41
N ARG E 80 20.76 -6.16 14.21
CA ARG E 80 21.67 -6.65 13.19
C ARG E 80 22.44 -5.48 12.59
N VAL E 81 23.51 -5.81 11.87
CA VAL E 81 24.28 -4.81 11.15
C VAL E 81 24.20 -5.00 9.64
N THR E 82 24.00 -6.23 9.16
CA THR E 82 23.94 -6.51 7.74
C THR E 82 22.50 -6.36 7.24
N ILE E 83 22.32 -5.56 6.20
CA ILE E 83 21.01 -5.37 5.60
C ILE E 83 20.70 -6.57 4.69
N MET E 84 19.44 -6.98 4.67
CA MET E 84 18.99 -8.15 3.94
C MET E 84 17.73 -7.80 3.16
N PRO E 85 17.38 -8.60 2.16
CA PRO E 85 16.18 -8.29 1.36
C PRO E 85 14.91 -8.20 2.18
N LYS E 86 14.83 -8.90 3.32
CA LYS E 86 13.66 -8.78 4.17
C LYS E 86 13.49 -7.37 4.68
N ASP E 87 14.60 -6.69 5.01
CA ASP E 87 14.52 -5.29 5.43
C ASP E 87 13.98 -4.40 4.32
N ILE E 88 14.43 -4.61 3.09
CA ILE E 88 13.94 -3.83 1.96
C ILE E 88 12.45 -4.05 1.77
N GLN E 89 12.02 -5.31 1.83
CA GLN E 89 10.61 -5.62 1.66
C GLN E 89 9.77 -4.99 2.77
N LEU E 90 10.25 -5.05 4.01
CA LEU E 90 9.50 -4.45 5.11
C LEU E 90 9.40 -2.94 4.97
N ALA E 91 10.50 -2.29 4.57
CA ALA E 91 10.47 -0.85 4.38
C ALA E 91 9.51 -0.46 3.27
N ARG E 92 9.52 -1.20 2.16
CA ARG E 92 8.61 -0.90 1.07
C ARG E 92 7.16 -1.14 1.47
N ARG E 93 6.90 -2.19 2.25
CA ARG E 93 5.54 -2.46 2.70
C ARG E 93 5.05 -1.35 3.62
N ILE E 94 5.88 -0.93 4.57
CA ILE E 94 5.47 0.12 5.50
C ILE E 94 5.25 1.44 4.77
N ARG E 95 6.14 1.77 3.83
CA ARG E 95 6.00 3.02 3.08
C ARG E 95 4.74 3.03 2.21
N GLY E 96 4.14 1.88 1.96
CA GLY E 96 2.94 1.79 1.16
C GLY E 96 3.13 1.34 -0.27
N GLU E 97 4.36 0.98 -0.65
CA GLU E 97 4.62 0.54 -2.02
C GLU E 97 4.37 -0.95 -2.17
N ARG F 8 18.56 -7.34 -25.22
CA ARG F 8 19.26 -6.30 -24.48
C ARG F 8 19.01 -6.42 -22.98
N ASP F 9 19.97 -7.02 -22.27
CA ASP F 9 19.90 -7.15 -20.82
C ASP F 9 20.74 -6.04 -20.19
N ASN F 10 20.19 -4.82 -20.18
CA ASN F 10 20.89 -3.68 -19.65
C ASN F 10 20.65 -3.45 -18.16
N ILE F 11 19.77 -4.24 -17.54
CA ILE F 11 19.58 -4.13 -16.09
C ILE F 11 20.84 -4.53 -15.34
N GLN F 12 21.73 -5.29 -15.98
CA GLN F 12 23.02 -5.62 -15.38
C GLN F 12 24.01 -4.46 -15.45
N GLY F 13 23.67 -3.38 -16.16
CA GLY F 13 24.52 -2.21 -16.18
C GLY F 13 24.63 -1.51 -14.84
N ILE F 14 23.66 -1.73 -13.95
CA ILE F 14 23.75 -1.24 -12.58
C ILE F 14 24.60 -2.24 -11.80
N THR F 15 25.91 -2.02 -11.81
CA THR F 15 26.84 -3.02 -11.30
C THR F 15 26.78 -3.09 -9.77
N LYS F 16 27.35 -4.17 -9.25
CA LYS F 16 27.43 -4.34 -7.81
C LYS F 16 28.18 -3.21 -7.11
N PRO F 17 29.33 -2.72 -7.61
CA PRO F 17 29.95 -1.55 -6.97
C PRO F 17 29.06 -0.31 -6.94
N ALA F 18 28.24 -0.10 -7.96
CA ALA F 18 27.34 1.06 -7.94
C ALA F 18 26.31 0.96 -6.84
N ILE F 19 25.69 -0.22 -6.69
CA ILE F 19 24.72 -0.42 -5.62
C ILE F 19 25.40 -0.31 -4.26
N ARG F 20 26.63 -0.82 -4.16
CA ARG F 20 27.38 -0.70 -2.92
C ARG F 20 27.65 0.75 -2.57
N ARG F 21 28.01 1.57 -3.56
CA ARG F 21 28.23 2.99 -3.32
C ARG F 21 26.94 3.68 -2.90
N LEU F 22 25.83 3.35 -3.56
CA LEU F 22 24.55 3.93 -3.18
C LEU F 22 24.18 3.58 -1.75
N ALA F 23 24.44 2.34 -1.34
CA ALA F 23 24.20 1.95 0.05
C ALA F 23 25.14 2.67 1.00
N ARG F 24 26.39 2.89 0.58
CA ARG F 24 27.35 3.60 1.42
C ARG F 24 26.90 5.03 1.67
N ARG F 25 26.36 5.68 0.64
CA ARG F 25 25.83 7.03 0.84
C ARG F 25 24.67 7.03 1.82
N GLY F 26 23.90 5.95 1.88
CA GLY F 26 22.81 5.83 2.81
C GLY F 26 23.18 5.44 4.21
N GLY F 27 24.46 5.22 4.49
CA GLY F 27 24.90 4.86 5.82
C GLY F 27 24.92 3.38 6.13
N VAL F 28 24.91 2.52 5.13
CA VAL F 28 24.91 1.07 5.33
C VAL F 28 26.35 0.59 5.45
N LYS F 29 26.64 -0.15 6.52
CA LYS F 29 28.00 -0.60 6.80
C LYS F 29 28.28 -1.99 6.22
N ARG F 30 27.35 -2.92 6.35
CA ARG F 30 27.50 -4.28 5.85
C ARG F 30 26.33 -4.60 4.93
N ILE F 31 26.62 -5.20 3.78
CA ILE F 31 25.61 -5.48 2.76
C ILE F 31 25.63 -6.97 2.47
N SER F 32 24.46 -7.59 2.47
CA SER F 32 24.34 -9.00 2.12
C SER F 32 24.48 -9.18 0.61
N GLY F 33 24.73 -10.41 0.20
CA GLY F 33 24.95 -10.71 -1.20
C GLY F 33 23.70 -10.75 -2.05
N LEU F 34 22.53 -10.89 -1.44
CA LEU F 34 21.27 -10.96 -2.17
C LEU F 34 20.60 -9.61 -2.33
N ILE F 35 21.23 -8.53 -1.84
CA ILE F 35 20.62 -7.20 -1.90
C ILE F 35 20.55 -6.71 -3.34
N TYR F 36 21.55 -7.05 -4.16
CA TYR F 36 21.70 -6.42 -5.47
C TYR F 36 20.54 -6.74 -6.39
N GLU F 37 20.07 -7.99 -6.41
CA GLU F 37 18.95 -8.34 -7.27
C GLU F 37 17.68 -7.62 -6.87
N GLU F 38 17.42 -7.53 -5.56
CA GLU F 38 16.24 -6.81 -5.09
C GLU F 38 16.33 -5.33 -5.44
N THR F 39 17.51 -4.74 -5.29
CA THR F 39 17.69 -3.33 -5.66
C THR F 39 17.46 -3.13 -7.15
N ARG F 40 17.95 -4.05 -7.98
CA ARG F 40 17.73 -3.93 -9.42
C ARG F 40 16.24 -4.03 -9.75
N GLY F 41 15.52 -4.95 -9.11
CA GLY F 41 14.09 -5.04 -9.35
C GLY F 41 13.34 -3.79 -8.94
N VAL F 42 13.69 -3.24 -7.77
CA VAL F 42 13.03 -2.02 -7.30
C VAL F 42 13.30 -0.86 -8.26
N LEU F 43 14.56 -0.72 -8.70
CA LEU F 43 14.89 0.34 -9.64
C LEU F 43 14.14 0.17 -10.95
N LYS F 44 14.04 -1.07 -11.43
CA LYS F 44 13.32 -1.30 -12.68
C LYS F 44 11.85 -0.93 -12.55
N VAL F 45 11.22 -1.28 -11.42
CA VAL F 45 9.81 -0.93 -11.23
C VAL F 45 9.62 0.57 -11.21
N PHE F 46 10.47 1.27 -10.44
CA PHE F 46 10.35 2.73 -10.35
C PHE F 46 10.55 3.39 -11.71
N LEU F 47 11.58 2.96 -12.44
CA LEU F 47 11.83 3.51 -13.76
C LEU F 47 10.69 3.22 -14.72
N GLU F 48 10.13 2.02 -14.65
CA GLU F 48 9.00 1.68 -15.51
C GLU F 48 7.83 2.62 -15.27
N ASN F 49 7.49 2.84 -14.00
CA ASN F 49 6.37 3.74 -13.69
C ASN F 49 6.64 5.15 -14.21
N VAL F 50 7.80 5.72 -13.87
CA VAL F 50 8.08 7.10 -14.23
C VAL F 50 8.14 7.26 -15.75
N ILE F 51 8.79 6.32 -16.44
CA ILE F 51 8.94 6.42 -17.88
C ILE F 51 7.60 6.23 -18.58
N ARG F 52 6.74 5.35 -18.06
CA ARG F 52 5.41 5.22 -18.64
C ARG F 52 4.63 6.51 -18.52
N ASP F 53 4.68 7.17 -17.36
CA ASP F 53 3.98 8.44 -17.21
C ASP F 53 4.56 9.50 -18.14
N ALA F 54 5.88 9.55 -18.26
CA ALA F 54 6.51 10.54 -19.13
C ALA F 54 6.16 10.29 -20.59
N VAL F 55 6.11 9.03 -21.00
CA VAL F 55 5.74 8.71 -22.38
C VAL F 55 4.29 9.07 -22.65
N THR F 56 3.41 8.86 -21.66
CA THR F 56 2.03 9.30 -21.82
C THR F 56 1.95 10.81 -22.00
N TYR F 57 2.70 11.56 -21.19
CA TYR F 57 2.71 13.01 -21.32
C TYR F 57 3.22 13.45 -22.69
N THR F 58 4.28 12.80 -23.17
CA THR F 58 4.82 13.13 -24.49
C THR F 58 3.83 12.80 -25.60
N GLU F 59 3.19 11.63 -25.52
CA GLU F 59 2.25 11.21 -26.56
C GLU F 59 1.06 12.15 -26.62
N HIS F 60 0.59 12.64 -25.47
CA HIS F 60 -0.52 13.59 -25.49
C HIS F 60 -0.15 14.87 -26.23
N ALA F 61 1.12 15.25 -26.21
CA ALA F 61 1.58 16.47 -26.88
C ALA F 61 1.88 16.25 -28.35
N LYS F 62 1.71 15.04 -28.87
CA LYS F 62 1.98 14.72 -30.27
C LYS F 62 3.43 15.01 -30.64
N ARG F 63 4.34 14.72 -29.73
CA ARG F 63 5.78 14.88 -29.94
C ARG F 63 6.43 13.51 -30.06
N LYS F 64 7.75 13.51 -30.21
CA LYS F 64 8.51 12.28 -30.32
C LYS F 64 9.76 12.26 -29.46
N THR F 65 10.07 13.35 -28.75
CA THR F 65 11.21 13.41 -27.85
C THR F 65 10.71 13.60 -26.43
N VAL F 66 11.22 12.77 -25.52
CA VAL F 66 10.86 12.86 -24.11
C VAL F 66 11.70 13.97 -23.49
N THR F 67 11.08 15.13 -23.27
CA THR F 67 11.80 16.28 -22.72
C THR F 67 11.90 16.15 -21.19
N ALA F 68 12.69 17.05 -20.60
CA ALA F 68 12.83 17.04 -19.15
C ALA F 68 11.55 17.47 -18.45
N MET F 69 10.74 18.29 -19.11
CA MET F 69 9.48 18.75 -18.51
C MET F 69 8.54 17.58 -18.27
N ASP F 70 8.49 16.62 -19.20
CA ASP F 70 7.64 15.45 -19.02
C ASP F 70 8.08 14.63 -17.82
N VAL F 71 9.39 14.44 -17.66
CA VAL F 71 9.89 13.68 -16.52
C VAL F 71 9.59 14.41 -15.22
N VAL F 72 9.76 15.73 -15.21
CA VAL F 72 9.47 16.51 -14.01
C VAL F 72 7.99 16.41 -13.65
N TYR F 73 7.11 16.51 -14.65
CA TYR F 73 5.68 16.41 -14.39
C TYR F 73 5.31 15.02 -13.89
N ALA F 74 5.91 13.98 -14.46
CA ALA F 74 5.64 12.63 -13.97
C ALA F 74 6.09 12.46 -12.52
N LEU F 75 7.28 12.96 -12.20
CA LEU F 75 7.77 12.87 -10.83
C LEU F 75 6.87 13.63 -9.87
N LYS F 76 6.38 14.80 -10.29
CA LYS F 76 5.44 15.54 -9.46
C LYS F 76 4.15 14.76 -9.27
N ARG F 77 3.68 14.08 -10.32
CA ARG F 77 2.49 13.26 -10.20
C ARG F 77 2.68 12.13 -9.19
N GLN F 78 3.83 11.46 -9.24
CA GLN F 78 4.10 10.41 -8.26
C GLN F 78 4.36 10.96 -6.86
N GLY F 79 4.52 12.27 -6.70
CA GLY F 79 4.79 12.84 -5.41
C GLY F 79 6.25 12.96 -5.06
N ARG F 80 7.11 13.19 -6.04
CA ARG F 80 8.57 13.26 -5.86
C ARG F 80 9.13 14.48 -6.55
N THR F 81 8.53 15.65 -6.27
CA THR F 81 8.90 16.90 -6.94
C THR F 81 10.41 17.09 -6.96
N LEU F 82 10.94 17.37 -8.15
CA LEU F 82 12.36 17.48 -8.39
C LEU F 82 12.71 18.91 -8.76
N TYR F 83 13.69 19.49 -8.07
CA TYR F 83 14.11 20.86 -8.30
C TYR F 83 15.43 20.85 -9.08
N GLY F 84 15.50 21.68 -10.12
CA GLY F 84 16.74 21.81 -10.87
C GLY F 84 16.54 21.81 -12.37
N PHE F 85 15.53 21.07 -12.84
CA PHE F 85 15.24 20.94 -14.26
C PHE F 85 13.89 21.56 -14.55
N GLY F 86 13.86 22.50 -15.51
CA GLY F 86 12.62 23.17 -15.85
C GLY F 86 12.10 24.02 -14.70
N GLY F 87 10.78 24.11 -14.60
CA GLY F 87 10.14 24.88 -13.56
C GLY F 87 8.85 24.27 -13.05
N ARG G 2 -41.36 23.94 -31.95
CA ARG G 2 -39.99 23.44 -31.96
C ARG G 2 -39.96 21.94 -31.71
N ALA G 3 -38.78 21.35 -31.86
CA ALA G 3 -38.62 19.92 -31.63
C ALA G 3 -38.68 19.61 -30.14
N LYS G 4 -39.10 18.39 -29.83
CA LYS G 4 -39.17 17.96 -28.44
C LYS G 4 -37.77 17.88 -27.85
N ALA G 5 -37.64 18.29 -26.60
CA ALA G 5 -36.33 18.35 -25.95
C ALA G 5 -35.89 16.95 -25.51
N LYS G 6 -34.75 16.52 -26.04
CA LYS G 6 -34.14 15.25 -25.65
C LYS G 6 -32.85 15.53 -24.88
N THR G 7 -32.75 14.97 -23.68
CA THR G 7 -31.58 15.20 -22.85
C THR G 7 -30.33 14.62 -23.50
N ARG G 8 -29.20 15.28 -23.27
CA ARG G 8 -27.95 14.80 -23.83
C ARG G 8 -27.54 13.45 -23.24
N SER G 9 -27.98 13.15 -22.01
CA SER G 9 -27.69 11.85 -21.42
C SER G 9 -28.38 10.74 -22.20
N SER G 10 -29.64 10.97 -22.60
CA SER G 10 -30.36 9.96 -23.36
C SER G 10 -29.78 9.79 -24.76
N ARG G 11 -29.30 10.87 -25.36
CA ARG G 11 -28.72 10.80 -26.70
C ARG G 11 -27.47 9.94 -26.71
N ALA G 12 -26.63 10.07 -25.68
CA ALA G 12 -25.42 9.29 -25.55
C ALA G 12 -25.64 7.90 -24.94
N GLY G 13 -26.85 7.62 -24.48
CA GLY G 13 -27.15 6.34 -23.88
C GLY G 13 -26.70 6.20 -22.43
N LEU G 14 -26.27 7.28 -21.81
CA LEU G 14 -25.82 7.24 -20.42
C LEU G 14 -26.97 7.53 -19.47
N GLN G 15 -26.73 7.28 -18.18
CA GLN G 15 -27.66 7.62 -17.12
C GLN G 15 -27.19 8.78 -16.26
N PHE G 16 -25.88 8.96 -16.11
CA PHE G 16 -25.37 10.11 -15.40
C PHE G 16 -25.64 11.38 -16.22
N PRO G 17 -25.89 12.50 -15.55
CA PRO G 17 -26.29 13.71 -16.29
C PRO G 17 -25.11 14.31 -17.04
N VAL G 18 -25.32 14.58 -18.33
CA VAL G 18 -24.29 15.23 -19.13
C VAL G 18 -24.38 16.74 -18.96
N GLY G 19 -25.60 17.28 -18.88
CA GLY G 19 -25.74 18.71 -18.69
C GLY G 19 -25.20 19.18 -17.36
N ARG G 20 -25.47 18.43 -16.29
CA ARG G 20 -24.95 18.80 -14.97
C ARG G 20 -23.43 18.72 -14.94
N VAL G 21 -22.85 17.71 -15.57
CA VAL G 21 -21.39 17.58 -15.62
C VAL G 21 -20.79 18.75 -16.41
N HIS G 22 -21.43 19.11 -17.52
CA HIS G 22 -20.96 20.25 -18.31
C HIS G 22 -21.03 21.54 -17.50
N ARG G 23 -22.12 21.75 -16.75
CA ARG G 23 -22.24 22.95 -15.93
C ARG G 23 -21.19 22.96 -14.84
N LEU G 24 -20.92 21.81 -14.21
CA LEU G 24 -19.89 21.75 -13.18
C LEU G 24 -18.51 22.03 -13.75
N LEU G 25 -18.22 21.51 -14.94
CA LEU G 25 -16.94 21.79 -15.58
C LEU G 25 -16.79 23.26 -15.93
N ARG G 26 -17.86 23.88 -16.43
CA ARG G 26 -17.78 25.29 -16.81
C ARG G 26 -17.68 26.20 -15.60
N LYS G 27 -18.45 25.92 -14.55
CA LYS G 27 -18.46 26.73 -13.35
C LYS G 27 -17.34 26.37 -12.39
N GLY G 28 -16.64 25.26 -12.60
CA GLY G 28 -15.62 24.80 -11.68
C GLY G 28 -14.27 25.46 -11.81
N ASN G 29 -14.12 26.41 -12.73
CA ASN G 29 -12.86 27.13 -12.94
C ASN G 29 -11.73 26.16 -13.27
N TYR G 30 -11.95 25.33 -14.29
CA TYR G 30 -10.94 24.39 -14.76
C TYR G 30 -10.21 24.86 -16.00
N ALA G 31 -10.92 25.48 -16.94
CA ALA G 31 -10.29 26.03 -18.13
C ALA G 31 -11.19 27.12 -18.68
N GLU G 32 -10.63 27.95 -19.57
CA GLU G 32 -11.40 29.05 -20.15
C GLU G 32 -12.56 28.53 -20.99
N ARG G 33 -12.34 27.47 -21.76
CA ARG G 33 -13.37 26.88 -22.60
C ARG G 33 -13.43 25.39 -22.38
N VAL G 34 -14.61 24.82 -22.57
CA VAL G 34 -14.85 23.39 -22.40
C VAL G 34 -15.46 22.86 -23.68
N GLY G 35 -14.89 21.79 -24.21
CA GLY G 35 -15.39 21.20 -25.44
C GLY G 35 -16.73 20.51 -25.24
N ALA G 36 -17.39 20.24 -26.37
CA ALA G 36 -18.71 19.63 -26.33
C ALA G 36 -18.67 18.14 -26.05
N GLY G 37 -17.52 17.49 -26.23
CA GLY G 37 -17.43 16.06 -26.01
C GLY G 37 -16.86 15.67 -24.66
N ALA G 38 -16.27 16.64 -23.96
CA ALA G 38 -15.71 16.35 -22.64
C ALA G 38 -16.76 15.91 -21.62
N PRO G 39 -17.92 16.59 -21.49
CA PRO G 39 -18.91 16.10 -20.51
C PRO G 39 -19.39 14.69 -20.78
N VAL G 40 -19.53 14.30 -22.05
CA VAL G 40 -19.97 12.94 -22.37
C VAL G 40 -18.94 11.93 -21.90
N TYR G 41 -17.67 12.20 -22.18
CA TYR G 41 -16.60 11.30 -21.76
C TYR G 41 -16.55 11.19 -20.24
N LEU G 42 -16.64 12.32 -19.54
CA LEU G 42 -16.59 12.31 -18.10
C LEU G 42 -17.77 11.55 -17.50
N ALA G 43 -18.97 11.77 -18.04
CA ALA G 43 -20.15 11.06 -17.55
C ALA G 43 -20.04 9.57 -17.80
N ALA G 44 -19.52 9.17 -18.96
CA ALA G 44 -19.36 7.75 -19.24
C ALA G 44 -18.37 7.11 -18.27
N VAL G 45 -17.25 7.79 -18.01
CA VAL G 45 -16.26 7.25 -17.07
C VAL G 45 -16.86 7.13 -15.67
N LEU G 46 -17.57 8.16 -15.22
CA LEU G 46 -18.19 8.12 -13.90
C LEU G 46 -19.20 6.99 -13.81
N GLU G 47 -20.03 6.82 -14.84
CA GLU G 47 -21.03 5.75 -14.83
C GLU G 47 -20.37 4.38 -14.80
N TYR G 48 -19.29 4.21 -15.57
CA TYR G 48 -18.60 2.92 -15.56
C TYR G 48 -18.03 2.60 -14.18
N LEU G 49 -17.37 3.59 -13.56
CA LEU G 49 -16.80 3.34 -12.24
C LEU G 49 -17.88 3.06 -11.21
N THR G 50 -18.98 3.82 -11.25
CA THR G 50 -20.08 3.59 -10.33
C THR G 50 -20.68 2.21 -10.51
N ALA G 51 -20.87 1.78 -11.76
CA ALA G 51 -21.40 0.46 -12.02
C ALA G 51 -20.48 -0.63 -11.50
N GLU G 52 -19.17 -0.46 -11.69
CA GLU G 52 -18.21 -1.44 -11.19
C GLU G 52 -18.29 -1.58 -9.68
N ILE G 53 -18.21 -0.44 -8.97
CA ILE G 53 -18.19 -0.51 -7.51
C ILE G 53 -19.53 -1.02 -6.96
N LEU G 54 -20.64 -0.60 -7.58
CA LEU G 54 -21.94 -1.06 -7.13
C LEU G 54 -22.13 -2.55 -7.37
N GLU G 55 -21.65 -3.06 -8.51
CA GLU G 55 -21.75 -4.49 -8.77
C GLU G 55 -20.92 -5.28 -7.77
N LEU G 56 -19.71 -4.81 -7.47
CA LEU G 56 -18.88 -5.51 -6.49
C LEU G 56 -19.53 -5.50 -5.11
N ALA G 57 -20.09 -4.35 -4.70
CA ALA G 57 -20.75 -4.27 -3.40
C ALA G 57 -21.98 -5.18 -3.35
N GLY G 58 -22.76 -5.21 -4.42
CA GLY G 58 -23.91 -6.10 -4.46
C GLY G 58 -23.52 -7.56 -4.40
N ASN G 59 -22.43 -7.93 -5.08
CA ASN G 59 -21.94 -9.29 -4.98
C ASN G 59 -21.51 -9.62 -3.55
N ALA G 60 -20.85 -8.68 -2.89
CA ALA G 60 -20.45 -8.91 -1.50
C ALA G 60 -21.67 -9.09 -0.60
N ALA G 61 -22.69 -8.25 -0.78
CA ALA G 61 -23.90 -8.38 0.01
C ALA G 61 -24.60 -9.71 -0.25
N ARG G 62 -24.65 -10.13 -1.52
CA ARG G 62 -25.26 -11.42 -1.86
C ARG G 62 -24.51 -12.57 -1.21
N ASP G 63 -23.18 -12.53 -1.26
CA ASP G 63 -22.39 -13.56 -0.59
C ASP G 63 -22.54 -13.51 0.93
N ASN G 64 -22.86 -12.35 1.49
CA ASN G 64 -23.11 -12.20 2.91
C ASN G 64 -24.54 -12.57 3.30
N LYS G 65 -25.36 -12.97 2.32
CA LYS G 65 -26.74 -13.38 2.56
C LYS G 65 -27.57 -12.22 3.13
N LYS G 66 -27.47 -11.07 2.48
CA LYS G 66 -28.24 -9.89 2.84
C LYS G 66 -28.79 -9.26 1.57
N THR G 67 -29.77 -8.36 1.76
CA THR G 67 -30.43 -7.70 0.64
C THR G 67 -29.91 -6.30 0.38
N ARG G 68 -29.87 -5.44 1.39
CA ARG G 68 -29.45 -4.07 1.21
C ARG G 68 -27.93 -3.96 1.16
N ILE G 69 -27.46 -2.76 0.85
CA ILE G 69 -26.03 -2.47 0.76
C ILE G 69 -25.67 -1.53 1.90
N ILE G 70 -24.63 -1.88 2.64
CA ILE G 70 -24.18 -1.10 3.79
C ILE G 70 -22.72 -0.77 3.58
N PRO G 71 -22.20 0.24 4.27
CA PRO G 71 -20.79 0.64 4.05
C PRO G 71 -19.79 -0.49 4.25
N ARG G 72 -20.11 -1.48 5.08
CA ARG G 72 -19.23 -2.64 5.23
C ARG G 72 -19.07 -3.37 3.90
N HIS G 73 -20.16 -3.52 3.14
CA HIS G 73 -20.09 -4.17 1.84
C HIS G 73 -19.24 -3.36 0.86
N LEU G 74 -19.37 -2.02 0.91
CA LEU G 74 -18.55 -1.17 0.05
C LEU G 74 -17.07 -1.33 0.38
N GLN G 75 -16.74 -1.36 1.67
CA GLN G 75 -15.35 -1.54 2.07
C GLN G 75 -14.83 -2.91 1.63
N LEU G 76 -15.66 -3.95 1.79
CA LEU G 76 -15.25 -5.28 1.35
C LEU G 76 -15.01 -5.33 -0.16
N ALA G 77 -15.88 -4.67 -0.93
CA ALA G 77 -15.71 -4.64 -2.38
C ALA G 77 -14.45 -3.88 -2.77
N VAL G 78 -14.18 -2.75 -2.13
CA VAL G 78 -13.02 -1.94 -2.50
C VAL G 78 -11.72 -2.66 -2.13
N ARG G 79 -11.65 -3.18 -0.90
CA ARG G 79 -10.39 -3.73 -0.42
C ARG G 79 -10.04 -5.07 -1.04
N ASN G 80 -10.99 -5.76 -1.65
CA ASN G 80 -10.74 -7.06 -2.25
C ASN G 80 -10.40 -7.00 -3.74
N ASP G 81 -10.40 -5.81 -4.33
CA ASP G 81 -10.06 -5.61 -5.72
C ASP G 81 -8.76 -4.83 -5.81
N GLU G 82 -7.79 -5.37 -6.55
CA GLU G 82 -6.47 -4.76 -6.60
C GLU G 82 -6.51 -3.36 -7.19
N GLU G 83 -7.14 -3.22 -8.37
CA GLU G 83 -7.19 -1.91 -9.02
C GLU G 83 -7.99 -0.91 -8.21
N LEU G 84 -9.14 -1.33 -7.66
CA LEU G 84 -9.94 -0.42 -6.85
C LEU G 84 -9.23 -0.05 -5.56
N ASN G 85 -8.52 -0.99 -4.95
CA ASN G 85 -7.73 -0.69 -3.76
C ASN G 85 -6.63 0.32 -4.08
N LYS G 86 -5.97 0.16 -5.23
CA LYS G 86 -4.95 1.12 -5.63
C LYS G 86 -5.55 2.50 -5.86
N LEU G 87 -6.72 2.56 -6.49
CA LEU G 87 -7.37 3.83 -6.75
C LEU G 87 -7.76 4.52 -5.44
N LEU G 88 -8.43 3.80 -4.55
CA LEU G 88 -8.79 4.32 -3.24
C LEU G 88 -7.79 3.84 -2.19
N GLY G 89 -6.55 4.27 -2.34
CA GLY G 89 -5.51 3.86 -1.42
C GLY G 89 -5.45 4.68 -0.15
N ARG G 90 -5.77 5.97 -0.24
CA ARG G 90 -5.74 6.88 0.89
C ARG G 90 -7.14 7.39 1.22
N VAL G 91 -8.13 6.49 1.16
CA VAL G 91 -9.53 6.82 1.36
C VAL G 91 -10.05 6.00 2.52
N THR G 92 -10.71 6.65 3.46
CA THR G 92 -11.31 6.00 4.61
C THR G 92 -12.84 5.98 4.45
N ILE G 93 -13.43 4.80 4.54
CA ILE G 93 -14.87 4.63 4.41
C ILE G 93 -15.45 4.48 5.80
N ALA G 94 -16.41 5.35 6.13
CA ALA G 94 -17.01 5.32 7.46
C ALA G 94 -17.81 4.04 7.67
N GLN G 95 -17.70 3.48 8.87
CA GLN G 95 -18.39 2.24 9.24
C GLN G 95 -18.05 1.10 8.28
N GLY G 96 -16.79 1.04 7.86
CA GLY G 96 -16.36 0.02 6.93
C GLY G 96 -15.60 -1.13 7.55
N GLY G 97 -15.10 -0.93 8.77
CA GLY G 97 -14.31 -1.98 9.39
C GLY G 97 -12.98 -2.17 8.70
N VAL G 98 -12.43 -3.37 8.86
CA VAL G 98 -11.16 -3.73 8.24
C VAL G 98 -11.28 -5.12 7.62
N LEU G 99 -10.39 -5.40 6.69
CA LEU G 99 -10.34 -6.72 6.07
C LEU G 99 -9.78 -7.74 7.05
N PRO G 100 -10.38 -8.91 7.19
CA PRO G 100 -9.85 -9.93 8.11
C PRO G 100 -8.50 -10.43 7.63
N ASN G 101 -7.46 -10.21 8.44
CA ASN G 101 -6.11 -10.62 8.10
C ASN G 101 -5.33 -10.84 9.39
N ILE G 102 -4.90 -12.08 9.63
CA ILE G 102 -4.11 -12.44 10.79
C ILE G 102 -2.78 -13.02 10.32
N GLN G 103 -1.68 -12.46 10.83
CA GLN G 103 -0.36 -12.93 10.44
C GLN G 103 -0.14 -14.36 10.89
N SER G 104 0.54 -15.15 10.05
CA SER G 104 0.78 -16.55 10.35
C SER G 104 1.81 -16.74 11.46
N VAL G 105 2.65 -15.74 11.71
CA VAL G 105 3.64 -15.84 12.79
C VAL G 105 2.93 -15.94 14.15
N LEU G 106 1.90 -15.11 14.36
CA LEU G 106 1.18 -15.10 15.62
C LEU G 106 0.25 -16.30 15.77
N LEU G 107 0.04 -17.07 14.72
CA LEU G 107 -0.84 -18.24 14.82
C LEU G 107 -0.21 -19.29 15.74
N PRO G 108 -1.03 -20.04 16.49
CA PRO G 108 -0.54 -21.08 17.39
C PRO G 108 -0.25 -22.39 16.67
N LYS H 3 -34.62 24.55 3.49
CA LYS H 3 -35.61 24.43 2.44
C LYS H 3 -35.06 24.92 1.10
N THR H 4 -33.77 24.67 0.88
CA THR H 4 -33.11 25.05 -0.36
C THR H 4 -32.71 23.80 -1.13
N ARG H 5 -32.53 23.96 -2.44
CA ARG H 5 -32.18 22.84 -3.30
C ARG H 5 -30.73 22.44 -3.08
N LYS H 6 -30.51 21.13 -2.94
CA LYS H 6 -29.18 20.56 -2.74
C LYS H 6 -28.97 19.45 -3.75
N GLU H 7 -28.31 19.76 -4.86
CA GLU H 7 -28.08 18.78 -5.91
C GLU H 7 -27.10 17.71 -5.44
N SER H 8 -27.34 16.48 -5.90
CA SER H 8 -26.49 15.36 -5.53
C SER H 8 -26.65 14.25 -6.56
N TYR H 9 -25.71 13.32 -6.55
CA TYR H 9 -25.74 12.16 -7.44
C TYR H 9 -26.50 11.00 -6.78
N ALA H 10 -27.76 11.27 -6.43
CA ALA H 10 -28.56 10.28 -5.74
C ALA H 10 -29.42 9.46 -6.70
N ILE H 11 -30.14 10.12 -7.60
CA ILE H 11 -31.02 9.40 -8.51
C ILE H 11 -30.22 8.57 -9.50
N TYR H 12 -29.11 9.10 -9.99
CA TYR H 12 -28.32 8.41 -11.01
C TYR H 12 -27.65 7.16 -10.46
N VAL H 13 -27.16 7.24 -9.22
CA VAL H 13 -26.58 6.05 -8.57
C VAL H 13 -27.65 4.99 -8.40
N TYR H 14 -28.86 5.40 -8.02
CA TYR H 14 -29.95 4.43 -7.87
C TYR H 14 -30.32 3.81 -9.21
N LYS H 15 -30.32 4.60 -10.29
CA LYS H 15 -30.60 4.06 -11.61
C LYS H 15 -29.55 3.03 -12.02
N VAL H 16 -28.28 3.33 -11.78
CA VAL H 16 -27.21 2.40 -12.11
C VAL H 16 -27.35 1.12 -11.28
N LEU H 17 -27.67 1.26 -9.99
CA LEU H 17 -27.85 0.09 -9.14
C LEU H 17 -29.01 -0.77 -9.62
N LYS H 18 -30.12 -0.14 -10.02
CA LYS H 18 -31.25 -0.89 -10.55
C LYS H 18 -30.89 -1.59 -11.85
N GLN H 19 -30.04 -0.98 -12.68
CA GLN H 19 -29.54 -1.66 -13.85
C GLN H 19 -28.71 -2.89 -13.46
N VAL H 20 -27.87 -2.76 -12.45
CA VAL H 20 -26.96 -3.84 -12.09
C VAL H 20 -27.66 -4.88 -11.22
N HIS H 21 -28.32 -4.43 -10.15
CA HIS H 21 -29.00 -5.32 -9.21
C HIS H 21 -30.43 -4.84 -9.01
N PRO H 22 -31.36 -5.30 -9.85
CA PRO H 22 -32.74 -4.80 -9.76
C PRO H 22 -33.43 -5.10 -8.45
N ASP H 23 -32.99 -6.13 -7.71
CA ASP H 23 -33.66 -6.54 -6.48
C ASP H 23 -32.81 -6.30 -5.24
N THR H 24 -31.90 -5.33 -5.30
CA THR H 24 -31.03 -4.99 -4.17
C THR H 24 -31.18 -3.51 -3.86
N GLY H 25 -31.41 -3.18 -2.59
CA GLY H 25 -31.54 -1.80 -2.15
C GLY H 25 -30.22 -1.22 -1.66
N ILE H 26 -30.28 0.05 -1.31
CA ILE H 26 -29.12 0.79 -0.84
C ILE H 26 -29.54 1.71 0.30
N SER H 27 -28.69 1.81 1.32
CA SER H 27 -29.00 2.61 2.50
C SER H 27 -28.55 4.05 2.29
N SER H 28 -28.78 4.90 3.29
CA SER H 28 -28.42 6.31 3.19
C SER H 28 -26.92 6.53 3.32
N LYS H 29 -26.28 5.80 4.23
CA LYS H 29 -24.83 5.93 4.40
C LYS H 29 -24.10 5.50 3.15
N ALA H 30 -24.55 4.41 2.53
CA ALA H 30 -23.96 3.97 1.27
C ALA H 30 -24.17 5.00 0.17
N MET H 31 -25.35 5.63 0.14
CA MET H 31 -25.58 6.71 -0.82
C MET H 31 -24.62 7.87 -0.62
N SER H 32 -24.40 8.26 0.64
CA SER H 32 -23.47 9.36 0.90
C SER H 32 -22.05 8.98 0.48
N ILE H 33 -21.65 7.74 0.76
CA ILE H 33 -20.31 7.29 0.37
C ILE H 33 -20.17 7.29 -1.15
N MET H 34 -21.19 6.81 -1.86
CA MET H 34 -21.14 6.79 -3.31
C MET H 34 -21.09 8.20 -3.89
N ASN H 35 -21.87 9.11 -3.33
CA ASN H 35 -21.85 10.50 -3.80
C ASN H 35 -20.49 11.14 -3.58
N SER H 36 -19.89 10.90 -2.40
CA SER H 36 -18.56 11.44 -2.14
C SER H 36 -17.52 10.84 -3.08
N PHE H 37 -17.62 9.54 -3.35
CA PHE H 37 -16.69 8.90 -4.27
C PHE H 37 -16.81 9.48 -5.68
N VAL H 38 -18.03 9.68 -6.15
CA VAL H 38 -18.25 10.27 -7.47
C VAL H 38 -17.67 11.67 -7.54
N ASN H 39 -17.93 12.48 -6.50
CA ASN H 39 -17.39 13.84 -6.47
C ASN H 39 -15.87 13.84 -6.49
N ASP H 40 -15.26 12.95 -5.70
CA ASP H 40 -13.80 12.90 -5.63
C ASP H 40 -13.19 12.50 -6.96
N VAL H 41 -13.75 11.47 -7.60
CA VAL H 41 -13.20 11.03 -8.89
C VAL H 41 -13.38 12.10 -9.95
N PHE H 42 -14.55 12.75 -9.97
CA PHE H 42 -14.78 13.83 -10.91
C PHE H 42 -13.77 14.95 -10.73
N GLU H 43 -13.54 15.34 -9.47
CA GLU H 43 -12.58 16.41 -9.20
C GLU H 43 -11.17 16.01 -9.63
N ARG H 44 -10.77 14.77 -9.33
CA ARG H 44 -9.44 14.30 -9.73
C ARG H 44 -9.26 14.37 -11.24
N ILE H 45 -10.21 13.81 -11.99
CA ILE H 45 -10.07 13.76 -13.44
C ILE H 45 -10.09 15.17 -14.02
N ALA H 46 -10.99 16.02 -13.54
CA ALA H 46 -11.08 17.38 -14.07
C ALA H 46 -9.81 18.16 -13.78
N GLY H 47 -9.26 18.03 -12.57
CA GLY H 47 -8.03 18.73 -12.25
C GLY H 47 -6.86 18.27 -13.09
N GLU H 48 -6.74 16.95 -13.30
CA GLU H 48 -5.66 16.44 -14.14
C GLU H 48 -5.81 16.93 -15.58
N ALA H 49 -7.05 16.94 -16.10
CA ALA H 49 -7.28 17.44 -17.44
C ALA H 49 -6.93 18.92 -17.55
N SER H 50 -7.29 19.71 -16.53
CA SER H 50 -6.94 21.12 -16.54
C SER H 50 -5.43 21.33 -16.53
N ARG H 51 -4.72 20.54 -15.73
CA ARG H 51 -3.26 20.64 -15.71
C ARG H 51 -2.67 20.26 -17.06
N LEU H 52 -3.21 19.23 -17.69
CA LEU H 52 -2.73 18.82 -19.01
C LEU H 52 -2.96 19.91 -20.04
N ALA H 53 -4.13 20.54 -20.00
CA ALA H 53 -4.41 21.63 -20.93
C ALA H 53 -3.49 22.82 -20.69
N HIS H 54 -3.21 23.12 -19.42
CA HIS H 54 -2.31 24.23 -19.11
C HIS H 54 -0.89 23.96 -19.53
N TYR H 55 -0.43 22.70 -19.44
CA TYR H 55 0.94 22.37 -19.80
C TYR H 55 1.20 22.64 -21.28
N ASN H 56 0.24 22.30 -22.14
CA ASN H 56 0.40 22.43 -23.59
C ASN H 56 -0.07 23.77 -24.12
N LYS H 57 -0.28 24.76 -23.25
CA LYS H 57 -0.70 26.10 -23.66
C LYS H 57 -2.00 26.06 -24.46
N ARG H 58 -2.96 25.28 -23.98
CA ARG H 58 -4.27 25.16 -24.59
C ARG H 58 -5.33 25.70 -23.64
N SER H 59 -6.32 26.38 -24.19
CA SER H 59 -7.39 26.99 -23.41
C SER H 59 -8.67 26.17 -23.40
N THR H 60 -8.67 24.98 -23.99
CA THR H 60 -9.86 24.18 -24.14
C THR H 60 -9.64 22.79 -23.56
N ILE H 61 -10.62 22.29 -22.83
CA ILE H 61 -10.64 20.91 -22.35
C ILE H 61 -11.47 20.09 -23.32
N THR H 62 -10.84 19.12 -23.96
CA THR H 62 -11.48 18.31 -24.99
C THR H 62 -11.52 16.86 -24.54
N SER H 63 -11.95 15.98 -25.46
CA SER H 63 -11.99 14.55 -25.16
C SER H 63 -10.60 13.98 -24.99
N ARG H 64 -9.61 14.50 -25.73
CA ARG H 64 -8.24 14.01 -25.61
C ARG H 64 -7.69 14.24 -24.21
N GLU H 65 -7.96 15.42 -23.64
CA GLU H 65 -7.48 15.71 -22.30
C GLU H 65 -8.10 14.77 -21.27
N ILE H 66 -9.41 14.53 -21.38
CA ILE H 66 -10.08 13.63 -20.46
C ILE H 66 -9.55 12.21 -20.61
N GLN H 67 -9.32 11.79 -21.86
CA GLN H 67 -8.79 10.44 -22.10
C GLN H 67 -7.40 10.28 -21.49
N THR H 68 -6.53 11.27 -21.68
CA THR H 68 -5.19 11.18 -21.12
C THR H 68 -5.23 11.23 -19.60
N ALA H 69 -6.12 12.05 -19.03
CA ALA H 69 -6.25 12.10 -17.58
C ALA H 69 -6.73 10.76 -17.03
N VAL H 70 -7.68 10.12 -17.70
CA VAL H 70 -8.15 8.81 -17.27
C VAL H 70 -7.03 7.79 -17.35
N ARG H 71 -6.24 7.83 -18.43
CA ARG H 71 -5.12 6.90 -18.57
C ARG H 71 -4.09 7.12 -17.48
N LEU H 72 -3.85 8.38 -17.10
CA LEU H 72 -2.84 8.66 -16.08
C LEU H 72 -3.32 8.28 -14.68
N LEU H 73 -4.58 8.55 -14.37
CA LEU H 73 -5.07 8.40 -13.01
C LEU H 73 -5.51 6.97 -12.71
N LEU H 74 -6.46 6.45 -13.47
CA LEU H 74 -7.00 5.12 -13.19
C LEU H 74 -5.93 4.06 -13.40
N PRO H 75 -5.77 3.12 -12.47
CA PRO H 75 -4.68 2.13 -12.58
C PRO H 75 -5.13 0.84 -13.26
N GLY H 76 -4.23 0.30 -14.08
CA GLY H 76 -4.42 -1.02 -14.64
C GLY H 76 -5.51 -1.09 -15.68
N GLU H 77 -5.96 -2.33 -15.94
CA GLU H 77 -6.93 -2.59 -16.99
C GLU H 77 -8.20 -1.76 -16.80
N LEU H 78 -8.55 -1.47 -15.55
CA LEU H 78 -9.64 -0.55 -15.25
C LEU H 78 -9.63 0.65 -16.17
N ALA H 79 -8.51 1.38 -16.18
CA ALA H 79 -8.38 2.56 -17.02
C ALA H 79 -8.75 2.25 -18.46
N LYS H 80 -8.14 1.20 -19.01
CA LYS H 80 -8.42 0.81 -20.40
C LYS H 80 -9.92 0.66 -20.60
N HIS H 81 -10.57 -0.12 -19.74
CA HIS H 81 -12.00 -0.34 -19.89
C HIS H 81 -12.74 0.99 -19.86
N ALA H 82 -12.41 1.85 -18.90
CA ALA H 82 -13.06 3.14 -18.80
C ALA H 82 -12.95 3.88 -20.11
N VAL H 83 -11.73 3.92 -20.68
CA VAL H 83 -11.51 4.64 -21.93
C VAL H 83 -12.49 4.15 -22.98
N SER H 84 -12.58 2.82 -23.12
CA SER H 84 -13.48 2.25 -24.12
C SER H 84 -14.88 2.82 -23.96
N GLU H 85 -15.41 2.75 -22.73
CA GLU H 85 -16.76 3.25 -22.48
C GLU H 85 -16.87 4.68 -22.96
N GLY H 86 -15.94 5.53 -22.52
CA GLY H 86 -16.01 6.93 -22.90
C GLY H 86 -16.04 7.09 -24.40
N THR H 87 -15.13 6.40 -25.09
CA THR H 87 -15.08 6.52 -26.54
C THR H 87 -16.42 6.19 -27.13
N LYS H 88 -17.01 5.06 -26.72
CA LYS H 88 -18.29 4.65 -27.26
C LYS H 88 -19.31 5.76 -27.08
N ALA H 89 -19.38 6.31 -25.87
CA ALA H 89 -20.35 7.37 -25.59
C ALA H 89 -20.17 8.51 -26.58
N VAL H 90 -18.93 8.98 -26.74
CA VAL H 90 -18.68 10.09 -27.64
C VAL H 90 -19.15 9.74 -29.05
N THR H 91 -18.80 8.53 -29.50
CA THR H 91 -19.21 8.11 -30.84
C THR H 91 -20.72 8.17 -30.96
N LYS H 92 -21.43 7.66 -29.95
CA LYS H 92 -22.89 7.71 -30.00
C LYS H 92 -23.37 9.14 -30.06
N TYR H 93 -22.77 10.02 -29.24
CA TYR H 93 -23.19 11.41 -29.24
C TYR H 93 -22.89 12.08 -30.58
N THR H 94 -21.91 11.58 -31.33
CA THR H 94 -21.67 12.11 -32.66
C THR H 94 -22.71 11.61 -33.65
N SER H 95 -23.16 10.36 -33.48
CA SER H 95 -24.12 9.79 -34.41
C SER H 95 -25.46 10.53 -34.37
N ALA H 96 -25.91 10.88 -33.17
CA ALA H 96 -27.17 11.59 -33.02
C ALA H 96 -26.95 12.94 -32.33
N ASP K 7 3.72 30.82 45.73
CA ASP K 7 3.91 30.64 44.30
C ASP K 7 2.79 31.31 43.51
N LYS K 8 1.78 31.81 44.23
CA LYS K 8 0.66 32.48 43.58
C LYS K 8 1.12 33.75 42.87
N TYR K 9 1.97 34.54 43.51
CA TYR K 9 2.39 35.83 42.99
C TYR K 9 3.92 35.94 43.04
N ARG K 10 4.45 36.79 42.18
CA ARG K 10 5.88 37.04 42.13
C ARG K 10 6.35 37.82 43.35
N THR K 11 7.54 37.48 43.82
CA THR K 11 8.19 38.20 44.91
C THR K 11 8.92 39.42 44.36
N ILE K 12 8.93 40.50 45.15
CA ILE K 12 9.58 41.73 44.72
C ILE K 12 11.07 41.49 44.52
N THR K 13 11.70 40.77 45.45
CA THR K 13 13.13 40.47 45.35
C THR K 13 13.45 39.42 44.29
N GLY K 14 12.45 38.68 43.82
CA GLY K 14 12.66 37.70 42.77
C GLY K 14 13.24 36.38 43.22
N MET K 15 13.45 36.18 44.52
CA MET K 15 14.01 34.93 45.01
C MET K 15 12.97 33.82 44.96
N CYS K 16 13.44 32.58 45.04
CA CYS K 16 12.60 31.38 45.16
C CYS K 16 11.91 31.06 43.83
N ASN K 17 12.20 31.85 42.79
CA ASN K 17 11.60 31.60 41.48
C ASN K 17 11.98 30.24 40.92
N ASN K 18 13.19 29.77 41.19
CA ASN K 18 13.65 28.45 40.75
C ASN K 18 13.80 27.55 41.96
N ARG K 19 13.18 26.37 41.89
CA ARG K 19 13.21 25.45 43.03
C ARG K 19 14.61 24.94 43.31
N ARG K 20 15.36 24.58 42.25
CA ARG K 20 16.70 24.04 42.45
C ARG K 20 17.63 25.06 43.10
N SER K 21 17.53 26.32 42.68
CA SER K 21 18.35 27.40 43.24
C SER K 21 17.46 28.61 43.44
N PRO K 22 16.97 28.85 44.67
CA PRO K 22 16.14 30.04 44.90
C PRO K 22 16.87 31.34 44.62
N THR K 23 18.19 31.38 44.82
CA THR K 23 18.97 32.59 44.55
C THR K 23 19.14 32.87 43.06
N LEU K 24 18.76 31.93 42.19
CA LEU K 24 18.94 32.11 40.76
C LEU K 24 17.94 33.14 40.24
N GLY K 25 18.46 34.19 39.61
CA GLY K 25 17.61 35.24 39.08
C GLY K 25 17.13 36.25 40.09
N ALA K 26 17.69 36.25 41.29
CA ALA K 26 17.28 37.20 42.32
C ALA K 26 18.01 38.52 42.12
N SER K 27 17.89 39.43 43.08
CA SER K 27 18.50 40.75 43.01
C SER K 27 19.77 40.79 43.86
N ASN K 28 20.59 41.82 43.58
CA ASN K 28 21.85 42.04 44.30
C ASN K 28 22.75 40.80 44.24
N ARG K 29 22.85 40.20 43.06
CA ARG K 29 23.67 39.02 42.85
C ARG K 29 24.68 39.29 41.75
N ALA K 30 25.66 38.40 41.64
CA ALA K 30 26.70 38.53 40.63
C ALA K 30 26.14 38.22 39.25
N PHE K 31 26.83 38.75 38.23
CA PHE K 31 26.46 38.50 36.84
C PHE K 31 26.88 37.09 36.43
N VAL K 32 26.69 36.79 35.15
CA VAL K 32 27.08 35.50 34.58
C VAL K 32 28.12 35.77 33.50
N ARG K 33 29.25 35.08 33.60
CA ARG K 33 30.34 35.22 32.63
C ARG K 33 30.26 34.08 31.64
N TRP K 34 29.83 34.39 30.41
CA TRP K 34 29.78 33.36 29.37
C TRP K 34 31.18 32.99 28.89
N LEU K 35 32.15 33.89 29.07
CA LEU K 35 33.54 33.63 28.74
C LEU K 35 34.40 34.09 29.91
N PRO K 36 35.57 33.49 30.12
CA PRO K 36 36.45 33.96 31.20
C PRO K 36 36.89 35.41 31.03
N ALA K 37 36.98 36.14 32.14
CA ALA K 37 37.37 37.54 32.07
C ALA K 37 38.87 37.67 31.82
N GLU K 38 39.26 38.77 31.18
CA GLU K 38 40.65 39.04 30.85
C GLU K 38 41.10 40.29 31.60
N TYR K 39 42.24 40.19 32.27
CA TYR K 39 42.87 41.30 32.99
C TYR K 39 44.36 41.27 32.73
N GLU K 40 45.01 42.43 32.86
CA GLU K 40 46.44 42.50 32.55
C GLU K 40 47.24 41.61 33.49
N ASP K 41 46.97 41.70 34.79
CA ASP K 41 47.60 40.78 35.74
C ASP K 41 46.92 39.42 35.76
N GLY K 42 45.75 39.31 35.12
CA GLY K 42 45.01 38.08 35.07
C GLY K 42 44.03 37.85 36.19
N PHE K 43 44.03 38.71 37.21
CA PHE K 43 43.13 38.48 38.35
C PHE K 43 42.09 39.57 38.50
N SER K 44 42.51 40.84 38.67
CA SER K 44 41.54 41.90 38.93
C SER K 44 41.87 43.24 38.30
N LEU K 45 42.94 43.37 37.52
CA LEU K 45 43.38 44.69 37.06
C LEU K 45 42.87 44.96 35.65
N PRO K 46 41.95 45.90 35.46
CA PRO K 46 41.48 46.21 34.10
C PRO K 46 42.60 46.78 33.25
N TYR K 47 42.53 46.48 31.94
CA TYR K 47 43.57 46.91 31.03
C TYR K 47 43.62 48.43 30.96
N GLY K 48 44.83 48.96 30.81
CA GLY K 48 45.05 50.39 30.78
C GLY K 48 45.38 51.02 32.11
N TRP K 49 45.31 50.26 33.21
CA TRP K 49 45.63 50.81 34.52
C TRP K 49 47.12 51.13 34.64
N THR K 50 47.98 50.17 34.27
CA THR K 50 49.42 50.35 34.39
C THR K 50 50.01 50.73 33.05
N PRO K 51 50.63 51.90 32.93
CA PRO K 51 51.22 52.29 31.64
C PRO K 51 52.36 51.38 31.24
N GLY K 52 52.53 51.21 29.94
CA GLY K 52 53.59 50.39 29.39
C GLY K 52 53.24 48.93 29.18
N VAL K 53 52.04 48.51 29.55
CA VAL K 53 51.63 47.13 29.36
C VAL K 53 51.17 46.93 27.93
N LYS K 54 51.41 45.73 27.39
CA LYS K 54 51.01 45.38 26.04
C LYS K 54 50.02 44.23 26.10
N ARG K 55 48.88 44.39 25.41
CA ARG K 55 47.84 43.38 25.37
C ARG K 55 47.92 42.62 24.06
N ASN K 56 48.06 41.30 24.13
CA ASN K 56 48.17 40.44 22.96
C ASN K 56 49.32 40.87 22.06
N GLY K 57 50.43 41.29 22.67
CA GLY K 57 51.58 41.74 21.92
C GLY K 57 51.43 43.10 21.28
N PHE K 58 50.39 43.85 21.63
CA PHE K 58 50.14 45.17 21.06
C PHE K 58 49.86 46.16 22.18
N PRO K 59 50.21 47.42 21.99
CA PRO K 59 49.90 48.44 23.01
C PRO K 59 48.40 48.65 23.14
N VAL K 60 47.98 48.98 24.36
CA VAL K 60 46.56 49.19 24.64
C VAL K 60 46.15 50.56 24.09
N ALA K 61 45.22 50.55 23.14
CA ALA K 61 44.75 51.80 22.56
C ALA K 61 43.89 52.56 23.56
N LEU K 62 43.98 53.89 23.51
CA LEU K 62 43.19 54.74 24.38
C LEU K 62 41.76 54.82 23.87
N ALA K 63 40.80 54.56 24.76
CA ALA K 63 39.40 54.53 24.37
C ALA K 63 38.92 55.89 23.88
N ARG K 64 39.36 56.97 24.55
CA ARG K 64 38.91 58.30 24.18
C ARG K 64 39.34 58.65 22.75
N ALA K 65 40.58 58.32 22.39
CA ALA K 65 41.03 58.58 21.02
C ALA K 65 40.25 57.74 20.01
N VAL K 66 39.98 56.48 20.37
CA VAL K 66 39.25 55.58 19.48
C VAL K 66 37.87 56.14 19.18
N SER K 67 37.16 56.62 20.21
CA SER K 67 35.89 57.27 19.97
C SER K 67 36.07 58.65 19.34
N ASN K 68 37.24 59.25 19.48
CA ASN K 68 37.46 60.60 18.97
C ASN K 68 37.59 60.62 17.45
N GLU K 69 38.34 59.68 16.88
CA GLU K 69 38.60 59.74 15.45
C GLU K 69 37.85 58.70 14.63
N ILE K 70 36.99 57.89 15.25
CA ILE K 70 36.18 56.90 14.56
C ILE K 70 34.69 57.17 14.73
N VAL K 71 34.23 57.26 15.98
CA VAL K 71 32.82 57.49 16.24
C VAL K 71 32.39 58.87 15.76
N ARG K 72 33.27 59.87 15.86
CA ARG K 72 32.91 61.23 15.49
C ARG K 72 32.56 61.33 14.01
N PHE K 73 31.63 62.23 13.70
CA PHE K 73 31.19 62.48 12.34
C PHE K 73 30.49 63.82 12.31
N PRO K 74 30.48 64.52 11.18
CA PRO K 74 29.78 65.80 11.11
C PRO K 74 28.29 65.63 11.31
N THR K 75 27.72 66.41 12.23
CA THR K 75 26.30 66.33 12.55
C THR K 75 25.41 66.66 11.36
N ASP K 76 25.87 67.53 10.46
CA ASP K 76 25.06 67.95 9.31
C ASP K 76 24.73 66.81 8.36
N GLN K 77 25.43 65.67 8.46
CA GLN K 77 25.20 64.53 7.59
C GLN K 77 24.40 63.43 8.29
N LEU K 78 23.45 63.80 9.13
CA LEU K 78 22.63 62.82 9.85
C LEU K 78 21.52 62.31 8.94
N THR K 79 21.36 60.99 8.90
CA THR K 79 20.35 60.36 8.05
C THR K 79 19.23 59.80 8.91
N PRO K 80 18.01 60.33 8.81
CA PRO K 80 16.89 59.77 9.59
C PRO K 80 16.51 58.38 9.10
N ASP K 81 15.94 57.59 10.02
CA ASP K 81 15.49 56.25 9.71
C ASP K 81 14.07 56.30 9.16
N GLN K 82 13.86 55.69 7.99
CA GLN K 82 12.57 55.74 7.33
C GLN K 82 11.60 54.66 7.80
N GLU K 83 12.04 53.75 8.66
CA GLU K 83 11.19 52.67 9.14
C GLU K 83 11.09 52.60 10.66
N ARG K 84 11.80 53.47 11.39
CA ARG K 84 11.78 53.46 12.85
C ARG K 84 11.53 54.87 13.35
N SER K 85 11.15 54.96 14.62
CA SER K 85 10.88 56.22 15.28
C SER K 85 11.55 56.23 16.65
N LEU K 86 11.37 57.33 17.38
CA LEU K 86 11.86 57.42 18.75
C LEU K 86 11.18 56.42 19.67
N MET K 87 10.04 55.87 19.24
CA MET K 87 9.41 54.76 19.95
C MET K 87 10.40 53.62 20.20
N PHE K 88 11.16 53.27 19.16
CA PHE K 88 12.17 52.22 19.26
C PHE K 88 13.14 52.47 20.40
N MET K 89 13.81 53.62 20.37
CA MET K 89 14.83 53.93 21.35
C MET K 89 14.24 54.07 22.75
N GLN K 90 13.05 54.66 22.86
CA GLN K 90 12.48 54.87 24.18
C GLN K 90 12.09 53.55 24.83
N TRP K 91 11.44 52.67 24.07
CA TRP K 91 11.09 51.37 24.63
C TRP K 91 12.33 50.54 24.93
N GLY K 92 13.38 50.69 24.10
CA GLY K 92 14.63 50.00 24.39
C GLY K 92 15.24 50.45 25.71
N GLN K 93 15.27 51.76 25.95
CA GLN K 93 15.82 52.26 27.21
C GLN K 93 14.96 51.81 28.39
N LEU K 94 13.64 51.84 28.24
CA LEU K 94 12.77 51.40 29.33
C LEU K 94 12.98 49.92 29.65
N LEU K 95 13.06 49.08 28.62
CA LEU K 95 13.27 47.66 28.83
C LEU K 95 14.62 47.39 29.47
N ASP K 96 15.66 48.12 29.03
CA ASP K 96 16.97 47.95 29.64
C ASP K 96 16.97 48.35 31.11
N HIS K 97 16.30 49.47 31.42
CA HIS K 97 16.19 49.87 32.82
C HIS K 97 15.42 48.84 33.63
N ASP K 98 14.47 48.15 33.00
CA ASP K 98 13.80 47.04 33.66
C ASP K 98 14.79 45.91 33.94
N LEU K 99 15.65 45.60 32.97
CA LEU K 99 16.42 44.35 33.01
C LEU K 99 17.53 44.42 34.06
N ASP K 100 18.49 45.32 33.88
CA ASP K 100 19.72 45.27 34.66
C ASP K 100 20.11 46.65 35.18
N PHE K 101 20.92 46.64 36.24
CA PHE K 101 21.48 47.87 36.80
C PHE K 101 22.72 47.49 37.61
N THR K 102 23.84 48.15 37.33
CA THR K 102 25.08 47.84 38.01
C THR K 102 25.41 48.96 38.99
N PRO K 103 25.27 48.75 40.30
CA PRO K 103 25.65 49.80 41.26
C PRO K 103 27.14 50.03 41.25
N GLU K 104 27.54 51.27 41.52
CA GLU K 104 28.93 51.67 41.54
C GLU K 104 29.20 52.55 42.75
N PRO K 105 30.42 52.53 43.28
CA PRO K 105 30.74 53.39 44.42
C PRO K 105 30.57 54.86 44.09
N ALA K 106 30.10 55.62 45.07
CA ALA K 106 29.89 57.06 44.91
C ALA K 106 31.21 57.80 44.85
N GLN L 9 45.20 58.45 39.77
CA GLN L 9 44.39 57.27 39.49
C GLN L 9 44.46 56.27 40.65
N GLN L 10 43.44 56.30 41.51
CA GLN L 10 43.34 55.41 42.64
C GLN L 10 41.94 54.82 42.69
N PRO L 11 41.78 53.62 43.23
CA PRO L 11 40.45 53.03 43.32
C PRO L 11 39.60 53.78 44.33
N PRO L 12 38.28 53.84 44.11
CA PRO L 12 37.52 53.27 43.00
C PRO L 12 37.31 54.26 41.87
N CYS L 13 38.36 54.97 41.45
CA CYS L 13 38.28 55.94 40.37
C CYS L 13 39.14 55.47 39.21
N PHE L 14 38.57 55.53 38.00
CA PHE L 14 39.26 55.14 36.77
C PHE L 14 39.09 56.24 35.73
N PRO L 15 39.78 57.36 35.91
CA PRO L 15 39.58 58.50 34.99
C PRO L 15 40.03 58.17 33.58
N LEU L 16 39.35 58.79 32.62
CA LEU L 16 39.64 58.60 31.20
C LEU L 16 40.73 59.58 30.77
N LYS L 17 41.84 59.05 30.27
CA LYS L 17 42.91 59.90 29.80
C LYS L 17 42.51 60.59 28.49
N ILE L 18 43.16 61.71 28.22
CA ILE L 18 42.87 62.54 27.05
C ILE L 18 44.06 62.48 26.11
N PRO L 19 43.88 62.10 24.85
CA PRO L 19 44.99 62.09 23.91
C PRO L 19 45.29 63.49 23.41
N PRO L 20 46.43 63.69 22.74
CA PRO L 20 46.74 65.01 22.19
C PRO L 20 45.74 65.43 21.12
N ASN L 21 45.88 66.68 20.68
CA ASN L 21 45.03 67.32 19.68
C ASN L 21 43.55 67.00 19.85
N ASP L 22 43.07 67.03 21.08
CA ASP L 22 41.65 66.78 21.34
C ASP L 22 40.83 67.98 20.88
N PRO L 23 39.80 67.78 20.05
CA PRO L 23 39.02 68.93 19.55
C PRO L 23 38.33 69.72 20.65
N ARG L 24 37.89 69.08 21.73
CA ARG L 24 37.09 69.75 22.75
C ARG L 24 37.93 70.18 23.95
N ILE L 25 38.61 69.25 24.60
CA ILE L 25 39.35 69.51 25.84
C ILE L 25 40.81 69.67 25.47
N LYS L 26 41.31 70.90 25.51
CA LYS L 26 42.71 71.15 25.16
C LYS L 26 43.65 70.71 26.26
N ASN L 27 43.26 70.89 27.52
CA ASN L 27 44.12 70.56 28.64
C ASN L 27 44.21 69.05 28.81
N GLN L 28 45.42 68.51 28.63
CA GLN L 28 45.61 67.07 28.83
C GLN L 28 45.60 66.68 30.30
N ALA L 29 45.76 67.65 31.21
CA ALA L 29 45.69 67.35 32.63
C ALA L 29 44.28 66.93 33.05
N ASP L 30 43.26 67.52 32.44
CA ASP L 30 41.89 67.15 32.74
C ASP L 30 41.60 65.73 32.29
N CYS L 31 40.78 65.04 33.06
CA CYS L 31 40.38 63.67 32.76
C CYS L 31 38.87 63.53 32.95
N ILE L 32 38.24 62.77 32.07
CA ILE L 32 36.80 62.55 32.17
C ILE L 32 36.51 61.69 33.40
N PRO L 33 35.61 62.12 34.29
CA PRO L 33 35.34 61.32 35.50
C PRO L 33 34.77 59.95 35.16
N PHE L 34 35.18 58.95 35.93
CA PHE L 34 34.70 57.59 35.75
C PHE L 34 35.06 56.78 36.99
N PHE L 35 34.05 56.13 37.58
CA PHE L 35 34.24 55.29 38.74
C PHE L 35 33.96 53.84 38.37
N ARG L 36 34.70 52.93 38.99
CA ARG L 36 34.55 51.50 38.72
C ARG L 36 33.23 51.00 39.29
N SER L 37 32.97 49.72 39.09
CA SER L 37 31.74 49.09 39.55
C SER L 37 31.96 48.41 40.90
N CYS L 38 30.86 48.19 41.61
CA CYS L 38 30.92 47.56 42.92
C CYS L 38 31.26 46.09 42.77
N PRO L 39 32.31 45.60 43.43
CA PRO L 39 32.65 44.18 43.32
C PRO L 39 31.61 43.29 43.96
N ALA L 40 31.48 42.07 43.44
CA ALA L 40 30.57 41.10 44.02
C ALA L 40 31.01 40.71 45.43
N CYS L 41 32.31 40.48 45.62
CA CYS L 41 32.89 40.13 46.91
C CYS L 41 34.04 41.07 47.20
N PRO L 42 33.75 42.28 47.68
CA PRO L 42 34.81 43.26 47.93
C PRO L 42 35.72 42.82 49.07
N GLY L 43 36.97 43.27 49.00
CA GLY L 43 37.96 42.96 50.01
C GLY L 43 38.67 41.63 49.83
N SER L 44 38.35 40.88 48.79
CA SER L 44 38.96 39.59 48.54
C SER L 44 39.82 39.65 47.27
N ASN L 45 41.00 39.04 47.34
CA ASN L 45 41.92 39.00 46.21
C ASN L 45 42.08 37.63 45.59
N ILE L 46 41.53 36.57 46.20
CA ILE L 46 41.64 35.23 45.63
C ILE L 46 40.50 34.92 44.68
N THR L 47 39.50 35.78 44.60
CA THR L 47 38.36 35.55 43.71
C THR L 47 38.36 36.56 42.57
N ILE L 48 37.98 36.07 41.39
CA ILE L 48 37.89 36.91 40.19
C ILE L 48 36.78 37.92 40.39
N ARG L 49 37.07 39.20 40.12
CA ARG L 49 36.12 40.26 40.37
C ARG L 49 34.89 40.11 39.48
N ASN L 50 33.72 40.35 40.07
CA ASN L 50 32.46 40.29 39.35
C ASN L 50 31.58 41.43 39.81
N GLN L 51 30.63 41.81 38.95
CA GLN L 51 29.76 42.94 39.22
C GLN L 51 28.50 42.50 39.94
N ILE L 52 27.58 43.45 40.16
CA ILE L 52 26.35 43.20 40.91
C ILE L 52 25.16 43.65 40.09
N ASN L 53 24.14 42.81 40.01
CA ASN L 53 22.89 43.14 39.34
C ASN L 53 21.89 43.60 40.40
N ALA L 54 21.60 44.90 40.41
CA ALA L 54 20.76 45.48 41.44
C ALA L 54 19.27 45.30 41.18
N LEU L 55 18.89 44.75 40.02
CA LEU L 55 17.49 44.58 39.67
C LEU L 55 17.24 43.13 39.27
N THR L 56 15.99 42.71 39.43
CA THR L 56 15.61 41.35 39.09
C THR L 56 15.78 41.10 37.59
N SER L 57 16.34 39.94 37.26
CA SER L 57 16.59 39.57 35.87
C SER L 57 15.33 39.00 35.23
N PHE L 58 14.22 39.74 35.30
CA PHE L 58 12.97 39.31 34.72
C PHE L 58 12.24 40.52 34.16
N VAL L 59 11.37 40.28 33.18
CA VAL L 59 10.52 41.32 32.61
C VAL L 59 9.24 41.33 33.43
N ASP L 60 9.28 42.05 34.55
CA ASP L 60 8.18 42.07 35.51
C ASP L 60 7.80 43.49 35.89
N ALA L 61 7.97 44.44 34.97
CA ALA L 61 7.62 45.85 35.21
C ALA L 61 8.34 46.40 36.43
N SER L 62 9.61 46.04 36.59
CA SER L 62 10.40 46.53 37.71
C SER L 62 10.70 48.02 37.62
N MET L 63 10.43 48.66 36.48
CA MET L 63 10.67 50.08 36.34
C MET L 63 9.77 50.93 37.23
N VAL L 64 8.66 50.37 37.69
CA VAL L 64 7.72 51.13 38.52
C VAL L 64 7.41 50.44 39.85
N TYR L 65 7.63 49.14 39.99
CA TYR L 65 7.34 48.44 41.23
C TYR L 65 8.56 48.27 42.13
N GLY L 66 9.76 48.61 41.64
CA GLY L 66 10.96 48.50 42.43
C GLY L 66 11.46 47.07 42.51
N SER L 67 12.65 46.93 43.10
CA SER L 67 13.28 45.62 43.29
C SER L 67 13.50 45.26 44.74
N GLU L 68 13.30 46.18 45.68
CA GLU L 68 13.48 45.91 47.10
C GLU L 68 12.16 46.14 47.83
N GLU L 69 11.95 45.35 48.89
CA GLU L 69 10.71 45.45 49.65
C GLU L 69 10.47 46.83 50.24
N PRO L 70 11.45 47.51 50.88
CA PRO L 70 11.18 48.88 51.35
C PRO L 70 10.80 49.83 50.22
N LEU L 71 11.45 49.71 49.05
CA LEU L 71 11.12 50.58 47.94
C LEU L 71 9.70 50.33 47.44
N ALA L 72 9.31 49.06 47.34
CA ALA L 72 7.94 48.73 46.92
C ALA L 72 6.93 49.25 47.94
N ARG L 73 7.23 49.12 49.23
CA ARG L 73 6.33 49.61 50.26
C ARG L 73 6.18 51.13 50.18
N ASN L 74 7.29 51.84 49.93
CA ASN L 74 7.22 53.28 49.78
C ASN L 74 6.47 53.68 48.52
N LEU L 75 6.54 52.86 47.47
CA LEU L 75 5.91 53.22 46.20
C LEU L 75 4.39 53.05 46.26
N ARG L 76 3.87 52.24 47.17
CA ARG L 76 2.44 52.02 47.24
C ARG L 76 1.75 53.20 47.92
N ASN L 77 0.44 53.28 47.72
CA ASN L 77 -0.39 54.38 48.22
C ASN L 77 -1.40 53.72 49.16
N MET L 78 -0.98 53.49 50.40
CA MET L 78 -1.71 52.66 51.35
C MET L 78 -2.62 53.46 52.27
N SER L 79 -2.75 54.77 52.05
CA SER L 79 -3.67 55.57 52.84
C SER L 79 -5.11 55.11 52.67
N ASN L 80 -5.44 54.54 51.51
CA ASN L 80 -6.76 54.04 51.21
C ASN L 80 -6.71 52.52 51.05
N GLN L 81 -7.85 51.93 50.70
CA GLN L 81 -7.96 50.49 50.52
C GLN L 81 -8.16 50.08 49.08
N LEU L 82 -8.00 51.00 48.13
CA LEU L 82 -8.17 50.68 46.72
C LEU L 82 -6.92 50.12 46.07
N GLY L 83 -5.78 50.11 46.77
CA GLY L 83 -4.59 49.46 46.29
C GLY L 83 -3.93 50.07 45.06
N LEU L 84 -3.80 51.39 45.01
CA LEU L 84 -3.12 52.06 43.92
C LEU L 84 -1.66 52.29 44.29
N LEU L 85 -0.96 53.05 43.45
CA LEU L 85 0.42 53.41 43.69
C LEU L 85 0.52 54.90 44.03
N ALA L 86 1.56 55.26 44.77
CA ALA L 86 1.73 56.63 45.21
C ALA L 86 1.93 57.56 44.02
N VAL L 87 1.26 58.70 44.05
CA VAL L 87 1.34 59.69 42.98
C VAL L 87 1.76 61.03 43.57
N ASN L 88 2.03 61.98 42.69
CA ASN L 88 2.41 63.33 43.11
C ASN L 88 1.26 63.97 43.89
N GLN L 89 1.59 64.57 45.02
CA GLN L 89 0.60 65.20 45.89
C GLN L 89 0.57 66.72 45.76
N ARG L 90 1.42 67.31 44.93
CA ARG L 90 1.48 68.75 44.78
C ARG L 90 1.18 69.22 43.35
N PHE L 91 1.72 68.53 42.34
CA PHE L 91 1.57 68.94 40.96
C PHE L 91 0.74 67.92 40.19
N GLN L 92 -0.17 68.41 39.36
CA GLN L 92 -1.02 67.56 38.53
C GLN L 92 -1.10 68.14 37.13
N ASP L 93 -1.28 67.27 36.15
CA ASP L 93 -1.36 67.65 34.74
C ASP L 93 -2.77 67.32 34.23
N ASN L 94 -3.61 68.35 34.12
CA ASN L 94 -4.97 68.21 33.62
C ASN L 94 -5.76 67.16 34.42
N GLY L 95 -5.57 67.16 35.73
CA GLY L 95 -6.29 66.24 36.58
C GLY L 95 -5.85 64.80 36.49
N ARG L 96 -4.63 64.54 36.02
CA ARG L 96 -4.11 63.19 35.89
C ARG L 96 -2.88 63.03 36.77
N ALA L 97 -2.71 61.84 37.32
CA ALA L 97 -1.66 61.59 38.30
C ALA L 97 -0.27 61.69 37.67
N LEU L 98 0.70 62.09 38.48
CA LEU L 98 2.10 62.17 38.08
C LEU L 98 2.94 61.36 39.06
N LEU L 99 4.20 61.15 38.72
CA LEU L 99 5.09 60.38 39.56
C LEU L 99 5.35 61.13 40.87
N PRO L 100 5.46 60.42 41.99
CA PRO L 100 5.80 61.08 43.26
C PRO L 100 7.22 61.60 43.25
N PHE L 101 7.44 62.67 44.00
CA PHE L 101 8.77 63.27 44.08
C PHE L 101 9.68 62.40 44.96
N ASP L 102 10.98 62.68 44.87
CA ASP L 102 11.99 61.94 45.61
C ASP L 102 12.84 62.90 46.43
N ASN L 103 13.29 62.42 47.58
CA ASN L 103 14.16 63.18 48.48
C ASN L 103 15.51 62.49 48.56
N LEU L 104 16.57 63.23 48.26
CA LEU L 104 17.93 62.71 48.30
C LEU L 104 18.83 63.70 49.00
N HIS L 105 19.93 63.19 49.57
CA HIS L 105 20.89 64.04 50.24
C HIS L 105 21.50 65.06 49.28
N ASP L 106 21.91 64.62 48.10
CA ASP L 106 22.38 65.49 47.05
C ASP L 106 21.58 65.23 45.78
N ASP L 107 21.11 66.30 45.15
CA ASP L 107 20.30 66.18 43.94
C ASP L 107 21.05 66.76 42.75
N PRO L 108 21.72 65.94 41.94
CA PRO L 108 22.28 66.46 40.68
C PRO L 108 21.21 66.80 39.66
N CYS L 109 19.94 66.67 40.04
CA CYS L 109 18.84 66.88 39.10
C CYS L 109 18.17 68.22 39.34
N LEU L 110 18.26 68.75 40.57
CA LEU L 110 17.81 70.10 40.84
C LEU L 110 18.79 71.14 40.30
N LEU L 111 20.04 70.75 40.08
CA LEU L 111 21.08 71.70 39.67
C LEU L 111 20.85 72.26 38.28
N THR L 112 20.03 71.59 37.46
CA THR L 112 19.76 72.09 36.11
C THR L 112 19.03 73.42 36.15
N ASN L 113 18.04 73.55 37.04
CA ASN L 113 17.23 74.77 37.14
C ASN L 113 17.09 75.14 38.61
N ARG L 114 17.82 76.16 39.04
CA ARG L 114 17.69 76.64 40.41
C ARG L 114 16.43 77.48 40.62
N SER L 115 15.91 78.10 39.56
CA SER L 115 14.71 78.92 39.70
C SER L 115 13.47 78.07 39.87
N ALA L 116 13.39 76.94 39.18
CA ALA L 116 12.20 76.09 39.25
C ALA L 116 12.05 75.48 40.64
N ARG L 117 13.16 75.03 41.24
CA ARG L 117 13.14 74.36 42.55
C ARG L 117 12.21 73.16 42.55
N ILE L 118 12.24 72.38 41.47
CA ILE L 118 11.40 71.20 41.34
C ILE L 118 12.28 69.96 41.28
N PRO L 119 12.43 69.22 42.38
CA PRO L 119 13.16 67.96 42.32
C PRO L 119 12.41 66.93 41.48
N CYS L 120 13.17 66.03 40.86
CA CYS L 120 12.56 65.05 39.99
C CYS L 120 11.95 63.91 40.80
N PHE L 121 11.51 62.88 40.07
CA PHE L 121 10.52 61.94 40.59
C PHE L 121 11.17 60.68 41.15
N LEU L 122 10.33 59.86 41.77
CA LEU L 122 10.73 58.57 42.33
C LEU L 122 9.93 57.47 41.66
N ALA L 123 10.61 56.41 41.27
CA ALA L 123 9.97 55.28 40.61
C ALA L 123 10.73 54.01 41.00
N GLY L 124 10.51 52.92 40.24
CA GLY L 124 11.20 51.68 40.52
C GLY L 124 12.66 51.69 40.17
N ASP L 125 13.14 52.70 39.46
CA ASP L 125 14.54 52.83 39.10
C ASP L 125 15.03 54.22 39.45
N THR L 126 16.31 54.29 39.85
CA THR L 126 16.91 55.56 40.24
C THR L 126 17.31 56.43 39.05
N ARG L 127 17.31 55.87 37.83
CA ARG L 127 17.67 56.60 36.63
C ARG L 127 16.45 57.00 35.81
N SER L 128 15.31 57.19 36.46
CA SER L 128 14.05 57.45 35.77
C SER L 128 13.91 58.90 35.33
N SER L 129 14.92 59.76 35.56
CA SER L 129 14.82 61.16 35.23
C SER L 129 15.97 61.62 34.34
N GLU L 130 16.50 60.71 33.52
CA GLU L 130 17.58 61.09 32.61
C GLU L 130 17.10 62.11 31.58
N MET L 131 15.89 61.94 31.07
CA MET L 131 15.28 62.89 30.15
C MET L 131 13.79 62.92 30.41
N PRO L 132 13.08 63.96 29.94
CA PRO L 132 11.63 64.00 30.14
C PRO L 132 10.90 62.83 29.50
N GLU L 133 11.48 62.18 28.48
CA GLU L 133 10.81 61.04 27.87
C GLU L 133 10.68 59.88 28.83
N LEU L 134 11.74 59.58 29.58
CA LEU L 134 11.68 58.47 30.54
C LEU L 134 10.69 58.77 31.66
N THR L 135 10.68 60.02 32.15
CA THR L 135 9.70 60.40 33.15
C THR L 135 8.29 60.29 32.61
N SER L 136 8.08 60.69 31.35
CA SER L 136 6.77 60.56 30.73
C SER L 136 6.34 59.11 30.65
N MET L 137 7.25 58.21 30.26
CA MET L 137 6.93 56.80 30.20
C MET L 137 6.58 56.23 31.57
N HIS L 138 7.36 56.60 32.59
CA HIS L 138 7.07 56.09 33.93
C HIS L 138 5.73 56.61 34.43
N THR L 139 5.43 57.88 34.17
CA THR L 139 4.12 58.42 34.56
C THR L 139 2.99 57.73 33.81
N LEU L 140 3.19 57.43 32.53
CA LEU L 140 2.17 56.72 31.77
C LEU L 140 1.93 55.33 32.33
N LEU L 141 3.01 54.62 32.69
CA LEU L 141 2.84 53.30 33.29
C LEU L 141 2.12 53.39 34.63
N LEU L 142 2.46 54.40 35.44
CA LEU L 142 1.78 54.59 36.72
C LEU L 142 0.30 54.87 36.52
N ARG L 143 -0.03 55.73 35.56
CA ARG L 143 -1.43 56.03 35.25
C ARG L 143 -2.17 54.80 34.79
N GLU L 144 -1.53 53.98 33.95
CA GLU L 144 -2.16 52.74 33.49
C GLU L 144 -2.42 51.81 34.66
N HIS L 145 -1.45 51.67 35.57
CA HIS L 145 -1.65 50.82 36.74
C HIS L 145 -2.80 51.33 37.59
N ASN L 146 -2.87 52.65 37.80
CA ASN L 146 -3.93 53.21 38.63
C ASN L 146 -5.30 53.00 37.97
N ARG L 147 -5.40 53.21 36.67
CA ARG L 147 -6.67 53.02 35.97
C ARG L 147 -7.09 51.55 36.01
N LEU L 148 -6.15 50.64 35.81
CA LEU L 148 -6.48 49.21 35.89
C LEU L 148 -6.93 48.82 37.28
N ALA L 149 -6.26 49.34 38.32
CA ALA L 149 -6.67 49.06 39.68
C ALA L 149 -8.08 49.59 39.95
N THR L 150 -8.37 50.81 39.48
CA THR L 150 -9.71 51.37 39.67
C THR L 150 -10.76 50.52 38.96
N GLU L 151 -10.48 50.09 37.73
CA GLU L 151 -11.43 49.26 36.99
C GLU L 151 -11.65 47.92 37.67
N LEU L 152 -10.57 47.31 38.17
CA LEU L 152 -10.70 46.02 38.85
C LEU L 152 -11.48 46.17 40.15
N LYS L 153 -11.25 47.26 40.89
CA LYS L 153 -12.00 47.50 42.11
C LYS L 153 -13.48 47.72 41.81
N SER L 154 -13.78 48.45 40.74
CA SER L 154 -15.18 48.65 40.34
C SER L 154 -15.83 47.34 39.95
N LEU L 155 -15.09 46.47 39.24
CA LEU L 155 -15.65 45.20 38.81
C LEU L 155 -15.89 44.27 39.99
N ASN L 156 -14.91 44.14 40.88
CA ASN L 156 -15.00 43.24 42.03
C ASN L 156 -14.74 44.03 43.32
N PRO L 157 -15.76 44.27 44.15
CA PRO L 157 -15.55 45.00 45.39
C PRO L 157 -15.19 44.13 46.58
N ARG L 158 -15.30 42.81 46.46
CA ARG L 158 -15.06 41.93 47.61
C ARG L 158 -13.57 41.84 47.94
N TRP L 159 -12.70 42.04 46.95
CA TRP L 159 -11.27 41.90 47.18
C TRP L 159 -10.73 43.06 48.00
N ASP L 160 -9.60 42.82 48.66
CA ASP L 160 -8.93 43.83 49.46
C ASP L 160 -7.94 44.61 48.60
N GLY L 161 -7.28 45.59 49.23
CA GLY L 161 -6.34 46.42 48.49
C GLY L 161 -5.11 45.68 48.01
N GLU L 162 -4.60 44.77 48.84
CA GLU L 162 -3.41 44.02 48.47
C GLU L 162 -3.66 43.15 47.24
N ARG L 163 -4.81 42.47 47.19
CA ARG L 163 -5.15 41.67 46.02
C ARG L 163 -5.28 42.53 44.78
N LEU L 164 -5.91 43.71 44.92
CA LEU L 164 -6.02 44.63 43.79
C LEU L 164 -4.65 45.03 43.27
N TYR L 165 -3.74 45.40 44.18
CA TYR L 165 -2.41 45.82 43.77
C TYR L 165 -1.66 44.68 43.09
N GLN L 166 -1.74 43.47 43.64
CA GLN L 166 -1.04 42.33 43.06
C GLN L 166 -1.60 41.99 41.68
N GLU L 167 -2.93 42.01 41.53
CA GLU L 167 -3.53 41.72 40.23
C GLU L 167 -3.14 42.76 39.19
N ALA L 168 -3.17 44.04 39.57
CA ALA L 168 -2.78 45.08 38.64
C ALA L 168 -1.31 44.94 38.24
N ARG L 169 -0.45 44.62 39.21
CA ARG L 169 0.96 44.42 38.90
C ARG L 169 1.16 43.25 37.96
N LYS L 170 0.44 42.15 38.19
CA LYS L 170 0.54 40.99 37.31
C LYS L 170 0.09 41.32 35.88
N ILE L 171 -1.02 42.04 35.75
CA ILE L 171 -1.51 42.39 34.43
C ILE L 171 -0.54 43.34 33.73
N VAL L 172 0.03 44.29 34.48
CA VAL L 172 0.98 45.23 33.87
C VAL L 172 2.23 44.49 33.40
N GLY L 173 2.73 43.55 34.21
CA GLY L 173 3.88 42.77 33.78
C GLY L 173 3.60 41.93 32.55
N ALA L 174 2.43 41.29 32.51
CA ALA L 174 2.07 40.51 31.33
C ALA L 174 1.95 41.41 30.10
N MET L 175 1.37 42.60 30.27
CA MET L 175 1.24 43.53 29.16
C MET L 175 2.60 43.97 28.64
N VAL L 176 3.53 44.26 29.55
CA VAL L 176 4.87 44.67 29.14
C VAL L 176 5.56 43.55 28.39
N GLN L 177 5.46 42.31 28.90
CA GLN L 177 6.07 41.18 28.22
C GLN L 177 5.48 40.98 26.83
N ILE L 178 4.15 41.09 26.72
CA ILE L 178 3.49 40.91 25.44
C ILE L 178 3.96 41.96 24.44
N ILE L 179 3.94 43.22 24.85
CA ILE L 179 4.31 44.30 23.95
C ILE L 179 5.76 44.13 23.50
N THR L 180 6.66 43.85 24.45
CA THR L 180 8.07 43.67 24.10
C THR L 180 8.24 42.53 23.11
N TYR L 181 7.89 41.30 23.53
CA TYR L 181 8.18 40.13 22.72
C TYR L 181 7.35 40.05 21.45
N ARG L 182 6.33 40.90 21.28
CA ARG L 182 5.55 40.87 20.06
C ARG L 182 5.85 42.03 19.11
N ASP L 183 6.42 43.13 19.59
CA ASP L 183 6.66 44.26 18.72
C ASP L 183 8.10 44.73 18.68
N TYR L 184 8.80 44.73 19.82
CA TYR L 184 10.12 45.34 19.86
C TYR L 184 11.18 44.44 19.27
N LEU L 185 11.32 43.22 19.82
CA LEU L 185 12.37 42.32 19.37
C LEU L 185 12.30 41.96 17.89
N PRO L 186 11.13 41.70 17.29
CA PRO L 186 11.11 41.45 15.83
C PRO L 186 11.66 42.60 15.02
N LEU L 187 11.55 43.83 15.50
CA LEU L 187 12.10 44.98 14.81
C LEU L 187 13.56 45.23 15.13
N VAL L 188 14.13 44.53 16.11
CA VAL L 188 15.55 44.65 16.44
C VAL L 188 16.31 43.55 15.72
N LEU L 189 15.96 42.29 16.01
CA LEU L 189 16.72 41.17 15.50
C LEU L 189 16.50 40.98 14.00
N GLY L 190 15.27 41.17 13.53
CA GLY L 190 14.92 40.85 12.17
C GLY L 190 14.30 39.47 12.08
N PRO L 191 13.54 39.22 11.01
CA PRO L 191 12.80 37.94 10.94
C PRO L 191 13.67 36.71 11.03
N THR L 192 14.84 36.71 10.37
CA THR L 192 15.70 35.52 10.40
C THR L 192 16.29 35.29 11.79
N ALA L 193 16.85 36.34 12.39
CA ALA L 193 17.42 36.21 13.73
C ALA L 193 16.33 35.90 14.76
N MET L 194 15.16 36.54 14.63
CA MET L 194 14.06 36.26 15.55
C MET L 194 13.62 34.81 15.45
N ARG L 195 13.52 34.27 14.23
CA ARG L 195 13.13 32.88 14.06
C ARG L 195 14.21 31.93 14.58
N LYS L 196 15.48 32.32 14.43
CA LYS L 196 16.56 31.42 14.85
C LYS L 196 16.71 31.38 16.36
N TYR L 197 16.62 32.54 17.03
CA TYR L 197 16.92 32.62 18.44
C TYR L 197 15.69 32.64 19.34
N LEU L 198 14.50 32.91 18.79
CA LEU L 198 13.27 32.95 19.57
C LEU L 198 12.21 32.11 18.87
N PRO L 199 12.28 30.78 19.00
CA PRO L 199 11.24 29.93 18.41
C PRO L 199 9.95 29.98 19.19
N THR L 200 8.97 29.15 18.81
CA THR L 200 7.69 29.14 19.49
C THR L 200 7.84 28.69 20.94
N TYR L 201 7.13 29.38 21.84
CA TYR L 201 7.14 29.02 23.25
C TYR L 201 6.41 27.70 23.45
N ARG L 202 7.00 26.83 24.29
CA ARG L 202 6.42 25.54 24.59
C ARG L 202 5.96 25.43 26.03
N SER L 203 6.87 25.63 26.99
CA SER L 203 6.56 25.51 28.41
C SER L 203 7.76 26.01 29.20
N TYR L 204 7.57 26.14 30.50
CA TYR L 204 8.65 26.58 31.38
C TYR L 204 9.71 25.49 31.50
N ASN L 205 10.98 25.91 31.48
CA ASN L 205 12.11 25.01 31.63
C ASN L 205 12.92 25.43 32.85
N ASP L 206 13.18 24.49 33.75
CA ASP L 206 13.90 24.77 34.98
C ASP L 206 15.41 24.54 34.87
N SER L 207 15.89 24.11 33.71
CA SER L 207 17.31 23.82 33.51
C SER L 207 18.05 24.94 32.77
N VAL L 208 17.41 26.10 32.60
CA VAL L 208 18.03 27.21 31.89
C VAL L 208 18.27 28.34 32.88
N ASP L 209 19.27 29.17 32.57
CA ASP L 209 19.69 30.23 33.46
C ASP L 209 18.97 31.53 33.10
N PRO L 210 18.14 32.09 33.99
CA PRO L 210 17.49 33.37 33.71
C PRO L 210 18.29 34.59 34.14
N ARG L 211 19.52 34.43 34.62
CA ARG L 211 20.30 35.56 35.06
C ARG L 211 20.83 36.35 33.87
N ILE L 212 21.05 37.65 34.09
CA ILE L 212 21.52 38.54 33.05
C ILE L 212 23.03 38.37 32.90
N ALA L 213 23.48 38.10 31.68
CA ALA L 213 24.90 37.96 31.41
C ALA L 213 25.60 39.30 31.50
N ASN L 214 26.91 39.26 31.80
CA ASN L 214 27.67 40.49 31.93
C ASN L 214 27.81 41.21 30.59
N VAL L 215 27.98 40.46 29.51
CA VAL L 215 28.17 41.08 28.20
C VAL L 215 26.90 41.81 27.75
N PHE L 216 25.74 41.35 28.19
CA PHE L 216 24.48 41.99 27.79
C PHE L 216 24.39 43.42 28.28
N THR L 217 25.11 43.77 29.35
CA THR L 217 25.13 45.15 29.82
C THR L 217 25.85 46.09 28.86
N ASN L 218 26.56 45.54 27.89
CA ASN L 218 27.22 46.34 26.85
C ASN L 218 26.65 46.09 25.46
N ALA L 219 26.38 44.82 25.11
CA ALA L 219 25.82 44.51 23.80
C ALA L 219 24.45 45.15 23.59
N PHE L 220 23.75 45.47 24.67
CA PHE L 220 22.45 46.12 24.55
C PHE L 220 22.54 47.63 24.45
N ARG L 221 23.75 48.20 24.46
CA ARG L 221 23.91 49.63 24.31
C ARG L 221 23.83 50.09 22.86
N TYR L 222 23.41 49.22 21.95
CA TYR L 222 23.21 49.63 20.56
C TYR L 222 22.24 50.78 20.44
N GLY L 223 21.29 50.88 21.38
CA GLY L 223 20.35 51.98 21.37
C GLY L 223 21.00 53.34 21.53
N HIS L 224 22.26 53.38 22.01
CA HIS L 224 22.99 54.63 22.06
C HIS L 224 23.30 55.19 20.67
N THR L 225 23.13 54.39 19.62
CA THR L 225 23.33 54.85 18.25
C THR L 225 22.04 55.31 17.58
N LEU L 226 20.92 55.30 18.30
CA LEU L 226 19.63 55.70 17.76
C LEU L 226 19.14 57.01 18.36
N ILE L 227 20.02 57.76 19.02
CA ILE L 227 19.62 58.98 19.72
C ILE L 227 19.62 60.16 18.75
N GLN L 228 18.47 60.81 18.63
CA GLN L 228 18.38 62.04 17.86
C GLN L 228 18.99 63.20 18.63
N PRO L 229 19.58 64.17 17.95
CA PRO L 229 20.26 65.27 18.66
C PRO L 229 19.32 66.22 19.37
N PHE L 230 18.03 66.22 19.02
CA PHE L 230 17.08 67.18 19.58
C PHE L 230 15.84 66.45 20.09
N MET L 231 15.15 67.11 21.02
CA MET L 231 13.88 66.64 21.55
C MET L 231 12.76 67.43 20.89
N PHE L 232 11.73 66.73 20.42
CA PHE L 232 10.64 67.31 19.65
C PHE L 232 9.36 67.29 20.48
N ARG L 233 8.69 68.44 20.56
CA ARG L 233 7.40 68.56 21.21
C ARG L 233 6.39 69.09 20.19
N LEU L 234 5.21 68.48 20.16
CA LEU L 234 4.18 68.82 19.19
C LEU L 234 2.87 69.15 19.89
N ASP L 235 2.10 70.04 19.28
CA ASP L 235 0.83 70.46 19.84
C ASP L 235 -0.26 69.44 19.49
N ASN L 236 -1.53 69.82 19.71
CA ASN L 236 -2.64 68.91 19.44
C ASN L 236 -2.76 68.57 17.96
N ARG L 237 -2.23 69.40 17.07
CA ARG L 237 -2.30 69.17 15.64
C ARG L 237 -1.00 68.59 15.08
N TYR L 238 -0.13 68.09 15.95
CA TYR L 238 1.17 67.52 15.56
C TYR L 238 2.07 68.53 14.87
N GLN L 239 1.76 69.80 15.00
CA GLN L 239 2.59 70.88 14.49
C GLN L 239 3.63 71.27 15.53
N PRO L 240 4.73 71.92 15.11
CA PRO L 240 5.72 72.39 16.08
C PRO L 240 5.10 73.30 17.14
N MET L 241 5.09 72.84 18.38
CA MET L 241 4.45 73.56 19.48
C MET L 241 5.42 74.57 20.09
N GLU L 242 4.95 75.79 20.29
CA GLU L 242 5.74 76.87 20.86
C GLU L 242 5.45 77.01 22.35
N PRO L 243 6.43 77.45 23.15
CA PRO L 243 7.80 77.82 22.78
C PRO L 243 8.73 76.60 22.66
N ASN L 244 9.86 76.77 21.97
CA ASN L 244 10.87 75.74 21.81
C ASN L 244 10.30 74.47 21.18
N PRO L 245 9.94 74.50 19.89
CA PRO L 245 9.47 73.27 19.25
C PRO L 245 10.52 72.16 19.25
N ARG L 246 11.80 72.51 19.11
CA ARG L 246 12.90 71.57 19.19
C ARG L 246 13.88 72.06 20.24
N VAL L 247 14.26 71.18 21.16
CA VAL L 247 15.11 71.53 22.30
C VAL L 247 16.41 70.76 22.16
N PRO L 248 17.57 71.40 22.32
CA PRO L 248 18.84 70.64 22.30
C PRO L 248 18.88 69.62 23.42
N LEU L 249 19.51 68.48 23.13
CA LEU L 249 19.56 67.39 24.11
C LEU L 249 20.47 67.73 25.28
N SER L 250 21.44 68.63 25.08
CA SER L 250 22.34 69.01 26.17
C SER L 250 21.63 69.83 27.24
N ARG L 251 20.42 70.32 26.98
CA ARG L 251 19.67 71.11 27.94
C ARG L 251 18.47 70.37 28.53
N VAL L 252 18.22 69.13 28.11
CA VAL L 252 17.10 68.35 28.59
C VAL L 252 17.53 67.23 29.51
N PHE L 253 18.82 67.08 29.78
CA PHE L 253 19.28 66.02 30.67
C PHE L 253 18.96 66.39 32.11
N PHE L 254 18.36 65.44 32.84
CA PHE L 254 18.02 65.62 34.25
C PHE L 254 17.13 66.84 34.48
N ALA L 255 16.24 67.13 33.54
CA ALA L 255 15.38 68.31 33.61
C ALA L 255 13.94 67.86 33.77
N SER L 256 13.53 67.66 35.03
CA SER L 256 12.16 67.29 35.32
C SER L 256 11.23 68.49 35.21
N TRP L 257 11.74 69.70 35.43
CA TRP L 257 10.91 70.90 35.37
C TRP L 257 10.30 71.10 33.98
N ARG L 258 10.84 70.43 32.97
CA ARG L 258 10.33 70.52 31.61
C ARG L 258 9.13 69.62 31.37
N VAL L 259 8.70 68.83 32.34
CA VAL L 259 7.53 67.98 32.20
C VAL L 259 6.41 68.41 33.14
N VAL L 260 6.74 69.04 34.26
CA VAL L 260 5.70 69.48 35.19
C VAL L 260 5.20 70.88 34.81
N LEU L 261 6.09 71.74 34.31
CA LEU L 261 5.75 73.13 34.04
C LEU L 261 5.71 73.44 32.55
N GLU L 262 5.69 72.43 31.68
CA GLU L 262 5.70 72.63 30.24
C GLU L 262 4.65 71.77 29.56
N GLY L 263 3.43 71.80 30.10
CA GLY L 263 2.29 71.17 29.43
C GLY L 263 2.12 69.70 29.68
N GLY L 264 2.94 69.09 30.52
CA GLY L 264 2.76 67.68 30.85
C GLY L 264 3.56 66.74 29.98
N ILE L 265 2.99 65.58 29.68
CA ILE L 265 3.69 64.54 28.93
C ILE L 265 3.10 64.32 27.53
N ASP L 266 1.92 64.86 27.25
CA ASP L 266 1.29 64.62 25.94
C ASP L 266 2.14 65.14 24.78
N PRO L 267 2.67 66.37 24.79
CA PRO L 267 3.56 66.78 23.69
C PRO L 267 4.78 65.88 23.55
N ILE L 268 5.33 65.40 24.67
CA ILE L 268 6.49 64.50 24.60
C ILE L 268 6.10 63.19 23.93
N LEU L 269 4.93 62.64 24.28
CA LEU L 269 4.47 61.41 23.65
C LEU L 269 4.22 61.62 22.16
N ARG L 270 3.64 62.77 21.79
CA ARG L 270 3.42 63.05 20.38
C ARG L 270 4.73 63.15 19.62
N GLY L 271 5.73 63.81 20.20
CA GLY L 271 7.04 63.88 19.58
C GLY L 271 7.68 62.51 19.44
N LEU L 272 7.52 61.66 20.46
CA LEU L 272 8.07 60.32 20.40
C LEU L 272 7.40 59.50 19.29
N MET L 273 6.08 59.64 19.15
CA MET L 273 5.31 58.81 18.23
C MET L 273 5.33 59.30 16.79
N ALA L 274 5.79 60.53 16.53
CA ALA L 274 5.72 61.11 15.19
C ALA L 274 7.03 61.78 14.82
N THR L 275 8.15 61.10 15.10
CA THR L 275 9.45 61.59 14.69
C THR L 275 10.35 60.42 14.32
N PRO L 276 10.93 60.42 13.11
CA PRO L 276 11.81 59.32 12.72
C PRO L 276 13.05 59.28 13.59
N ALA L 277 13.54 58.06 13.84
CA ALA L 277 14.75 57.86 14.63
C ALA L 277 15.98 58.14 13.77
N LYS L 278 17.16 57.85 14.31
CA LYS L 278 18.40 58.06 13.60
C LYS L 278 18.89 56.72 13.05
N LEU L 279 19.10 56.66 11.75
CA LEU L 279 19.61 55.44 11.11
C LEU L 279 21.09 55.30 11.38
N ASN L 280 21.49 54.12 11.84
CA ASN L 280 22.89 53.85 12.16
C ASN L 280 23.65 53.50 10.88
N ARG L 281 24.62 54.33 10.53
CA ARG L 281 25.48 54.08 9.37
C ARG L 281 26.90 53.80 9.86
N GLN L 282 27.70 53.20 8.97
CA GLN L 282 29.06 52.84 9.34
C GLN L 282 29.91 54.07 9.62
N ASN L 283 29.73 55.13 8.84
CA ASN L 283 30.47 56.37 9.06
C ASN L 283 29.73 57.35 9.97
N GLN L 284 28.52 57.00 10.42
CA GLN L 284 27.74 57.82 11.35
C GLN L 284 27.29 56.91 12.49
N ILE L 285 28.12 56.78 13.52
CA ILE L 285 27.81 55.86 14.61
C ILE L 285 26.90 56.52 15.64
N ALA L 286 27.37 57.59 16.26
CA ALA L 286 26.62 58.28 17.29
C ALA L 286 26.77 59.78 17.14
N VAL L 287 25.76 60.52 17.60
CA VAL L 287 25.77 61.97 17.47
C VAL L 287 26.73 62.58 18.48
N ASP L 288 27.07 63.86 18.26
CA ASP L 288 28.00 64.56 19.12
C ASP L 288 27.35 65.13 20.38
N GLU L 289 26.02 65.20 20.42
CA GLU L 289 25.34 65.72 21.62
C GLU L 289 25.57 64.80 22.81
N ILE L 290 25.51 63.48 22.59
CA ILE L 290 25.82 62.52 23.65
C ILE L 290 27.31 62.25 23.75
N ARG L 291 28.11 62.69 22.79
CA ARG L 291 29.54 62.41 22.77
C ARG L 291 30.37 63.55 23.31
N GLU L 292 29.88 64.79 23.24
CA GLU L 292 30.63 65.94 23.70
C GLU L 292 29.86 66.85 24.64
N ARG L 293 28.55 66.70 24.76
CA ARG L 293 27.72 67.56 25.60
C ARG L 293 26.76 66.73 26.44
N LEU L 294 27.29 65.68 27.07
CA LEU L 294 26.51 64.80 27.92
C LEU L 294 26.64 65.26 29.37
N PHE L 295 25.50 65.54 30.00
CA PHE L 295 25.47 66.04 31.38
C PHE L 295 26.30 67.31 31.54
N GLU L 296 26.20 68.19 30.55
CA GLU L 296 27.01 69.41 30.57
C GLU L 296 26.61 70.33 31.72
N GLN L 297 25.31 70.48 31.97
CA GLN L 297 24.87 71.35 33.06
C GLN L 297 25.14 70.73 34.42
N VAL L 298 24.83 69.44 34.57
CA VAL L 298 24.97 68.80 35.88
C VAL L 298 26.45 68.69 36.28
N MET L 299 27.29 68.22 35.36
CA MET L 299 28.70 68.02 35.65
C MET L 299 29.51 69.26 35.32
N ARG L 300 30.73 69.31 35.86
CA ARG L 300 31.62 70.41 35.54
C ARG L 300 31.99 70.42 34.06
N ILE L 301 32.25 69.24 33.49
CA ILE L 301 32.55 69.10 32.08
C ILE L 301 31.69 67.98 31.51
N GLY L 302 31.54 67.98 30.19
CA GLY L 302 30.73 66.98 29.53
C GLY L 302 31.37 65.60 29.56
N LEU L 303 30.58 64.61 29.16
CA LEU L 303 31.01 63.22 29.15
C LEU L 303 30.88 62.66 27.73
N ASP L 304 31.70 61.65 27.44
CA ASP L 304 31.73 60.99 26.14
C ASP L 304 31.09 59.62 26.30
N LEU L 305 29.86 59.47 25.79
CA LEU L 305 29.12 58.22 25.98
C LEU L 305 29.80 57.02 25.35
N PRO L 306 30.23 57.05 24.08
CA PRO L 306 30.96 55.87 23.55
C PRO L 306 32.24 55.57 24.31
N ALA L 307 32.98 56.60 24.71
CA ALA L 307 34.19 56.37 25.49
C ALA L 307 33.85 55.74 26.84
N LEU L 308 32.76 56.19 27.46
CA LEU L 308 32.31 55.55 28.69
C LEU L 308 31.92 54.10 28.45
N ASN L 309 31.32 53.80 27.30
CA ASN L 309 30.94 52.43 26.99
C ASN L 309 32.18 51.54 26.88
N MET L 310 33.19 51.98 26.14
CA MET L 310 34.42 51.20 26.05
C MET L 310 35.11 51.06 27.39
N GLN L 311 35.14 52.14 28.18
CA GLN L 311 35.80 52.06 29.48
C GLN L 311 35.08 51.10 30.42
N ARG L 312 33.75 51.10 30.40
CA ARG L 312 33.00 50.16 31.24
C ARG L 312 33.16 48.73 30.75
N SER L 313 33.26 48.54 29.43
CA SER L 313 33.51 47.20 28.90
C SER L 313 34.87 46.69 29.35
N ARG L 314 35.88 47.55 29.33
CA ARG L 314 37.20 47.15 29.80
C ARG L 314 37.21 46.90 31.31
N ASP L 315 36.46 47.71 32.07
CA ASP L 315 36.41 47.54 33.52
C ASP L 315 35.81 46.19 33.89
N HIS L 316 34.74 45.78 33.20
CA HIS L 316 34.13 44.49 33.45
C HIS L 316 35.00 43.32 33.00
N GLY L 317 36.08 43.59 32.27
CA GLY L 317 36.95 42.54 31.79
C GLY L 317 36.31 41.63 30.76
N LEU L 318 35.47 42.20 29.89
CA LEU L 318 34.86 41.40 28.84
C LEU L 318 35.90 41.08 27.77
N PRO L 319 35.78 39.90 27.14
CA PRO L 319 36.72 39.55 26.07
C PRO L 319 36.61 40.46 24.86
N GLY L 320 37.49 40.26 23.88
CA GLY L 320 37.53 41.10 22.70
C GLY L 320 36.50 40.70 21.66
N TYR L 321 36.58 41.38 20.52
CA TYR L 321 35.63 41.13 19.44
C TYR L 321 35.76 39.71 18.88
N ASN L 322 36.99 39.23 18.70
CA ASN L 322 37.21 37.93 18.10
C ASN L 322 36.68 36.81 18.99
N ALA L 323 36.86 36.94 20.31
CA ALA L 323 36.38 35.90 21.22
C ALA L 323 34.86 35.79 21.17
N TRP L 324 34.16 36.92 21.15
CA TRP L 324 32.70 36.88 21.07
C TRP L 324 32.24 36.41 19.70
N ARG L 325 32.97 36.75 18.64
CA ARG L 325 32.64 36.23 17.32
C ARG L 325 32.74 34.71 17.29
N ARG L 326 33.79 34.17 17.90
CA ARG L 326 33.94 32.72 17.95
C ARG L 326 32.91 32.08 18.89
N PHE L 327 32.46 32.81 19.90
CA PHE L 327 31.47 32.26 20.82
C PHE L 327 30.14 32.01 20.12
N CYS L 328 29.72 32.92 19.25
CA CYS L 328 28.46 32.79 18.53
C CYS L 328 28.57 31.95 17.27
N GLY L 329 29.76 31.46 16.94
CA GLY L 329 29.96 30.65 15.76
C GLY L 329 30.34 31.43 14.51
N LEU L 330 30.39 32.76 14.58
CA LEU L 330 30.76 33.55 13.42
C LEU L 330 32.27 33.45 13.17
N PRO L 331 32.71 33.62 11.92
CA PRO L 331 34.14 33.56 11.64
C PRO L 331 34.90 34.70 12.29
N GLN L 332 36.17 34.44 12.61
CA GLN L 332 37.01 35.40 13.31
C GLN L 332 37.98 36.04 12.34
N PRO L 333 37.90 37.34 12.09
CA PRO L 333 38.90 38.00 11.23
C PRO L 333 40.26 38.04 11.90
N GLU L 334 41.30 38.07 11.08
CA GLU L 334 42.65 38.13 11.61
C GLU L 334 43.48 39.26 11.01
N THR L 335 43.31 39.57 9.74
CA THR L 335 44.08 40.60 9.07
C THR L 335 43.16 41.76 8.68
N VAL L 336 43.75 42.77 8.04
CA VAL L 336 42.99 43.93 7.61
C VAL L 336 41.97 43.54 6.55
N GLY L 337 42.38 42.70 5.60
CA GLY L 337 41.45 42.28 4.56
C GLY L 337 40.28 41.49 5.08
N GLN L 338 40.55 40.58 6.03
CA GLN L 338 39.46 39.80 6.62
C GLN L 338 38.50 40.69 7.39
N LEU L 339 39.04 41.67 8.14
CA LEU L 339 38.19 42.60 8.86
C LEU L 339 37.34 43.42 7.90
N GLY L 340 37.94 43.88 6.80
CA GLY L 340 37.18 44.63 5.80
C GLY L 340 36.08 43.80 5.17
N THR L 341 36.38 42.52 4.89
CA THR L 341 35.36 41.63 4.34
C THR L 341 34.23 41.42 5.34
N VAL L 342 34.56 41.21 6.62
CA VAL L 342 33.54 40.97 7.63
C VAL L 342 32.66 42.20 7.81
N LEU L 343 33.26 43.38 7.88
CA LEU L 343 32.51 44.61 8.08
C LEU L 343 31.97 45.19 6.77
N ARG L 344 32.35 44.62 5.63
CA ARG L 344 31.91 45.12 4.31
C ARG L 344 32.31 46.58 4.12
N ASN L 345 33.43 46.99 4.72
CA ASN L 345 33.94 48.34 4.57
C ASN L 345 35.44 48.32 4.81
N LEU L 346 36.17 49.11 4.03
CA LEU L 346 37.63 49.12 4.09
C LEU L 346 38.18 50.27 4.94
N LYS L 347 37.63 51.47 4.79
CA LYS L 347 38.13 52.62 5.55
C LYS L 347 37.96 52.40 7.05
N LEU L 348 36.77 51.96 7.45
CA LEU L 348 36.53 51.72 8.88
C LEU L 348 37.40 50.58 9.39
N ALA L 349 37.60 49.54 8.59
CA ALA L 349 38.50 48.46 8.98
C ALA L 349 39.92 48.96 9.13
N ARG L 350 40.37 49.84 8.22
CA ARG L 350 41.71 50.41 8.32
C ARG L 350 41.85 51.23 9.59
N LYS L 351 40.83 52.03 9.93
CA LYS L 351 40.87 52.80 11.17
C LYS L 351 40.94 51.90 12.39
N LEU L 352 40.14 50.83 12.39
CA LEU L 352 40.17 49.89 13.52
C LEU L 352 41.54 49.22 13.65
N MET L 353 42.13 48.84 12.52
CA MET L 353 43.45 48.21 12.57
C MET L 353 44.51 49.19 13.06
N GLU L 354 44.45 50.45 12.60
CA GLU L 354 45.39 51.45 13.07
C GLU L 354 45.18 51.78 14.55
N GLN L 355 43.98 51.55 15.08
CA GLN L 355 43.74 51.79 16.50
C GLN L 355 44.24 50.63 17.36
N TYR L 356 43.69 49.44 17.14
CA TYR L 356 43.97 48.31 18.02
C TYR L 356 45.15 47.47 17.53
N GLY L 357 45.26 47.26 16.22
CA GLY L 357 46.31 46.44 15.66
C GLY L 357 45.94 44.97 15.47
N THR L 358 44.86 44.51 16.09
CA THR L 358 44.41 43.14 15.95
C THR L 358 42.93 43.07 16.27
N PRO L 359 42.16 42.22 15.59
CA PRO L 359 40.73 42.14 15.88
C PRO L 359 40.43 41.66 17.30
N ASN L 360 41.34 40.93 17.93
CA ASN L 360 41.11 40.44 19.29
C ASN L 360 41.09 41.56 20.32
N ASN L 361 41.68 42.71 20.02
CA ASN L 361 41.70 43.84 20.93
C ASN L 361 40.54 44.81 20.71
N ILE L 362 39.71 44.58 19.70
CA ILE L 362 38.58 45.48 19.43
C ILE L 362 37.54 45.33 20.52
N ASP L 363 37.05 46.46 21.03
CA ASP L 363 36.04 46.43 22.08
C ASP L 363 34.74 45.85 21.54
N ILE L 364 33.95 45.27 22.46
CA ILE L 364 32.72 44.59 22.06
C ILE L 364 31.72 45.57 21.47
N TRP L 365 31.58 46.75 22.08
CA TRP L 365 30.58 47.72 21.63
C TRP L 365 30.87 48.19 20.21
N MET L 366 32.12 48.56 19.93
CA MET L 366 32.47 49.05 18.61
C MET L 366 32.32 47.97 17.55
N GLY L 367 32.73 46.74 17.86
CA GLY L 367 32.55 45.65 16.92
C GLY L 367 31.08 45.37 16.64
N GLY L 368 30.25 45.44 17.68
CA GLY L 368 28.83 45.21 17.49
C GLY L 368 28.16 46.30 16.67
N VAL L 369 28.50 47.57 16.93
CA VAL L 369 27.84 48.68 16.22
C VAL L 369 28.49 48.99 14.89
N SER L 370 29.63 48.39 14.57
CA SER L 370 30.27 48.60 13.28
C SER L 370 29.88 47.56 12.24
N GLU L 371 29.36 46.42 12.68
CA GLU L 371 28.94 45.39 11.74
C GLU L 371 27.73 45.88 10.93
N PRO L 372 27.64 45.48 9.66
CA PRO L 372 26.47 45.86 8.86
C PRO L 372 25.19 45.27 9.44
N LEU L 373 24.11 46.05 9.35
CA LEU L 373 22.84 45.64 9.92
C LEU L 373 22.23 44.50 9.11
N LYS L 374 21.46 43.65 9.81
CA LYS L 374 20.77 42.56 9.15
C LYS L 374 19.61 43.10 8.31
N ARG L 375 19.06 42.23 7.47
CA ARG L 375 17.92 42.61 6.65
C ARG L 375 16.71 42.85 7.54
N LYS L 376 16.14 44.05 7.45
CA LYS L 376 15.00 44.47 8.27
C LYS L 376 15.33 44.39 9.77
N GLY L 377 16.61 44.61 10.11
CA GLY L 377 17.03 44.62 11.49
C GLY L 377 17.88 45.84 11.79
N ARG L 378 18.20 46.02 13.06
CA ARG L 378 18.95 47.18 13.51
C ARG L 378 20.24 46.81 14.25
N VAL L 379 20.66 45.55 14.20
CA VAL L 379 21.88 45.11 14.86
C VAL L 379 22.65 44.17 13.93
N GLY L 380 23.94 44.05 14.20
CA GLY L 380 24.77 43.11 13.47
C GLY L 380 24.55 41.70 13.96
N PRO L 381 25.18 40.74 13.25
CA PRO L 381 24.99 39.32 13.62
C PRO L 381 25.43 39.00 15.04
N LEU L 382 26.51 39.62 15.53
CA LEU L 382 27.00 39.31 16.87
C LEU L 382 26.05 39.86 17.94
N LEU L 383 25.66 41.12 17.80
CA LEU L 383 24.70 41.70 18.74
C LEU L 383 23.37 40.98 18.68
N ALA L 384 22.93 40.61 17.48
CA ALA L 384 21.69 39.84 17.34
C ALA L 384 21.80 38.50 18.07
N CYS L 385 22.94 37.82 17.92
CA CYS L 385 23.13 36.54 18.59
C CYS L 385 23.07 36.71 20.10
N ILE L 386 23.79 37.69 20.63
CA ILE L 386 23.83 37.89 22.08
C ILE L 386 22.45 38.24 22.62
N ILE L 387 21.77 39.18 21.96
CA ILE L 387 20.47 39.64 22.43
C ILE L 387 19.44 38.52 22.34
N GLY L 388 19.43 37.78 21.24
CA GLY L 388 18.49 36.67 21.10
C GLY L 388 18.71 35.60 22.14
N THR L 389 19.98 35.24 22.39
CA THR L 389 20.27 34.25 23.42
C THR L 389 19.81 34.72 24.79
N GLN L 390 20.09 35.98 25.13
CA GLN L 390 19.71 36.50 26.43
C GLN L 390 18.19 36.51 26.61
N PHE L 391 17.47 36.95 25.57
CA PHE L 391 16.02 37.03 25.71
C PHE L 391 15.36 35.66 25.69
N ARG L 392 15.92 34.70 24.93
CA ARG L 392 15.41 33.34 25.00
C ARG L 392 15.62 32.74 26.38
N LYS L 393 16.79 33.00 26.98
CA LYS L 393 17.02 32.53 28.35
C LYS L 393 16.05 33.18 29.32
N LEU L 394 15.79 34.49 29.15
CA LEU L 394 14.84 35.17 30.03
C LEU L 394 13.44 34.59 29.89
N ARG L 395 13.00 34.31 28.67
CA ARG L 395 11.63 33.83 28.47
C ARG L 395 11.48 32.39 28.93
N ASP L 396 12.44 31.52 28.60
CA ASP L 396 12.32 30.11 28.96
C ASP L 396 12.41 29.92 30.48
N GLY L 397 13.28 30.66 31.14
CA GLY L 397 13.51 30.50 32.55
C GLY L 397 12.56 31.23 33.47
N ASP L 398 11.58 31.94 32.92
CA ASP L 398 10.61 32.69 33.72
C ASP L 398 9.39 31.82 34.00
N ARG L 399 9.18 31.48 35.26
CA ARG L 399 8.04 30.64 35.62
C ARG L 399 6.72 31.40 35.53
N PHE L 400 6.75 32.72 35.72
CA PHE L 400 5.55 33.55 35.64
C PHE L 400 5.32 34.10 34.24
N TRP L 401 5.82 33.42 33.21
CA TRP L 401 5.56 33.84 31.83
C TRP L 401 4.07 33.83 31.55
N TRP L 402 3.60 34.87 30.84
CA TRP L 402 2.16 35.03 30.63
C TRP L 402 1.58 33.88 29.82
N GLU L 403 2.39 33.23 28.98
CA GLU L 403 1.92 32.10 28.19
C GLU L 403 2.01 30.77 28.92
N ASN L 404 2.60 30.75 30.11
CA ASN L 404 2.69 29.51 30.87
C ASN L 404 1.34 29.10 31.41
N GLU L 405 1.12 27.79 31.51
CA GLU L 405 -0.14 27.27 32.01
C GLU L 405 -0.30 27.59 33.49
N GLY L 406 -1.56 27.78 33.91
CA GLY L 406 -1.85 28.08 35.30
C GLY L 406 -1.73 29.55 35.65
N VAL L 407 -0.82 30.25 34.97
CA VAL L 407 -0.63 31.67 35.24
C VAL L 407 -1.88 32.46 34.85
N PHE L 408 -2.46 32.16 33.69
CA PHE L 408 -3.63 32.86 33.21
C PHE L 408 -4.64 31.87 32.66
N SER L 409 -5.92 32.28 32.68
CA SER L 409 -6.96 31.48 32.06
C SER L 409 -6.99 31.74 30.56
N MET L 410 -7.68 30.84 29.85
CA MET L 410 -7.75 30.95 28.38
C MET L 410 -8.44 32.23 27.96
N GLN L 411 -9.56 32.57 28.60
CA GLN L 411 -10.25 33.82 28.29
C GLN L 411 -9.37 35.03 28.64
N GLN L 412 -8.65 34.95 29.76
CA GLN L 412 -7.73 36.02 30.13
C GLN L 412 -6.62 36.15 29.09
N ARG L 413 -6.11 35.03 28.60
CA ARG L 413 -5.07 35.07 27.57
C ARG L 413 -5.59 35.71 26.29
N GLN L 414 -6.82 35.35 25.89
CA GLN L 414 -7.40 35.96 24.69
C GLN L 414 -7.61 37.46 24.88
N ALA L 415 -8.05 37.88 26.06
CA ALA L 415 -8.23 39.30 26.33
C ALA L 415 -6.91 40.03 26.31
N LEU L 416 -5.85 39.42 26.86
CA LEU L 416 -4.55 40.06 26.91
C LEU L 416 -3.90 40.14 25.53
N ALA L 417 -4.18 39.16 24.66
CA ALA L 417 -3.54 39.12 23.34
C ALA L 417 -3.94 40.29 22.45
N GLN L 418 -4.99 41.03 22.80
CA GLN L 418 -5.46 42.16 22.00
C GLN L 418 -4.91 43.50 22.49
N ILE L 419 -3.99 43.49 23.47
CA ILE L 419 -3.46 44.74 23.98
C ILE L 419 -2.48 45.35 22.98
N SER L 420 -2.30 46.66 23.09
CA SER L 420 -1.38 47.38 22.20
C SER L 420 -0.95 48.66 22.89
N LEU L 421 0.26 49.11 22.55
CA LEU L 421 0.77 50.36 23.10
C LEU L 421 -0.06 51.58 22.72
N PRO L 422 -0.48 51.78 21.45
CA PRO L 422 -1.32 52.95 21.16
C PRO L 422 -2.63 52.97 21.94
N ARG L 423 -3.24 51.80 22.17
CA ARG L 423 -4.46 51.75 22.95
C ARG L 423 -4.23 52.26 24.37
N ILE L 424 -3.12 51.85 24.99
CA ILE L 424 -2.81 52.31 26.34
C ILE L 424 -2.48 53.79 26.34
N ILE L 425 -1.73 54.26 25.33
CA ILE L 425 -1.38 55.67 25.27
C ILE L 425 -2.62 56.53 25.01
N CYS L 426 -3.68 55.95 24.47
CA CYS L 426 -4.93 56.70 24.33
C CYS L 426 -5.82 56.59 25.55
N ASP L 427 -5.75 55.49 26.28
CA ASP L 427 -6.67 55.23 27.38
C ASP L 427 -6.18 55.76 28.72
N ASN L 428 -5.04 56.45 28.76
CA ASN L 428 -4.47 56.92 30.02
C ASN L 428 -3.97 58.37 29.93
N THR L 429 -4.33 59.09 28.88
CA THR L 429 -3.96 60.50 28.76
C THR L 429 -4.95 61.17 27.82
N GLY L 430 -4.75 62.48 27.62
CA GLY L 430 -5.63 63.29 26.80
C GLY L 430 -5.37 63.24 25.31
N ILE L 431 -4.58 62.26 24.85
CA ILE L 431 -4.30 62.15 23.42
C ILE L 431 -5.58 61.79 22.66
N THR L 432 -5.61 62.16 21.39
CA THR L 432 -6.78 61.90 20.55
C THR L 432 -6.42 61.37 19.17
N THR L 433 -5.14 61.22 18.85
CA THR L 433 -4.70 60.68 17.57
C THR L 433 -3.43 59.88 17.79
N VAL L 434 -3.49 58.57 17.52
CA VAL L 434 -2.35 57.69 17.71
C VAL L 434 -2.02 57.03 16.37
N SER L 435 -0.87 56.37 16.34
CA SER L 435 -0.41 55.69 15.14
C SER L 435 -1.11 54.34 15.00
N LYS L 436 -0.83 53.64 13.91
CA LYS L 436 -1.43 52.35 13.63
C LYS L 436 -0.73 51.26 14.44
N ASN L 437 -1.01 50.00 14.10
CA ASN L 437 -0.35 48.88 14.77
C ASN L 437 1.16 48.92 14.49
N ASN L 438 1.93 48.31 15.39
CA ASN L 438 3.39 48.38 15.37
C ASN L 438 3.85 49.84 15.43
N ILE L 439 3.55 50.45 16.58
CA ILE L 439 3.81 51.87 16.78
C ILE L 439 5.28 52.21 16.59
N PHE L 440 6.17 51.23 16.81
CA PHE L 440 7.60 51.47 16.62
C PHE L 440 7.96 51.75 15.17
N MET L 441 7.07 51.45 14.22
CA MET L 441 7.34 51.65 12.80
C MET L 441 6.74 52.94 12.25
N SER L 442 5.55 53.34 12.72
CA SER L 442 4.87 54.50 12.18
C SER L 442 5.49 55.78 12.74
N ASN L 443 5.96 56.66 11.85
CA ASN L 443 6.60 57.90 12.27
C ASN L 443 6.21 59.09 11.39
N SER L 444 5.17 58.98 10.57
CA SER L 444 4.78 60.04 9.65
C SER L 444 3.32 60.39 9.86
N TYR L 445 3.04 61.69 9.97
CA TYR L 445 1.69 62.19 10.16
C TYR L 445 1.23 62.93 8.91
N PRO L 446 0.00 62.70 8.43
CA PRO L 446 -0.98 61.73 8.93
C PRO L 446 -1.06 60.49 8.05
N ARG L 447 0.07 60.00 7.56
CA ARG L 447 0.05 58.87 6.64
C ARG L 447 -0.45 57.60 7.32
N ASP L 448 -0.01 57.34 8.55
CA ASP L 448 -0.36 56.12 9.28
C ASP L 448 -0.80 56.46 10.69
N PHE L 449 -1.69 57.43 10.82
CA PHE L 449 -2.27 57.81 12.10
C PHE L 449 -3.78 57.63 12.05
N VAL L 450 -4.34 57.07 13.13
CA VAL L 450 -5.76 56.79 13.21
C VAL L 450 -6.37 57.66 14.31
N ASN L 451 -7.69 57.80 14.24
CA ASN L 451 -8.42 58.59 15.24
C ASN L 451 -8.61 57.85 16.56
N CYS L 452 -8.05 56.65 16.68
CA CYS L 452 -8.06 55.84 17.90
C CYS L 452 -9.41 55.84 18.62
N SER L 453 -10.49 55.82 17.86
CA SER L 453 -11.82 55.62 18.40
C SER L 453 -12.45 54.30 17.96
N THR L 454 -11.79 53.56 17.05
CA THR L 454 -12.29 52.29 16.57
C THR L 454 -11.50 51.08 17.07
N LEU L 455 -10.29 51.29 17.59
CA LEU L 455 -9.51 50.17 18.08
C LEU L 455 -10.15 49.57 19.33
N PRO L 456 -10.07 48.26 19.50
CA PRO L 456 -10.71 47.63 20.65
C PRO L 456 -10.03 48.00 21.96
N ALA L 457 -10.80 47.98 23.04
CA ALA L 457 -10.28 48.23 24.37
C ALA L 457 -9.91 46.92 25.05
N LEU L 458 -9.36 47.03 26.26
CA LEU L 458 -8.98 45.86 27.04
C LEU L 458 -10.22 45.32 27.75
N ASN L 459 -10.67 44.14 27.36
CA ASN L 459 -11.86 43.53 27.95
C ASN L 459 -11.48 42.84 29.25
N LEU L 460 -11.93 43.38 30.37
CA LEU L 460 -11.65 42.81 31.69
C LEU L 460 -12.82 42.01 32.24
N ALA L 461 -13.81 41.68 31.41
CA ALA L 461 -14.98 40.94 31.86
C ALA L 461 -14.65 39.52 32.30
N SER L 462 -13.48 39.00 31.96
CA SER L 462 -13.08 37.67 32.34
C SER L 462 -12.42 37.61 33.71
N TRP L 463 -12.28 38.74 34.39
CA TRP L 463 -11.63 38.79 35.70
C TRP L 463 -12.62 38.68 36.86
N ARG L 464 -13.90 38.46 36.57
CA ARG L 464 -14.90 38.33 37.64
C ARG L 464 -14.64 37.08 38.46
N GLU L 465 -14.78 37.22 39.78
CA GLU L 465 -14.56 36.11 40.70
C GLU L 465 -15.84 35.33 40.95
N ASP M 7 11.87 -24.77 -32.13
CA ASP M 7 10.97 -24.00 -31.28
C ASP M 7 10.81 -22.58 -31.79
N LYS M 8 10.55 -22.45 -33.08
CA LYS M 8 10.32 -21.16 -33.73
C LYS M 8 8.86 -20.92 -34.10
N TYR M 9 8.16 -21.96 -34.53
CA TYR M 9 6.76 -21.85 -34.92
C TYR M 9 5.94 -22.91 -34.19
N ARG M 10 4.62 -22.80 -34.32
CA ARG M 10 3.72 -23.76 -33.71
C ARG M 10 3.82 -25.13 -34.39
N THR M 11 3.29 -26.13 -33.72
CA THR M 11 3.18 -27.46 -34.28
C THR M 11 1.74 -27.69 -34.75
N ILE M 12 1.60 -28.38 -35.88
CA ILE M 12 0.27 -28.62 -36.43
C ILE M 12 -0.56 -29.46 -35.48
N THR M 13 0.04 -30.51 -34.90
CA THR M 13 -0.68 -31.35 -33.96
C THR M 13 -0.92 -30.65 -32.63
N GLY M 14 -0.16 -29.61 -32.32
CA GLY M 14 -0.29 -28.92 -31.05
C GLY M 14 0.60 -29.45 -29.96
N MET M 15 1.35 -30.52 -30.20
CA MET M 15 2.23 -31.07 -29.18
C MET M 15 3.42 -30.14 -28.94
N CYS M 16 4.11 -30.39 -27.83
CA CYS M 16 5.30 -29.67 -27.41
C CYS M 16 5.02 -28.20 -27.10
N ASN M 17 3.75 -27.81 -26.97
CA ASN M 17 3.45 -26.45 -26.56
C ASN M 17 3.81 -26.22 -25.09
N ASN M 18 3.62 -27.24 -24.25
CA ASN M 18 4.02 -27.20 -22.85
C ASN M 18 5.23 -28.10 -22.68
N ARG M 19 6.34 -27.53 -22.23
CA ARG M 19 7.58 -28.29 -22.14
C ARG M 19 7.48 -29.40 -21.12
N ARG M 20 6.86 -29.14 -19.97
CA ARG M 20 6.78 -30.13 -18.91
C ARG M 20 5.92 -31.32 -19.33
N SER M 21 4.72 -31.07 -19.83
CA SER M 21 3.84 -32.11 -20.34
C SER M 21 3.53 -31.83 -21.81
N PRO M 22 4.25 -32.46 -22.74
CA PRO M 22 4.09 -32.08 -24.16
C PRO M 22 2.69 -32.34 -24.71
N THR M 23 1.93 -33.24 -24.11
CA THR M 23 0.62 -33.60 -24.62
C THR M 23 -0.49 -32.69 -24.14
N LEU M 24 -0.19 -31.69 -23.31
CA LEU M 24 -1.21 -30.80 -22.78
C LEU M 24 -1.62 -29.80 -23.85
N GLY M 25 -2.91 -29.77 -24.16
CA GLY M 25 -3.42 -28.89 -25.18
C GLY M 25 -3.28 -29.39 -26.61
N ALA M 26 -2.94 -30.66 -26.79
CA ALA M 26 -2.77 -31.22 -28.12
C ALA M 26 -4.12 -31.67 -28.68
N SER M 27 -4.11 -32.34 -29.83
CA SER M 27 -5.32 -32.81 -30.47
C SER M 27 -5.52 -34.30 -30.21
N ASN M 28 -6.77 -34.74 -30.38
CA ASN M 28 -7.16 -36.13 -30.14
C ASN M 28 -6.80 -36.56 -28.72
N ARG M 29 -7.15 -35.71 -27.75
CA ARG M 29 -6.89 -35.98 -26.34
C ARG M 29 -8.17 -35.77 -25.55
N ALA M 30 -8.25 -36.44 -24.41
CA ALA M 30 -9.45 -36.39 -23.59
C ALA M 30 -9.66 -35.01 -23.00
N PHE M 31 -10.93 -34.67 -22.76
CA PHE M 31 -11.28 -33.42 -22.12
C PHE M 31 -10.85 -33.42 -20.65
N VAL M 32 -10.76 -32.23 -20.09
CA VAL M 32 -10.47 -32.05 -18.67
C VAL M 32 -11.77 -31.76 -17.94
N ARG M 33 -12.00 -32.44 -16.83
CA ARG M 33 -13.23 -32.31 -16.06
C ARG M 33 -13.01 -31.38 -14.89
N TRP M 34 -13.75 -30.28 -14.86
CA TRP M 34 -13.69 -29.36 -13.72
C TRP M 34 -14.47 -29.90 -12.54
N LEU M 35 -15.54 -30.66 -12.79
CA LEU M 35 -16.33 -31.31 -11.76
C LEU M 35 -16.48 -32.78 -12.10
N PRO M 36 -16.60 -33.65 -11.09
CA PRO M 36 -16.76 -35.08 -11.37
C PRO M 36 -18.03 -35.35 -12.16
N ALA M 37 -17.96 -36.37 -13.02
CA ALA M 37 -19.08 -36.71 -13.88
C ALA M 37 -20.23 -37.29 -13.07
N GLU M 38 -21.45 -37.08 -13.58
CA GLU M 38 -22.67 -37.54 -12.92
C GLU M 38 -23.44 -38.41 -13.92
N TYR M 39 -23.15 -39.71 -13.92
CA TYR M 39 -23.81 -40.67 -14.81
C TYR M 39 -24.89 -41.42 -14.05
N GLU M 40 -25.74 -42.12 -14.83
CA GLU M 40 -26.88 -42.80 -14.24
C GLU M 40 -26.45 -43.93 -13.31
N ASP M 41 -25.57 -44.81 -13.79
CA ASP M 41 -25.05 -45.88 -12.94
C ASP M 41 -23.77 -45.47 -12.23
N GLY M 42 -23.05 -44.49 -12.75
CA GLY M 42 -21.85 -44.00 -12.10
C GLY M 42 -20.69 -43.78 -13.05
N PHE M 43 -20.59 -44.57 -14.10
CA PHE M 43 -19.45 -44.36 -14.98
C PHE M 43 -19.80 -44.21 -16.45
N SER M 44 -20.72 -45.02 -16.98
CA SER M 44 -20.93 -45.07 -18.43
C SER M 44 -22.41 -45.18 -18.77
N LEU M 45 -23.26 -44.39 -18.11
CA LEU M 45 -24.66 -44.41 -18.51
C LEU M 45 -25.30 -43.03 -18.32
N PRO M 46 -25.92 -42.48 -19.33
CA PRO M 46 -26.56 -41.17 -19.20
C PRO M 46 -27.92 -41.28 -18.53
N TYR M 47 -28.34 -40.17 -17.93
CA TYR M 47 -29.64 -40.14 -17.27
C TYR M 47 -30.75 -40.22 -18.30
N GLY M 48 -31.77 -41.03 -18.00
CA GLY M 48 -32.84 -41.29 -18.93
C GLY M 48 -32.59 -42.46 -19.87
N TRP M 49 -31.46 -43.14 -19.74
CA TRP M 49 -31.19 -44.30 -20.59
C TRP M 49 -32.21 -45.41 -20.32
N THR M 50 -32.50 -45.67 -19.05
CA THR M 50 -33.43 -46.72 -18.66
C THR M 50 -34.67 -46.10 -18.02
N PRO M 51 -35.87 -46.50 -18.42
CA PRO M 51 -37.07 -45.94 -17.82
C PRO M 51 -37.21 -46.33 -16.36
N GLY M 52 -37.85 -45.44 -15.60
CA GLY M 52 -38.13 -45.70 -14.20
C GLY M 52 -37.05 -45.32 -13.23
N VAL M 53 -35.91 -44.83 -13.70
CA VAL M 53 -34.81 -44.41 -12.85
C VAL M 53 -34.85 -42.90 -12.71
N LYS M 54 -34.88 -42.42 -11.47
CA LYS M 54 -35.00 -41.01 -11.17
C LYS M 54 -33.65 -40.41 -10.81
N ARG M 55 -33.54 -39.10 -10.99
CA ARG M 55 -32.31 -38.35 -10.73
C ARG M 55 -32.53 -37.46 -9.52
N ASN M 56 -31.70 -37.66 -8.49
CA ASN M 56 -31.75 -36.85 -7.26
C ASN M 56 -33.14 -36.88 -6.64
N GLY M 57 -33.81 -38.03 -6.74
CA GLY M 57 -35.14 -38.18 -6.18
C GLY M 57 -36.26 -37.62 -7.03
N PHE M 58 -35.98 -37.22 -8.27
CA PHE M 58 -37.00 -36.69 -9.16
C PHE M 58 -36.85 -37.32 -10.54
N PRO M 59 -37.95 -37.48 -11.26
CA PRO M 59 -37.87 -38.09 -12.60
C PRO M 59 -37.13 -37.18 -13.57
N VAL M 60 -36.50 -37.81 -14.56
CA VAL M 60 -35.74 -37.08 -15.57
C VAL M 60 -36.69 -36.62 -16.66
N ALA M 61 -36.69 -35.31 -16.92
CA ALA M 61 -37.60 -34.73 -17.91
C ALA M 61 -37.08 -34.98 -19.32
N LEU M 62 -38.00 -35.32 -20.22
CA LEU M 62 -37.64 -35.48 -21.63
C LEU M 62 -37.18 -34.15 -22.19
N ALA M 63 -36.02 -34.15 -22.86
CA ALA M 63 -35.43 -32.91 -23.34
C ALA M 63 -36.34 -32.22 -24.35
N ARG M 64 -36.95 -33.00 -25.24
CA ARG M 64 -37.88 -32.43 -26.21
C ARG M 64 -39.07 -31.77 -25.53
N ALA M 65 -39.54 -32.36 -24.42
CA ALA M 65 -40.69 -31.80 -23.71
C ALA M 65 -40.38 -30.41 -23.16
N VAL M 66 -39.24 -30.26 -22.48
CA VAL M 66 -38.89 -28.96 -21.91
C VAL M 66 -38.57 -27.96 -23.01
N SER M 67 -37.90 -28.41 -24.09
CA SER M 67 -37.69 -27.52 -25.22
C SER M 67 -39.02 -27.06 -25.82
N ASN M 68 -40.05 -27.90 -25.75
CA ASN M 68 -41.37 -27.51 -26.23
C ASN M 68 -42.03 -26.50 -25.31
N GLU M 69 -41.93 -26.73 -23.99
CA GLU M 69 -42.68 -25.93 -23.03
C GLU M 69 -41.95 -24.68 -22.54
N ILE M 70 -40.68 -24.51 -22.88
CA ILE M 70 -39.92 -23.38 -22.35
C ILE M 70 -39.30 -22.56 -23.49
N VAL M 71 -38.52 -23.23 -24.34
CA VAL M 71 -37.79 -22.51 -25.38
C VAL M 71 -38.74 -21.96 -26.43
N ARG M 72 -39.79 -22.72 -26.76
CA ARG M 72 -40.67 -22.35 -27.87
C ARG M 72 -41.31 -20.99 -27.65
N PHE M 73 -41.32 -20.17 -28.70
CA PHE M 73 -41.96 -18.87 -28.68
C PHE M 73 -42.32 -18.50 -30.11
N PRO M 74 -43.40 -17.74 -30.32
CA PRO M 74 -43.79 -17.38 -31.70
C PRO M 74 -42.74 -16.47 -32.34
N THR M 75 -42.34 -16.83 -33.56
CA THR M 75 -41.27 -16.12 -34.26
C THR M 75 -41.67 -14.68 -34.57
N ASP M 76 -42.97 -14.41 -34.68
CA ASP M 76 -43.43 -13.06 -35.04
C ASP M 76 -42.92 -12.02 -34.07
N GLN M 77 -42.75 -12.38 -32.79
CA GLN M 77 -42.35 -11.43 -31.75
C GLN M 77 -40.84 -11.38 -31.55
N LEU M 78 -40.06 -11.60 -32.60
CA LEU M 78 -38.61 -11.51 -32.49
C LEU M 78 -38.18 -10.07 -32.20
N THR M 79 -37.19 -9.93 -31.32
CA THR M 79 -36.70 -8.62 -30.93
C THR M 79 -35.30 -8.41 -31.47
N PRO M 80 -35.09 -7.53 -32.45
CA PRO M 80 -33.74 -7.28 -32.94
C PRO M 80 -32.86 -6.65 -31.88
N ASP M 81 -31.57 -6.95 -31.97
CA ASP M 81 -30.57 -6.41 -31.05
C ASP M 81 -30.01 -5.13 -31.66
N GLN M 82 -30.27 -3.99 -31.04
CA GLN M 82 -29.81 -2.71 -31.56
C GLN M 82 -28.35 -2.43 -31.26
N GLU M 83 -27.68 -3.27 -30.46
CA GLU M 83 -26.31 -3.03 -30.08
C GLU M 83 -25.33 -4.04 -30.66
N ARG M 84 -25.80 -5.04 -31.39
CA ARG M 84 -24.93 -6.07 -31.95
C ARG M 84 -25.35 -6.36 -33.38
N SER M 85 -24.46 -7.01 -34.12
CA SER M 85 -24.69 -7.42 -35.49
C SER M 85 -24.59 -8.93 -35.60
N LEU M 86 -24.79 -9.46 -36.81
CA LEU M 86 -24.69 -10.89 -37.03
C LEU M 86 -23.24 -11.38 -37.02
N MET M 87 -22.29 -10.47 -37.27
CA MET M 87 -20.88 -10.86 -37.19
C MET M 87 -20.52 -11.30 -35.77
N PHE M 88 -21.25 -10.81 -34.77
CA PHE M 88 -21.11 -11.32 -33.41
C PHE M 88 -21.26 -12.84 -33.39
N MET M 89 -22.43 -13.34 -33.82
CA MET M 89 -22.68 -14.77 -33.83
C MET M 89 -21.71 -15.50 -34.74
N GLN M 90 -21.42 -14.92 -35.91
CA GLN M 90 -20.56 -15.61 -36.86
C GLN M 90 -19.15 -15.80 -36.31
N TRP M 91 -18.58 -14.75 -35.72
CA TRP M 91 -17.25 -14.89 -35.13
C TRP M 91 -17.27 -15.80 -33.92
N GLY M 92 -18.35 -15.80 -33.15
CA GLY M 92 -18.46 -16.77 -32.07
C GLY M 92 -18.38 -18.19 -32.58
N GLN M 93 -19.13 -18.48 -33.66
CA GLN M 93 -19.11 -19.83 -34.22
C GLN M 93 -17.74 -20.17 -34.80
N LEU M 94 -17.08 -19.21 -35.43
CA LEU M 94 -15.76 -19.46 -36.00
C LEU M 94 -14.74 -19.77 -34.90
N LEU M 95 -14.72 -18.96 -33.85
CA LEU M 95 -13.81 -19.22 -32.73
C LEU M 95 -14.13 -20.55 -32.06
N ASP M 96 -15.42 -20.90 -32.00
CA ASP M 96 -15.81 -22.19 -31.48
C ASP M 96 -15.22 -23.32 -32.31
N HIS M 97 -15.41 -23.26 -33.63
CA HIS M 97 -14.85 -24.27 -34.51
C HIS M 97 -13.33 -24.31 -34.41
N ASP M 98 -12.73 -23.20 -33.98
CA ASP M 98 -11.30 -23.23 -33.66
C ASP M 98 -11.05 -24.08 -32.42
N LEU M 99 -11.81 -23.84 -31.35
CA LEU M 99 -11.44 -24.35 -30.03
C LEU M 99 -11.65 -25.86 -29.93
N ASP M 100 -12.88 -26.33 -30.10
CA ASP M 100 -13.20 -27.70 -29.75
C ASP M 100 -14.07 -28.35 -30.83
N PHE M 101 -14.04 -29.69 -30.84
CA PHE M 101 -14.89 -30.48 -31.71
C PHE M 101 -14.97 -31.88 -31.13
N THR M 102 -16.18 -32.30 -30.74
CA THR M 102 -16.36 -33.60 -30.13
C THR M 102 -16.82 -34.59 -31.19
N PRO M 103 -16.01 -35.57 -31.57
CA PRO M 103 -16.41 -36.50 -32.63
C PRO M 103 -17.41 -37.53 -32.14
N GLU M 104 -18.15 -38.08 -33.10
CA GLU M 104 -19.10 -39.15 -32.85
C GLU M 104 -18.92 -40.24 -33.90
N PRO M 105 -19.22 -41.49 -33.57
CA PRO M 105 -19.06 -42.57 -34.54
C PRO M 105 -20.01 -42.43 -35.71
N ALA M 106 -19.58 -42.92 -36.86
CA ALA M 106 -20.39 -42.87 -38.08
C ALA M 106 -21.01 -44.21 -38.38
N GLN N 9 -33.17 -48.53 -29.34
CA GLN N 9 -32.27 -47.89 -28.39
C GLN N 9 -31.11 -48.82 -28.02
N GLN N 10 -30.06 -48.79 -28.84
CA GLN N 10 -28.87 -49.59 -28.64
C GLN N 10 -27.65 -48.71 -28.82
N PRO N 11 -26.59 -48.93 -28.04
CA PRO N 11 -25.39 -48.11 -28.20
C PRO N 11 -24.83 -48.26 -29.60
N PRO N 12 -24.27 -47.19 -30.17
CA PRO N 12 -24.08 -45.86 -29.58
C PRO N 12 -25.28 -44.94 -29.76
N CYS N 13 -26.40 -45.44 -30.29
CA CYS N 13 -27.57 -44.59 -30.50
C CYS N 13 -28.20 -44.22 -29.17
N PHE N 14 -28.55 -42.94 -29.02
CA PHE N 14 -29.23 -42.42 -27.84
C PHE N 14 -30.40 -41.56 -28.30
N PRO N 15 -31.43 -42.18 -28.87
CA PRO N 15 -32.49 -41.39 -29.50
C PRO N 15 -33.29 -40.57 -28.49
N LEU N 16 -33.86 -39.47 -28.99
CA LEU N 16 -34.65 -38.58 -28.18
C LEU N 16 -36.11 -39.00 -28.22
N LYS N 17 -36.69 -39.23 -27.04
CA LYS N 17 -38.10 -39.60 -26.95
C LYS N 17 -38.99 -38.39 -27.27
N ILE N 18 -40.20 -38.68 -27.70
CA ILE N 18 -41.17 -37.66 -28.11
C ILE N 18 -42.26 -37.61 -27.04
N PRO N 19 -42.50 -36.47 -26.41
CA PRO N 19 -43.56 -36.37 -25.41
C PRO N 19 -44.93 -36.39 -26.07
N PRO N 20 -45.97 -36.72 -25.32
CA PRO N 20 -47.33 -36.66 -25.89
C PRO N 20 -47.72 -35.24 -26.25
N ASN N 21 -48.58 -35.12 -27.25
CA ASN N 21 -49.08 -33.83 -27.74
C ASN N 21 -47.93 -32.93 -28.20
N ASP N 22 -47.03 -33.50 -29.00
CA ASP N 22 -45.96 -32.71 -29.60
C ASP N 22 -46.52 -31.91 -30.78
N PRO N 23 -46.30 -30.59 -30.82
CA PRO N 23 -46.86 -29.78 -31.91
C PRO N 23 -46.40 -30.19 -33.30
N ARG N 24 -45.16 -30.64 -33.45
CA ARG N 24 -44.62 -30.95 -34.77
C ARG N 24 -44.79 -32.42 -35.14
N ILE N 25 -44.22 -33.31 -34.34
CA ILE N 25 -44.23 -34.74 -34.63
C ILE N 25 -45.46 -35.34 -33.98
N LYS N 26 -46.51 -35.57 -34.78
CA LYS N 26 -47.73 -36.17 -34.24
C LYS N 26 -47.49 -37.59 -33.76
N ASN N 27 -46.74 -38.38 -34.52
CA ASN N 27 -46.47 -39.75 -34.13
C ASN N 27 -45.53 -39.79 -32.93
N GLN N 28 -45.73 -40.78 -32.06
CA GLN N 28 -44.89 -40.96 -30.89
C GLN N 28 -43.83 -42.05 -31.07
N ALA N 29 -44.05 -43.00 -31.97
CA ALA N 29 -43.07 -44.05 -32.20
C ALA N 29 -41.79 -43.54 -32.84
N ASP N 30 -41.84 -42.36 -33.46
CA ASP N 30 -40.65 -41.78 -34.06
C ASP N 30 -39.73 -41.21 -32.99
N CYS N 31 -38.49 -40.95 -33.40
CA CYS N 31 -37.50 -40.38 -32.50
C CYS N 31 -36.56 -39.49 -33.29
N ILE N 32 -35.95 -38.54 -32.58
CA ILE N 32 -34.93 -37.68 -33.19
C ILE N 32 -33.59 -38.42 -33.18
N PRO N 33 -32.92 -38.55 -34.32
CA PRO N 33 -31.64 -39.25 -34.35
C PRO N 33 -30.61 -38.59 -33.43
N PHE N 34 -29.78 -39.41 -32.80
CA PHE N 34 -28.78 -38.92 -31.86
C PHE N 34 -27.75 -40.01 -31.65
N PHE N 35 -26.48 -39.62 -31.62
CA PHE N 35 -25.36 -40.56 -31.46
C PHE N 35 -24.50 -40.11 -30.30
N ARG N 36 -24.19 -41.03 -29.39
CA ARG N 36 -23.33 -40.72 -28.26
C ARG N 36 -21.91 -40.43 -28.74
N SER N 37 -21.25 -39.53 -28.01
CA SER N 37 -19.88 -39.15 -28.35
C SER N 37 -18.93 -40.33 -28.12
N CYS N 38 -17.86 -40.35 -28.90
CA CYS N 38 -16.87 -41.42 -28.77
C CYS N 38 -16.16 -41.32 -27.44
N PRO N 39 -16.10 -42.40 -26.66
CA PRO N 39 -15.42 -42.33 -25.37
C PRO N 39 -13.90 -42.27 -25.54
N ALA N 40 -13.24 -41.71 -24.53
CA ALA N 40 -11.78 -41.69 -24.54
C ALA N 40 -11.21 -43.09 -24.44
N CYS N 41 -11.77 -43.92 -23.56
CA CYS N 41 -11.38 -45.32 -23.44
C CYS N 41 -12.51 -46.19 -23.96
N PRO N 42 -12.34 -46.89 -25.08
CA PRO N 42 -13.45 -47.67 -25.64
C PRO N 42 -13.75 -48.93 -24.85
N GLY N 43 -14.50 -48.80 -23.77
CA GLY N 43 -14.92 -49.96 -22.99
C GLY N 43 -14.05 -50.23 -21.78
N SER N 44 -14.56 -49.88 -20.60
CA SER N 44 -13.83 -50.12 -19.35
C SER N 44 -14.81 -50.04 -18.20
N ASN N 45 -14.39 -50.59 -17.06
CA ASN N 45 -15.16 -50.53 -15.83
C ASN N 45 -14.44 -49.81 -14.71
N ILE N 46 -13.22 -49.33 -14.94
CA ILE N 46 -12.43 -48.68 -13.91
C ILE N 46 -12.46 -47.17 -14.11
N THR N 47 -12.52 -46.74 -15.36
CA THR N 47 -12.45 -45.33 -15.71
C THR N 47 -13.83 -44.78 -16.05
N ILE N 48 -14.14 -43.60 -15.52
CA ILE N 48 -15.36 -42.91 -15.90
C ILE N 48 -15.24 -42.44 -17.34
N ARG N 49 -16.38 -42.38 -18.02
CA ARG N 49 -16.39 -42.03 -19.44
C ARG N 49 -15.93 -40.60 -19.65
N ASN N 50 -15.08 -40.41 -20.66
CA ASN N 50 -14.59 -39.09 -21.04
C ASN N 50 -14.64 -38.97 -22.56
N GLN N 51 -14.69 -37.74 -23.04
CA GLN N 51 -14.87 -37.46 -24.45
C GLN N 51 -13.56 -37.01 -25.08
N ILE N 52 -13.58 -36.85 -26.40
CA ILE N 52 -12.40 -36.58 -27.20
C ILE N 52 -12.47 -35.15 -27.74
N ASN N 53 -11.34 -34.46 -27.71
CA ASN N 53 -11.19 -33.15 -28.35
C ASN N 53 -10.30 -33.34 -29.57
N ALA N 54 -10.88 -33.23 -30.75
CA ALA N 54 -10.19 -33.52 -31.99
C ALA N 54 -9.46 -32.32 -32.58
N LEU N 55 -9.42 -31.20 -31.86
CA LEU N 55 -8.75 -29.99 -32.34
C LEU N 55 -7.80 -29.47 -31.27
N THR N 56 -6.81 -28.70 -31.72
CA THR N 56 -5.86 -28.10 -30.79
C THR N 56 -6.56 -27.06 -29.92
N SER N 57 -6.37 -27.18 -28.61
CA SER N 57 -7.05 -26.30 -27.67
C SER N 57 -6.34 -24.98 -27.51
N PHE N 58 -6.05 -24.31 -28.62
CA PHE N 58 -5.39 -23.02 -28.61
C PHE N 58 -6.06 -22.12 -29.64
N VAL N 59 -5.93 -20.81 -29.43
CA VAL N 59 -6.41 -19.83 -30.42
C VAL N 59 -5.25 -19.63 -31.40
N ASP N 60 -5.17 -20.56 -32.37
CA ASP N 60 -4.04 -20.60 -33.28
C ASP N 60 -4.49 -20.65 -34.74
N ALA N 61 -5.68 -20.14 -35.04
CA ALA N 61 -6.23 -20.16 -36.39
C ALA N 61 -6.24 -21.59 -36.94
N SER N 62 -6.62 -22.54 -36.09
CA SER N 62 -6.69 -23.93 -36.50
C SER N 62 -7.86 -24.21 -37.44
N MET N 63 -8.72 -23.22 -37.68
CA MET N 63 -9.83 -23.38 -38.60
C MET N 63 -9.37 -23.57 -40.04
N VAL N 64 -8.19 -23.03 -40.39
CA VAL N 64 -7.75 -23.00 -41.77
C VAL N 64 -6.61 -23.98 -42.04
N TYR N 65 -5.68 -24.15 -41.10
CA TYR N 65 -4.51 -24.99 -41.31
C TYR N 65 -4.68 -26.41 -40.78
N GLY N 66 -5.84 -26.75 -40.23
CA GLY N 66 -6.09 -28.09 -39.75
C GLY N 66 -5.39 -28.36 -38.43
N SER N 67 -5.66 -29.55 -37.89
CA SER N 67 -5.07 -29.98 -36.63
C SER N 67 -4.36 -31.33 -36.75
N GLU N 68 -4.22 -31.85 -37.96
CA GLU N 68 -3.51 -33.10 -38.20
C GLU N 68 -2.52 -32.91 -39.34
N GLU N 69 -1.39 -33.60 -39.25
CA GLU N 69 -0.34 -33.45 -40.25
C GLU N 69 -0.80 -33.81 -41.67
N PRO N 70 -1.47 -34.95 -41.90
CA PRO N 70 -1.93 -35.23 -43.28
C PRO N 70 -2.87 -34.17 -43.82
N LEU N 71 -3.82 -33.70 -43.03
CA LEU N 71 -4.75 -32.67 -43.51
C LEU N 71 -4.03 -31.36 -43.77
N ALA N 72 -3.13 -30.97 -42.88
CA ALA N 72 -2.38 -29.72 -43.07
C ALA N 72 -1.53 -29.79 -44.33
N ARG N 73 -0.89 -30.93 -44.58
CA ARG N 73 -0.10 -31.08 -45.79
C ARG N 73 -0.98 -31.09 -47.03
N ASN N 74 -2.18 -31.67 -46.92
CA ASN N 74 -3.09 -31.72 -48.05
C ASN N 74 -3.75 -30.38 -48.33
N LEU N 75 -3.70 -29.45 -47.38
CA LEU N 75 -4.35 -28.15 -47.57
C LEU N 75 -3.45 -27.12 -48.23
N ARG N 76 -2.19 -27.45 -48.50
CA ARG N 76 -1.24 -26.47 -49.03
C ARG N 76 -1.17 -26.56 -50.55
N ASN N 77 -0.57 -25.52 -51.14
CA ASN N 77 -0.22 -25.48 -52.56
C ASN N 77 1.21 -25.99 -52.69
N MET N 78 1.35 -27.30 -52.86
CA MET N 78 2.64 -27.95 -53.02
C MET N 78 3.17 -27.87 -54.44
N SER N 79 2.36 -27.44 -55.39
CA SER N 79 2.78 -27.35 -56.78
C SER N 79 3.79 -26.24 -57.01
N ASN N 80 3.84 -25.26 -56.13
CA ASN N 80 4.75 -24.12 -56.27
C ASN N 80 5.67 -24.05 -55.06
N GLN N 81 6.48 -22.99 -55.01
CA GLN N 81 7.37 -22.72 -53.89
C GLN N 81 7.04 -21.40 -53.20
N LEU N 82 5.83 -20.90 -53.39
CA LEU N 82 5.42 -19.62 -52.80
C LEU N 82 4.75 -19.77 -51.44
N GLY N 83 4.52 -21.00 -50.99
CA GLY N 83 3.95 -21.23 -49.67
C GLY N 83 2.54 -20.71 -49.50
N LEU N 84 1.67 -20.98 -50.47
CA LEU N 84 0.28 -20.56 -50.41
C LEU N 84 -0.60 -21.72 -49.97
N LEU N 85 -1.91 -21.46 -49.90
CA LEU N 85 -2.90 -22.46 -49.56
C LEU N 85 -3.66 -22.86 -50.82
N ALA N 86 -4.07 -24.13 -50.87
CA ALA N 86 -4.78 -24.64 -52.03
C ALA N 86 -6.14 -23.94 -52.17
N VAL N 87 -6.47 -23.58 -53.40
CA VAL N 87 -7.73 -22.90 -53.70
C VAL N 87 -8.50 -23.74 -54.71
N ASN N 88 -9.76 -23.36 -54.93
CA ASN N 88 -10.63 -24.10 -55.84
C ASN N 88 -10.11 -23.97 -57.27
N GLN N 89 -10.02 -25.10 -57.97
CA GLN N 89 -9.52 -25.13 -59.33
C GLN N 89 -10.61 -25.12 -60.38
N ARG N 90 -11.87 -25.01 -59.98
CA ARG N 90 -12.98 -25.03 -60.91
C ARG N 90 -13.82 -23.76 -60.91
N PHE N 91 -13.92 -23.07 -59.78
CA PHE N 91 -14.75 -21.88 -59.66
C PHE N 91 -13.94 -20.74 -59.06
N GLN N 92 -14.38 -19.52 -59.35
CA GLN N 92 -13.77 -18.32 -58.81
C GLN N 92 -14.86 -17.32 -58.45
N ASP N 93 -14.56 -16.49 -57.46
CA ASP N 93 -15.50 -15.46 -57.01
C ASP N 93 -15.05 -14.12 -57.60
N ASN N 94 -15.46 -13.88 -58.84
CA ASN N 94 -15.09 -12.67 -59.58
C ASN N 94 -13.57 -12.49 -59.62
N GLY N 95 -12.88 -13.58 -59.95
CA GLY N 95 -11.43 -13.55 -60.00
C GLY N 95 -10.73 -13.71 -58.67
N ARG N 96 -11.44 -14.15 -57.63
CA ARG N 96 -10.87 -14.33 -56.31
C ARG N 96 -10.97 -15.78 -55.89
N ALA N 97 -10.09 -16.16 -54.96
CA ALA N 97 -9.95 -17.56 -54.57
C ALA N 97 -11.20 -18.05 -53.84
N LEU N 98 -11.42 -19.37 -53.94
CA LEU N 98 -12.51 -20.05 -53.25
C LEU N 98 -11.97 -21.30 -52.58
N LEU N 99 -12.71 -21.78 -51.59
CA LEU N 99 -12.28 -22.96 -50.85
C LEU N 99 -12.24 -24.17 -51.76
N PRO N 100 -11.25 -25.05 -51.62
CA PRO N 100 -11.18 -26.24 -52.47
C PRO N 100 -12.32 -27.20 -52.17
N PHE N 101 -12.70 -27.95 -53.19
CA PHE N 101 -13.77 -28.94 -53.03
C PHE N 101 -13.28 -30.14 -52.25
N ASP N 102 -14.23 -30.92 -51.74
CA ASP N 102 -13.94 -32.08 -50.90
C ASP N 102 -14.65 -33.30 -51.45
N ASN N 103 -14.05 -34.47 -51.23
CA ASN N 103 -14.59 -35.75 -51.65
C ASN N 103 -15.01 -36.54 -50.41
N LEU N 104 -16.31 -36.79 -50.29
CA LEU N 104 -16.86 -37.53 -49.16
C LEU N 104 -17.75 -38.65 -49.67
N HIS N 105 -17.82 -39.72 -48.89
CA HIS N 105 -18.62 -40.88 -49.29
C HIS N 105 -20.11 -40.54 -49.33
N ASP N 106 -20.61 -39.90 -48.27
CA ASP N 106 -21.99 -39.44 -48.18
C ASP N 106 -21.96 -37.92 -48.08
N ASP N 107 -21.94 -37.25 -49.22
CA ASP N 107 -21.84 -35.80 -49.25
C ASP N 107 -23.21 -35.18 -48.95
N PRO N 108 -23.35 -34.37 -47.89
CA PRO N 108 -24.64 -33.74 -47.63
C PRO N 108 -24.90 -32.51 -48.46
N CYS N 109 -23.86 -31.87 -49.02
CA CYS N 109 -24.07 -30.66 -49.82
C CYS N 109 -24.74 -30.98 -51.15
N LEU N 110 -24.60 -32.21 -51.64
CA LEU N 110 -25.25 -32.57 -52.89
C LEU N 110 -26.75 -32.79 -52.71
N LEU N 111 -27.17 -33.19 -51.52
CA LEU N 111 -28.59 -33.47 -51.29
C LEU N 111 -29.43 -32.20 -51.25
N THR N 112 -28.83 -31.07 -50.86
CA THR N 112 -29.58 -29.83 -50.77
C THR N 112 -30.07 -29.38 -52.15
N ASN N 113 -29.22 -29.49 -53.16
CA ASN N 113 -29.58 -29.12 -54.52
C ASN N 113 -29.05 -30.18 -55.47
N ARG N 114 -29.93 -31.04 -55.97
CA ARG N 114 -29.50 -32.14 -56.83
C ARG N 114 -29.05 -31.63 -58.19
N SER N 115 -29.60 -30.51 -58.66
CA SER N 115 -29.26 -30.02 -59.99
C SER N 115 -27.87 -29.40 -60.03
N ALA N 116 -27.51 -28.62 -59.01
CA ALA N 116 -26.23 -27.92 -59.02
C ALA N 116 -25.06 -28.89 -58.94
N ARG N 117 -25.15 -29.89 -58.07
CA ARG N 117 -24.09 -30.89 -57.89
C ARG N 117 -22.78 -30.22 -57.46
N ILE N 118 -22.85 -29.49 -56.36
CA ILE N 118 -21.69 -28.80 -55.79
C ILE N 118 -21.35 -29.49 -54.47
N PRO N 119 -20.23 -30.21 -54.38
CA PRO N 119 -19.87 -30.88 -53.14
C PRO N 119 -19.49 -29.91 -52.05
N CYS N 120 -19.29 -30.45 -50.84
CA CYS N 120 -18.93 -29.63 -49.71
C CYS N 120 -17.51 -29.10 -49.84
N PHE N 121 -17.24 -27.98 -49.17
CA PHE N 121 -15.92 -27.37 -49.22
C PHE N 121 -14.98 -28.07 -48.25
N LEU N 122 -13.68 -27.94 -48.53
CA LEU N 122 -12.64 -28.55 -47.71
C LEU N 122 -11.82 -27.46 -47.05
N ALA N 123 -11.69 -27.55 -45.73
CA ALA N 123 -10.93 -26.57 -44.95
C ALA N 123 -10.32 -27.29 -43.76
N GLY N 124 -9.85 -26.54 -42.78
CA GLY N 124 -9.27 -27.13 -41.59
C GLY N 124 -10.28 -27.73 -40.63
N ASP N 125 -11.57 -27.51 -40.87
CA ASP N 125 -12.63 -28.08 -40.05
C ASP N 125 -13.67 -28.72 -40.95
N THR N 126 -14.28 -29.80 -40.46
CA THR N 126 -15.24 -30.56 -41.25
C THR N 126 -16.60 -29.88 -41.33
N ARG N 127 -16.88 -28.90 -40.49
CA ARG N 127 -18.18 -28.22 -40.45
C ARG N 127 -18.09 -26.82 -41.04
N SER N 128 -17.27 -26.65 -42.08
CA SER N 128 -17.09 -25.35 -42.71
C SER N 128 -18.16 -25.03 -43.74
N SER N 129 -19.08 -25.96 -44.02
CA SER N 129 -20.12 -25.75 -45.02
C SER N 129 -21.52 -25.85 -44.43
N GLU N 130 -21.68 -25.56 -43.14
CA GLU N 130 -23.01 -25.60 -42.54
C GLU N 130 -23.91 -24.53 -43.14
N MET N 131 -23.46 -23.29 -43.15
CA MET N 131 -24.17 -22.19 -43.78
C MET N 131 -23.18 -21.35 -44.56
N PRO N 132 -23.65 -20.59 -45.56
CA PRO N 132 -22.72 -19.81 -46.38
C PRO N 132 -21.92 -18.77 -45.61
N GLU N 133 -22.36 -18.36 -44.41
CA GLU N 133 -21.62 -17.36 -43.65
C GLU N 133 -20.29 -17.93 -43.15
N LEU N 134 -20.31 -19.16 -42.61
CA LEU N 134 -19.08 -19.79 -42.18
C LEU N 134 -18.13 -20.01 -43.34
N THR N 135 -18.67 -20.43 -44.49
CA THR N 135 -17.85 -20.57 -45.69
C THR N 135 -17.24 -19.25 -46.09
N SER N 136 -18.01 -18.16 -46.00
CA SER N 136 -17.48 -16.84 -46.34
C SER N 136 -16.34 -16.45 -45.41
N MET N 137 -16.50 -16.70 -44.11
CA MET N 137 -15.42 -16.38 -43.18
C MET N 137 -14.17 -17.20 -43.46
N HIS N 138 -14.34 -18.49 -43.74
CA HIS N 138 -13.20 -19.34 -44.06
C HIS N 138 -12.50 -18.87 -45.34
N THR N 139 -13.28 -18.52 -46.35
CA THR N 139 -12.68 -18.02 -47.60
C THR N 139 -11.95 -16.71 -47.37
N LEU N 140 -12.50 -15.83 -46.54
CA LEU N 140 -11.82 -14.58 -46.23
C LEU N 140 -10.49 -14.83 -45.54
N LEU N 141 -10.46 -15.77 -44.59
CA LEU N 141 -9.22 -16.08 -43.91
C LEU N 141 -8.18 -16.68 -44.87
N LEU N 142 -8.63 -17.57 -45.76
CA LEU N 142 -7.70 -18.15 -46.73
C LEU N 142 -7.14 -17.08 -47.66
N ARG N 143 -8.00 -16.17 -48.12
CA ARG N 143 -7.54 -15.07 -48.97
C ARG N 143 -6.53 -14.20 -48.24
N GLU N 144 -6.79 -13.91 -46.96
CA GLU N 144 -5.85 -13.10 -46.19
C GLU N 144 -4.50 -13.81 -46.05
N HIS N 145 -4.51 -15.11 -45.80
CA HIS N 145 -3.26 -15.85 -45.71
C HIS N 145 -2.48 -15.79 -47.03
N ASN N 146 -3.18 -16.00 -48.14
CA ASN N 146 -2.51 -15.97 -49.43
C ASN N 146 -1.93 -14.59 -49.73
N ARG N 147 -2.69 -13.54 -49.42
CA ARG N 147 -2.20 -12.18 -49.64
C ARG N 147 -0.98 -11.87 -48.78
N LEU N 148 -1.01 -12.30 -47.51
CA LEU N 148 0.13 -12.08 -46.64
C LEU N 148 1.35 -12.83 -47.13
N ALA N 149 1.17 -14.06 -47.60
CA ALA N 149 2.29 -14.83 -48.14
C ALA N 149 2.87 -14.15 -49.37
N THR N 150 2.01 -13.65 -50.26
CA THR N 150 2.50 -12.96 -51.45
C THR N 150 3.27 -11.69 -51.07
N GLU N 151 2.74 -10.91 -50.12
CA GLU N 151 3.43 -9.70 -49.70
C GLU N 151 4.78 -10.02 -49.06
N LEU N 152 4.83 -11.06 -48.23
CA LEU N 152 6.10 -11.44 -47.61
C LEU N 152 7.10 -11.91 -48.66
N LYS N 153 6.64 -12.67 -49.66
CA LYS N 153 7.52 -13.10 -50.73
C LYS N 153 8.08 -11.91 -51.50
N SER N 154 7.24 -10.92 -51.79
CA SER N 154 7.72 -9.72 -52.46
C SER N 154 8.73 -8.97 -51.59
N LEU N 155 8.46 -8.89 -50.28
CA LEU N 155 9.35 -8.15 -49.39
C LEU N 155 10.68 -8.87 -49.20
N ASN N 156 10.64 -10.19 -49.01
CA ASN N 156 11.85 -10.99 -48.81
C ASN N 156 11.95 -12.02 -49.93
N PRO N 157 12.71 -11.76 -50.99
CA PRO N 157 12.75 -12.69 -52.12
C PRO N 157 13.58 -13.94 -51.90
N ARG N 158 14.37 -14.00 -50.83
CA ARG N 158 15.25 -15.14 -50.59
C ARG N 158 14.60 -16.24 -49.78
N TRP N 159 13.38 -16.04 -49.28
CA TRP N 159 12.73 -17.04 -48.45
C TRP N 159 12.21 -18.20 -49.29
N ASP N 160 12.12 -19.37 -48.66
CA ASP N 160 11.57 -20.55 -49.28
C ASP N 160 10.07 -20.65 -49.03
N GLY N 161 9.43 -21.67 -49.59
CA GLY N 161 7.99 -21.81 -49.44
C GLY N 161 7.57 -22.09 -48.01
N GLU N 162 8.30 -22.97 -47.33
CA GLU N 162 7.93 -23.34 -45.97
C GLU N 162 8.03 -22.16 -45.02
N ARG N 163 9.09 -21.36 -45.16
CA ARG N 163 9.24 -20.19 -44.30
C ARG N 163 8.11 -19.19 -44.51
N LEU N 164 7.74 -18.95 -45.78
CA LEU N 164 6.62 -18.06 -46.06
C LEU N 164 5.33 -18.58 -45.48
N TYR N 165 5.08 -19.89 -45.62
CA TYR N 165 3.88 -20.49 -45.07
C TYR N 165 3.82 -20.32 -43.56
N GLN N 166 4.93 -20.61 -42.88
CA GLN N 166 4.94 -20.50 -41.42
C GLN N 166 4.77 -19.06 -40.97
N GLU N 167 5.41 -18.10 -41.65
CA GLU N 167 5.29 -16.71 -41.26
C GLU N 167 3.85 -16.20 -41.46
N ALA N 168 3.24 -16.54 -42.59
CA ALA N 168 1.85 -16.14 -42.82
C ALA N 168 0.92 -16.79 -41.80
N ARG N 169 1.18 -18.06 -41.46
CA ARG N 169 0.37 -18.72 -40.44
C ARG N 169 0.49 -18.03 -39.10
N LYS N 170 1.71 -17.63 -38.71
CA LYS N 170 1.89 -16.91 -37.45
C LYS N 170 1.16 -15.59 -37.46
N ILE N 171 1.24 -14.84 -38.57
CA ILE N 171 0.56 -13.55 -38.64
C ILE N 171 -0.94 -13.74 -38.55
N VAL N 172 -1.48 -14.74 -39.23
CA VAL N 172 -2.93 -14.98 -39.20
C VAL N 172 -3.38 -15.35 -37.80
N GLY N 173 -2.63 -16.23 -37.13
CA GLY N 173 -2.98 -16.60 -35.77
C GLY N 173 -2.94 -15.42 -34.82
N ALA N 174 -1.92 -14.57 -34.94
CA ALA N 174 -1.83 -13.38 -34.11
C ALA N 174 -3.00 -12.44 -34.38
N MET N 175 -3.38 -12.27 -35.64
CA MET N 175 -4.52 -11.43 -35.97
C MET N 175 -5.80 -11.96 -35.36
N VAL N 176 -6.01 -13.27 -35.43
CA VAL N 176 -7.20 -13.87 -34.85
C VAL N 176 -7.24 -13.66 -33.35
N GLN N 177 -6.10 -13.89 -32.68
CA GLN N 177 -6.05 -13.69 -31.23
C GLN N 177 -6.32 -12.24 -30.86
N ILE N 178 -5.73 -11.30 -31.60
CA ILE N 178 -5.93 -9.88 -31.32
C ILE N 178 -7.40 -9.52 -31.47
N ILE N 179 -8.00 -9.91 -32.61
CA ILE N 179 -9.39 -9.58 -32.87
C ILE N 179 -10.28 -10.15 -31.77
N THR N 180 -10.10 -11.43 -31.45
CA THR N 180 -10.92 -12.06 -30.43
C THR N 180 -10.80 -11.34 -29.10
N TYR N 181 -9.61 -11.35 -28.50
CA TYR N 181 -9.45 -10.84 -27.15
C TYR N 181 -9.58 -9.32 -27.06
N ARG N 182 -9.62 -8.60 -28.18
CA ARG N 182 -9.79 -7.16 -28.11
C ARG N 182 -11.18 -6.68 -28.47
N ASP N 183 -11.96 -7.46 -29.22
CA ASP N 183 -13.29 -7.01 -29.61
C ASP N 183 -14.41 -7.96 -29.17
N TYR N 184 -14.22 -9.27 -29.27
CA TYR N 184 -15.34 -10.18 -29.09
C TYR N 184 -15.64 -10.41 -27.60
N LEU N 185 -14.63 -10.81 -26.83
CA LEU N 185 -14.85 -11.15 -25.43
C LEU N 185 -15.39 -10.00 -24.59
N PRO N 186 -14.90 -8.76 -24.70
CA PRO N 186 -15.54 -7.67 -23.95
C PRO N 186 -17.01 -7.49 -24.26
N LEU N 187 -17.43 -7.78 -25.49
CA LEU N 187 -18.84 -7.65 -25.86
C LEU N 187 -19.66 -8.85 -25.40
N VAL N 188 -19.03 -9.94 -25.00
CA VAL N 188 -19.74 -11.12 -24.52
C VAL N 188 -19.85 -11.05 -23.00
N LEU N 189 -18.70 -11.04 -22.33
CA LEU N 189 -18.70 -11.08 -20.87
C LEU N 189 -19.23 -9.79 -20.27
N GLY N 190 -18.92 -8.65 -20.88
CA GLY N 190 -19.20 -7.37 -20.29
C GLY N 190 -18.00 -6.88 -19.52
N PRO N 191 -17.93 -5.57 -19.27
CA PRO N 191 -16.71 -5.02 -18.64
C PRO N 191 -16.38 -5.63 -17.28
N THR N 192 -17.38 -5.89 -16.45
CA THR N 192 -17.12 -6.41 -15.11
C THR N 192 -16.52 -7.81 -15.16
N ALA N 193 -17.16 -8.72 -15.89
CA ALA N 193 -16.64 -10.08 -15.99
C ALA N 193 -15.33 -10.11 -16.76
N MET N 194 -15.19 -9.25 -17.77
CA MET N 194 -13.94 -9.18 -18.51
C MET N 194 -12.79 -8.78 -17.61
N ARG N 195 -13.02 -7.79 -16.74
CA ARG N 195 -11.96 -7.35 -15.83
C ARG N 195 -11.70 -8.38 -14.74
N LYS N 196 -12.75 -9.06 -14.27
CA LYS N 196 -12.57 -10.01 -13.18
C LYS N 196 -11.84 -11.27 -13.64
N TYR N 197 -12.23 -11.82 -14.80
CA TYR N 197 -11.70 -13.09 -15.25
C TYR N 197 -10.55 -12.97 -16.24
N LEU N 198 -10.36 -11.81 -16.85
CA LEU N 198 -9.28 -11.59 -17.80
C LEU N 198 -8.55 -10.30 -17.44
N PRO N 199 -7.68 -10.36 -16.43
CA PRO N 199 -6.89 -9.18 -16.07
C PRO N 199 -5.75 -8.92 -17.06
N THR N 200 -4.90 -7.95 -16.75
CA THR N 200 -3.81 -7.60 -17.66
C THR N 200 -2.85 -8.76 -17.83
N TYR N 201 -2.34 -8.91 -19.05
CA TYR N 201 -1.33 -9.92 -19.32
C TYR N 201 -0.05 -9.61 -18.56
N ARG N 202 0.54 -10.63 -17.95
CA ARG N 202 1.77 -10.48 -17.19
C ARG N 202 2.95 -11.16 -17.88
N SER N 203 2.84 -12.46 -18.11
CA SER N 203 3.88 -13.25 -18.76
C SER N 203 3.29 -14.62 -19.04
N TYR N 204 4.12 -15.55 -19.49
CA TYR N 204 3.67 -16.91 -19.81
C TYR N 204 3.79 -17.74 -18.53
N ASN N 205 2.65 -18.22 -18.05
CA ASN N 205 2.60 -19.04 -16.85
C ASN N 205 2.51 -20.51 -17.27
N ASP N 206 3.63 -21.22 -17.23
CA ASP N 206 3.68 -22.58 -17.75
C ASP N 206 2.91 -23.58 -16.89
N SER N 207 2.44 -23.16 -15.71
CA SER N 207 1.67 -24.02 -14.82
C SER N 207 0.17 -23.95 -15.05
N VAL N 208 -0.29 -23.13 -15.99
CA VAL N 208 -1.71 -23.07 -16.32
C VAL N 208 -2.06 -24.20 -17.27
N ASP N 209 -3.09 -24.95 -16.94
CA ASP N 209 -3.58 -26.01 -17.82
C ASP N 209 -4.33 -25.38 -18.99
N PRO N 210 -3.88 -25.58 -20.23
CA PRO N 210 -4.57 -25.00 -21.39
C PRO N 210 -5.62 -25.89 -22.04
N ARG N 211 -6.02 -26.99 -21.40
CA ARG N 211 -6.99 -27.90 -22.01
C ARG N 211 -8.39 -27.29 -21.96
N ILE N 212 -9.25 -27.81 -22.83
CA ILE N 212 -10.64 -27.35 -22.91
C ILE N 212 -11.49 -28.18 -21.97
N ALA N 213 -12.23 -27.51 -21.08
CA ALA N 213 -13.10 -28.20 -20.15
C ALA N 213 -14.27 -28.85 -20.88
N ASN N 214 -14.82 -29.88 -20.27
CA ASN N 214 -15.94 -30.59 -20.87
C ASN N 214 -17.20 -29.73 -20.89
N VAL N 215 -17.42 -28.95 -19.83
CA VAL N 215 -18.62 -28.12 -19.76
C VAL N 215 -18.57 -26.98 -20.77
N PHE N 216 -17.38 -26.59 -21.22
CA PHE N 216 -17.26 -25.46 -22.13
C PHE N 216 -18.01 -25.73 -23.43
N THR N 217 -17.89 -26.95 -23.96
CA THR N 217 -18.60 -27.31 -25.18
C THR N 217 -20.11 -27.20 -25.02
N ASN N 218 -20.63 -27.15 -23.80
CA ASN N 218 -22.02 -26.84 -23.56
C ASN N 218 -22.25 -25.42 -23.08
N ALA N 219 -21.24 -24.79 -22.45
CA ALA N 219 -21.42 -23.42 -21.99
C ALA N 219 -21.30 -22.42 -23.13
N PHE N 220 -20.56 -22.76 -24.18
CA PHE N 220 -20.36 -21.86 -25.30
C PHE N 220 -21.46 -21.95 -26.35
N ARG N 221 -22.48 -22.77 -26.12
CA ARG N 221 -23.60 -22.87 -27.05
C ARG N 221 -24.59 -21.72 -26.92
N TYR N 222 -24.30 -20.73 -26.08
CA TYR N 222 -25.18 -19.58 -25.93
C TYR N 222 -25.40 -18.86 -27.25
N GLY N 223 -24.46 -18.96 -28.19
CA GLY N 223 -24.64 -18.35 -29.49
C GLY N 223 -25.81 -18.90 -30.27
N HIS N 224 -26.33 -20.06 -29.87
CA HIS N 224 -27.54 -20.58 -30.49
C HIS N 224 -28.76 -19.73 -30.17
N THR N 225 -28.68 -18.81 -29.22
CA THR N 225 -29.76 -17.90 -28.91
C THR N 225 -29.67 -16.58 -29.66
N LEU N 226 -28.61 -16.38 -30.45
CA LEU N 226 -28.44 -15.16 -31.22
C LEU N 226 -28.71 -15.35 -32.71
N ILE N 227 -29.29 -16.48 -33.09
CA ILE N 227 -29.49 -16.80 -34.49
C ILE N 227 -30.78 -16.17 -35.00
N GLN N 228 -30.67 -15.38 -36.07
CA GLN N 228 -31.84 -14.85 -36.75
C GLN N 228 -32.44 -15.92 -37.66
N PRO N 229 -33.75 -15.85 -37.90
CA PRO N 229 -34.39 -16.90 -38.71
C PRO N 229 -34.26 -16.70 -40.21
N PHE N 230 -33.34 -15.84 -40.64
CA PHE N 230 -33.17 -15.54 -42.05
C PHE N 230 -31.70 -15.30 -42.36
N MET N 231 -31.36 -15.44 -43.65
CA MET N 231 -30.06 -15.06 -44.17
C MET N 231 -30.27 -13.88 -45.12
N PHE N 232 -29.54 -12.80 -44.87
CA PHE N 232 -29.71 -11.55 -45.59
C PHE N 232 -28.49 -11.28 -46.46
N ARG N 233 -28.74 -10.84 -47.69
CA ARG N 233 -27.69 -10.49 -48.64
C ARG N 233 -27.96 -9.11 -49.20
N LEU N 234 -26.90 -8.30 -49.33
CA LEU N 234 -27.03 -6.92 -49.76
C LEU N 234 -26.08 -6.65 -50.92
N ASP N 235 -26.49 -5.76 -51.81
CA ASP N 235 -25.72 -5.41 -53.00
C ASP N 235 -24.70 -4.32 -52.64
N ASN N 236 -24.05 -3.75 -53.66
CA ASN N 236 -22.97 -2.80 -53.43
C ASN N 236 -23.46 -1.51 -52.78
N ARG N 237 -24.76 -1.24 -52.82
CA ARG N 237 -25.33 -0.06 -52.16
C ARG N 237 -25.99 -0.40 -50.83
N TYR N 238 -25.75 -1.60 -50.31
CA TYR N 238 -26.37 -2.08 -49.07
C TYR N 238 -27.89 -2.04 -49.16
N GLN N 239 -28.42 -2.43 -50.31
CA GLN N 239 -29.84 -2.61 -50.55
C GLN N 239 -30.16 -4.08 -50.69
N PRO N 240 -31.39 -4.51 -50.39
CA PRO N 240 -31.74 -5.93 -50.54
C PRO N 240 -31.47 -6.45 -51.95
N MET N 241 -30.55 -7.39 -52.06
CA MET N 241 -30.14 -7.90 -53.36
C MET N 241 -31.13 -8.95 -53.85
N GLU N 242 -31.62 -8.77 -55.07
CA GLU N 242 -32.57 -9.70 -55.68
C GLU N 242 -31.85 -10.64 -56.63
N PRO N 243 -32.36 -11.87 -56.80
CA PRO N 243 -33.54 -12.46 -56.17
C PRO N 243 -33.28 -12.98 -54.77
N ASN N 244 -34.33 -13.27 -54.02
CA ASN N 244 -34.26 -13.80 -52.65
C ASN N 244 -33.42 -12.90 -51.76
N PRO N 245 -33.89 -11.68 -51.44
CA PRO N 245 -33.12 -10.84 -50.51
C PRO N 245 -32.97 -11.47 -49.12
N ARG N 246 -34.00 -12.18 -48.67
CA ARG N 246 -33.96 -12.90 -47.40
C ARG N 246 -34.30 -14.34 -47.67
N VAL N 247 -33.40 -15.25 -47.29
CA VAL N 247 -33.56 -16.68 -47.50
C VAL N 247 -33.89 -17.32 -46.16
N PRO N 248 -34.92 -18.16 -46.08
CA PRO N 248 -35.19 -18.87 -44.82
C PRO N 248 -33.99 -19.72 -44.42
N LEU N 249 -33.70 -19.76 -43.11
CA LEU N 249 -32.52 -20.47 -42.65
C LEU N 249 -32.62 -21.96 -42.90
N SER N 250 -33.83 -22.51 -42.95
CA SER N 250 -34.00 -23.95 -43.18
C SER N 250 -33.58 -24.39 -44.57
N ARG N 251 -33.40 -23.45 -45.50
CA ARG N 251 -33.03 -23.78 -46.88
C ARG N 251 -31.57 -23.46 -47.20
N VAL N 252 -30.79 -22.97 -46.24
CA VAL N 252 -29.39 -22.66 -46.46
C VAL N 252 -28.46 -23.60 -45.71
N PHE N 253 -28.98 -24.62 -45.06
CA PHE N 253 -28.13 -25.56 -44.34
C PHE N 253 -27.43 -26.49 -45.32
N PHE N 254 -26.10 -26.53 -45.23
CA PHE N 254 -25.26 -27.37 -46.08
C PHE N 254 -25.46 -27.04 -47.56
N ALA N 255 -25.84 -25.79 -47.86
CA ALA N 255 -26.06 -25.35 -49.24
C ALA N 255 -24.85 -24.53 -49.66
N SER N 256 -23.82 -25.24 -50.11
CA SER N 256 -22.63 -24.57 -50.63
C SER N 256 -22.85 -23.98 -52.01
N TRP N 257 -23.84 -24.48 -52.75
CA TRP N 257 -24.10 -23.97 -54.10
C TRP N 257 -24.55 -22.51 -54.07
N ARG N 258 -25.06 -22.02 -52.94
CA ARG N 258 -25.39 -20.61 -52.81
C ARG N 258 -24.16 -19.72 -52.74
N VAL N 259 -22.98 -20.29 -52.56
CA VAL N 259 -21.75 -19.50 -52.54
C VAL N 259 -21.13 -19.41 -53.94
N VAL N 260 -20.97 -20.56 -54.59
CA VAL N 260 -20.31 -20.60 -55.89
C VAL N 260 -21.21 -19.99 -56.97
N LEU N 261 -22.52 -20.25 -56.90
CA LEU N 261 -23.42 -19.97 -58.01
C LEU N 261 -24.38 -18.82 -57.73
N GLU N 262 -24.14 -18.00 -56.72
CA GLU N 262 -25.04 -16.92 -56.39
C GLU N 262 -24.28 -15.64 -56.04
N GLY N 263 -23.27 -15.31 -56.83
CA GLY N 263 -22.57 -14.05 -56.71
C GLY N 263 -21.37 -14.05 -55.79
N GLY N 264 -21.14 -15.12 -55.03
CA GLY N 264 -19.96 -15.18 -54.18
C GLY N 264 -20.23 -14.88 -52.73
N ILE N 265 -19.21 -14.37 -52.04
CA ILE N 265 -19.29 -14.11 -50.60
C ILE N 265 -19.44 -12.64 -50.27
N ASP N 266 -19.45 -11.76 -51.27
CA ASP N 266 -19.63 -10.35 -50.99
C ASP N 266 -20.98 -10.04 -50.34
N PRO N 267 -22.12 -10.45 -50.90
CA PRO N 267 -23.40 -10.13 -50.25
C PRO N 267 -23.56 -10.75 -48.89
N ILE N 268 -22.99 -11.93 -48.65
CA ILE N 268 -23.12 -12.58 -47.36
C ILE N 268 -22.39 -11.77 -46.30
N LEU N 269 -21.16 -11.34 -46.58
CA LEU N 269 -20.42 -10.52 -45.64
C LEU N 269 -21.10 -9.18 -45.41
N ARG N 270 -21.65 -8.59 -46.50
CA ARG N 270 -22.35 -7.33 -46.34
C ARG N 270 -23.57 -7.48 -45.44
N GLY N 271 -24.33 -8.56 -45.62
CA GLY N 271 -25.48 -8.79 -44.76
C GLY N 271 -25.07 -9.06 -43.32
N LEU N 272 -23.96 -9.76 -43.12
CA LEU N 272 -23.47 -9.98 -41.76
C LEU N 272 -23.10 -8.66 -41.09
N MET N 273 -22.47 -7.75 -41.82
CA MET N 273 -21.97 -6.51 -41.23
C MET N 273 -23.06 -5.50 -40.93
N ALA N 274 -24.23 -5.61 -41.57
CA ALA N 274 -25.25 -4.57 -41.50
C ALA N 274 -26.62 -5.17 -41.22
N THR N 275 -26.69 -6.08 -40.24
CA THR N 275 -27.97 -6.66 -39.85
C THR N 275 -27.96 -6.93 -38.36
N PRO N 276 -28.94 -6.44 -37.61
CA PRO N 276 -28.97 -6.68 -36.17
C PRO N 276 -29.15 -8.16 -35.86
N ALA N 277 -28.55 -8.58 -34.75
CA ALA N 277 -28.69 -9.95 -34.28
C ALA N 277 -30.02 -10.10 -33.54
N LYS N 278 -30.24 -11.25 -32.93
CA LYS N 278 -31.47 -11.51 -32.17
C LYS N 278 -31.15 -11.39 -30.69
N LEU N 279 -31.91 -10.54 -30.00
CA LEU N 279 -31.73 -10.38 -28.56
C LEU N 279 -32.20 -11.63 -27.82
N ASN N 280 -31.50 -11.97 -26.74
CA ASN N 280 -31.88 -13.10 -25.91
C ASN N 280 -32.73 -12.58 -24.75
N ARG N 281 -33.97 -13.05 -24.67
CA ARG N 281 -34.88 -12.67 -23.61
C ARG N 281 -35.44 -13.93 -22.95
N GLN N 282 -35.90 -13.78 -21.71
CA GLN N 282 -36.35 -14.92 -20.94
C GLN N 282 -37.63 -15.54 -21.50
N ASN N 283 -38.36 -14.83 -22.35
CA ASN N 283 -39.53 -15.38 -23.01
C ASN N 283 -39.31 -15.72 -24.48
N GLN N 284 -38.17 -15.32 -25.05
CA GLN N 284 -37.78 -15.71 -26.42
C GLN N 284 -36.36 -16.24 -26.37
N ILE N 285 -36.20 -17.56 -26.33
CA ILE N 285 -34.89 -18.17 -26.21
C ILE N 285 -34.32 -18.48 -27.59
N ALA N 286 -34.99 -19.34 -28.35
CA ALA N 286 -34.51 -19.74 -29.66
C ALA N 286 -35.67 -19.74 -30.65
N VAL N 287 -35.36 -19.40 -31.90
CA VAL N 287 -36.36 -19.32 -32.96
C VAL N 287 -36.83 -20.72 -33.32
N ASP N 288 -37.92 -20.81 -34.09
CA ASP N 288 -38.48 -22.09 -34.47
C ASP N 288 -37.76 -22.72 -35.66
N GLU N 289 -36.93 -21.96 -36.39
CA GLU N 289 -36.21 -22.53 -37.53
C GLU N 289 -35.15 -23.53 -37.07
N ILE N 290 -34.36 -23.15 -36.07
CA ILE N 290 -33.36 -24.07 -35.51
C ILE N 290 -33.95 -25.03 -34.49
N ARG N 291 -35.21 -24.83 -34.11
CA ARG N 291 -35.86 -25.69 -33.13
C ARG N 291 -36.72 -26.78 -33.78
N GLU N 292 -37.21 -26.56 -35.00
CA GLU N 292 -38.09 -27.51 -35.64
C GLU N 292 -37.71 -27.83 -37.08
N ARG N 293 -36.79 -27.10 -37.69
CA ARG N 293 -36.45 -27.30 -39.09
C ARG N 293 -34.94 -27.29 -39.29
N LEU N 294 -34.21 -27.88 -38.34
CA LEU N 294 -32.76 -27.97 -38.44
C LEU N 294 -32.40 -29.15 -39.34
N PHE N 295 -31.60 -28.87 -40.38
CA PHE N 295 -31.18 -29.89 -41.34
C PHE N 295 -32.39 -30.61 -41.94
N GLU N 296 -33.41 -29.83 -42.28
CA GLU N 296 -34.65 -30.43 -42.79
C GLU N 296 -34.43 -31.14 -44.11
N GLN N 297 -33.63 -30.57 -45.00
CA GLN N 297 -33.42 -31.17 -46.32
C GLN N 297 -32.57 -32.43 -46.23
N VAL N 298 -31.55 -32.44 -45.38
CA VAL N 298 -30.55 -33.50 -45.41
C VAL N 298 -31.15 -34.81 -44.90
N MET N 299 -31.79 -34.78 -43.73
CA MET N 299 -32.29 -35.98 -43.09
C MET N 299 -33.80 -36.09 -43.24
N ARG N 300 -34.35 -37.21 -42.73
CA ARG N 300 -35.78 -37.46 -42.87
C ARG N 300 -36.62 -36.43 -42.13
N ILE N 301 -36.23 -36.11 -40.90
CA ILE N 301 -36.97 -35.15 -40.09
C ILE N 301 -35.99 -34.12 -39.52
N GLY N 302 -36.53 -32.95 -39.21
CA GLY N 302 -35.71 -31.91 -38.62
C GLY N 302 -35.32 -32.22 -37.20
N LEU N 303 -34.27 -31.54 -36.74
CA LEU N 303 -33.74 -31.74 -35.40
C LEU N 303 -34.25 -30.63 -34.48
N ASP N 304 -33.81 -30.68 -33.23
CA ASP N 304 -34.18 -29.70 -32.21
C ASP N 304 -32.89 -29.27 -31.51
N LEU N 305 -32.37 -28.10 -31.89
CA LEU N 305 -31.06 -27.68 -31.38
C LEU N 305 -31.02 -27.54 -29.87
N PRO N 306 -31.98 -26.88 -29.19
CA PRO N 306 -31.93 -26.88 -27.73
C PRO N 306 -32.04 -28.26 -27.10
N ALA N 307 -32.92 -29.10 -27.64
CA ALA N 307 -33.04 -30.46 -27.14
C ALA N 307 -31.76 -31.24 -27.40
N LEU N 308 -31.14 -31.04 -28.56
CA LEU N 308 -29.86 -31.69 -28.84
C LEU N 308 -28.79 -31.25 -27.84
N ASN N 309 -28.74 -29.96 -27.54
CA ASN N 309 -27.76 -29.47 -26.57
C ASN N 309 -27.98 -30.09 -25.21
N MET N 310 -29.24 -30.15 -24.77
CA MET N 310 -29.52 -30.71 -23.45
C MET N 310 -29.22 -32.19 -23.38
N GLN N 311 -29.58 -32.93 -24.44
CA GLN N 311 -29.28 -34.37 -24.45
C GLN N 311 -27.78 -34.63 -24.54
N ARG N 312 -27.05 -33.77 -25.24
CA ARG N 312 -25.59 -33.92 -25.27
C ARG N 312 -24.99 -33.64 -23.90
N SER N 313 -25.52 -32.65 -23.19
CA SER N 313 -25.05 -32.40 -21.82
C SER N 313 -25.36 -33.59 -20.93
N ARG N 314 -26.53 -34.21 -21.11
CA ARG N 314 -26.84 -35.43 -20.36
C ARG N 314 -25.87 -36.56 -20.70
N ASP N 315 -25.53 -36.68 -21.99
CA ASP N 315 -24.62 -37.75 -22.41
C ASP N 315 -23.24 -37.58 -21.80
N HIS N 316 -22.73 -36.35 -21.75
CA HIS N 316 -21.42 -36.09 -21.17
C HIS N 316 -21.42 -36.25 -19.65
N GLY N 317 -22.59 -36.40 -19.03
CA GLY N 317 -22.66 -36.54 -17.59
C GLY N 317 -22.27 -35.28 -16.83
N LEU N 318 -22.63 -34.11 -17.35
CA LEU N 318 -22.32 -32.88 -16.66
C LEU N 318 -23.25 -32.70 -15.45
N PRO N 319 -22.75 -32.11 -14.37
CA PRO N 319 -23.60 -31.85 -13.21
C PRO N 319 -24.70 -30.85 -13.54
N GLY N 320 -25.60 -30.67 -12.58
CA GLY N 320 -26.76 -29.82 -12.76
C GLY N 320 -26.45 -28.36 -12.59
N TYR N 321 -27.51 -27.56 -12.64
CA TYR N 321 -27.36 -26.11 -12.52
C TYR N 321 -26.81 -25.71 -11.15
N ASN N 322 -27.33 -26.32 -10.08
CA ASN N 322 -26.93 -25.94 -8.74
C ASN N 322 -25.46 -26.24 -8.48
N ALA N 323 -24.96 -27.38 -8.98
CA ALA N 323 -23.57 -27.72 -8.78
C ALA N 323 -22.64 -26.71 -9.45
N TRP N 324 -23.00 -26.28 -10.65
CA TRP N 324 -22.18 -25.29 -11.35
C TRP N 324 -22.31 -23.91 -10.72
N ARG N 325 -23.48 -23.58 -10.17
CA ARG N 325 -23.61 -22.34 -9.41
C ARG N 325 -22.71 -22.35 -8.19
N ARG N 326 -22.64 -23.48 -7.51
CA ARG N 326 -21.73 -23.62 -6.37
C ARG N 326 -20.28 -23.57 -6.81
N PHE N 327 -19.98 -24.09 -8.01
CA PHE N 327 -18.60 -24.09 -8.50
C PHE N 327 -18.08 -22.68 -8.71
N CYS N 328 -18.90 -21.80 -9.26
CA CYS N 328 -18.49 -20.42 -9.54
C CYS N 328 -18.66 -19.50 -8.33
N GLY N 329 -19.11 -20.02 -7.20
CA GLY N 329 -19.27 -19.23 -6.00
C GLY N 329 -20.59 -18.52 -5.85
N LEU N 330 -21.49 -18.65 -6.82
CA LEU N 330 -22.79 -18.01 -6.73
C LEU N 330 -23.72 -18.80 -5.81
N PRO N 331 -24.70 -18.13 -5.19
CA PRO N 331 -25.64 -18.84 -4.32
C PRO N 331 -26.49 -19.82 -5.10
N GLN N 332 -26.89 -20.89 -4.41
CA GLN N 332 -27.63 -21.99 -5.02
C GLN N 332 -29.09 -21.94 -4.59
N PRO N 333 -30.03 -21.74 -5.51
CA PRO N 333 -31.44 -21.78 -5.14
C PRO N 333 -31.88 -23.19 -4.76
N GLU N 334 -32.93 -23.27 -3.95
CA GLU N 334 -33.43 -24.56 -3.49
C GLU N 334 -34.93 -24.69 -3.67
N THR N 335 -35.65 -23.57 -3.68
CA THR N 335 -37.10 -23.58 -3.80
C THR N 335 -37.54 -22.70 -4.97
N VAL N 336 -38.85 -22.68 -5.21
CA VAL N 336 -39.38 -21.91 -6.33
C VAL N 336 -39.19 -20.42 -6.10
N GLY N 337 -39.38 -19.96 -4.86
CA GLY N 337 -39.19 -18.55 -4.57
C GLY N 337 -37.75 -18.10 -4.75
N GLN N 338 -36.81 -18.92 -4.26
CA GLN N 338 -35.40 -18.58 -4.43
C GLN N 338 -35.01 -18.60 -5.91
N LEU N 339 -35.51 -19.58 -6.66
CA LEU N 339 -35.22 -19.62 -8.09
C LEU N 339 -35.79 -18.41 -8.80
N GLY N 340 -37.00 -17.99 -8.43
CA GLY N 340 -37.58 -16.80 -9.02
C GLY N 340 -36.80 -15.55 -8.69
N THR N 341 -36.31 -15.45 -7.45
CA THR N 341 -35.47 -14.32 -7.09
C THR N 341 -34.17 -14.31 -7.88
N VAL N 342 -33.55 -15.48 -8.05
CA VAL N 342 -32.28 -15.56 -8.76
C VAL N 342 -32.47 -15.22 -10.24
N LEU N 343 -33.50 -15.77 -10.86
CA LEU N 343 -33.77 -15.52 -12.28
C LEU N 343 -34.46 -14.19 -12.52
N ARG N 344 -34.90 -13.50 -11.47
CA ARG N 344 -35.67 -12.26 -11.59
C ARG N 344 -36.91 -12.45 -12.44
N ASN N 345 -37.51 -13.65 -12.36
CA ASN N 345 -38.72 -13.97 -13.10
C ASN N 345 -39.42 -15.11 -12.36
N LEU N 346 -40.74 -15.00 -12.22
CA LEU N 346 -41.49 -16.01 -11.49
C LEU N 346 -42.13 -17.05 -12.42
N LYS N 347 -42.62 -16.63 -13.58
CA LYS N 347 -43.23 -17.57 -14.51
C LYS N 347 -42.21 -18.57 -15.01
N LEU N 348 -41.02 -18.10 -15.39
CA LEU N 348 -39.98 -19.00 -15.86
C LEU N 348 -39.53 -19.95 -14.77
N ALA N 349 -39.39 -19.43 -13.54
CA ALA N 349 -39.00 -20.29 -12.43
C ALA N 349 -40.05 -21.36 -12.15
N ARG N 350 -41.33 -20.98 -12.21
CA ARG N 350 -42.40 -21.96 -12.01
C ARG N 350 -42.38 -23.02 -13.09
N LYS N 351 -42.20 -22.61 -14.35
CA LYS N 351 -42.15 -23.58 -15.44
C LYS N 351 -40.96 -24.53 -15.28
N LEU N 352 -39.79 -23.98 -14.92
CA LEU N 352 -38.61 -24.82 -14.72
C LEU N 352 -38.83 -25.81 -13.57
N MET N 353 -39.41 -25.34 -12.47
CA MET N 353 -39.67 -26.22 -11.34
C MET N 353 -40.66 -27.32 -11.70
N GLU N 354 -41.71 -26.97 -12.46
CA GLU N 354 -42.67 -27.98 -12.88
C GLU N 354 -42.04 -29.01 -13.82
N GLN N 355 -41.17 -28.55 -14.73
CA GLN N 355 -40.59 -29.47 -15.70
C GLN N 355 -39.55 -30.38 -15.06
N TYR N 356 -38.69 -29.82 -14.22
CA TYR N 356 -37.57 -30.58 -13.66
C TYR N 356 -37.87 -31.16 -12.28
N GLY N 357 -38.50 -30.39 -11.40
CA GLY N 357 -38.82 -30.83 -10.07
C GLY N 357 -37.88 -30.31 -9.00
N THR N 358 -36.69 -29.85 -9.38
CA THR N 358 -35.73 -29.28 -8.44
C THR N 358 -34.65 -28.54 -9.21
N PRO N 359 -34.12 -27.45 -8.64
CA PRO N 359 -33.05 -26.70 -9.35
C PRO N 359 -31.79 -27.51 -9.58
N ASN N 360 -31.56 -28.58 -8.82
CA ASN N 360 -30.35 -29.37 -9.01
C ASN N 360 -30.37 -30.14 -10.32
N ASN N 361 -31.56 -30.40 -10.87
CA ASN N 361 -31.70 -31.17 -12.10
C ASN N 361 -31.73 -30.31 -13.34
N ILE N 362 -31.68 -28.98 -13.22
CA ILE N 362 -31.70 -28.12 -14.39
C ILE N 362 -30.40 -28.30 -15.17
N ASP N 363 -30.53 -28.49 -16.48
CA ASP N 363 -29.37 -28.69 -17.32
C ASP N 363 -28.55 -27.41 -17.42
N ILE N 364 -27.27 -27.57 -17.77
CA ILE N 364 -26.35 -26.44 -17.77
C ILE N 364 -26.74 -25.41 -18.82
N TRP N 365 -27.17 -25.86 -20.01
CA TRP N 365 -27.51 -24.91 -21.07
C TRP N 365 -28.75 -24.10 -20.71
N MET N 366 -29.81 -24.77 -20.27
CA MET N 366 -31.04 -24.05 -19.92
C MET N 366 -30.82 -23.12 -18.73
N GLY N 367 -30.07 -23.58 -17.73
CA GLY N 367 -29.76 -22.71 -16.61
C GLY N 367 -28.94 -21.51 -17.02
N GLY N 368 -27.97 -21.71 -17.92
CA GLY N 368 -27.15 -20.60 -18.37
C GLY N 368 -27.91 -19.58 -19.19
N VAL N 369 -28.79 -20.04 -20.08
CA VAL N 369 -29.51 -19.11 -20.94
C VAL N 369 -30.75 -18.53 -20.28
N SER N 370 -31.22 -19.11 -19.17
CA SER N 370 -32.37 -18.56 -18.48
C SER N 370 -32.00 -17.39 -17.58
N GLU N 371 -30.75 -17.30 -17.14
CA GLU N 371 -30.35 -16.23 -16.26
C GLU N 371 -30.40 -14.88 -16.97
N PRO N 372 -30.69 -13.81 -16.24
CA PRO N 372 -30.68 -12.47 -16.85
C PRO N 372 -29.28 -12.07 -17.29
N LEU N 373 -29.23 -11.31 -18.38
CA LEU N 373 -27.96 -10.93 -18.97
C LEU N 373 -27.22 -9.93 -18.09
N LYS N 374 -25.90 -9.95 -18.16
CA LYS N 374 -25.07 -8.99 -17.44
C LYS N 374 -25.23 -7.60 -18.06
N ARG N 375 -24.74 -6.60 -17.34
CA ARG N 375 -24.77 -5.24 -17.84
C ARG N 375 -23.79 -5.09 -18.99
N LYS N 376 -24.28 -4.63 -20.14
CA LYS N 376 -23.48 -4.48 -21.35
C LYS N 376 -22.83 -5.79 -21.77
N GLY N 377 -23.49 -6.91 -21.45
CA GLY N 377 -22.98 -8.21 -21.85
C GLY N 377 -24.03 -9.00 -22.59
N ARG N 378 -23.79 -10.30 -22.79
CA ARG N 378 -24.76 -11.14 -23.48
C ARG N 378 -24.94 -12.50 -22.83
N VAL N 379 -24.33 -12.74 -21.66
CA VAL N 379 -24.45 -14.01 -20.96
C VAL N 379 -24.72 -13.75 -19.48
N GLY N 380 -25.28 -14.75 -18.81
CA GLY N 380 -25.51 -14.67 -17.39
C GLY N 380 -24.22 -14.83 -16.61
N PRO N 381 -24.32 -14.59 -15.30
CA PRO N 381 -23.12 -14.67 -14.45
C PRO N 381 -22.43 -16.03 -14.48
N LEU N 382 -23.20 -17.12 -14.54
CA LEU N 382 -22.59 -18.45 -14.54
C LEU N 382 -21.84 -18.71 -15.85
N LEU N 383 -22.50 -18.43 -16.98
CA LEU N 383 -21.83 -18.59 -18.27
C LEU N 383 -20.65 -17.66 -18.39
N ALA N 384 -20.77 -16.43 -17.88
CA ALA N 384 -19.65 -15.51 -17.88
C ALA N 384 -18.48 -16.06 -17.09
N CYS N 385 -18.76 -16.65 -15.92
CA CYS N 385 -17.70 -17.24 -15.11
C CYS N 385 -16.99 -18.36 -15.86
N ILE N 386 -17.77 -19.28 -16.44
CA ILE N 386 -17.17 -20.42 -17.13
C ILE N 386 -16.34 -19.95 -18.32
N ILE N 387 -16.90 -19.06 -19.14
CA ILE N 387 -16.23 -18.63 -20.36
C ILE N 387 -14.98 -17.82 -20.02
N GLY N 388 -15.07 -16.91 -19.04
CA GLY N 388 -13.89 -16.15 -18.66
C GLY N 388 -12.79 -17.03 -18.10
N THR N 389 -13.14 -18.02 -17.28
CA THR N 389 -12.14 -18.94 -16.77
C THR N 389 -11.45 -19.69 -17.90
N GLN N 390 -12.25 -20.20 -18.84
CA GLN N 390 -11.67 -20.98 -19.94
C GLN N 390 -10.75 -20.12 -20.79
N PHE N 391 -11.16 -18.89 -21.10
CA PHE N 391 -10.34 -18.07 -21.98
C PHE N 391 -9.11 -17.53 -21.28
N ARG N 392 -9.18 -17.26 -19.98
CA ARG N 392 -7.97 -16.92 -19.24
C ARG N 392 -7.00 -18.08 -19.23
N LYS N 393 -7.50 -19.30 -19.05
CA LYS N 393 -6.62 -20.47 -19.10
C LYS N 393 -5.99 -20.62 -20.48
N LEU N 394 -6.76 -20.38 -21.54
CA LEU N 394 -6.22 -20.47 -22.89
C LEU N 394 -5.14 -19.43 -23.13
N ARG N 395 -5.35 -18.19 -22.67
CA ARG N 395 -4.39 -17.14 -22.94
C ARG N 395 -3.11 -17.32 -22.11
N ASP N 396 -3.26 -17.60 -20.82
CA ASP N 396 -2.09 -17.65 -19.94
C ASP N 396 -1.27 -18.90 -20.17
N GLY N 397 -1.89 -20.00 -20.58
CA GLY N 397 -1.18 -21.26 -20.73
C GLY N 397 -0.65 -21.51 -22.12
N ASP N 398 -0.62 -20.48 -22.95
CA ASP N 398 -0.16 -20.58 -24.33
C ASP N 398 1.24 -19.99 -24.44
N ARG N 399 2.18 -20.78 -24.96
CA ARG N 399 3.55 -20.30 -25.08
C ARG N 399 3.70 -19.30 -26.23
N PHE N 400 2.97 -19.52 -27.32
CA PHE N 400 3.08 -18.70 -28.51
C PHE N 400 2.04 -17.59 -28.56
N TRP N 401 1.63 -17.09 -27.40
CA TRP N 401 0.77 -15.92 -27.35
C TRP N 401 1.46 -14.74 -28.02
N TRP N 402 0.70 -13.95 -28.78
CA TRP N 402 1.30 -12.89 -29.57
C TRP N 402 1.97 -11.83 -28.71
N GLU N 403 1.57 -11.68 -27.46
CA GLU N 403 2.21 -10.74 -26.55
C GLU N 403 3.36 -11.35 -25.77
N ASN N 404 3.58 -12.65 -25.88
CA ASN N 404 4.70 -13.29 -25.20
C ASN N 404 6.02 -12.83 -25.81
N GLU N 405 7.00 -12.56 -24.97
CA GLU N 405 8.28 -12.08 -25.45
C GLU N 405 8.99 -13.17 -26.25
N GLY N 406 9.56 -12.77 -27.39
CA GLY N 406 10.25 -13.67 -28.29
C GLY N 406 9.42 -14.12 -29.47
N VAL N 407 8.10 -14.12 -29.33
CA VAL N 407 7.24 -14.49 -30.46
C VAL N 407 7.28 -13.41 -31.53
N PHE N 408 7.17 -12.14 -31.12
CA PHE N 408 7.24 -11.01 -32.04
C PHE N 408 8.15 -9.95 -31.45
N SER N 409 8.84 -9.23 -32.33
CA SER N 409 9.62 -8.08 -31.88
C SER N 409 8.69 -6.93 -31.51
N MET N 410 9.28 -5.90 -30.88
CA MET N 410 8.48 -4.75 -30.46
C MET N 410 7.85 -4.05 -31.65
N GLN N 411 8.61 -3.89 -32.74
CA GLN N 411 8.04 -3.27 -33.93
C GLN N 411 6.93 -4.13 -34.52
N GLN N 412 7.12 -5.46 -34.53
CA GLN N 412 6.08 -6.35 -35.01
C GLN N 412 4.83 -6.25 -34.15
N ARG N 413 5.00 -6.18 -32.83
CA ARG N 413 3.85 -6.04 -31.93
C ARG N 413 3.11 -4.74 -32.17
N GLN N 414 3.86 -3.64 -32.34
CA GLN N 414 3.23 -2.35 -32.61
C GLN N 414 2.48 -2.37 -33.93
N ALA N 415 3.05 -3.02 -34.94
CA ALA N 415 2.36 -3.11 -36.24
C ALA N 415 1.12 -3.98 -36.13
N LEU N 416 1.18 -5.06 -35.36
CA LEU N 416 0.04 -5.96 -35.24
C LEU N 416 -1.08 -5.37 -34.40
N ALA N 417 -0.75 -4.47 -33.47
CA ALA N 417 -1.78 -3.88 -32.63
C ALA N 417 -2.77 -3.03 -33.40
N GLN N 418 -2.43 -2.61 -34.62
CA GLN N 418 -3.30 -1.74 -35.41
C GLN N 418 -4.23 -2.50 -36.35
N ILE N 419 -4.16 -3.83 -36.37
CA ILE N 419 -5.04 -4.58 -37.27
C ILE N 419 -6.48 -4.50 -36.78
N SER N 420 -7.41 -4.74 -37.70
CA SER N 420 -8.83 -4.73 -37.38
C SER N 420 -9.57 -5.57 -38.41
N LEU N 421 -10.75 -6.04 -38.01
CA LEU N 421 -11.58 -6.82 -38.93
C LEU N 421 -12.01 -6.05 -40.17
N PRO N 422 -12.46 -4.78 -40.10
CA PRO N 422 -12.86 -4.09 -41.34
C PRO N 422 -11.74 -4.00 -42.37
N ARG N 423 -10.49 -3.82 -41.92
CA ARG N 423 -9.38 -3.77 -42.86
C ARG N 423 -9.22 -5.09 -43.60
N ILE N 424 -9.33 -6.20 -42.88
CA ILE N 424 -9.24 -7.52 -43.50
C ILE N 424 -10.41 -7.72 -44.46
N ILE N 425 -11.60 -7.25 -44.08
CA ILE N 425 -12.77 -7.45 -44.91
C ILE N 425 -12.66 -6.67 -46.21
N CYS N 426 -12.23 -5.41 -46.14
CA CYS N 426 -12.17 -4.56 -47.33
C CYS N 426 -10.81 -4.63 -48.02
N ASP N 427 -9.90 -5.48 -47.55
CA ASP N 427 -8.61 -5.68 -48.20
C ASP N 427 -8.61 -6.84 -49.18
N ASN N 428 -9.34 -7.92 -48.89
CA ASN N 428 -9.36 -9.12 -49.73
C ASN N 428 -10.76 -9.40 -50.27
N THR N 429 -11.56 -8.36 -50.47
CA THR N 429 -12.93 -8.55 -50.91
C THR N 429 -13.38 -7.26 -51.58
N GLY N 430 -14.29 -7.39 -52.54
CA GLY N 430 -14.78 -6.25 -53.30
C GLY N 430 -15.59 -5.25 -52.50
N ILE N 431 -15.68 -5.44 -51.18
CA ILE N 431 -16.40 -4.49 -50.34
C ILE N 431 -15.63 -3.19 -50.28
N THR N 432 -16.32 -2.07 -50.51
CA THR N 432 -15.69 -0.76 -50.45
C THR N 432 -16.19 0.08 -49.27
N THR N 433 -17.33 -0.27 -48.68
CA THR N 433 -17.88 0.42 -47.53
C THR N 433 -18.01 -0.58 -46.39
N VAL N 434 -17.34 -0.31 -45.27
CA VAL N 434 -17.32 -1.22 -44.14
C VAL N 434 -17.71 -0.47 -42.88
N SER N 435 -18.08 -1.23 -41.86
CA SER N 435 -18.51 -0.65 -40.59
C SER N 435 -17.34 0.03 -39.89
N LYS N 436 -17.68 0.86 -38.91
CA LYS N 436 -16.67 1.47 -38.07
C LYS N 436 -16.03 0.40 -37.18
N ASN N 437 -15.10 0.81 -36.33
CA ASN N 437 -14.43 -0.13 -35.46
C ASN N 437 -15.45 -0.83 -34.56
N ASN N 438 -15.05 -1.99 -34.04
CA ASN N 438 -15.94 -2.90 -33.32
C ASN N 438 -17.10 -3.33 -34.23
N ILE N 439 -16.72 -4.12 -35.24
CA ILE N 439 -17.67 -4.65 -36.22
C ILE N 439 -18.88 -5.27 -35.52
N PHE N 440 -18.64 -5.95 -34.40
CA PHE N 440 -19.71 -6.63 -33.69
C PHE N 440 -20.71 -5.67 -33.04
N MET N 441 -20.40 -4.38 -32.99
CA MET N 441 -21.26 -3.41 -32.33
C MET N 441 -22.11 -2.58 -33.30
N SER N 442 -21.59 -2.30 -34.49
CA SER N 442 -22.29 -1.45 -35.45
C SER N 442 -23.13 -2.31 -36.40
N ASN N 443 -24.41 -1.97 -36.54
CA ASN N 443 -25.31 -2.77 -37.35
C ASN N 443 -26.29 -1.96 -38.18
N SER N 444 -26.05 -0.66 -38.38
CA SER N 444 -26.98 0.20 -39.10
C SER N 444 -26.27 0.91 -40.24
N TYR N 445 -26.96 1.03 -41.38
CA TYR N 445 -26.44 1.71 -42.54
C TYR N 445 -27.31 2.91 -42.90
N PRO N 446 -26.70 4.04 -43.27
CA PRO N 446 -25.27 4.33 -43.33
C PRO N 446 -24.80 5.14 -42.12
N ARG N 447 -25.31 4.82 -40.93
CA ARG N 447 -25.01 5.64 -39.76
C ARG N 447 -23.54 5.52 -39.36
N ASP N 448 -22.98 4.32 -39.38
CA ASP N 448 -21.65 4.06 -38.84
C ASP N 448 -20.82 3.23 -39.82
N PHE N 449 -20.80 3.66 -41.08
CA PHE N 449 -20.02 3.00 -42.11
C PHE N 449 -19.02 3.98 -42.71
N VAL N 450 -17.80 3.50 -42.96
CA VAL N 450 -16.73 4.32 -43.51
C VAL N 450 -16.38 3.79 -44.89
N ASN N 451 -15.50 4.53 -45.58
CA ASN N 451 -15.20 4.27 -46.99
C ASN N 451 -14.05 3.30 -47.21
N CYS N 452 -13.47 2.73 -46.13
CA CYS N 452 -12.38 1.77 -46.20
C CYS N 452 -11.10 2.43 -46.69
N SER N 453 -11.20 3.69 -47.12
CA SER N 453 -10.03 4.46 -47.52
C SER N 453 -9.42 5.23 -46.35
N THR N 454 -10.02 5.16 -45.16
CA THR N 454 -9.49 5.82 -43.99
C THR N 454 -8.82 4.86 -43.01
N LEU N 455 -9.16 3.58 -43.05
CA LEU N 455 -8.54 2.60 -42.18
C LEU N 455 -7.14 2.27 -42.67
N PRO N 456 -6.09 2.48 -41.87
CA PRO N 456 -4.75 2.14 -42.32
C PRO N 456 -4.58 0.64 -42.47
N ALA N 457 -3.73 0.26 -43.43
CA ALA N 457 -3.44 -1.14 -43.70
C ALA N 457 -2.31 -1.63 -42.80
N LEU N 458 -2.22 -2.95 -42.68
CA LEU N 458 -1.15 -3.56 -41.90
C LEU N 458 0.19 -3.31 -42.57
N ASN N 459 1.17 -2.87 -41.78
CA ASN N 459 2.50 -2.55 -42.29
C ASN N 459 3.44 -3.70 -42.02
N LEU N 460 3.99 -4.29 -43.08
CA LEU N 460 4.89 -5.42 -42.98
C LEU N 460 6.36 -5.02 -43.14
N ALA N 461 6.65 -3.72 -43.07
CA ALA N 461 8.04 -3.26 -43.21
C ALA N 461 8.92 -3.72 -42.07
N SER N 462 8.33 -4.15 -40.95
CA SER N 462 9.11 -4.67 -39.83
C SER N 462 9.46 -6.14 -39.98
N TRP N 463 9.02 -6.79 -41.05
CA TRP N 463 9.32 -8.18 -41.31
C TRP N 463 10.54 -8.36 -42.21
N ARG N 464 11.23 -7.28 -42.57
CA ARG N 464 12.39 -7.37 -43.43
C ARG N 464 13.51 -8.14 -42.75
N GLU N 465 14.24 -8.93 -43.54
CA GLU N 465 15.35 -9.71 -43.01
C GLU N 465 16.69 -9.12 -43.45
N ASP O 7 -29.52 -46.69 3.63
CA ASP O 7 -28.35 -45.92 4.02
C ASP O 7 -28.12 -45.99 5.53
N LYS O 8 -28.70 -47.02 6.16
CA LYS O 8 -28.52 -47.20 7.59
C LYS O 8 -27.07 -47.46 7.95
N TYR O 9 -26.39 -48.28 7.16
CA TYR O 9 -25.00 -48.66 7.42
C TYR O 9 -24.16 -48.42 6.18
N ARG O 10 -22.84 -48.48 6.36
CA ARG O 10 -21.92 -48.32 5.26
C ARG O 10 -22.02 -49.50 4.29
N THR O 11 -21.66 -49.24 3.04
CA THR O 11 -21.48 -50.33 2.08
C THR O 11 -20.10 -50.96 2.27
N ILE O 12 -19.82 -51.99 1.47
CA ILE O 12 -18.58 -52.74 1.63
C ILE O 12 -17.60 -52.38 0.54
N THR O 13 -18.11 -51.86 -0.59
CA THR O 13 -17.27 -51.48 -1.71
C THR O 13 -17.14 -49.97 -1.88
N GLY O 14 -17.76 -49.18 -0.99
CA GLY O 14 -17.72 -47.74 -1.10
C GLY O 14 -18.68 -47.14 -2.09
N MET O 15 -19.48 -47.95 -2.78
CA MET O 15 -20.39 -47.44 -3.79
C MET O 15 -21.56 -46.72 -3.14
N CYS O 16 -22.04 -45.69 -3.84
CA CYS O 16 -23.22 -44.91 -3.45
C CYS O 16 -23.03 -44.15 -2.14
N ASN O 17 -21.78 -43.98 -1.68
CA ASN O 17 -21.54 -43.10 -0.55
C ASN O 17 -21.85 -41.66 -0.92
N ASN O 18 -21.48 -41.25 -2.13
CA ASN O 18 -21.85 -39.95 -2.68
C ASN O 18 -23.04 -40.16 -3.61
N ARG O 19 -24.18 -39.55 -3.27
CA ARG O 19 -25.39 -39.80 -4.04
C ARG O 19 -25.26 -39.29 -5.48
N ARG O 20 -24.65 -38.11 -5.66
CA ARG O 20 -24.52 -37.56 -7.00
C ARG O 20 -23.60 -38.41 -7.87
N SER O 21 -22.47 -38.85 -7.32
CA SER O 21 -21.49 -39.67 -8.04
C SER O 21 -21.21 -40.90 -7.21
N PRO O 22 -21.95 -41.99 -7.41
CA PRO O 22 -21.76 -43.19 -6.58
C PRO O 22 -20.36 -43.77 -6.68
N THR O 23 -19.72 -43.68 -7.83
CA THR O 23 -18.39 -44.25 -8.01
C THR O 23 -17.28 -43.43 -7.35
N LEU O 24 -17.60 -42.24 -6.84
CA LEU O 24 -16.60 -41.38 -6.23
C LEU O 24 -16.17 -41.96 -4.89
N GLY O 25 -14.87 -42.22 -4.75
CA GLY O 25 -14.33 -42.75 -3.51
C GLY O 25 -14.51 -44.25 -3.33
N ALA O 26 -15.00 -44.96 -4.33
CA ALA O 26 -15.21 -46.39 -4.22
C ALA O 26 -13.88 -47.12 -4.44
N SER O 27 -13.94 -48.45 -4.51
CA SER O 27 -12.74 -49.26 -4.72
C SER O 27 -12.60 -49.61 -6.19
N ASN O 28 -11.38 -50.00 -6.56
CA ASN O 28 -11.04 -50.36 -7.94
C ASN O 28 -11.37 -49.23 -8.91
N ARG O 29 -11.01 -48.01 -8.52
CA ARG O 29 -11.22 -46.83 -9.35
C ARG O 29 -9.92 -46.05 -9.46
N ALA O 30 -9.82 -45.27 -10.53
CA ALA O 30 -8.60 -44.52 -10.81
C ALA O 30 -8.39 -43.41 -9.78
N PHE O 31 -7.13 -43.05 -9.59
CA PHE O 31 -6.78 -41.96 -8.70
C PHE O 31 -7.23 -40.63 -9.27
N VAL O 32 -7.22 -39.60 -8.44
CA VAL O 32 -7.50 -38.23 -8.87
C VAL O 32 -6.18 -37.49 -8.98
N ARG O 33 -5.96 -36.84 -10.11
CA ARG O 33 -4.71 -36.15 -10.41
C ARG O 33 -4.85 -34.68 -10.04
N TRP O 34 -4.14 -34.27 -8.98
CA TRP O 34 -4.16 -32.86 -8.60
C TRP O 34 -3.35 -32.01 -9.58
N LEU O 35 -2.39 -32.60 -10.27
CA LEU O 35 -1.58 -31.94 -11.27
C LEU O 35 -1.48 -32.82 -12.50
N PRO O 36 -1.30 -32.23 -13.68
CA PRO O 36 -1.13 -33.03 -14.89
C PRO O 36 0.11 -33.90 -14.81
N ALA O 37 0.03 -35.08 -15.43
CA ALA O 37 1.11 -36.04 -15.38
C ALA O 37 2.32 -35.53 -16.16
N GLU O 38 3.51 -35.97 -15.74
CA GLU O 38 4.77 -35.56 -16.34
C GLU O 38 5.51 -36.82 -16.80
N TYR O 39 5.25 -37.25 -18.03
CA TYR O 39 5.85 -38.45 -18.58
C TYR O 39 6.88 -38.08 -19.65
N GLU O 40 7.75 -39.05 -19.95
CA GLU O 40 8.88 -38.77 -20.85
C GLU O 40 8.39 -38.50 -22.27
N ASP O 41 7.54 -39.38 -22.81
CA ASP O 41 6.99 -39.16 -24.14
C ASP O 41 5.70 -38.37 -24.11
N GLY O 42 5.12 -38.14 -22.94
CA GLY O 42 3.94 -37.33 -22.83
C GLY O 42 2.77 -38.03 -22.16
N PHE O 43 2.58 -39.32 -22.43
CA PHE O 43 1.40 -40.03 -21.93
C PHE O 43 1.74 -41.26 -21.10
N SER O 44 2.63 -42.13 -21.56
CA SER O 44 2.74 -43.44 -20.93
C SER O 44 4.18 -43.94 -20.82
N LEU O 45 5.16 -43.05 -20.65
CA LEU O 45 6.54 -43.49 -20.50
C LEU O 45 7.22 -42.73 -19.37
N PRO O 46 7.87 -43.42 -18.45
CA PRO O 46 8.51 -42.74 -17.31
C PRO O 46 9.83 -42.12 -17.73
N TYR O 47 10.35 -41.27 -16.84
CA TYR O 47 11.65 -40.66 -17.05
C TYR O 47 12.75 -41.64 -16.66
N GLY O 48 13.71 -41.84 -17.56
CA GLY O 48 14.73 -42.84 -17.39
C GLY O 48 14.48 -44.13 -18.14
N TRP O 49 13.30 -44.28 -18.75
CA TRP O 49 13.02 -45.46 -19.55
C TRP O 49 13.94 -45.53 -20.77
N THR O 50 14.12 -44.41 -21.45
CA THR O 50 14.97 -44.36 -22.64
C THR O 50 16.27 -43.66 -22.30
N PRO O 51 17.41 -44.35 -22.37
CA PRO O 51 18.69 -43.68 -22.08
C PRO O 51 18.98 -42.58 -23.09
N GLY O 52 19.65 -41.53 -22.61
CA GLY O 52 20.00 -40.39 -23.44
C GLY O 52 19.02 -39.25 -23.43
N VAL O 53 17.85 -39.43 -22.82
CA VAL O 53 16.86 -38.36 -22.75
C VAL O 53 17.14 -37.50 -21.53
N LYS O 54 16.66 -36.26 -21.57
CA LYS O 54 16.89 -35.30 -20.51
C LYS O 54 15.56 -34.75 -20.00
N ARG O 55 15.52 -34.45 -18.71
CA ARG O 55 14.33 -33.90 -18.06
C ARG O 55 14.54 -32.41 -17.83
N ASN O 56 13.81 -31.60 -18.59
CA ASN O 56 13.88 -30.14 -18.48
C ASN O 56 15.32 -29.63 -18.65
N GLY O 57 16.03 -30.20 -19.63
CA GLY O 57 17.38 -29.77 -19.93
C GLY O 57 18.47 -30.37 -19.08
N PHE O 58 18.15 -31.31 -18.21
CA PHE O 58 19.15 -31.97 -17.38
C PHE O 58 18.96 -33.48 -17.44
N PRO O 59 20.04 -34.24 -17.36
CA PRO O 59 19.91 -35.70 -17.34
C PRO O 59 19.22 -36.20 -16.08
N VAL O 60 18.51 -37.31 -16.22
CA VAL O 60 17.78 -37.89 -15.11
C VAL O 60 18.73 -38.70 -14.24
N ALA O 61 18.75 -38.40 -12.95
CA ALA O 61 19.63 -39.08 -12.02
C ALA O 61 19.06 -40.45 -11.65
N LEU O 62 19.96 -41.40 -11.38
CA LEU O 62 19.54 -42.72 -10.95
C LEU O 62 19.02 -42.65 -9.51
N ALA O 63 17.87 -43.26 -9.27
CA ALA O 63 17.28 -43.23 -7.93
C ALA O 63 18.18 -43.94 -6.93
N ARG O 64 18.77 -45.07 -7.33
CA ARG O 64 19.69 -45.77 -6.45
C ARG O 64 20.91 -44.91 -6.14
N ALA O 65 21.42 -44.18 -7.14
CA ALA O 65 22.54 -43.27 -6.89
C ALA O 65 22.16 -42.16 -5.93
N VAL O 66 20.96 -41.62 -6.08
CA VAL O 66 20.48 -40.57 -5.17
C VAL O 66 20.40 -41.10 -3.75
N SER O 67 19.85 -42.31 -3.58
CA SER O 67 19.80 -42.91 -2.25
C SER O 67 21.20 -43.20 -1.71
N ASN O 68 22.13 -43.55 -2.59
CA ASN O 68 23.49 -43.88 -2.15
C ASN O 68 24.24 -42.66 -1.65
N GLU O 69 24.13 -41.53 -2.37
CA GLU O 69 24.95 -40.37 -2.06
C GLU O 69 24.32 -39.43 -1.03
N ILE O 70 23.05 -39.64 -0.66
CA ILE O 70 22.38 -38.70 0.24
C ILE O 70 21.86 -39.42 1.47
N VAL O 71 20.96 -40.40 1.26
CA VAL O 71 20.26 -41.03 2.37
C VAL O 71 21.22 -41.82 3.25
N ARG O 72 22.23 -42.45 2.65
CA ARG O 72 23.12 -43.33 3.41
C ARG O 72 23.84 -42.57 4.53
N PHE O 73 23.93 -43.22 5.69
CA PHE O 73 24.61 -42.65 6.86
C PHE O 73 24.93 -43.79 7.81
N PRO O 74 26.00 -43.65 8.61
CA PRO O 74 26.33 -44.73 9.56
C PRO O 74 25.21 -44.94 10.57
N THR O 75 24.97 -46.21 10.90
CA THR O 75 23.85 -46.56 11.76
C THR O 75 24.11 -46.31 13.23
N ASP O 76 25.37 -46.09 13.63
CA ASP O 76 25.66 -45.78 15.03
C ASP O 76 25.36 -44.33 15.40
N GLN O 77 25.10 -43.48 14.41
CA GLN O 77 24.74 -42.09 14.65
C GLN O 77 23.24 -41.89 14.81
N LEU O 78 22.45 -42.97 14.76
CA LEU O 78 21.00 -42.86 14.89
C LEU O 78 20.64 -42.30 16.26
N THR O 79 19.60 -41.47 16.27
CA THR O 79 19.13 -40.87 17.51
C THR O 79 17.65 -41.19 17.72
N PRO O 80 17.22 -41.29 18.97
CA PRO O 80 15.80 -41.56 19.24
C PRO O 80 15.00 -40.27 19.37
N ASP O 81 13.68 -40.43 19.33
CA ASP O 81 12.76 -39.32 19.50
C ASP O 81 12.22 -39.36 20.92
N GLN O 82 12.42 -38.26 21.66
CA GLN O 82 12.00 -38.21 23.06
C GLN O 82 10.53 -37.87 23.24
N GLU O 83 9.82 -37.53 22.17
CA GLU O 83 8.42 -37.13 22.26
C GLU O 83 7.50 -38.01 21.42
N ARG O 84 7.99 -39.14 20.90
CA ARG O 84 7.19 -40.04 20.10
C ARG O 84 7.45 -41.48 20.52
N SER O 85 6.70 -42.40 19.92
CA SER O 85 6.87 -43.82 20.17
C SER O 85 6.69 -44.57 18.86
N LEU O 86 7.08 -45.85 18.85
CA LEU O 86 6.93 -46.67 17.66
C LEU O 86 5.46 -46.86 17.29
N MET O 87 4.55 -46.74 18.26
CA MET O 87 3.12 -46.83 17.97
C MET O 87 2.70 -45.74 16.99
N PHE O 88 3.38 -44.60 17.01
CA PHE O 88 3.14 -43.55 16.02
C PHE O 88 3.34 -44.08 14.61
N MET O 89 4.50 -44.68 14.35
CA MET O 89 4.79 -45.24 13.04
C MET O 89 3.83 -46.36 12.69
N GLN O 90 3.52 -47.23 13.66
CA GLN O 90 2.64 -48.36 13.38
C GLN O 90 1.24 -47.89 13.01
N TRP O 91 0.70 -46.90 13.72
CA TRP O 91 -0.61 -46.39 13.37
C TRP O 91 -0.57 -45.65 12.03
N GLY O 92 0.55 -44.99 11.72
CA GLY O 92 0.68 -44.41 10.39
C GLY O 92 0.56 -45.45 9.30
N GLN O 93 1.26 -46.57 9.47
CA GLN O 93 1.17 -47.65 8.49
C GLN O 93 -0.23 -48.22 8.41
N LEU O 94 -0.88 -48.42 9.57
CA LEU O 94 -2.22 -48.99 9.59
C LEU O 94 -3.21 -48.07 8.85
N LEU O 95 -3.14 -46.77 9.12
CA LEU O 95 -4.00 -45.83 8.43
C LEU O 95 -3.71 -45.80 6.94
N ASP O 96 -2.43 -45.87 6.55
CA ASP O 96 -2.09 -45.89 5.14
C ASP O 96 -2.68 -47.12 4.45
N HIS O 97 -2.55 -48.30 5.07
CA HIS O 97 -3.13 -49.50 4.50
C HIS O 97 -4.65 -49.41 4.47
N ASP O 98 -5.24 -48.65 5.39
CA ASP O 98 -6.67 -48.38 5.30
C ASP O 98 -6.99 -47.56 4.06
N LEU O 99 -6.14 -46.59 3.73
CA LEU O 99 -6.48 -45.61 2.71
C LEU O 99 -6.35 -46.16 1.29
N ASP O 100 -5.15 -46.56 0.89
CA ASP O 100 -4.88 -46.83 -0.52
C ASP O 100 -3.97 -48.03 -0.70
N PHE O 101 -3.99 -48.56 -1.91
CA PHE O 101 -3.12 -49.67 -2.31
C PHE O 101 -3.11 -49.73 -3.83
N THR O 102 -1.92 -49.65 -4.45
CA THR O 102 -1.81 -49.64 -5.89
C THR O 102 -1.35 -51.00 -6.38
N PRO O 103 -2.20 -51.76 -7.10
CA PRO O 103 -1.79 -53.08 -7.56
C PRO O 103 -0.82 -53.00 -8.72
N GLU O 104 -0.06 -54.08 -8.88
CA GLU O 104 0.88 -54.25 -9.98
C GLU O 104 0.74 -55.66 -10.53
N PRO O 105 1.04 -55.86 -11.82
CA PRO O 105 0.89 -57.20 -12.39
C PRO O 105 1.85 -58.20 -11.77
N ALA O 106 1.42 -59.45 -11.75
CA ALA O 106 2.23 -60.53 -11.19
C ALA O 106 3.41 -60.86 -12.09
N GLN P 9 14.58 -54.58 -19.64
CA GLN P 9 13.67 -53.49 -19.34
C GLN P 9 12.36 -53.64 -20.12
N GLN P 10 12.09 -54.86 -20.56
CA GLN P 10 10.85 -55.12 -21.27
C GLN P 10 9.65 -54.93 -20.34
N PRO P 11 8.55 -54.36 -20.83
CA PRO P 11 7.40 -54.15 -19.95
C PRO P 11 6.81 -55.48 -19.51
N PRO P 12 6.21 -55.54 -18.31
CA PRO P 12 6.04 -54.46 -17.33
C PRO P 12 7.17 -54.41 -16.30
N CYS P 13 8.42 -54.55 -16.71
CA CYS P 13 9.56 -54.50 -15.82
C CYS P 13 10.31 -53.19 -16.03
N PHE P 14 10.57 -52.47 -14.93
CA PHE P 14 11.28 -51.20 -14.96
C PHE P 14 12.37 -51.24 -13.89
N PRO P 15 13.40 -52.06 -14.11
CA PRO P 15 14.39 -52.29 -13.06
C PRO P 15 15.21 -51.04 -12.74
N LEU P 16 15.72 -50.99 -11.51
CA LEU P 16 16.54 -49.89 -11.08
C LEU P 16 17.99 -50.12 -11.53
N LYS P 17 18.52 -49.19 -12.31
CA LYS P 17 19.90 -49.30 -12.76
C LYS P 17 20.87 -49.10 -11.60
N ILE P 18 21.97 -49.83 -11.64
CA ILE P 18 22.97 -49.81 -10.58
C ILE P 18 24.08 -48.84 -10.98
N PRO P 19 24.30 -47.76 -10.24
CA PRO P 19 25.39 -46.84 -10.56
C PRO P 19 26.73 -47.48 -10.25
N PRO P 20 27.81 -47.00 -10.85
CA PRO P 20 29.14 -47.54 -10.54
C PRO P 20 29.51 -47.29 -9.08
N ASN P 21 30.62 -47.92 -8.67
CA ASN P 21 31.18 -47.83 -7.32
C ASN P 21 30.12 -47.98 -6.24
N ASP P 22 29.10 -48.81 -6.48
CA ASP P 22 28.06 -49.03 -5.48
C ASP P 22 28.63 -49.83 -4.31
N PRO P 23 28.41 -49.40 -3.07
CA PRO P 23 29.00 -50.12 -1.93
C PRO P 23 28.49 -51.54 -1.76
N ARG P 24 27.23 -51.82 -2.13
CA ARG P 24 26.64 -53.12 -1.86
C ARG P 24 26.79 -54.08 -3.04
N ILE P 25 26.25 -53.70 -4.19
CA ILE P 25 26.18 -54.58 -5.35
C ILE P 25 27.37 -54.29 -6.24
N LYS P 26 28.32 -55.22 -6.29
CA LYS P 26 29.53 -55.04 -7.08
C LYS P 26 29.29 -55.23 -8.56
N ASN P 27 28.32 -56.06 -8.94
CA ASN P 27 28.06 -56.37 -10.34
C ASN P 27 27.16 -55.29 -10.93
N GLN P 28 27.63 -54.67 -12.02
CA GLN P 28 26.84 -53.64 -12.68
C GLN P 28 25.71 -54.25 -13.53
N ALA P 29 25.90 -55.46 -14.03
CA ALA P 29 24.88 -56.09 -14.87
C ALA P 29 23.62 -56.44 -14.10
N ASP P 30 23.70 -56.56 -12.77
CA ASP P 30 22.53 -56.84 -11.97
C ASP P 30 21.61 -55.62 -11.91
N CYS P 31 20.37 -55.86 -11.50
CA CYS P 31 19.39 -54.80 -11.38
C CYS P 31 18.45 -55.12 -10.22
N ILE P 32 17.86 -54.08 -9.64
CA ILE P 32 16.90 -54.25 -8.56
C ILE P 32 15.53 -54.52 -9.15
N PRO P 33 14.82 -55.56 -8.72
CA PRO P 33 13.50 -55.85 -9.28
C PRO P 33 12.53 -54.70 -9.07
N PHE P 34 11.66 -54.50 -10.07
CA PHE P 34 10.69 -53.41 -10.03
C PHE P 34 9.63 -53.68 -11.08
N PHE P 35 8.37 -53.50 -10.70
CA PHE P 35 7.24 -53.72 -11.60
C PHE P 35 6.38 -52.46 -11.66
N ARG P 36 6.05 -52.04 -12.87
CA ARG P 36 5.22 -50.85 -13.05
C ARG P 36 3.79 -51.13 -12.57
N SER P 37 3.11 -50.06 -12.15
CA SER P 37 1.75 -50.20 -11.65
C SER P 37 0.78 -50.52 -12.78
N CYS P 38 -0.38 -51.05 -12.42
CA CYS P 38 -1.39 -51.38 -13.40
C CYS P 38 -2.02 -50.11 -13.95
N PRO P 39 -2.06 -49.93 -15.27
CA PRO P 39 -2.70 -48.73 -15.83
C PRO P 39 -4.20 -48.81 -15.69
N ALA P 40 -4.83 -47.63 -15.64
CA ALA P 40 -6.28 -47.57 -15.60
C ALA P 40 -6.90 -48.10 -16.89
N CYS P 41 -6.33 -47.73 -18.03
CA CYS P 41 -6.77 -48.23 -19.34
C CYS P 41 -5.64 -49.01 -19.98
N PRO P 42 -5.69 -50.34 -19.97
CA PRO P 42 -4.59 -51.11 -20.56
C PRO P 42 -4.58 -51.02 -22.07
N GLY P 43 -3.69 -50.17 -22.60
CA GLY P 43 -3.59 -49.97 -24.04
C GLY P 43 -4.43 -48.78 -24.48
N SER P 44 -3.76 -47.69 -24.86
CA SER P 44 -4.47 -46.47 -25.24
C SER P 44 -3.49 -45.52 -25.89
N ASN P 45 -3.95 -44.83 -26.93
CA ASN P 45 -3.18 -43.79 -27.59
C ASN P 45 -3.74 -42.40 -27.31
N ILE P 46 -4.71 -42.29 -26.40
CA ILE P 46 -5.39 -41.02 -26.15
C ILE P 46 -5.26 -40.64 -24.67
N THR P 47 -5.71 -41.53 -23.79
CA THR P 47 -5.75 -41.21 -22.37
C THR P 47 -4.35 -41.18 -21.77
N ILE P 48 -4.11 -40.16 -20.94
CA ILE P 48 -2.88 -40.13 -20.16
C ILE P 48 -2.91 -41.24 -19.12
N ARG P 49 -1.77 -41.92 -18.96
CA ARG P 49 -1.71 -43.07 -18.06
C ARG P 49 -2.08 -42.67 -16.63
N ASN P 50 -2.94 -43.46 -16.01
CA ASN P 50 -3.35 -43.25 -14.63
C ASN P 50 -3.38 -44.58 -13.91
N GLN P 51 -3.22 -44.53 -12.59
CA GLN P 51 -3.11 -45.72 -11.78
C GLN P 51 -4.46 -46.09 -11.18
N ILE P 52 -4.49 -47.21 -10.46
CA ILE P 52 -5.72 -47.78 -9.92
C ILE P 52 -5.59 -47.88 -8.40
N ASN P 53 -6.60 -47.42 -7.69
CA ASN P 53 -6.69 -47.59 -6.24
C ASN P 53 -7.64 -48.74 -5.95
N ALA P 54 -7.12 -49.79 -5.33
CA ALA P 54 -7.88 -51.02 -5.11
C ALA P 54 -8.60 -51.05 -3.75
N LEU P 55 -8.54 -49.96 -2.99
CA LEU P 55 -9.17 -49.91 -1.67
C LEU P 55 -10.04 -48.67 -1.57
N THR P 56 -11.01 -48.74 -0.65
CA THR P 56 -11.93 -47.62 -0.45
C THR P 56 -11.18 -46.40 0.09
N SER P 57 -11.46 -45.24 -0.49
CA SER P 57 -10.82 -44.00 -0.10
C SER P 57 -11.53 -43.34 1.08
N PHE P 58 -11.74 -44.10 2.15
CA PHE P 58 -12.39 -43.61 3.34
C PHE P 58 -11.71 -44.22 4.56
N VAL P 59 -11.84 -43.54 5.70
CA VAL P 59 -11.36 -44.09 6.98
C VAL P 59 -12.53 -44.88 7.54
N ASP P 60 -12.65 -46.13 7.08
CA ASP P 60 -13.76 -46.99 7.44
C ASP P 60 -13.31 -48.35 7.94
N ALA P 61 -12.08 -48.44 8.44
CA ALA P 61 -11.53 -49.69 8.97
C ALA P 61 -11.60 -50.82 7.93
N SER P 62 -11.23 -50.48 6.69
CA SER P 62 -11.22 -51.47 5.63
C SER P 62 -10.10 -52.49 5.78
N MET P 63 -9.15 -52.26 6.70
CA MET P 63 -8.08 -53.21 6.94
C MET P 63 -8.57 -54.53 7.54
N VAL P 64 -9.73 -54.53 8.19
CA VAL P 64 -10.24 -55.73 8.83
C VAL P 64 -11.44 -56.32 8.09
N TYR P 65 -12.23 -55.51 7.41
CA TYR P 65 -13.44 -55.98 6.73
C TYR P 65 -13.26 -56.10 5.22
N GLY P 66 -12.08 -55.77 4.69
CA GLY P 66 -11.85 -55.86 3.27
C GLY P 66 -12.49 -54.72 2.50
N SER P 67 -12.35 -54.79 1.18
CA SER P 67 -12.90 -53.78 0.29
C SER P 67 -13.69 -54.36 -0.87
N GLU P 68 -13.88 -55.67 -0.93
CA GLU P 68 -14.68 -56.31 -1.96
C GLU P 68 -15.61 -57.33 -1.33
N GLU P 69 -16.73 -57.57 -1.99
CA GLU P 69 -17.75 -58.47 -1.44
C GLU P 69 -17.27 -59.89 -1.20
N PRO P 70 -16.59 -60.56 -2.15
CA PRO P 70 -16.17 -61.95 -1.87
C PRO P 70 -15.19 -62.08 -0.72
N LEU P 71 -14.16 -61.23 -0.69
CA LEU P 71 -13.19 -61.30 0.40
C LEU P 71 -13.82 -60.97 1.74
N ALA P 72 -14.70 -59.96 1.76
CA ALA P 72 -15.38 -59.59 3.00
C ALA P 72 -16.26 -60.73 3.50
N ARG P 73 -16.99 -61.38 2.59
CA ARG P 73 -17.83 -62.51 2.99
C ARG P 73 -16.97 -63.68 3.49
N ASN P 74 -15.83 -63.91 2.85
CA ASN P 74 -14.93 -64.96 3.30
C ASN P 74 -14.33 -64.65 4.66
N LEU P 75 -14.16 -63.37 4.98
CA LEU P 75 -13.60 -62.97 6.27
C LEU P 75 -14.57 -63.13 7.43
N ARG P 76 -15.87 -63.25 7.15
CA ARG P 76 -16.87 -63.38 8.20
C ARG P 76 -17.03 -64.84 8.60
N ASN P 77 -17.34 -65.05 9.88
CA ASN P 77 -17.63 -66.40 10.39
C ASN P 77 -19.12 -66.65 10.20
N MET P 78 -19.45 -67.24 9.05
CA MET P 78 -20.84 -67.51 8.72
C MET P 78 -21.22 -68.92 9.17
N SER P 79 -20.98 -69.23 10.44
CA SER P 79 -21.35 -70.52 11.02
C SER P 79 -22.38 -70.41 12.14
N ASN P 80 -22.54 -69.24 12.73
CA ASN P 80 -23.52 -69.02 13.78
C ASN P 80 -24.28 -67.74 13.47
N GLN P 81 -25.11 -67.29 14.41
CA GLN P 81 -25.86 -66.05 14.27
C GLN P 81 -25.31 -64.94 15.17
N LEU P 82 -24.05 -65.04 15.59
CA LEU P 82 -23.45 -64.07 16.47
C LEU P 82 -22.83 -62.89 15.73
N GLY P 83 -22.72 -62.95 14.41
CA GLY P 83 -22.13 -61.87 13.65
C GLY P 83 -20.67 -61.61 13.97
N LEU P 84 -19.89 -62.67 14.10
CA LEU P 84 -18.49 -62.55 14.47
C LEU P 84 -17.60 -62.55 13.23
N LEU P 85 -16.29 -62.59 13.45
CA LEU P 85 -15.30 -62.70 12.39
C LEU P 85 -14.51 -63.99 12.55
N ALA P 86 -14.07 -64.54 11.42
CA ALA P 86 -13.33 -65.79 11.44
C ALA P 86 -12.00 -65.62 12.14
N VAL P 87 -11.63 -66.62 12.94
CA VAL P 87 -10.37 -66.63 13.67
C VAL P 87 -9.59 -67.87 13.28
N ASN P 88 -8.35 -67.95 13.74
CA ASN P 88 -7.50 -69.09 13.43
C ASN P 88 -8.03 -70.35 14.10
N GLN P 89 -8.10 -71.43 13.33
CA GLN P 89 -8.61 -72.70 13.82
C GLN P 89 -7.53 -73.61 14.36
N ARG P 90 -6.26 -73.22 14.26
CA ARG P 90 -5.15 -74.08 14.66
C ARG P 90 -4.30 -73.52 15.79
N PHE P 91 -4.21 -72.20 15.91
CA PHE P 91 -3.34 -71.58 16.91
C PHE P 91 -4.13 -70.58 17.73
N GLN P 92 -3.71 -70.41 18.98
CA GLN P 92 -4.31 -69.45 19.90
C GLN P 92 -3.22 -68.71 20.64
N ASP P 93 -3.54 -67.49 21.06
CA ASP P 93 -2.62 -66.64 21.82
C ASP P 93 -3.15 -66.57 23.26
N ASN P 94 -2.72 -67.52 24.09
CA ASN P 94 -3.16 -67.61 25.48
C ASN P 94 -4.68 -67.63 25.57
N GLY P 95 -5.32 -68.40 24.69
CA GLY P 95 -6.77 -68.48 24.67
C GLY P 95 -7.46 -67.29 24.04
N ARG P 96 -6.76 -66.51 23.23
CA ARG P 96 -7.34 -65.36 22.55
C ARG P 96 -7.34 -65.58 21.04
N ALA P 97 -8.14 -64.77 20.35
CA ALA P 97 -8.33 -64.94 18.92
C ALA P 97 -7.05 -64.59 18.15
N LEU P 98 -6.91 -65.21 16.98
CA LEU P 98 -5.80 -64.95 16.08
C LEU P 98 -6.32 -64.82 14.66
N LEU P 99 -5.55 -64.15 13.81
CA LEU P 99 -5.96 -63.93 12.44
C LEU P 99 -6.05 -65.26 11.70
N PRO P 100 -7.04 -65.44 10.83
CA PRO P 100 -7.13 -66.68 10.05
C PRO P 100 -6.00 -66.78 9.03
N PHE P 101 -5.66 -68.03 8.71
CA PHE P 101 -4.58 -68.29 7.76
C PHE P 101 -5.07 -68.06 6.33
N ASP P 102 -4.10 -67.96 5.42
CA ASP P 102 -4.38 -67.70 4.01
C ASP P 102 -3.71 -68.76 3.15
N ASN P 103 -4.33 -69.05 2.01
CA ASN P 103 -3.82 -70.01 1.04
C ASN P 103 -3.39 -69.25 -0.22
N LEU P 104 -2.13 -69.41 -0.60
CA LEU P 104 -1.58 -68.71 -1.75
C LEU P 104 -0.73 -69.66 -2.57
N HIS P 105 -0.62 -69.37 -3.87
CA HIS P 105 0.25 -70.15 -4.74
C HIS P 105 1.71 -70.03 -4.31
N ASP P 106 2.14 -68.82 -3.99
CA ASP P 106 3.48 -68.58 -3.47
C ASP P 106 3.35 -67.80 -2.17
N ASP P 107 3.95 -68.33 -1.11
CA ASP P 107 3.78 -67.76 0.23
C ASP P 107 5.14 -67.36 0.81
N PRO P 108 5.46 -66.07 0.87
CA PRO P 108 6.76 -65.67 1.43
C PRO P 108 6.93 -66.02 2.90
N CYS P 109 5.83 -66.15 3.65
CA CYS P 109 5.93 -66.51 5.06
C CYS P 109 6.55 -67.89 5.23
N LEU P 110 6.19 -68.84 4.37
CA LEU P 110 6.83 -70.14 4.39
C LEU P 110 8.28 -70.06 3.93
N LEU P 111 8.58 -69.15 2.99
CA LEU P 111 9.94 -69.00 2.50
C LEU P 111 10.87 -68.45 3.58
N THR P 112 10.35 -67.60 4.47
CA THR P 112 11.18 -67.02 5.52
C THR P 112 11.75 -68.09 6.44
N ASN P 113 10.92 -69.05 6.84
CA ASN P 113 11.37 -70.14 7.69
C ASN P 113 10.61 -71.40 7.30
N ARG P 114 11.31 -72.36 6.71
CA ARG P 114 10.68 -73.58 6.24
C ARG P 114 10.46 -74.60 7.35
N SER P 115 11.10 -74.43 8.51
CA SER P 115 10.91 -75.40 9.59
C SER P 115 9.55 -75.22 10.26
N ALA P 116 9.12 -73.97 10.48
CA ALA P 116 7.89 -73.73 11.21
C ALA P 116 6.66 -74.05 10.36
N ARG P 117 6.72 -73.76 9.06
CA ARG P 117 5.60 -73.97 8.14
C ARG P 117 4.37 -73.20 8.60
N ILE P 118 4.51 -71.88 8.66
CA ILE P 118 3.44 -70.98 9.07
C ILE P 118 3.08 -70.10 7.87
N PRO P 119 1.94 -70.31 7.24
CA PRO P 119 1.54 -69.46 6.10
C PRO P 119 1.19 -68.05 6.55
N CYS P 120 1.06 -67.18 5.56
CA CYS P 120 0.75 -65.78 5.84
C CYS P 120 -0.69 -65.64 6.34
N PHE P 121 -0.95 -64.51 7.00
CA PHE P 121 -2.25 -64.25 7.59
C PHE P 121 -3.22 -63.68 6.55
N LEU P 122 -4.50 -63.99 6.74
CA LEU P 122 -5.57 -63.50 5.88
C LEU P 122 -6.34 -62.42 6.62
N ALA P 123 -6.47 -61.25 5.98
CA ALA P 123 -7.18 -60.13 6.57
C ALA P 123 -7.71 -59.26 5.43
N GLY P 124 -8.24 -58.09 5.79
CA GLY P 124 -8.77 -57.18 4.79
C GLY P 124 -7.73 -56.60 3.87
N ASP P 125 -6.45 -56.64 4.26
CA ASP P 125 -5.36 -56.14 3.45
C ASP P 125 -4.39 -57.26 3.17
N THR P 126 -3.89 -57.32 1.93
CA THR P 126 -2.96 -58.36 1.52
C THR P 126 -1.57 -58.19 2.11
N ARG P 127 -1.26 -57.04 2.69
CA ARG P 127 0.06 -56.76 3.24
C ARG P 127 0.09 -56.88 4.77
N SER P 128 -0.94 -57.46 5.37
CA SER P 128 -1.07 -57.52 6.82
C SER P 128 -0.14 -58.54 7.47
N SER P 129 0.82 -59.09 6.72
CA SER P 129 1.75 -60.07 7.26
C SER P 129 3.21 -59.65 7.05
N GLU P 130 3.45 -58.37 6.78
CA GLU P 130 4.82 -57.91 6.56
C GLU P 130 5.68 -58.09 7.80
N MET P 131 5.15 -57.72 8.96
CA MET P 131 5.90 -57.76 10.22
C MET P 131 4.94 -58.16 11.33
N PRO P 132 5.46 -58.64 12.46
CA PRO P 132 4.58 -58.98 13.57
C PRO P 132 3.75 -57.82 14.10
N GLU P 133 4.22 -56.58 13.92
CA GLU P 133 3.47 -55.42 14.44
C GLU P 133 2.14 -55.27 13.73
N LEU P 134 2.13 -55.38 12.39
CA LEU P 134 0.88 -55.25 11.65
C LEU P 134 -0.09 -56.37 12.00
N THR P 135 0.41 -57.60 12.15
CA THR P 135 -0.45 -58.70 12.57
C THR P 135 -1.00 -58.44 13.96
N SER P 136 -0.19 -57.87 14.85
CA SER P 136 -0.68 -57.56 16.19
C SER P 136 -1.80 -56.52 16.14
N MET P 137 -1.64 -55.48 15.32
CA MET P 137 -2.69 -54.48 15.18
C MET P 137 -3.97 -55.09 14.60
N HIS P 138 -3.84 -55.92 13.57
CA HIS P 138 -5.01 -56.52 12.96
C HIS P 138 -5.73 -57.45 13.94
N THR P 139 -4.97 -58.25 14.69
CA THR P 139 -5.57 -59.13 15.68
C THR P 139 -6.25 -58.32 16.78
N LEU P 140 -5.65 -57.21 17.20
CA LEU P 140 -6.27 -56.36 18.20
C LEU P 140 -7.60 -55.81 17.71
N LEU P 141 -7.64 -55.34 16.46
CA LEU P 141 -8.89 -54.82 15.91
C LEU P 141 -9.94 -55.91 15.79
N LEU P 142 -9.53 -57.11 15.36
CA LEU P 142 -10.46 -58.23 15.25
C LEU P 142 -11.02 -58.62 16.61
N ARG P 143 -10.16 -58.66 17.63
CA ARG P 143 -10.63 -58.98 18.99
C ARG P 143 -11.58 -57.92 19.50
N GLU P 144 -11.28 -56.64 19.22
CA GLU P 144 -12.19 -55.58 19.64
C GLU P 144 -13.55 -55.71 18.97
N HIS P 145 -13.56 -56.02 17.68
CA HIS P 145 -14.84 -56.22 16.99
C HIS P 145 -15.61 -57.39 17.59
N ASN P 146 -14.92 -58.50 17.86
CA ASN P 146 -15.59 -59.66 18.43
C ASN P 146 -16.17 -59.35 19.80
N ARG P 147 -15.40 -58.64 20.64
CA ARG P 147 -15.90 -58.27 21.97
C ARG P 147 -17.10 -57.35 21.86
N LEU P 148 -17.06 -56.38 20.96
CA LEU P 148 -18.19 -55.48 20.77
C LEU P 148 -19.43 -56.24 20.33
N ALA P 149 -19.26 -57.17 19.38
CA ALA P 149 -20.40 -57.96 18.91
C ALA P 149 -20.98 -58.81 20.02
N THR P 150 -20.12 -59.45 20.82
CA THR P 150 -20.61 -60.27 21.92
C THR P 150 -21.36 -59.43 22.94
N GLU P 151 -20.81 -58.26 23.29
CA GLU P 151 -21.48 -57.40 24.26
C GLU P 151 -22.81 -56.89 23.72
N LEU P 152 -22.87 -56.54 22.44
CA LEU P 152 -24.13 -56.10 21.85
C LEU P 152 -25.16 -57.22 21.84
N LYS P 153 -24.73 -58.44 21.51
CA LYS P 153 -25.65 -59.58 21.52
C LYS P 153 -26.18 -59.84 22.92
N SER P 154 -25.32 -59.78 23.93
CA SER P 154 -25.77 -59.95 25.31
C SER P 154 -26.74 -58.83 25.70
N LEU P 155 -26.47 -57.60 25.26
CA LEU P 155 -27.33 -56.48 25.60
C LEU P 155 -28.63 -56.49 24.79
N ASN P 156 -28.56 -56.95 23.54
CA ASN P 156 -29.71 -56.98 22.64
C ASN P 156 -29.87 -58.40 22.11
N PRO P 157 -30.54 -59.28 22.86
CA PRO P 157 -30.66 -60.68 22.42
C PRO P 157 -31.61 -60.90 21.26
N ARG P 158 -32.35 -59.87 20.83
CA ARG P 158 -33.30 -60.01 19.74
C ARG P 158 -32.69 -59.76 18.36
N TRP P 159 -31.43 -59.34 18.29
CA TRP P 159 -30.81 -59.05 17.02
C TRP P 159 -30.30 -60.32 16.34
N ASP P 160 -30.01 -60.20 15.06
CA ASP P 160 -29.47 -61.30 14.26
C ASP P 160 -27.98 -61.08 14.01
N GLY P 161 -27.38 -62.02 13.28
CA GLY P 161 -25.95 -61.93 13.02
C GLY P 161 -25.58 -60.74 12.16
N GLU P 162 -26.35 -60.48 11.11
CA GLU P 162 -26.02 -59.37 10.22
C GLU P 162 -26.10 -58.03 10.95
N ARG P 163 -27.13 -57.83 11.76
CA ARG P 163 -27.27 -56.58 12.50
C ARG P 163 -26.12 -56.38 13.46
N LEU P 164 -25.76 -57.42 14.20
CA LEU P 164 -24.64 -57.31 15.14
C LEU P 164 -23.34 -57.01 14.41
N TYR P 165 -23.10 -57.69 13.29
CA TYR P 165 -21.89 -57.45 12.51
C TYR P 165 -21.83 -56.01 12.01
N GLN P 166 -22.96 -55.50 11.49
CA GLN P 166 -22.99 -54.13 10.99
C GLN P 166 -22.77 -53.13 12.11
N GLU P 167 -23.42 -53.32 13.27
CA GLU P 167 -23.25 -52.39 14.37
C GLU P 167 -21.82 -52.37 14.88
N ALA P 168 -21.22 -53.55 15.04
CA ALA P 168 -19.83 -53.62 15.48
C ALA P 168 -18.90 -52.98 14.46
N ARG P 169 -19.17 -53.19 13.17
CA ARG P 169 -18.35 -52.57 12.12
C ARG P 169 -18.45 -51.05 12.19
N LYS P 170 -19.66 -50.53 12.39
CA LYS P 170 -19.84 -49.08 12.51
C LYS P 170 -19.07 -48.54 13.72
N ILE P 171 -19.16 -49.22 14.86
CA ILE P 171 -18.47 -48.75 16.05
C ILE P 171 -16.95 -48.78 15.83
N VAL P 172 -16.45 -49.84 15.20
CA VAL P 172 -15.01 -49.95 14.97
C VAL P 172 -14.53 -48.84 14.04
N GLY P 173 -15.28 -48.57 12.97
CA GLY P 173 -14.91 -47.48 12.08
C GLY P 173 -14.92 -46.14 12.79
N ALA P 174 -15.92 -45.91 13.64
CA ALA P 174 -15.96 -44.67 14.40
C ALA P 174 -14.78 -44.55 15.34
N MET P 175 -14.39 -45.65 15.99
CA MET P 175 -13.23 -45.62 16.87
C MET P 175 -11.96 -45.31 16.10
N VAL P 176 -11.80 -45.91 14.92
CA VAL P 176 -10.62 -45.65 14.11
C VAL P 176 -10.56 -44.18 13.72
N GLN P 177 -11.69 -43.63 13.27
CA GLN P 177 -11.73 -42.22 12.90
C GLN P 177 -11.40 -41.32 14.08
N ILE P 178 -11.99 -41.61 15.24
CA ILE P 178 -11.76 -40.79 16.42
C ILE P 178 -10.29 -40.81 16.80
N ILE P 179 -9.71 -42.00 16.90
CA ILE P 179 -8.32 -42.12 17.31
C ILE P 179 -7.42 -41.39 16.33
N THR P 180 -7.62 -41.62 15.03
CA THR P 180 -6.80 -40.96 14.02
C THR P 180 -6.88 -39.45 14.18
N TYR P 181 -8.07 -38.88 13.96
CA TYR P 181 -8.21 -37.43 13.89
C TYR P 181 -8.04 -36.74 15.23
N ARG P 182 -7.98 -37.47 16.34
CA ARG P 182 -7.76 -36.84 17.64
C ARG P 182 -6.35 -36.99 18.16
N ASP P 183 -5.61 -38.02 17.75
CA ASP P 183 -4.26 -38.22 18.27
C ASP P 183 -3.18 -38.19 17.22
N TYR P 184 -3.40 -38.80 16.05
CA TYR P 184 -2.31 -38.99 15.10
C TYR P 184 -2.00 -37.69 14.35
N LEU P 185 -3.00 -37.14 13.66
CA LEU P 185 -2.78 -35.95 12.84
C LEU P 185 -2.26 -34.74 13.62
N PRO P 186 -2.75 -34.41 14.82
CA PRO P 186 -2.17 -33.27 15.55
C PRO P 186 -0.69 -33.44 15.83
N LEU P 187 -0.22 -34.68 16.02
CA LEU P 187 1.20 -34.92 16.23
C LEU P 187 1.99 -34.98 14.92
N VAL P 188 1.31 -35.07 13.78
CA VAL P 188 1.97 -35.09 12.49
C VAL P 188 2.14 -33.66 11.99
N LEU P 189 1.02 -32.97 11.81
CA LEU P 189 1.05 -31.63 11.21
C LEU P 189 1.56 -30.59 12.19
N GLY P 190 1.27 -30.73 13.48
CA GLY P 190 1.56 -29.70 14.44
C GLY P 190 0.37 -28.78 14.60
N PRO P 191 0.30 -28.07 15.73
CA PRO P 191 -0.89 -27.25 16.00
C PRO P 191 -1.18 -26.20 14.95
N THR P 192 -0.15 -25.55 14.41
CA THR P 192 -0.38 -24.50 13.42
C THR P 192 -0.99 -25.08 12.14
N ALA P 193 -0.36 -26.12 11.59
CA ALA P 193 -0.90 -26.76 10.40
C ALA P 193 -2.23 -27.46 10.68
N MET P 194 -2.40 -27.98 11.90
CA MET P 194 -3.67 -28.60 12.25
C MET P 194 -4.80 -27.59 12.21
N ARG P 195 -4.57 -26.39 12.72
CA ARG P 195 -5.60 -25.36 12.66
C ARG P 195 -5.77 -24.79 11.26
N LYS P 196 -4.69 -24.71 10.49
CA LYS P 196 -4.78 -24.11 9.16
C LYS P 196 -5.49 -25.02 8.18
N TYR P 197 -5.19 -26.32 8.21
CA TYR P 197 -5.68 -27.24 7.19
C TYR P 197 -6.83 -28.12 7.66
N LEU P 198 -7.01 -28.28 8.96
CA LEU P 198 -8.08 -29.12 9.50
C LEU P 198 -8.82 -28.36 10.58
N PRO P 199 -9.67 -27.41 10.19
CA PRO P 199 -10.45 -26.66 11.19
C PRO P 199 -11.53 -27.52 11.83
N THR P 200 -12.31 -26.92 12.72
CA THR P 200 -13.36 -27.66 13.41
C THR P 200 -14.44 -28.12 12.42
N TYR P 201 -15.09 -29.23 12.76
CA TYR P 201 -16.14 -29.77 11.92
C TYR P 201 -17.35 -28.83 11.89
N ARG P 202 -17.89 -28.62 10.70
CA ARG P 202 -19.04 -27.76 10.51
C ARG P 202 -20.29 -28.53 10.08
N SER P 203 -20.21 -29.26 8.99
CA SER P 203 -21.33 -30.03 8.45
C SER P 203 -20.77 -30.95 7.38
N TYR P 204 -21.64 -31.50 6.53
CA TYR P 204 -21.24 -32.47 5.52
C TYR P 204 -21.41 -31.84 4.13
N ASN P 205 -20.30 -31.38 3.57
CA ASN P 205 -20.21 -31.25 2.11
C ASN P 205 -20.37 -32.58 1.40
N ASP P 206 -21.30 -32.60 0.45
CA ASP P 206 -21.38 -33.63 -0.57
C ASP P 206 -20.68 -33.22 -1.85
N SER P 207 -20.11 -32.01 -1.89
CA SER P 207 -19.41 -31.49 -3.06
C SER P 207 -17.89 -31.63 -2.95
N VAL P 208 -17.39 -32.19 -1.86
CA VAL P 208 -15.96 -32.41 -1.69
C VAL P 208 -15.60 -33.76 -2.26
N ASP P 209 -14.61 -33.79 -3.15
CA ASP P 209 -14.18 -35.04 -3.76
C ASP P 209 -13.39 -35.86 -2.75
N PRO P 210 -13.85 -37.06 -2.39
CA PRO P 210 -13.11 -37.89 -1.42
C PRO P 210 -12.09 -38.85 -2.03
N ARG P 211 -11.82 -38.76 -3.33
CA ARG P 211 -10.86 -39.65 -3.96
C ARG P 211 -9.45 -39.36 -3.47
N ILE P 212 -8.63 -40.41 -3.43
CA ILE P 212 -7.24 -40.28 -2.97
C ILE P 212 -6.40 -39.74 -4.12
N ALA P 213 -5.64 -38.68 -3.83
CA ALA P 213 -4.77 -38.10 -4.85
C ALA P 213 -3.60 -39.02 -5.15
N ASN P 214 -3.09 -38.91 -6.38
CA ASN P 214 -1.95 -39.72 -6.79
C ASN P 214 -0.70 -39.38 -6.00
N VAL P 215 -0.48 -38.09 -5.74
CA VAL P 215 0.73 -37.67 -5.03
C VAL P 215 0.72 -38.15 -3.59
N PHE P 216 -0.46 -38.28 -2.98
CA PHE P 216 -0.55 -38.65 -1.57
C PHE P 216 0.14 -39.98 -1.30
N THR P 217 -0.01 -40.95 -2.20
CA THR P 217 0.59 -42.26 -1.99
C THR P 217 2.11 -42.18 -1.86
N ASN P 218 2.72 -41.11 -2.35
CA ASN P 218 4.12 -40.82 -2.05
C ASN P 218 4.29 -39.89 -0.86
N ALA P 219 3.46 -38.86 -0.75
CA ALA P 219 3.63 -37.88 0.32
C ALA P 219 3.43 -38.50 1.70
N PHE P 220 2.72 -39.63 1.76
CA PHE P 220 2.48 -40.30 3.03
C PHE P 220 3.56 -41.30 3.38
N ARG P 221 4.60 -41.43 2.57
CA ARG P 221 5.68 -42.37 2.85
C ARG P 221 6.71 -41.81 3.83
N TYR P 222 6.45 -40.64 4.42
CA TYR P 222 7.38 -40.07 5.39
C TYR P 222 7.64 -41.00 6.56
N GLY P 223 6.71 -41.91 6.85
CA GLY P 223 6.92 -42.87 7.92
C GLY P 223 8.11 -43.78 7.69
N HIS P 224 8.57 -43.91 6.45
CA HIS P 224 9.77 -44.68 6.17
C HIS P 224 11.01 -44.05 6.82
N THR P 225 10.93 -42.78 7.21
CA THR P 225 12.00 -42.13 7.94
C THR P 225 11.89 -42.34 9.45
N LEU P 226 10.79 -42.92 9.93
CA LEU P 226 10.60 -43.20 11.35
C LEU P 226 10.88 -44.65 11.70
N ILE P 227 11.52 -45.39 10.81
CA ILE P 227 11.70 -46.82 11.00
C ILE P 227 12.91 -47.08 11.89
N GLN P 228 12.71 -47.87 12.95
CA GLN P 228 13.84 -48.27 13.76
C GLN P 228 14.47 -49.55 13.21
N PRO P 229 15.77 -49.74 13.36
CA PRO P 229 16.43 -50.91 12.78
C PRO P 229 16.21 -52.21 13.53
N PHE P 230 15.47 -52.20 14.64
CA PHE P 230 15.27 -53.40 15.42
C PHE P 230 13.80 -53.52 15.82
N MET P 231 13.37 -54.75 16.07
CA MET P 231 12.08 -55.05 16.66
C MET P 231 12.31 -55.47 18.11
N PHE P 232 11.56 -54.84 19.02
CA PHE P 232 11.76 -55.00 20.45
C PHE P 232 10.57 -55.69 21.08
N ARG P 233 10.84 -56.61 22.01
CA ARG P 233 9.80 -57.30 22.75
C ARG P 233 10.09 -57.21 24.23
N LEU P 234 9.06 -56.95 25.03
CA LEU P 234 9.21 -56.76 26.46
C LEU P 234 8.26 -57.68 27.21
N ASP P 235 8.70 -58.16 28.37
CA ASP P 235 7.92 -59.08 29.19
C ASP P 235 6.93 -58.28 30.04
N ASN P 236 6.34 -58.94 31.04
CA ASN P 236 5.32 -58.31 31.86
C ASN P 236 5.87 -57.10 32.61
N ARG P 237 7.08 -57.22 33.15
CA ARG P 237 7.71 -56.14 33.89
C ARG P 237 8.33 -55.08 32.98
N TYR P 238 8.00 -55.10 31.69
CA TYR P 238 8.56 -54.16 30.71
C TYR P 238 10.08 -54.22 30.67
N GLN P 239 10.62 -55.44 30.79
CA GLN P 239 12.03 -55.71 30.70
C GLN P 239 12.32 -56.50 29.42
N PRO P 240 13.57 -56.43 28.90
CA PRO P 240 13.89 -57.17 27.68
C PRO P 240 13.57 -58.64 27.77
N MET P 241 12.63 -59.10 26.96
CA MET P 241 12.20 -60.50 26.99
C MET P 241 13.20 -61.35 26.23
N GLU P 242 13.65 -62.44 26.87
CA GLU P 242 14.66 -63.32 26.30
C GLU P 242 14.02 -64.61 25.81
N PRO P 243 14.61 -65.27 24.81
CA PRO P 243 15.83 -64.89 24.06
C PRO P 243 15.53 -63.90 22.94
N ASN P 244 16.57 -63.27 22.40
CA ASN P 244 16.48 -62.32 21.28
C ASN P 244 15.50 -61.19 21.59
N PRO P 245 15.84 -60.29 22.51
CA PRO P 245 14.92 -59.17 22.79
C PRO P 245 14.85 -58.17 21.65
N ARG P 246 16.01 -57.77 21.12
CA ARG P 246 16.09 -56.88 19.98
C ARG P 246 16.50 -57.72 18.77
N VAL P 247 15.57 -57.88 17.84
CA VAL P 247 15.79 -58.73 16.66
C VAL P 247 15.95 -57.83 15.45
N PRO P 248 16.81 -58.17 14.48
CA PRO P 248 16.97 -57.32 13.30
C PRO P 248 15.70 -57.25 12.47
N LEU P 249 15.50 -56.10 11.83
CA LEU P 249 14.33 -55.90 10.99
C LEU P 249 14.38 -56.73 9.71
N SER P 250 15.57 -57.16 9.30
CA SER P 250 15.69 -57.98 8.10
C SER P 250 15.19 -59.40 8.32
N ARG P 251 15.05 -59.83 9.58
CA ARG P 251 14.59 -61.17 9.91
C ARG P 251 13.14 -61.22 10.33
N VAL P 252 12.40 -60.11 10.19
CA VAL P 252 10.99 -60.06 10.53
C VAL P 252 10.11 -59.81 9.32
N PHE P 253 10.69 -59.54 8.16
CA PHE P 253 9.90 -59.26 6.98
C PHE P 253 9.17 -60.52 6.53
N PHE P 254 7.85 -60.47 6.53
CA PHE P 254 7.00 -61.60 6.14
C PHE P 254 7.27 -62.82 7.01
N ALA P 255 7.52 -62.62 8.29
CA ALA P 255 7.79 -63.71 9.24
C ALA P 255 6.62 -63.77 10.23
N SER P 256 5.59 -64.52 9.86
CA SER P 256 4.44 -64.69 10.74
C SER P 256 4.70 -65.68 11.87
N TRP P 257 5.70 -66.55 11.72
CA TRP P 257 6.00 -67.53 12.76
C TRP P 257 6.46 -66.88 14.06
N ARG P 258 6.89 -65.62 14.00
CA ARG P 258 7.25 -64.86 15.19
C ARG P 258 6.04 -64.46 16.01
N VAL P 259 4.83 -64.68 15.52
CA VAL P 259 3.61 -64.36 16.24
C VAL P 259 3.02 -65.60 16.90
N VAL P 260 2.85 -66.68 16.13
CA VAL P 260 2.23 -67.88 16.66
C VAL P 260 3.16 -68.59 17.63
N LEU P 261 4.45 -68.67 17.31
CA LEU P 261 5.38 -69.53 18.03
C LEU P 261 6.42 -68.74 18.82
N GLU P 262 6.15 -67.46 19.13
CA GLU P 262 7.11 -66.65 19.87
C GLU P 262 6.39 -65.82 20.93
N GLY P 263 5.47 -66.42 21.65
CA GLY P 263 4.84 -65.76 22.79
C GLY P 263 3.67 -64.86 22.46
N GLY P 264 3.18 -64.86 21.24
CA GLY P 264 2.01 -64.07 20.92
C GLY P 264 2.34 -62.62 20.62
N ILE P 265 1.30 -61.78 20.63
CA ILE P 265 1.41 -60.38 20.25
C ILE P 265 1.58 -59.44 21.44
N ASP P 266 1.36 -59.93 22.67
CA ASP P 266 1.47 -59.04 23.82
C ASP P 266 2.87 -58.44 24.00
N PRO P 267 3.96 -59.21 23.93
CA PRO P 267 5.29 -58.58 24.00
C PRO P 267 5.53 -57.59 22.87
N ILE P 268 5.01 -57.87 21.67
CA ILE P 268 5.19 -56.95 20.56
C ILE P 268 4.50 -55.62 20.85
N LEU P 269 3.27 -55.68 21.38
CA LEU P 269 2.56 -54.47 21.73
C LEU P 269 3.27 -53.72 22.86
N ARG P 270 3.80 -54.45 23.84
CA ARG P 270 4.51 -53.80 24.94
C ARG P 270 5.75 -53.07 24.44
N GLY P 271 6.52 -53.71 23.56
CA GLY P 271 7.65 -53.04 22.94
C GLY P 271 7.24 -51.88 22.06
N LEU P 272 6.07 -51.99 21.43
CA LEU P 272 5.54 -50.90 20.61
C LEU P 272 5.22 -49.68 21.47
N MET P 273 4.68 -49.91 22.67
CA MET P 273 4.32 -48.81 23.55
C MET P 273 5.54 -48.14 24.17
N ALA P 274 6.58 -48.91 24.49
CA ALA P 274 7.68 -48.41 25.31
C ALA P 274 8.99 -48.33 24.56
N THR P 275 8.96 -47.85 23.32
CA THR P 275 10.18 -47.67 22.55
C THR P 275 10.09 -46.35 21.79
N PRO P 276 11.07 -45.46 21.94
CA PRO P 276 11.04 -44.21 21.18
C PRO P 276 11.21 -44.45 19.69
N ALA P 277 10.60 -43.59 18.90
CA ALA P 277 10.72 -43.67 17.45
C ALA P 277 12.03 -43.03 17.01
N LYS P 278 12.34 -43.17 15.72
CA LYS P 278 13.55 -42.61 15.14
C LYS P 278 13.27 -41.19 14.66
N LEU P 279 14.08 -40.24 15.14
CA LEU P 279 13.91 -38.85 14.76
C LEU P 279 14.45 -38.61 13.35
N ASN P 280 13.74 -37.78 12.59
CA ASN P 280 14.12 -37.46 11.23
C ASN P 280 15.01 -36.23 11.24
N ARG P 281 16.28 -36.40 10.84
CA ARG P 281 17.23 -35.32 10.72
C ARG P 281 17.77 -35.26 9.30
N GLN P 282 18.23 -34.07 8.90
CA GLN P 282 18.68 -33.87 7.53
C GLN P 282 19.91 -34.72 7.19
N ASN P 283 20.67 -35.14 8.20
CA ASN P 283 21.81 -36.04 7.98
C ASN P 283 21.50 -37.48 8.34
N GLN P 284 20.27 -37.78 8.78
CA GLN P 284 19.85 -39.14 9.11
C GLN P 284 18.42 -39.30 8.59
N ILE P 285 18.28 -39.83 7.38
CA ILE P 285 16.98 -39.91 6.72
C ILE P 285 16.36 -41.29 6.96
N ALA P 286 17.01 -42.34 6.48
CA ALA P 286 16.49 -43.68 6.58
C ALA P 286 17.60 -44.65 6.98
N VAL P 287 17.25 -45.62 7.82
CA VAL P 287 18.25 -46.57 8.31
C VAL P 287 18.68 -47.51 7.18
N ASP P 288 19.84 -48.13 7.38
CA ASP P 288 20.38 -49.05 6.39
C ASP P 288 19.65 -50.39 6.37
N GLU P 289 18.91 -50.73 7.44
CA GLU P 289 18.21 -52.00 7.48
C GLU P 289 17.16 -52.08 6.38
N ILE P 290 16.41 -51.00 6.15
CA ILE P 290 15.44 -50.96 5.07
C ILE P 290 16.04 -50.47 3.76
N ARG P 291 17.22 -49.88 3.80
CA ARG P 291 17.85 -49.33 2.60
C ARG P 291 18.71 -50.34 1.87
N GLU P 292 19.17 -51.40 2.54
CA GLU P 292 20.09 -52.36 1.93
C GLU P 292 19.70 -53.81 2.12
N ARG P 293 18.82 -54.14 3.06
CA ARG P 293 18.46 -55.52 3.37
C ARG P 293 16.96 -55.68 3.50
N LEU P 294 16.23 -55.13 2.54
CA LEU P 294 14.77 -55.24 2.53
C LEU P 294 14.37 -56.54 1.82
N PHE P 295 13.59 -57.37 2.51
CA PHE P 295 13.13 -58.65 1.98
C PHE P 295 14.31 -59.51 1.52
N GLU P 296 15.36 -59.54 2.33
CA GLU P 296 16.58 -60.27 1.97
C GLU P 296 16.30 -61.76 1.84
N GLN P 297 15.56 -62.34 2.78
CA GLN P 297 15.28 -63.77 2.73
C GLN P 297 14.22 -64.11 1.70
N VAL P 298 13.22 -63.25 1.55
CA VAL P 298 12.12 -63.54 0.62
C VAL P 298 12.60 -63.47 -0.82
N MET P 299 13.32 -62.42 -1.17
CA MET P 299 13.75 -62.18 -2.54
C MET P 299 15.18 -62.67 -2.76
N ARG P 300 15.63 -62.57 -4.01
CA ARG P 300 17.01 -62.96 -4.32
C ARG P 300 18.00 -61.98 -3.71
N ILE P 301 17.77 -60.68 -3.87
CA ILE P 301 18.62 -59.65 -3.30
C ILE P 301 17.75 -58.61 -2.61
N GLY P 302 18.36 -57.91 -1.66
CA GLY P 302 17.63 -56.89 -0.93
C GLY P 302 17.29 -55.69 -1.79
N LEU P 303 16.25 -54.98 -1.37
CA LEU P 303 15.77 -53.81 -2.10
C LEU P 303 16.22 -52.54 -1.38
N ASP P 304 15.82 -51.40 -1.94
CA ASP P 304 16.18 -50.08 -1.42
C ASP P 304 14.91 -49.26 -1.33
N LEU P 305 14.42 -49.07 -0.10
CA LEU P 305 13.12 -48.42 0.08
C LEU P 305 13.09 -46.97 -0.42
N PRO P 306 14.04 -46.09 -0.06
CA PRO P 306 14.01 -44.75 -0.66
C PRO P 306 14.15 -44.75 -2.18
N ALA P 307 15.01 -45.62 -2.72
CA ALA P 307 15.14 -45.73 -4.15
C ALA P 307 13.84 -46.23 -4.78
N LEU P 308 13.18 -47.19 -4.13
CA LEU P 308 11.90 -47.67 -4.62
C LEU P 308 10.87 -46.55 -4.62
N ASN P 309 10.87 -45.71 -3.58
CA ASN P 309 9.93 -44.59 -3.53
C ASN P 309 10.19 -43.61 -4.66
N MET P 310 11.47 -43.28 -4.90
CA MET P 310 11.80 -42.36 -5.99
C MET P 310 11.39 -42.94 -7.34
N GLN P 311 11.67 -44.22 -7.56
CA GLN P 311 11.33 -44.85 -8.83
C GLN P 311 9.82 -44.93 -9.02
N ARG P 312 9.08 -45.19 -7.94
CA ARG P 312 7.62 -45.21 -8.05
C ARG P 312 7.06 -43.82 -8.34
N SER P 313 7.65 -42.78 -7.73
CA SER P 313 7.22 -41.43 -8.04
C SER P 313 7.50 -41.09 -9.50
N ARG P 314 8.65 -41.52 -10.02
CA ARG P 314 8.94 -41.31 -11.43
C ARG P 314 7.97 -42.08 -12.33
N ASP P 315 7.63 -43.31 -11.93
CA ASP P 315 6.73 -44.13 -12.73
C ASP P 315 5.33 -43.51 -12.81
N HIS P 316 4.84 -42.98 -11.69
CA HIS P 316 3.53 -42.35 -11.68
C HIS P 316 3.51 -41.03 -12.43
N GLY P 317 4.66 -40.52 -12.85
CA GLY P 317 4.73 -39.25 -13.55
C GLY P 317 4.35 -38.07 -12.68
N LEU P 318 4.72 -38.09 -11.41
CA LEU P 318 4.45 -36.96 -10.55
C LEU P 318 5.38 -35.80 -10.90
N PRO P 319 4.90 -34.57 -10.84
CA PRO P 319 5.76 -33.42 -11.12
C PRO P 319 6.85 -33.27 -10.06
N GLY P 320 7.76 -32.33 -10.33
CA GLY P 320 8.93 -32.15 -9.49
C GLY P 320 8.62 -31.42 -8.20
N TYR P 321 9.70 -31.10 -7.48
CA TYR P 321 9.58 -30.43 -6.19
C TYR P 321 9.00 -29.03 -6.34
N ASN P 322 9.47 -28.28 -7.34
CA ASN P 322 9.03 -26.89 -7.50
C ASN P 322 7.56 -26.82 -7.88
N ALA P 323 7.08 -27.76 -8.69
CA ALA P 323 5.67 -27.77 -9.07
C ALA P 323 4.78 -27.96 -7.86
N TRP P 324 5.17 -28.84 -6.94
CA TRP P 324 4.36 -29.06 -5.74
C TRP P 324 4.52 -27.92 -4.75
N ARG P 325 5.69 -27.26 -4.72
CA ARG P 325 5.82 -26.06 -3.91
C ARG P 325 4.89 -24.96 -4.40
N ARG P 326 4.79 -24.81 -5.73
CA ARG P 326 3.87 -23.82 -6.30
C ARG P 326 2.41 -24.21 -6.08
N PHE P 327 2.11 -25.52 -6.09
CA PHE P 327 0.75 -25.98 -5.86
C PHE P 327 0.29 -25.65 -4.45
N CYS P 328 1.20 -25.67 -3.47
CA CYS P 328 0.87 -25.39 -2.09
C CYS P 328 1.03 -23.92 -1.72
N GLY P 329 1.39 -23.06 -2.68
CA GLY P 329 1.53 -21.65 -2.39
C GLY P 329 2.78 -21.27 -1.63
N LEU P 330 3.85 -22.02 -1.79
CA LEU P 330 5.11 -21.75 -1.12
C LEU P 330 6.15 -21.24 -2.12
N PRO P 331 7.16 -20.51 -1.65
CA PRO P 331 8.19 -20.01 -2.57
C PRO P 331 8.93 -21.15 -3.26
N GLN P 332 9.26 -20.94 -4.52
CA GLN P 332 9.91 -21.95 -5.34
C GLN P 332 11.37 -21.58 -5.56
N PRO P 333 12.31 -22.29 -4.96
CA PRO P 333 13.73 -21.99 -5.17
C PRO P 333 14.17 -22.33 -6.58
N GLU P 334 15.21 -21.63 -7.03
CA GLU P 334 15.78 -21.83 -8.35
C GLU P 334 17.28 -22.03 -8.38
N THR P 335 18.00 -21.56 -7.37
CA THR P 335 19.46 -21.66 -7.33
C THR P 335 19.89 -22.42 -6.08
N VAL P 336 21.21 -22.55 -5.93
CA VAL P 336 21.77 -23.22 -4.75
C VAL P 336 21.44 -22.44 -3.49
N GLY P 337 21.60 -21.11 -3.53
CA GLY P 337 21.37 -20.32 -2.34
C GLY P 337 19.92 -20.33 -1.89
N GLN P 338 18.99 -20.23 -2.84
CA GLN P 338 17.57 -20.26 -2.48
C GLN P 338 17.18 -21.61 -1.88
N LEU P 339 17.68 -22.70 -2.47
CA LEU P 339 17.39 -24.03 -1.93
C LEU P 339 17.99 -24.19 -0.54
N GLY P 340 19.21 -23.70 -0.33
CA GLY P 340 19.80 -23.77 0.99
C GLY P 340 19.02 -22.96 2.02
N THR P 341 18.55 -21.78 1.63
CA THR P 341 17.75 -20.96 2.53
C THR P 341 16.43 -21.65 2.87
N VAL P 342 15.78 -22.25 1.87
CA VAL P 342 14.53 -22.95 2.12
C VAL P 342 14.74 -24.15 3.04
N LEU P 343 15.80 -24.91 2.79
CA LEU P 343 16.09 -26.10 3.58
C LEU P 343 16.81 -25.79 4.88
N ARG P 344 17.30 -24.56 5.06
CA ARG P 344 18.13 -24.18 6.20
C ARG P 344 19.35 -25.11 6.31
N ASN P 345 19.91 -25.46 5.16
CA ASN P 345 21.08 -26.33 5.09
C ASN P 345 21.72 -26.16 3.72
N LEU P 346 23.03 -25.96 3.70
CA LEU P 346 23.76 -25.74 2.46
C LEU P 346 24.45 -26.99 1.94
N LYS P 347 24.96 -27.84 2.82
CA LYS P 347 25.59 -29.08 2.38
C LYS P 347 24.58 -30.00 1.71
N LEU P 348 23.41 -30.17 2.34
CA LEU P 348 22.36 -30.98 1.74
C LEU P 348 21.87 -30.35 0.45
N ALA P 349 21.71 -29.03 0.42
CA ALA P 349 21.30 -28.35 -0.79
C ALA P 349 22.33 -28.53 -1.90
N ARG P 350 23.61 -28.43 -1.56
CA ARG P 350 24.65 -28.65 -2.56
C ARG P 350 24.63 -30.07 -3.10
N LYS P 351 24.45 -31.06 -2.21
CA LYS P 351 24.38 -32.44 -2.66
C LYS P 351 23.19 -32.68 -3.58
N LEU P 352 22.02 -32.15 -3.21
CA LEU P 352 20.83 -32.32 -4.05
C LEU P 352 21.01 -31.62 -5.39
N MET P 353 21.59 -30.42 -5.38
CA MET P 353 21.83 -29.69 -6.62
C MET P 353 22.79 -30.45 -7.53
N GLU P 354 23.84 -31.02 -6.95
CA GLU P 354 24.78 -31.81 -7.75
C GLU P 354 24.12 -33.06 -8.31
N GLN P 355 23.30 -33.73 -7.51
CA GLN P 355 22.72 -34.99 -7.95
C GLN P 355 21.63 -34.80 -9.00
N TYR P 356 20.76 -33.81 -8.81
CA TYR P 356 19.61 -33.64 -9.69
C TYR P 356 19.87 -32.64 -10.82
N GLY P 357 20.57 -31.54 -10.52
CA GLY P 357 20.90 -30.54 -11.50
C GLY P 357 19.99 -29.33 -11.51
N THR P 358 18.77 -29.45 -10.95
CA THR P 358 17.85 -28.33 -10.85
C THR P 358 16.77 -28.69 -9.85
N PRO P 359 16.28 -27.73 -9.06
CA PRO P 359 15.23 -28.06 -8.08
C PRO P 359 13.94 -28.55 -8.71
N ASN P 360 13.69 -28.23 -9.97
CA ASN P 360 12.47 -28.68 -10.63
C ASN P 360 12.43 -30.19 -10.83
N ASN P 361 13.58 -30.85 -10.78
CA ASN P 361 13.67 -32.29 -10.99
C ASN P 361 13.76 -33.09 -9.70
N ILE P 362 13.76 -32.43 -8.55
CA ILE P 362 13.85 -33.15 -7.28
C ILE P 362 12.55 -33.90 -7.05
N ASP P 363 12.66 -35.16 -6.63
CA ASP P 363 11.50 -35.99 -6.41
C ASP P 363 10.68 -35.47 -5.24
N ILE P 364 9.37 -35.76 -5.28
CA ILE P 364 8.46 -35.24 -4.26
C ILE P 364 8.80 -35.82 -2.89
N TRP P 365 9.08 -37.12 -2.83
CA TRP P 365 9.38 -37.77 -1.55
C TRP P 365 10.69 -37.23 -0.96
N MET P 366 11.74 -37.17 -1.77
CA MET P 366 13.03 -36.70 -1.27
C MET P 366 12.97 -35.23 -0.86
N GLY P 367 12.30 -34.40 -1.67
CA GLY P 367 12.13 -33.00 -1.30
C GLY P 367 11.34 -32.83 -0.03
N GLY P 368 10.28 -33.63 0.14
CA GLY P 368 9.48 -33.54 1.34
C GLY P 368 10.24 -33.97 2.59
N VAL P 369 11.02 -35.04 2.49
CA VAL P 369 11.77 -35.49 3.66
C VAL P 369 13.01 -34.65 3.91
N SER P 370 13.46 -33.87 2.92
CA SER P 370 14.60 -32.99 3.13
C SER P 370 14.22 -31.68 3.82
N GLU P 371 12.96 -31.28 3.73
CA GLU P 371 12.53 -30.04 4.35
C GLU P 371 12.58 -30.16 5.87
N PRO P 372 12.93 -29.08 6.57
CA PRO P 372 12.96 -29.14 8.03
C PRO P 372 11.57 -29.36 8.61
N LEU P 373 11.53 -30.03 9.76
CA LEU P 373 10.27 -30.34 10.40
C LEU P 373 9.62 -29.08 10.96
N LYS P 374 8.30 -29.11 11.05
CA LYS P 374 7.55 -27.99 11.60
C LYS P 374 7.73 -27.91 13.12
N ARG P 375 7.14 -26.89 13.71
CA ARG P 375 7.19 -26.72 15.16
C ARG P 375 6.27 -27.73 15.82
N LYS P 376 6.84 -28.59 16.66
CA LYS P 376 6.09 -29.66 17.34
C LYS P 376 5.38 -30.56 16.33
N GLY P 377 6.02 -30.79 15.19
CA GLY P 377 5.47 -31.62 14.15
C GLY P 377 6.44 -32.66 13.65
N ARG P 378 6.08 -33.36 12.56
CA ARG P 378 6.93 -34.40 12.01
C ARG P 378 7.05 -34.31 10.49
N VAL P 379 6.52 -33.26 9.87
CA VAL P 379 6.59 -33.10 8.42
C VAL P 379 6.93 -31.65 8.10
N GLY P 380 7.44 -31.43 6.89
CA GLY P 380 7.69 -30.10 6.40
C GLY P 380 6.42 -29.45 5.90
N PRO P 381 6.53 -28.16 5.56
CA PRO P 381 5.32 -27.44 5.11
C PRO P 381 4.64 -28.05 3.90
N LEU P 382 5.41 -28.54 2.93
CA LEU P 382 4.81 -29.14 1.73
C LEU P 382 4.07 -30.42 2.07
N LEU P 383 4.74 -31.34 2.77
CA LEU P 383 4.11 -32.60 3.15
C LEU P 383 2.93 -32.36 4.08
N ALA P 384 3.08 -31.43 5.03
CA ALA P 384 1.98 -31.10 5.93
C ALA P 384 0.78 -30.57 5.15
N CYS P 385 1.03 -29.70 4.17
CA CYS P 385 -0.07 -29.18 3.36
C CYS P 385 -0.79 -30.29 2.61
N ILE P 386 -0.01 -31.17 1.96
CA ILE P 386 -0.62 -32.23 1.17
C ILE P 386 -1.44 -33.16 2.06
N ILE P 387 -0.86 -33.57 3.20
CA ILE P 387 -1.54 -34.50 4.09
C ILE P 387 -2.80 -33.87 4.67
N GLY P 388 -2.70 -32.61 5.12
CA GLY P 388 -3.86 -31.95 5.68
C GLY P 388 -4.97 -31.78 4.67
N THR P 389 -4.62 -31.40 3.44
CA THR P 389 -5.64 -31.26 2.40
C THR P 389 -6.33 -32.59 2.13
N GLN P 390 -5.55 -33.66 2.00
CA GLN P 390 -6.15 -34.96 1.72
C GLN P 390 -7.06 -35.41 2.84
N PHE P 391 -6.63 -35.25 4.09
CA PHE P 391 -7.44 -35.73 5.20
C PHE P 391 -8.66 -34.86 5.44
N ARG P 392 -8.57 -33.55 5.19
CA ARG P 392 -9.75 -32.70 5.26
C ARG P 392 -10.76 -33.10 4.19
N LYS P 393 -10.28 -33.41 2.98
CA LYS P 393 -11.19 -33.88 1.94
C LYS P 393 -11.84 -35.19 2.34
N LEU P 394 -11.08 -36.10 2.95
CA LEU P 394 -11.65 -37.37 3.40
C LEU P 394 -12.72 -37.14 4.46
N ARG P 395 -12.46 -36.26 5.42
CA ARG P 395 -13.38 -36.06 6.53
C ARG P 395 -14.65 -35.34 6.09
N ASP P 396 -14.50 -34.26 5.32
CA ASP P 396 -15.67 -33.46 4.95
C ASP P 396 -16.51 -34.14 3.88
N GLY P 397 -15.89 -34.94 3.01
CA GLY P 397 -16.60 -35.62 1.96
C GLY P 397 -17.20 -36.95 2.32
N ASP P 398 -17.09 -37.37 3.58
CA ASP P 398 -17.58 -38.66 4.03
C ASP P 398 -18.98 -38.49 4.62
N ARG P 399 -19.94 -39.20 4.04
CA ARG P 399 -21.32 -39.11 4.52
C ARG P 399 -21.51 -39.78 5.87
N PHE P 400 -20.77 -40.85 6.14
CA PHE P 400 -20.92 -41.62 7.36
C PHE P 400 -19.91 -41.23 8.43
N TRP P 401 -19.47 -39.97 8.44
CA TRP P 401 -18.63 -39.49 9.52
C TRP P 401 -19.40 -39.52 10.83
N TRP P 402 -18.72 -39.90 11.91
CA TRP P 402 -19.41 -40.11 13.18
C TRP P 402 -20.01 -38.82 13.71
N GLU P 403 -19.31 -37.70 13.53
CA GLU P 403 -19.84 -36.42 13.99
C GLU P 403 -20.98 -35.89 13.14
N ASN P 404 -21.18 -36.44 11.95
CA ASN P 404 -22.28 -36.01 11.10
C ASN P 404 -23.62 -36.39 11.72
N GLU P 405 -24.58 -35.47 11.66
CA GLU P 405 -25.89 -35.72 12.23
C GLU P 405 -26.61 -36.83 11.48
N GLY P 406 -27.34 -37.65 12.23
CA GLY P 406 -28.08 -38.77 11.67
C GLY P 406 -27.31 -40.07 11.62
N VAL P 407 -26.02 -40.06 11.91
CA VAL P 407 -25.23 -41.29 11.94
C VAL P 407 -25.22 -41.91 13.33
N PHE P 408 -24.89 -41.11 14.34
CA PHE P 408 -24.88 -41.54 15.72
C PHE P 408 -25.77 -40.61 16.54
N SER P 409 -26.41 -41.16 17.56
CA SER P 409 -27.21 -40.35 18.47
C SER P 409 -26.29 -39.50 19.35
N MET P 410 -26.90 -38.53 20.04
CA MET P 410 -26.13 -37.67 20.93
C MET P 410 -25.50 -38.47 22.07
N GLN P 411 -26.28 -39.39 22.66
CA GLN P 411 -25.73 -40.24 23.71
C GLN P 411 -24.63 -41.16 23.18
N GLN P 412 -24.84 -41.71 21.99
CA GLN P 412 -23.82 -42.57 21.38
C GLN P 412 -22.54 -41.79 21.11
N ARG P 413 -22.67 -40.57 20.57
CA ARG P 413 -21.48 -39.75 20.32
C ARG P 413 -20.77 -39.40 21.62
N GLN P 414 -21.53 -39.06 22.67
CA GLN P 414 -20.93 -38.74 23.95
C GLN P 414 -20.18 -39.93 24.52
N ALA P 415 -20.76 -41.13 24.40
CA ALA P 415 -20.06 -42.33 24.86
C ALA P 415 -18.81 -42.60 24.03
N LEU P 416 -18.90 -42.42 22.71
CA LEU P 416 -17.77 -42.71 21.84
C LEU P 416 -16.63 -41.72 21.98
N ALA P 417 -16.92 -40.49 22.42
CA ALA P 417 -15.87 -39.50 22.57
C ALA P 417 -14.89 -39.81 23.69
N GLN P 418 -15.18 -40.80 24.54
CA GLN P 418 -14.34 -41.10 25.69
C GLN P 418 -13.45 -42.32 25.46
N ILE P 419 -13.37 -42.83 24.24
CA ILE P 419 -12.56 -44.00 23.96
C ILE P 419 -11.07 -43.63 23.97
N SER P 420 -10.21 -44.64 24.02
CA SER P 420 -8.78 -44.43 23.97
C SER P 420 -8.10 -45.72 23.54
N LEU P 421 -7.02 -45.59 22.79
CA LEU P 421 -6.25 -46.76 22.36
C LEU P 421 -5.72 -47.59 23.51
N PRO P 422 -5.15 -47.02 24.59
CA PRO P 422 -4.73 -47.86 25.71
C PRO P 422 -5.86 -48.67 26.31
N ARG P 423 -7.08 -48.13 26.35
CA ARG P 423 -8.21 -48.90 26.84
C ARG P 423 -8.48 -50.11 25.96
N ILE P 424 -8.43 -49.93 24.64
CA ILE P 424 -8.63 -51.07 23.73
C ILE P 424 -7.54 -52.11 23.93
N ILE P 425 -6.29 -51.66 24.04
CA ILE P 425 -5.16 -52.59 24.18
C ILE P 425 -5.28 -53.38 25.48
N CYS P 426 -5.62 -52.70 26.58
CA CYS P 426 -5.71 -53.38 27.86
C CYS P 426 -6.93 -54.29 27.93
N ASP P 427 -8.02 -53.93 27.27
CA ASP P 427 -9.22 -54.77 27.32
C ASP P 427 -9.09 -56.00 26.43
N ASN P 428 -8.45 -55.87 25.28
CA ASN P 428 -8.38 -56.97 24.32
C ASN P 428 -7.17 -57.87 24.52
N THR P 429 -6.22 -57.50 25.37
CA THR P 429 -5.03 -58.30 25.62
C THR P 429 -4.85 -58.49 27.11
N GLY P 430 -3.79 -59.21 27.48
CA GLY P 430 -3.43 -59.43 28.87
C GLY P 430 -2.57 -58.37 29.48
N ILE P 431 -2.33 -57.27 28.77
CA ILE P 431 -1.47 -56.20 29.28
C ILE P 431 -2.18 -55.49 30.42
N THR P 432 -1.51 -55.38 31.57
CA THR P 432 -2.07 -54.71 32.72
C THR P 432 -1.53 -53.30 32.93
N THR P 433 -0.36 -52.99 32.37
CA THR P 433 0.25 -51.67 32.48
C THR P 433 0.31 -51.05 31.10
N VAL P 434 -0.43 -49.96 30.90
CA VAL P 434 -0.49 -49.28 29.61
C VAL P 434 -0.07 -47.83 29.81
N SER P 435 0.34 -47.20 28.71
CA SER P 435 0.82 -45.84 28.75
C SER P 435 -0.34 -44.87 29.01
N LYS P 436 0.03 -43.64 29.35
CA LYS P 436 -0.97 -42.61 29.62
C LYS P 436 -1.63 -42.18 28.31
N ASN P 437 -2.50 -41.18 28.40
CA ASN P 437 -3.20 -40.68 27.23
C ASN P 437 -2.21 -40.11 26.22
N ASN P 438 -2.65 -40.05 24.96
CA ASN P 438 -1.78 -39.74 23.83
C ASN P 438 -0.62 -40.74 23.76
N ILE P 439 -1.02 -41.99 23.51
CA ILE P 439 -0.07 -43.10 23.46
C ILE P 439 1.03 -42.84 22.44
N PHE P 440 0.73 -42.04 21.41
CA PHE P 440 1.74 -41.69 20.42
C PHE P 440 2.80 -40.73 20.95
N MET P 441 2.76 -40.39 22.23
CA MET P 441 3.75 -39.51 22.85
C MET P 441 4.48 -40.16 24.01
N SER P 442 3.78 -40.93 24.84
CA SER P 442 4.39 -41.55 26.01
C SER P 442 5.23 -42.74 25.55
N ASN P 443 6.52 -42.73 25.92
CA ASN P 443 7.42 -43.81 25.50
C ASN P 443 8.40 -44.24 26.60
N SER P 444 8.26 -43.75 27.82
CA SER P 444 9.21 -44.05 28.89
C SER P 444 8.51 -44.81 30.00
N TYR P 445 9.14 -45.89 30.46
CA TYR P 445 8.63 -46.71 31.55
C TYR P 445 9.55 -46.60 32.76
N PRO P 446 8.99 -46.43 33.97
CA PRO P 446 7.56 -46.30 34.29
C PRO P 446 7.17 -44.85 34.50
N ARG P 447 7.71 -43.93 33.70
CA ARG P 447 7.44 -42.51 33.89
C ARG P 447 5.98 -42.18 33.64
N ASP P 448 5.39 -42.73 32.57
CA ASP P 448 4.05 -42.37 32.14
C ASP P 448 3.23 -43.62 31.84
N PHE P 449 3.24 -44.58 32.76
CA PHE P 449 2.45 -45.80 32.63
C PHE P 449 1.51 -45.94 33.81
N VAL P 450 0.25 -46.28 33.53
CA VAL P 450 -0.78 -46.40 34.55
C VAL P 450 -1.17 -47.87 34.67
N ASN P 451 -2.03 -48.16 35.65
CA ASN P 451 -2.43 -49.51 35.98
C ASN P 451 -3.57 -50.03 35.11
N CYS P 452 -4.09 -49.22 34.19
CA CYS P 452 -5.13 -49.55 33.22
C CYS P 452 -6.49 -49.80 33.85
N SER P 453 -6.59 -49.81 35.18
CA SER P 453 -7.88 -49.95 35.84
C SER P 453 -8.56 -48.60 36.08
N THR P 454 -7.85 -47.50 35.83
CA THR P 454 -8.41 -46.17 35.99
C THR P 454 -9.02 -45.62 34.71
N LEU P 455 -8.62 -46.13 33.56
CA LEU P 455 -9.16 -45.64 32.29
C LEU P 455 -10.63 -46.06 32.16
N PRO P 456 -11.52 -45.14 31.83
CA PRO P 456 -12.93 -45.51 31.68
C PRO P 456 -13.16 -46.42 30.48
N ALA P 457 -14.16 -47.27 30.60
CA ALA P 457 -14.53 -48.20 29.54
C ALA P 457 -15.72 -47.65 28.75
N LEU P 458 -15.81 -48.07 27.49
CA LEU P 458 -16.89 -47.62 26.63
C LEU P 458 -18.23 -48.14 27.14
N ASN P 459 -19.21 -47.25 27.23
CA ASN P 459 -20.53 -47.60 27.71
C ASN P 459 -21.44 -47.92 26.54
N LEU P 460 -21.91 -49.16 26.48
CA LEU P 460 -22.80 -49.61 25.42
C LEU P 460 -24.27 -49.53 25.82
N ALA P 461 -24.58 -48.97 26.99
CA ALA P 461 -25.97 -48.88 27.41
C ALA P 461 -26.79 -47.98 26.50
N SER P 462 -26.15 -47.01 25.84
CA SER P 462 -26.84 -46.15 24.91
C SER P 462 -27.25 -46.86 23.63
N TRP P 463 -26.74 -48.07 23.39
CA TRP P 463 -27.08 -48.85 22.22
C TRP P 463 -28.27 -49.78 22.44
N ARG P 464 -28.88 -49.75 23.61
CA ARG P 464 -30.01 -50.62 23.89
C ARG P 464 -31.22 -50.21 23.06
N GLU P 465 -31.93 -51.21 22.55
CA GLU P 465 -33.13 -50.96 21.75
C GLU P 465 -34.15 -52.08 21.95
C1 NAG Q . 1.15 -19.77 -12.40
C2 NAG Q . 1.23 -18.91 -11.14
C3 NAG Q . 1.00 -19.79 -9.92
C4 NAG Q . -0.32 -20.56 -10.01
C5 NAG Q . -0.47 -21.19 -11.40
C6 NAG Q . -1.87 -21.67 -11.71
C7 NAG Q . 2.64 -16.93 -10.95
C8 NAG Q . 4.06 -16.44 -10.83
N2 NAG Q . 2.51 -18.27 -11.01
O3 NAG Q . 1.07 -18.98 -8.77
O4 NAG Q . -0.25 -21.57 -9.01
O5 NAG Q . -0.15 -20.29 -12.43
O6 NAG Q . -2.71 -20.55 -11.76
O7 NAG Q . 1.70 -16.17 -11.01
C1 NAG Q . -1.39 -21.56 -8.14
C2 NAG Q . -1.65 -23.01 -7.75
C3 NAG Q . -2.76 -23.10 -6.70
C4 NAG Q . -2.41 -22.23 -5.50
C5 NAG Q . -2.19 -20.81 -6.03
C6 NAG Q . -1.85 -19.81 -4.95
C7 NAG Q . -1.16 -24.69 -9.49
C8 NAG Q . -1.74 -25.42 -10.68
N2 NAG Q . -1.99 -23.82 -8.89
O3 NAG Q . -2.89 -24.45 -6.33
O4 NAG Q . -3.50 -22.32 -4.60
O5 NAG Q . -1.15 -20.80 -6.98
O6 NAG Q . -0.64 -20.17 -4.36
O7 NAG Q . -0.02 -24.90 -9.11
C1 BMA Q . -3.13 -22.93 -3.35
C2 BMA Q . -3.88 -22.20 -2.25
C3 BMA Q . -3.47 -22.76 -0.86
C4 BMA Q . -3.13 -24.27 -0.84
C5 BMA Q . -3.50 -25.05 -2.12
C6 BMA Q . -4.86 -25.74 -2.02
O2 BMA Q . -5.26 -22.33 -2.49
O3 BMA Q . -4.47 -22.41 0.05
O4 BMA Q . -1.74 -24.33 -0.62
O5 BMA Q . -3.44 -24.31 -3.33
O6 BMA Q . -5.75 -25.02 -2.83
C1 MAN Q . -3.85 -21.66 1.12
C2 MAN Q . -4.96 -21.09 2.01
C3 MAN Q . -4.82 -19.57 2.10
C4 MAN Q . -3.41 -19.19 2.52
C5 MAN Q . -2.41 -19.77 1.50
C6 MAN Q . -1.31 -20.56 2.17
O2 MAN Q . -4.82 -21.69 3.27
O3 MAN Q . -5.77 -19.11 3.03
O4 MAN Q . -3.34 -17.78 2.57
O5 MAN Q . -3.08 -20.61 0.58
O6 MAN Q . -0.24 -19.71 2.46
C1 MAN Q . -6.73 -25.93 -3.39
C2 MAN Q . -7.86 -26.07 -2.36
C3 MAN Q . -8.99 -26.90 -2.96
C4 MAN Q . -8.47 -27.89 -4.00
C5 MAN Q . -7.04 -28.31 -3.67
C6 MAN Q . -6.50 -29.28 -4.70
O2 MAN Q . -8.28 -24.77 -2.04
O3 MAN Q . -9.91 -25.99 -3.52
O4 MAN Q . -9.36 -28.99 -3.99
O5 MAN Q . -6.16 -27.20 -3.64
O6 MAN Q . -7.58 -29.84 -5.41
C1 FUC Q . -4.09 -20.98 -11.73
C2 FUC Q . -4.82 -20.12 -10.70
C3 FUC Q . -4.75 -18.67 -11.12
C4 FUC Q . -5.43 -18.51 -12.49
C5 FUC Q . -4.77 -19.46 -13.48
C6 FUC Q . -5.53 -19.51 -14.79
O2 FUC Q . -4.22 -20.35 -9.44
O3 FUC Q . -5.38 -17.90 -10.13
O4 FUC Q . -6.80 -18.78 -12.32
O5 FUC Q . -4.71 -20.79 -12.97
C1 NAG R . -18.22 -27.29 0.22
C2 NAG R . -18.57 -25.86 0.62
C3 NAG R . -18.53 -25.03 -0.68
C4 NAG R . -17.29 -25.25 -1.57
C5 NAG R . -16.96 -26.75 -1.67
C6 NAG R . -15.59 -27.12 -2.18
C7 NAG R . -20.21 -25.33 2.39
C8 NAG R . -21.67 -25.39 2.74
N2 NAG R . -19.89 -25.81 1.18
O3 NAG R . -18.69 -23.68 -0.33
O4 NAG R . -17.58 -24.71 -2.84
O5 NAG R . -16.95 -27.22 -0.36
O6 NAG R . -14.67 -26.67 -1.21
O7 NAG R . -19.38 -24.88 3.17
C1 NAG R . -16.43 -24.03 -3.41
C2 NAG R . -16.24 -24.43 -4.89
C3 NAG R . -15.09 -23.63 -5.49
C4 NAG R . -15.27 -22.14 -5.26
C5 NAG R . -15.46 -21.91 -3.75
C6 NAG R . -15.65 -20.47 -3.37
C7 NAG R . -16.73 -26.70 -5.72
C8 NAG R . -16.21 -28.12 -5.74
N2 NAG R . -15.97 -25.83 -5.04
O3 NAG R . -15.01 -23.93 -6.86
O4 NAG R . -14.10 -21.51 -5.75
O5 NAG R . -16.59 -22.64 -3.34
O6 NAG R . -16.85 -19.99 -3.92
O7 NAG R . -17.78 -26.41 -6.27
C1 BMA R . -14.42 -20.62 -6.84
C2 BMA R . -13.67 -19.32 -6.59
C3 BMA R . -13.96 -18.30 -7.72
C4 BMA R . -14.34 -18.92 -9.08
C5 BMA R . -13.90 -20.38 -9.25
C6 BMA R . -12.50 -20.50 -9.81
O2 BMA R . -12.31 -19.61 -6.46
O3 BMA R . -12.83 -17.47 -7.79
O4 BMA R . -15.75 -18.80 -9.17
O5 BMA R . -14.03 -21.18 -8.08
O6 BMA R . -12.37 -21.75 -10.44
C1 MAN R . -11.23 -22.47 -9.89
C2 MAN R . -9.97 -21.61 -10.04
C3 MAN R . -8.89 -22.40 -10.77
C4 MAN R . -9.39 -22.89 -12.12
C5 MAN R . -10.75 -23.57 -11.95
C6 MAN R . -10.75 -24.96 -12.54
O2 MAN R . -9.56 -21.25 -8.75
O3 MAN R . -8.52 -23.46 -9.93
O4 MAN R . -9.47 -21.76 -12.96
O5 MAN R . -11.06 -23.69 -10.57
O6 MAN R . -10.04 -25.82 -11.68
C1 FUC R . -13.36 -27.11 -1.55
C2 FUC R . -12.42 -25.92 -1.35
C3 FUC R . -12.46 -25.51 0.12
C4 FUC R . -12.05 -26.70 0.99
C5 FUC R . -12.98 -27.86 0.68
C6 FUC R . -12.61 -29.14 1.42
O2 FUC R . -12.82 -24.89 -2.21
O3 FUC R . -11.62 -24.40 0.27
O4 FUC R . -10.70 -27.00 0.71
O5 FUC R . -12.96 -28.17 -0.71
CHA HEM S . 23.88 53.00 31.31
CHB HEM S . 23.30 57.32 29.21
CHC HEM S . 19.97 55.28 26.32
CHD HEM S . 21.63 50.90 27.57
C1A HEM S . 24.03 54.34 31.00
C2A HEM S . 24.95 55.26 31.64
C3A HEM S . 24.78 56.45 31.05
C4A HEM S . 23.76 56.33 30.04
CMA HEM S . 25.54 57.76 31.39
CAA HEM S . 25.92 54.92 32.78
CBA HEM S . 27.37 54.87 32.30
CGA HEM S . 27.46 54.42 30.87
O1A HEM S . 28.06 55.17 30.05
O2A HEM S . 26.92 53.34 30.55
C1B HEM S . 22.33 57.15 28.25
C2B HEM S . 21.78 58.19 27.40
C3B HEM S . 20.86 57.64 26.61
C4B HEM S . 20.79 56.22 26.91
CMB HEM S . 22.16 59.68 27.42
CAB HEM S . 20.05 58.44 25.56
CBB HEM S . 19.09 57.89 24.83
C1C HEM S . 20.14 53.91 26.37
C2C HEM S . 19.41 52.94 25.58
C3C HEM S . 19.87 51.72 25.92
C4C HEM S . 20.89 51.90 26.93
CMC HEM S . 18.33 53.32 24.56
CAC HEM S . 19.44 50.32 25.39
CBC HEM S . 18.50 50.10 24.47
C1D HEM S . 22.34 51.07 28.73
C2D HEM S . 22.89 50.04 29.57
C3D HEM S . 23.52 50.60 30.60
C4D HEM S . 23.38 52.04 30.47
CMD HEM S . 22.79 48.52 29.32
CAD HEM S . 24.23 49.84 31.74
CBD HEM S . 25.67 50.29 31.92
CGD HEM S . 26.17 49.88 33.28
O1D HEM S . 27.38 50.05 33.55
O2D HEM S . 25.34 49.38 34.09
NA HEM S . 23.32 55.02 30.04
NB HEM S . 21.70 55.97 27.92
NC HEM S . 21.03 53.24 27.18
ND HEM S . 22.66 52.29 29.31
FE HEM S . 22.31 54.12 28.50
C1 NAG T . 15.00 79.15 34.57
C2 NAG T . 15.09 78.49 33.19
C3 NAG T . 13.82 78.81 32.39
C4 NAG T . 12.58 78.43 33.21
C5 NAG T . 12.64 79.09 34.58
C6 NAG T . 11.48 78.73 35.48
C7 NAG T . 17.32 78.16 32.21
C8 NAG T . 18.44 78.84 31.46
N2 NAG T . 16.26 78.94 32.48
O3 NAG T . 13.89 78.11 31.19
O4 NAG T . 11.46 78.85 32.47
O5 NAG T . 13.84 78.72 35.23
O6 NAG T . 11.44 77.35 35.68
O7 NAG T . 17.39 76.98 32.53
C1 NAG U . -2.64 58.53 47.74
C2 NAG U . -3.76 58.73 46.71
C3 NAG U . -4.36 60.11 46.89
C4 NAG U . -4.79 60.31 48.34
C5 NAG U . -3.61 59.99 49.27
C6 NAG U . -3.92 60.21 50.73
C7 NAG U . -3.89 57.89 44.38
C8 NAG U . -5.23 57.30 44.74
N2 NAG U . -3.26 58.56 45.37
O3 NAG U . -5.44 60.26 46.00
O4 NAG U . -5.21 61.64 48.47
O5 NAG U . -3.17 58.65 49.04
O6 NAG U . -5.11 59.53 51.07
O7 NAG U . -3.43 57.78 43.25
C1 NAG V . 15.82 22.81 29.21
C2 NAG V . 15.30 21.69 28.29
C3 NAG V . 16.39 20.64 28.06
C4 NAG V . 17.69 21.30 27.61
C5 NAG V . 18.07 22.38 28.63
C6 NAG V . 19.36 23.10 28.31
C7 NAG V . 12.87 21.26 28.38
C8 NAG V . 11.79 20.51 29.13
N2 NAG V . 14.12 21.09 28.85
O3 NAG V . 15.90 19.72 27.11
O4 NAG V . 18.66 20.29 27.52
O5 NAG V . 17.03 23.32 28.70
O6 NAG V . 19.26 23.74 27.06
O7 NAG V . 12.61 21.96 27.41
CHA HEM W . -22.58 -27.79 -32.20
CHB HEM W . -25.60 -25.95 -35.47
CHC HEM W . -23.99 -21.52 -34.37
CHD HEM W . -21.86 -23.34 -30.43
C1A HEM W . -23.58 -27.68 -33.12
C2A HEM W . -24.46 -28.74 -33.57
C3A HEM W . -25.30 -28.23 -34.47
C4A HEM W . -24.98 -26.83 -34.63
CMA HEM W . -26.41 -29.00 -35.21
CAA HEM W . -24.47 -30.21 -33.10
CBA HEM W . -24.85 -30.28 -31.62
CGA HEM W . -24.95 -31.73 -31.20
O1A HEM W . -25.01 -31.98 -29.98
O2A HEM W . -24.96 -32.61 -32.10
C1B HEM W . -25.41 -24.58 -35.48
C2B HEM W . -26.04 -23.66 -36.39
C3B HEM W . -25.61 -22.43 -36.10
C4B HEM W . -24.68 -22.54 -34.99
CMB HEM W . -27.04 -24.04 -37.50
CAB HEM W . -26.07 -21.16 -36.85
CBB HEM W . -25.67 -19.93 -36.54
C1C HEM W . -23.30 -21.62 -33.19
C2C HEM W . -22.72 -20.52 -32.47
C3C HEM W . -22.11 -21.01 -31.37
C4C HEM W . -22.31 -22.45 -31.38
CMC HEM W . -22.81 -19.06 -32.95
CAC HEM W . -21.34 -20.27 -30.25
CBC HEM W . -21.15 -18.94 -30.20
C1D HEM W . -21.79 -24.71 -30.59
C2D HEM W . -21.05 -25.65 -29.78
C3D HEM W . -21.25 -26.87 -30.27
C4D HEM W . -22.12 -26.75 -31.42
CMD HEM W . -20.16 -25.35 -28.54
CAD HEM W . -20.65 -28.18 -29.74
CBD HEM W . -19.39 -28.53 -30.54
CGD HEM W . -19.22 -30.02 -30.53
O1D HEM W . -20.12 -30.73 -30.02
O2D HEM W . -18.17 -30.50 -31.04
NA HEM W . -23.92 -26.52 -33.80
NB HEM W . -24.59 -23.87 -34.64
NC HEM W . -23.04 -22.79 -32.50
ND HEM W . -22.44 -25.42 -31.58
FE HEM W . -23.58 -24.65 -33.06
C1 NAG X . -31.50 -25.16 -58.66
C2 NAG X . -32.01 -23.97 -57.84
C3 NAG X . -31.97 -22.71 -58.69
C4 NAG X . -30.59 -22.52 -59.29
C5 NAG X . -30.17 -23.80 -60.03
C6 NAG X . -28.79 -23.71 -60.65
C7 NAG X . -33.66 -24.42 -56.06
C8 NAG X . -35.13 -24.67 -55.79
N2 NAG X . -33.35 -24.23 -57.35
O3 NAG X . -32.35 -21.63 -57.88
O4 NAG X . -30.66 -21.42 -60.17
O5 NAG X . -30.21 -24.88 -59.13
O6 NAG X . -27.85 -23.32 -59.67
O7 NAG X . -32.85 -24.38 -55.16
C1 NAG Y . -2.06 -23.19 -56.42
C2 NAG Y . -1.77 -21.75 -56.87
C3 NAG Y . -2.14 -21.56 -58.34
C4 NAG Y . -1.48 -22.65 -59.18
C5 NAG Y . -1.84 -24.03 -58.62
C6 NAG Y . -1.14 -25.15 -59.35
C7 NAG Y . -2.17 -19.52 -55.90
C8 NAG Y . -3.10 -18.73 -55.02
N2 NAG Y . -2.51 -20.81 -56.07
O3 NAG Y . -1.74 -20.28 -58.74
O4 NAG Y . -1.95 -22.50 -60.51
O5 NAG Y . -1.43 -24.12 -57.28
O6 NAG Y . -1.60 -25.18 -60.69
O7 NAG Y . -1.19 -19.01 -56.43
CHA HEM Z . 4.40 -49.03 0.42
CHB HEM Z . 7.52 -51.32 3.32
CHC HEM Z . 6.36 -48.29 6.91
CHD HEM Z . 3.86 -45.59 3.77
C1A HEM Z . 5.43 -49.83 0.86
C2A HEM Z . 6.33 -50.60 0.03
C3A HEM Z . 7.19 -51.23 0.82
C4A HEM Z . 6.87 -50.88 2.19
CMA HEM Z . 8.32 -52.17 0.37
CAA HEM Z . 6.30 -50.69 -1.51
CBA HEM Z . 6.82 -49.38 -2.09
CGA HEM Z . 6.58 -49.33 -3.57
O1A HEM Z . 6.96 -48.32 -4.21
O2A HEM Z . 6.01 -50.31 -4.11
C1B HEM Z . 7.44 -50.75 4.57
C2B HEM Z . 8.07 -51.24 5.77
C3B HEM Z . 7.76 -50.41 6.77
C4B HEM Z . 6.91 -49.35 6.23
CMB HEM Z . 8.94 -52.50 5.87
CAB HEM Z . 8.26 -50.61 8.22
CBB HEM Z . 7.79 -49.90 9.25
C1C HEM Z . 5.54 -47.32 6.39
C2C HEM Z . 4.85 -46.29 7.13
C3C HEM Z . 4.15 -45.54 6.27
C4C HEM Z . 4.38 -46.08 4.94
CMC HEM Z . 4.95 -46.14 8.66
CAC HEM Z . 3.25 -44.30 6.51
CBC HEM Z . 3.05 -43.71 7.69
C1D HEM Z . 3.70 -46.31 2.61
C2D HEM Z . 2.84 -45.99 1.51
C3D HEM Z . 2.97 -46.91 0.56
C4D HEM Z . 3.94 -47.89 1.04
CMD HEM Z . 1.91 -44.75 1.43
CAD HEM Z . 2.16 -46.89 -0.76
CBD HEM Z . 2.91 -47.43 -1.98
CGD HEM Z . 1.90 -47.81 -3.02
O1D HEM Z . 2.31 -48.23 -4.14
O2D HEM Z . 0.68 -47.70 -2.75
NA HEM Z . 5.80 -50.02 2.17
NB HEM Z . 6.74 -49.60 4.89
NC HEM Z . 5.23 -47.16 5.05
ND HEM Z . 4.36 -47.48 2.29
FE HEM Z . 5.61 -48.51 3.56
C1 NAG AA . 13.50 -71.46 13.04
C2 NAG AA . 14.32 -70.80 14.14
C3 NAG AA . 14.15 -71.57 15.45
C4 NAG AA . 12.67 -71.77 15.77
C5 NAG AA . 11.98 -72.40 14.56
C6 NAG AA . 10.49 -72.65 14.76
C7 NAG AA . 16.34 -69.66 13.32
C8 NAG AA . 17.80 -69.85 12.98
N2 NAG AA . 15.70 -70.75 13.77
O3 NAG AA . 14.80 -70.86 16.47
O4 NAG AA . 12.59 -72.60 16.91
O5 NAG AA . 12.15 -71.56 13.44
O6 NAG AA . 9.86 -71.45 15.15
O7 NAG AA . 15.80 -68.58 13.17
C1 NAG BA . -16.73 -68.70 16.18
C2 NAG BA . -16.84 -70.07 16.85
C3 NAG BA . -15.54 -70.85 16.66
C4 NAG BA . -15.13 -70.86 15.20
C5 NAG BA . -15.08 -69.43 14.68
C6 NAG BA . -14.65 -69.31 13.23
C7 NAG BA . -18.33 -70.29 18.81
C8 NAG BA . -19.35 -70.88 17.87
N2 NAG BA . -17.16 -69.93 18.24
O3 NAG BA . -15.73 -72.14 17.18
O4 NAG BA . -13.88 -71.50 15.13
O5 NAG BA . -16.34 -68.85 14.84
O6 NAG BA . -15.57 -70.00 12.41
O7 NAG BA . -18.56 -70.15 20.00
#